data_8XGY
#
_entry.id   8XGY
#
_cell.length_a   83.722
_cell.length_b   217.245
_cell.length_c   242.303
_cell.angle_alpha   90.00
_cell.angle_beta   90.00
_cell.angle_gamma   90.00
#
_symmetry.space_group_name_H-M   'P 21 21 21'
#
loop_
_entity.id
_entity.type
_entity.pdbx_description
1 polymer 'Glutaminyl-peptide cyclotransferase'
2 non-polymer 'ZINC ION'
3 non-polymer (3~{Z})-3-(1~{H}-benzimidazol-5-ylmethylidene)-4-[(3~{R})-1-ethanoylpyrrolidin-3-yl]oxy-1~{H}-indol-2-one
4 water water
#
_entity_poly.entity_id   1
_entity_poly.type   'polypeptide(L)'
_entity_poly.pdbx_seq_one_letter_code
;ASAWPEEKNYHQPAILNSSALRQIAEGTSISEMWQNDLQPLLIERYPGSPGSYAARQHIMQRIQRLQADWVLEIDTFLSQ
TPYGYRSFSNIISTLNPTAKRHLVLACHYDSKYFSHWNNRVFVGATDSAVPCAMMLELARALDKKLLSLKTVSDSKPDLS
LQLIFFDGEEAFLHWSPQDSLYGSRHLAAKMASTPHPPGARGTSQLHGMDLLVLLDLIGAPNPTFPNFFPNSARWFERLQ
AIEHELHELGLLKDHSLEGRYFQNYSYGGVIQDDHIPFLRRGVPVLHLIPSPFPEVWHTMDDNEENLDESTIDNLNKILQ
VFVLEYLHL
;
_entity_poly.pdbx_strand_id   B,A,C,D,E,F,G,H,I,J,K,L
#
# COMPACT_ATOMS: atom_id res chain seq x y z
N ALA A 1 -18.27 48.41 12.56
CA ALA A 1 -17.68 47.09 12.45
C ALA A 1 -16.29 47.16 11.79
N SER A 2 -15.26 47.51 12.57
CA SER A 2 -13.95 47.88 12.04
C SER A 2 -13.34 46.76 11.18
N ALA A 3 -12.05 46.45 11.40
CA ALA A 3 -11.47 45.28 10.82
C ALA A 3 -10.87 44.30 11.82
N TRP A 4 -10.79 44.67 13.10
CA TRP A 4 -10.15 43.82 14.10
C TRP A 4 -10.79 42.47 14.23
N PRO A 5 -12.08 42.28 13.99
CA PRO A 5 -12.64 40.94 14.11
C PRO A 5 -12.15 39.94 13.07
N GLU A 6 -11.39 40.34 12.07
CA GLU A 6 -10.80 39.44 11.10
C GLU A 6 -9.35 39.14 11.37
N GLU A 7 -8.68 39.85 12.25
CA GLU A 7 -7.35 39.44 12.62
C GLU A 7 -7.30 37.98 13.00
N LYS A 8 -8.32 37.46 13.69
CA LYS A 8 -8.30 36.05 13.97
C LYS A 8 -7.83 35.25 12.76
N ASN A 9 -8.17 35.66 11.58
CA ASN A 9 -8.05 34.83 10.39
C ASN A 9 -6.64 34.78 9.85
N TYR A 10 -5.80 35.56 10.40
CA TYR A 10 -4.47 35.65 10.03
C TYR A 10 -3.61 35.45 11.25
N HIS A 11 -4.20 35.29 12.40
CA HIS A 11 -3.34 35.05 13.53
C HIS A 11 -2.43 33.89 13.26
N GLN A 12 -1.20 34.01 13.69
CA GLN A 12 -0.26 32.92 13.55
C GLN A 12 0.47 32.71 14.84
N PRO A 13 0.96 31.53 15.06
CA PRO A 13 1.53 31.22 16.34
C PRO A 13 2.98 31.60 16.44
N ALA A 14 3.41 31.66 17.65
CA ALA A 14 4.75 31.89 18.02
C ALA A 14 5.34 30.59 18.47
N ILE A 15 5.79 29.79 17.51
CA ILE A 15 6.25 28.46 17.82
C ILE A 15 7.35 28.49 18.88
N LEU A 16 7.29 27.59 19.81
CA LEU A 16 8.34 27.51 20.80
C LEU A 16 9.50 26.61 20.39
N ASN A 17 10.52 26.60 21.22
CA ASN A 17 11.75 25.87 21.01
C ASN A 17 11.89 24.74 21.97
N SER A 18 12.80 23.86 21.67
CA SER A 18 13.03 22.75 22.54
C SER A 18 13.29 23.20 23.94
N SER A 19 13.92 24.31 24.13
CA SER A 19 14.26 24.63 25.50
C SER A 19 13.03 25.11 26.21
N ALA A 20 12.26 25.99 25.58
CA ALA A 20 11.01 26.41 26.18
C ALA A 20 10.12 25.24 26.45
N LEU A 21 9.84 24.46 25.43
CA LEU A 21 9.02 23.28 25.57
C LEU A 21 9.44 22.42 26.72
N ARG A 22 10.72 22.27 26.95
CA ARG A 22 11.18 21.53 28.11
C ARG A 22 10.71 22.23 29.36
N GLN A 23 10.78 23.55 29.37
CA GLN A 23 10.37 24.26 30.57
C GLN A 23 8.90 24.06 30.77
N ILE A 24 8.15 23.99 29.70
CA ILE A 24 6.73 23.86 29.83
C ILE A 24 6.36 22.51 30.36
N ALA A 25 6.97 21.47 29.85
CA ALA A 25 6.61 20.18 30.35
C ALA A 25 6.91 20.01 31.83
N GLU A 26 8.07 20.49 32.29
CA GLU A 26 8.46 20.36 33.69
C GLU A 26 7.63 21.26 34.58
N GLY A 27 6.95 22.24 34.04
CA GLY A 27 6.26 23.17 34.89
C GLY A 27 4.82 22.86 35.21
N THR A 28 4.37 21.69 34.91
CA THR A 28 3.05 21.25 35.19
C THR A 28 3.16 19.96 35.94
N SER A 29 2.26 19.79 36.88
CA SER A 29 2.34 18.71 37.84
C SER A 29 1.03 18.00 37.81
N ILE A 30 0.97 16.78 37.36
CA ILE A 30 -0.28 16.11 37.32
C ILE A 30 -0.73 15.70 38.71
N SER A 31 0.14 15.73 39.71
CA SER A 31 -0.33 15.27 41.02
C SER A 31 -0.89 16.37 41.84
N GLU A 32 -0.36 17.55 41.67
CA GLU A 32 -0.99 18.68 42.28
C GLU A 32 -2.28 18.96 41.59
N MET A 33 -2.37 18.71 40.30
CA MET A 33 -3.68 18.78 39.72
C MET A 33 -4.63 17.83 40.42
N TRP A 34 -4.24 16.58 40.46
CA TRP A 34 -5.09 15.54 40.98
C TRP A 34 -5.59 15.87 42.34
N GLN A 35 -4.75 16.40 43.21
CA GLN A 35 -5.27 16.56 44.54
C GLN A 35 -5.97 17.93 44.71
N ASN A 36 -5.25 18.96 44.46
CA ASN A 36 -5.76 20.26 44.69
C ASN A 36 -6.88 20.66 43.75
N ASP A 37 -6.77 20.37 42.47
CA ASP A 37 -7.71 20.86 41.47
C ASP A 37 -8.80 19.87 41.10
N LEU A 38 -8.56 18.59 41.02
CA LEU A 38 -9.57 17.65 40.54
C LEU A 38 -10.26 16.88 41.65
N GLN A 39 -9.61 16.48 42.71
CA GLN A 39 -10.34 15.68 43.67
C GLN A 39 -11.49 16.40 44.36
N PRO A 40 -11.40 17.63 44.78
CA PRO A 40 -12.57 18.39 45.13
C PRO A 40 -13.76 18.35 44.22
N LEU A 41 -13.67 18.12 42.90
CA LEU A 41 -14.83 18.23 42.02
C LEU A 41 -15.54 16.92 41.82
N LEU A 42 -14.95 15.86 42.27
CA LEU A 42 -15.60 14.60 42.07
C LEU A 42 -16.64 14.39 43.10
N ILE A 43 -17.74 15.12 42.92
CA ILE A 43 -18.94 15.08 43.77
C ILE A 43 -20.14 15.28 42.88
N GLU A 44 -21.30 14.76 43.26
CA GLU A 44 -22.55 15.10 42.60
C GLU A 44 -22.68 16.61 42.50
N ARG A 45 -23.00 17.10 41.33
CA ARG A 45 -23.06 18.52 41.14
C ARG A 45 -23.94 18.94 40.00
N TYR A 46 -25.18 18.51 39.93
CA TYR A 46 -26.09 18.95 38.91
C TYR A 46 -26.60 20.35 39.23
N PRO A 47 -27.43 20.91 38.36
CA PRO A 47 -27.73 22.32 38.51
C PRO A 47 -28.67 22.60 39.65
N GLY A 48 -28.31 23.55 40.41
CA GLY A 48 -28.96 23.89 41.60
C GLY A 48 -28.67 23.13 42.85
N SER A 49 -27.85 22.13 42.83
CA SER A 49 -27.62 21.27 43.99
C SER A 49 -26.67 21.96 44.91
N PRO A 50 -26.30 21.34 45.95
CA PRO A 50 -25.29 21.94 46.78
C PRO A 50 -23.96 21.63 46.22
N GLY A 51 -23.88 20.55 45.51
CA GLY A 51 -22.69 20.28 44.75
C GLY A 51 -22.34 21.39 43.81
N SER A 52 -23.34 21.94 43.12
CA SER A 52 -23.04 22.95 42.15
C SER A 52 -22.37 24.09 42.77
N TYR A 53 -22.72 24.40 44.00
CA TYR A 53 -22.09 25.52 44.65
C TYR A 53 -20.75 25.17 45.24
N ALA A 54 -20.57 23.97 45.72
CA ALA A 54 -19.27 23.60 46.24
C ALA A 54 -18.26 23.60 45.15
N ALA A 55 -18.62 23.05 44.03
CA ALA A 55 -17.70 23.02 42.91
C ALA A 55 -17.57 24.37 42.31
N ARG A 56 -18.65 25.08 42.17
CA ARG A 56 -18.50 26.44 41.73
C ARG A 56 -17.56 27.18 42.63
N GLN A 57 -17.50 26.79 43.86
CA GLN A 57 -16.72 27.52 44.82
C GLN A 57 -15.29 27.13 44.69
N HIS A 58 -15.05 25.84 44.76
CA HIS A 58 -13.73 25.33 44.51
C HIS A 58 -13.02 25.97 43.32
N ILE A 59 -13.71 26.09 42.21
CA ILE A 59 -13.16 26.70 41.02
C ILE A 59 -12.73 28.12 41.31
N MET A 60 -13.59 28.95 41.78
CA MET A 60 -13.15 30.31 41.96
C MET A 60 -12.02 30.46 42.93
N GLN A 61 -12.01 29.68 44.02
CA GLN A 61 -10.89 29.70 44.94
C GLN A 61 -9.59 29.45 44.20
N ARG A 62 -9.58 28.47 43.36
CA ARG A 62 -8.34 28.05 42.74
C ARG A 62 -7.83 29.11 41.77
N ILE A 63 -8.73 29.81 41.17
CA ILE A 63 -8.39 30.92 40.30
C ILE A 63 -8.07 32.17 41.10
N GLN A 64 -8.77 32.38 42.24
CA GLN A 64 -8.60 33.62 42.98
C GLN A 64 -7.25 33.70 43.60
N ARG A 65 -6.62 32.60 43.81
CA ARG A 65 -5.37 32.65 44.49
C ARG A 65 -4.19 32.73 43.56
N LEU A 66 -4.37 33.05 42.33
CA LEU A 66 -3.21 33.12 41.46
C LEU A 66 -2.90 34.57 41.08
N GLN A 67 -1.69 34.79 40.65
CA GLN A 67 -1.23 36.15 40.52
C GLN A 67 -1.91 36.88 39.38
N ALA A 68 -2.05 36.28 38.25
CA ALA A 68 -2.69 36.95 37.16
C ALA A 68 -4.02 37.46 37.61
N ASP A 69 -4.45 38.58 37.03
CA ASP A 69 -5.65 39.26 37.51
C ASP A 69 -6.83 38.76 36.75
N TRP A 70 -7.48 37.82 37.35
CA TRP A 70 -8.55 37.12 36.75
C TRP A 70 -9.82 37.82 37.20
N VAL A 71 -10.63 38.22 36.24
CA VAL A 71 -11.88 38.86 36.56
C VAL A 71 -12.97 37.81 36.47
N LEU A 72 -13.24 37.18 37.59
CA LEU A 72 -14.34 36.24 37.66
C LEU A 72 -15.66 36.92 37.72
N GLU A 73 -16.57 36.47 36.90
CA GLU A 73 -17.96 36.83 36.99
C GLU A 73 -18.73 35.53 37.14
N ILE A 74 -19.91 35.60 37.75
CA ILE A 74 -20.85 34.54 37.81
C ILE A 74 -22.08 34.96 37.04
N ASP A 75 -22.67 34.10 36.28
CA ASP A 75 -23.68 34.47 35.33
C ASP A 75 -24.74 33.49 35.71
N THR A 76 -25.57 33.91 36.65
CA THR A 76 -26.69 33.16 37.14
C THR A 76 -27.91 33.52 36.40
N PHE A 77 -28.68 32.55 36.05
CA PHE A 77 -29.79 32.83 35.21
C PHE A 77 -30.81 31.80 35.52
N LEU A 78 -31.96 31.94 34.96
CA LEU A 78 -33.09 31.07 35.23
C LEU A 78 -33.53 30.46 33.94
N SER A 79 -33.94 29.20 33.95
CA SER A 79 -34.50 28.67 32.73
C SER A 79 -35.45 27.56 33.08
N GLN A 80 -36.44 27.36 32.25
CA GLN A 80 -37.33 26.25 32.38
C GLN A 80 -36.58 25.03 32.02
N THR A 81 -37.00 23.92 32.62
CA THR A 81 -36.59 22.58 32.35
C THR A 81 -37.74 21.62 32.53
N PRO A 82 -37.56 20.34 32.41
CA PRO A 82 -38.71 19.45 32.46
C PRO A 82 -39.23 19.21 33.81
N TYR A 83 -38.52 19.70 34.81
CA TYR A 83 -38.86 19.59 36.21
C TYR A 83 -39.09 20.98 36.77
N GLY A 84 -39.10 22.01 35.91
CA GLY A 84 -39.47 23.36 36.26
C GLY A 84 -38.31 24.29 36.44
N TYR A 85 -38.61 25.57 36.55
CA TYR A 85 -37.59 26.61 36.61
C TYR A 85 -36.43 26.29 37.58
N ARG A 86 -35.22 26.23 37.07
CA ARG A 86 -34.11 25.92 37.92
C ARG A 86 -33.17 27.03 37.71
N SER A 87 -32.16 27.18 38.53
CA SER A 87 -31.24 28.29 38.51
C SER A 87 -29.84 27.76 38.27
N PHE A 88 -29.19 28.25 37.20
CA PHE A 88 -27.92 27.81 36.72
C PHE A 88 -26.96 28.92 36.96
N SER A 89 -25.66 28.65 36.93
CA SER A 89 -24.64 29.65 37.02
C SER A 89 -23.38 29.22 36.30
N ASN A 90 -23.01 29.95 35.26
CA ASN A 90 -21.82 29.83 34.47
C ASN A 90 -20.71 30.55 35.20
N ILE A 91 -19.47 30.11 35.07
CA ILE A 91 -18.34 30.84 35.63
C ILE A 91 -17.49 31.33 34.48
N ILE A 92 -17.25 32.61 34.38
CA ILE A 92 -16.35 33.17 33.40
C ILE A 92 -15.23 33.86 34.12
N SER A 93 -14.05 33.67 33.59
CA SER A 93 -12.85 34.19 34.20
C SER A 93 -12.02 34.85 33.14
N THR A 94 -11.94 36.16 33.15
CA THR A 94 -11.28 36.86 32.10
C THR A 94 -10.02 37.59 32.54
N LEU A 95 -9.00 37.51 31.69
CA LEU A 95 -7.87 38.39 31.69
C LEU A 95 -8.08 39.48 30.66
N ASN A 96 -8.07 40.73 31.09
CA ASN A 96 -8.10 41.85 30.19
C ASN A 96 -9.41 41.86 29.47
N PRO A 97 -10.49 42.12 30.18
CA PRO A 97 -11.82 42.02 29.59
C PRO A 97 -11.99 43.00 28.54
N THR A 98 -11.27 44.07 28.70
CA THR A 98 -11.15 45.09 27.67
C THR A 98 -10.33 44.65 26.45
N ALA A 99 -9.42 43.72 26.57
CA ALA A 99 -8.85 43.25 25.33
C ALA A 99 -10.00 42.92 24.40
N LYS A 100 -9.80 43.25 23.15
CA LYS A 100 -10.82 43.12 22.13
C LYS A 100 -10.98 41.73 21.68
N ARG A 101 -9.90 41.00 21.69
CA ARG A 101 -9.82 39.66 21.14
C ARG A 101 -9.48 38.72 22.28
N HIS A 102 -10.16 37.59 22.40
CA HIS A 102 -9.73 36.56 23.34
C HIS A 102 -9.69 35.17 22.74
N LEU A 103 -8.77 34.36 23.25
CA LEU A 103 -8.79 32.93 23.04
C LEU A 103 -9.45 32.34 24.23
N VAL A 104 -10.41 31.45 24.00
CA VAL A 104 -11.22 30.87 25.06
C VAL A 104 -11.04 29.39 25.18
N LEU A 105 -10.99 28.96 26.42
CA LEU A 105 -11.04 27.58 26.88
C LEU A 105 -12.30 27.30 27.71
N ALA A 106 -12.99 26.23 27.44
CA ALA A 106 -14.25 26.09 28.07
C ALA A 106 -14.52 24.67 28.39
N CYS A 107 -15.21 24.38 29.49
CA CYS A 107 -15.70 23.04 29.67
C CYS A 107 -16.96 23.22 30.36
N HIS A 108 -17.54 22.19 30.76
CA HIS A 108 -18.72 22.25 31.58
C HIS A 108 -18.48 21.68 32.96
N TYR A 109 -19.05 22.29 33.98
CA TYR A 109 -18.81 21.88 35.36
C TYR A 109 -20.01 21.27 36.05
N ASP A 110 -21.15 21.20 35.39
CA ASP A 110 -22.15 20.37 35.96
C ASP A 110 -21.87 18.92 35.79
N SER A 111 -22.58 18.14 36.57
CA SER A 111 -22.61 16.72 36.45
C SER A 111 -24.00 16.30 36.11
N LYS A 112 -24.17 15.24 35.37
CA LYS A 112 -25.49 14.87 34.95
C LYS A 112 -26.29 14.43 36.14
N TYR A 113 -27.54 14.86 36.20
CA TYR A 113 -28.45 14.35 37.20
C TYR A 113 -28.70 12.90 36.98
N PHE A 114 -28.44 12.13 38.01
CA PHE A 114 -28.83 10.74 38.05
C PHE A 114 -29.31 10.47 39.46
N SER A 115 -30.24 9.58 39.62
CA SER A 115 -30.52 9.06 40.93
C SER A 115 -29.43 8.10 41.39
N HIS A 116 -29.27 7.93 42.67
CA HIS A 116 -28.27 7.01 43.11
C HIS A 116 -28.68 5.58 42.94
N TRP A 117 -27.72 4.72 42.74
CA TRP A 117 -27.98 3.31 42.54
C TRP A 117 -26.88 2.45 43.20
N ASN A 118 -27.30 1.40 43.89
CA ASN A 118 -26.45 0.68 44.79
C ASN A 118 -25.55 1.67 45.48
N ASN A 119 -26.18 2.74 45.93
CA ASN A 119 -25.55 3.71 46.81
C ASN A 119 -24.28 4.27 46.22
N ARG A 120 -24.10 4.20 44.92
CA ARG A 120 -23.10 5.03 44.27
C ARG A 120 -23.71 6.25 43.62
N VAL A 121 -22.88 7.23 43.36
CA VAL A 121 -23.29 8.51 42.79
C VAL A 121 -22.57 8.91 41.47
N PHE A 122 -23.26 9.43 40.53
CA PHE A 122 -22.58 9.84 39.32
C PHE A 122 -21.80 11.08 39.54
N VAL A 123 -20.54 11.16 39.09
CA VAL A 123 -19.74 12.30 39.36
C VAL A 123 -18.92 12.80 38.19
N GLY A 124 -18.99 12.12 37.07
CA GLY A 124 -18.45 12.64 35.87
C GLY A 124 -16.97 12.96 35.82
N ALA A 125 -16.24 11.93 36.04
CA ALA A 125 -14.83 12.13 36.18
C ALA A 125 -14.25 12.58 34.93
N THR A 126 -14.62 11.97 33.81
CA THR A 126 -14.27 12.52 32.50
C THR A 126 -15.29 13.50 31.92
N ASP A 127 -16.50 13.54 32.40
CA ASP A 127 -17.59 14.36 31.92
C ASP A 127 -18.05 15.30 33.04
N SER A 128 -17.29 16.32 33.40
CA SER A 128 -16.17 16.85 32.77
C SER A 128 -15.30 17.43 33.77
N ALA A 129 -15.00 16.72 34.83
CA ALA A 129 -14.15 17.22 35.89
C ALA A 129 -12.71 17.35 35.48
N VAL A 130 -12.21 16.37 34.73
CA VAL A 130 -10.86 16.47 34.25
C VAL A 130 -10.71 17.68 33.35
N PRO A 131 -11.46 17.87 32.43
CA PRO A 131 -11.47 19.10 31.75
C PRO A 131 -11.44 20.29 32.65
N CYS A 132 -12.30 20.38 33.66
CA CYS A 132 -12.24 21.47 34.60
C CYS A 132 -10.89 21.58 35.25
N ALA A 133 -10.39 20.51 35.82
CA ALA A 133 -9.06 20.56 36.39
C ALA A 133 -8.00 20.94 35.36
N MET A 134 -8.03 20.39 34.18
CA MET A 134 -7.04 20.73 33.16
C MET A 134 -6.87 22.21 33.03
N MET A 135 -7.97 22.87 32.81
CA MET A 135 -8.06 24.30 32.71
C MET A 135 -7.59 24.97 33.91
N LEU A 136 -7.96 24.49 35.08
CA LEU A 136 -7.50 25.13 36.32
C LEU A 136 -6.00 24.98 36.47
N GLU A 137 -5.49 23.79 36.22
CA GLU A 137 -4.07 23.56 36.23
C GLU A 137 -3.32 24.32 35.18
N LEU A 138 -3.94 24.63 34.05
CA LEU A 138 -3.27 25.43 33.05
C LEU A 138 -3.12 26.86 33.48
N ALA A 139 -4.09 27.41 34.19
CA ALA A 139 -3.87 28.74 34.75
C ALA A 139 -2.87 28.72 35.85
N ARG A 140 -2.78 27.64 36.58
CA ARG A 140 -1.84 27.57 37.65
C ARG A 140 -0.43 27.40 37.13
N ALA A 141 -0.26 26.76 36.01
CA ALA A 141 1.11 26.55 35.54
C ALA A 141 1.61 27.76 34.81
N LEU A 142 0.84 28.24 33.97
CA LEU A 142 1.14 29.36 33.16
C LEU A 142 0.91 30.63 33.86
N ASP A 143 0.83 30.66 35.16
CA ASP A 143 0.50 31.93 35.78
C ASP A 143 1.54 33.00 35.53
N LYS A 144 2.77 32.74 35.89
CA LYS A 144 3.77 33.78 35.75
C LYS A 144 3.87 34.25 34.31
N LYS A 145 3.75 33.37 33.36
CA LYS A 145 3.74 33.82 31.98
C LYS A 145 2.49 34.60 31.62
N LEU A 146 1.41 34.42 32.34
CA LEU A 146 0.17 35.13 32.05
C LEU A 146 0.01 36.45 32.77
N LEU A 147 0.95 36.86 33.59
CA LEU A 147 0.97 38.24 34.08
C LEU A 147 1.35 39.18 32.96
N SER A 148 2.22 38.74 32.11
CA SER A 148 2.73 39.58 31.03
C SER A 148 1.67 40.30 30.24
N LEU A 149 0.43 40.01 30.47
CA LEU A 149 -0.60 40.81 29.83
C LEU A 149 -1.09 41.94 30.71
N LYS A 150 -0.22 42.41 31.60
CA LYS A 150 -0.38 43.62 32.39
C LYS A 150 -1.29 43.42 33.55
N PRO A 157 -0.35 42.70 19.28
CA PRO A 157 -1.76 42.27 19.16
C PRO A 157 -2.61 42.36 20.49
N ASP A 158 -3.87 42.76 20.38
CA ASP A 158 -4.70 42.97 21.56
C ASP A 158 -5.50 41.71 21.82
N LEU A 159 -4.89 40.76 22.50
CA LEU A 159 -5.41 39.42 22.61
C LEU A 159 -5.20 38.90 24.02
N SER A 160 -6.18 38.29 24.63
CA SER A 160 -5.92 37.72 25.94
C SER A 160 -6.66 36.40 26.06
N LEU A 161 -6.87 35.92 27.25
CA LEU A 161 -7.34 34.57 27.47
C LEU A 161 -8.57 34.57 28.37
N GLN A 162 -9.55 33.76 28.05
CA GLN A 162 -10.70 33.60 28.91
C GLN A 162 -10.94 32.13 29.12
N LEU A 163 -11.17 31.73 30.33
CA LEU A 163 -11.78 30.45 30.63
C LEU A 163 -13.26 30.58 30.85
N ILE A 164 -14.02 29.54 30.54
CA ILE A 164 -15.47 29.48 30.81
C ILE A 164 -15.89 28.13 31.34
N PHE A 165 -16.57 28.09 32.40
CA PHE A 165 -17.05 26.83 32.94
C PHE A 165 -18.58 26.81 32.85
N PHE A 166 -19.11 26.13 31.92
CA PHE A 166 -20.51 26.22 31.66
C PHE A 166 -21.27 25.39 32.65
N ASP A 167 -22.50 25.75 32.90
CA ASP A 167 -23.38 25.00 33.73
C ASP A 167 -24.55 24.44 32.95
N GLY A 168 -25.26 23.54 33.54
CA GLY A 168 -26.26 22.85 32.81
C GLY A 168 -25.95 22.35 31.45
N GLU A 169 -24.72 22.03 31.12
CA GLU A 169 -24.51 21.35 29.85
C GLU A 169 -25.42 20.17 29.67
N GLU A 170 -25.53 19.34 30.65
CA GLU A 170 -26.15 18.08 30.48
C GLU A 170 -27.64 18.17 30.54
N ALA A 171 -28.29 17.23 29.89
CA ALA A 171 -29.73 17.14 29.95
C ALA A 171 -30.22 16.71 31.32
N PHE A 172 -31.42 17.16 31.66
CA PHE A 172 -31.94 16.81 32.96
C PHE A 172 -32.56 15.48 32.88
N LEU A 173 -33.28 15.26 31.83
CA LEU A 173 -34.02 14.04 31.76
C LEU A 173 -33.74 13.45 30.40
N HIS A 174 -34.15 14.10 29.35
CA HIS A 174 -34.14 13.37 28.09
C HIS A 174 -33.64 14.30 27.00
N TRP A 175 -32.35 14.12 26.61
CA TRP A 175 -31.52 14.83 25.63
C TRP A 175 -32.16 15.42 24.40
N SER A 176 -32.18 16.70 24.29
CA SER A 176 -32.84 17.34 23.20
C SER A 176 -32.59 18.83 23.24
N PRO A 177 -32.75 19.54 22.18
CA PRO A 177 -32.57 20.99 22.24
C PRO A 177 -33.24 21.69 23.37
N GLN A 178 -34.41 21.29 23.75
CA GLN A 178 -35.06 22.03 24.81
C GLN A 178 -34.40 21.78 26.16
N ASP A 179 -33.74 20.65 26.30
CA ASP A 179 -33.17 20.14 27.55
C ASP A 179 -31.67 19.79 27.31
N SER A 180 -30.83 20.80 27.10
CA SER A 180 -29.42 20.60 27.07
C SER A 180 -28.73 21.92 26.84
N LEU A 181 -27.50 21.98 27.12
CA LEU A 181 -26.77 23.22 26.91
C LEU A 181 -27.48 24.43 27.47
N TYR A 182 -27.92 24.34 28.65
CA TYR A 182 -28.51 25.51 29.21
C TYR A 182 -27.54 26.62 29.47
N GLY A 183 -26.34 26.35 29.67
CA GLY A 183 -25.44 27.41 30.04
C GLY A 183 -24.98 28.23 28.91
N SER A 184 -24.93 27.64 27.77
CA SER A 184 -24.23 28.20 26.68
C SER A 184 -25.35 28.51 25.88
N ARG A 185 -25.33 29.78 25.47
CA ARG A 185 -26.38 30.42 24.71
C ARG A 185 -27.64 29.95 25.39
N HIS A 186 -28.05 30.53 26.52
CA HIS A 186 -27.54 31.63 27.27
C HIS A 186 -26.30 32.45 27.09
N LEU A 187 -25.13 31.94 27.42
CA LEU A 187 -23.93 32.72 27.33
C LEU A 187 -23.70 33.13 25.94
N ALA A 188 -24.09 32.29 25.02
CA ALA A 188 -23.97 32.66 23.66
C ALA A 188 -24.80 33.86 23.47
N ALA A 189 -26.09 33.68 23.55
CA ALA A 189 -26.97 34.76 23.22
C ALA A 189 -26.65 35.96 24.02
N LYS A 190 -26.19 35.79 25.21
CA LYS A 190 -25.85 36.98 25.95
C LYS A 190 -24.67 37.65 25.35
N MET A 191 -23.61 36.90 25.07
CA MET A 191 -22.41 37.51 24.49
C MET A 191 -22.71 38.10 23.13
N ALA A 192 -23.44 37.42 22.29
CA ALA A 192 -23.80 37.99 20.99
C ALA A 192 -24.40 39.39 21.06
N SER A 193 -24.94 39.82 22.17
CA SER A 193 -25.65 41.04 22.23
C SER A 193 -25.04 41.90 23.30
N THR A 194 -23.74 42.07 23.30
CA THR A 194 -23.06 42.93 24.26
C THR A 194 -21.88 43.62 23.59
N PRO A 195 -22.04 44.87 23.17
CA PRO A 195 -20.98 45.50 22.37
C PRO A 195 -19.61 45.24 22.91
N HIS A 196 -18.59 45.00 22.03
CA HIS A 196 -17.19 44.82 22.41
C HIS A 196 -16.32 45.53 21.35
N PRO A 197 -15.35 46.29 21.79
CA PRO A 197 -15.08 46.55 23.18
C PRO A 197 -16.19 47.40 23.66
N PRO A 198 -16.13 47.90 24.84
CA PRO A 198 -17.22 48.71 25.31
C PRO A 198 -17.42 49.94 24.45
N GLY A 199 -18.65 50.37 24.28
CA GLY A 199 -18.86 51.54 23.48
C GLY A 199 -18.81 51.16 22.05
N ALA A 200 -18.20 50.06 21.74
CA ALA A 200 -18.40 49.62 20.39
C ALA A 200 -19.84 49.79 19.98
N ARG A 201 -20.08 49.64 18.74
CA ARG A 201 -21.34 49.93 18.15
C ARG A 201 -21.85 48.86 17.20
N GLY A 202 -21.00 47.98 16.70
CA GLY A 202 -21.55 47.01 15.80
C GLY A 202 -20.95 45.69 16.05
N THR A 203 -20.01 45.61 16.98
CA THR A 203 -19.23 44.42 17.24
C THR A 203 -19.61 43.88 18.60
N SER A 204 -19.98 42.60 18.64
CA SER A 204 -20.31 41.86 19.83
C SER A 204 -19.13 41.13 20.43
N GLN A 205 -19.30 40.76 21.67
CA GLN A 205 -18.28 39.96 22.28
C GLN A 205 -17.98 38.71 21.51
N LEU A 206 -18.91 38.19 20.75
CA LEU A 206 -18.56 37.08 19.91
C LEU A 206 -17.56 37.48 18.83
N HIS A 207 -17.66 38.63 18.25
CA HIS A 207 -16.58 39.02 17.36
C HIS A 207 -15.25 38.79 18.02
N GLY A 208 -15.15 39.08 19.26
CA GLY A 208 -13.87 39.07 19.85
C GLY A 208 -13.44 37.72 20.29
N MET A 209 -14.25 36.73 20.11
CA MET A 209 -13.88 35.37 20.45
C MET A 209 -13.08 34.79 19.31
N ASP A 210 -11.77 34.69 19.49
CA ASP A 210 -10.93 34.28 18.41
C ASP A 210 -11.17 32.87 18.06
N LEU A 211 -11.09 32.03 19.01
CA LEU A 211 -11.19 30.62 18.84
C LEU A 211 -11.63 30.11 20.17
N LEU A 212 -12.55 29.17 20.15
CA LEU A 212 -13.12 28.58 21.37
C LEU A 212 -12.71 27.13 21.45
N VAL A 213 -11.84 26.83 22.41
CA VAL A 213 -11.35 25.48 22.63
C VAL A 213 -12.26 24.84 23.67
N LEU A 214 -13.07 23.94 23.22
CA LEU A 214 -13.89 23.19 24.10
C LEU A 214 -13.30 21.83 24.43
N LEU A 215 -13.10 21.58 25.73
CA LEU A 215 -12.67 20.33 26.29
C LEU A 215 -13.83 19.59 26.81
N ASP A 216 -13.94 18.30 26.59
CA ASP A 216 -15.05 17.53 27.04
C ASP A 216 -14.62 16.11 26.89
N LEU A 217 -15.01 15.28 27.81
CA LEU A 217 -14.86 13.85 27.81
C LEU A 217 -13.41 13.36 27.79
N ILE A 218 -12.58 14.01 28.52
CA ILE A 218 -11.17 13.77 28.52
C ILE A 218 -10.78 13.12 29.82
N GLY A 219 -9.96 12.10 29.71
CA GLY A 219 -9.49 11.41 30.86
C GLY A 219 -9.49 9.94 30.73
N ALA A 220 -10.06 9.36 29.74
CA ALA A 220 -9.97 7.96 29.50
C ALA A 220 -8.69 7.63 28.75
N PRO A 221 -8.36 6.38 28.61
CA PRO A 221 -7.16 6.02 27.86
C PRO A 221 -7.44 5.98 26.38
N ASN A 222 -6.35 6.17 25.63
CA ASN A 222 -6.36 6.10 24.18
C ASN A 222 -7.38 6.98 23.53
N PRO A 223 -7.41 8.22 23.88
CA PRO A 223 -8.27 9.10 23.20
C PRO A 223 -7.83 9.34 21.77
N THR A 224 -8.81 9.65 20.91
CA THR A 224 -8.58 10.15 19.55
C THR A 224 -9.46 11.37 19.27
N PHE A 225 -8.91 12.49 19.11
CA PHE A 225 -9.66 13.66 18.82
C PHE A 225 -9.72 13.92 17.32
N PRO A 226 -10.87 14.09 16.74
CA PRO A 226 -10.95 14.36 15.32
C PRO A 226 -10.82 15.84 15.03
N ASN A 227 -10.63 16.14 13.76
CA ASN A 227 -10.68 17.49 13.27
C ASN A 227 -12.05 17.70 12.73
N PHE A 228 -12.87 18.35 13.49
CA PHE A 228 -14.27 18.48 13.23
C PHE A 228 -14.56 19.57 12.22
N PHE A 229 -13.90 20.71 12.26
CA PHE A 229 -14.29 21.89 11.51
C PHE A 229 -13.21 22.59 10.68
N PRO A 230 -13.52 22.98 9.46
CA PRO A 230 -12.47 23.57 8.61
C PRO A 230 -11.91 24.90 8.97
N ASN A 231 -12.62 25.76 9.62
CA ASN A 231 -12.09 27.03 10.05
C ASN A 231 -11.21 26.96 11.21
N SER A 232 -10.90 25.78 11.71
CA SER A 232 -10.02 25.59 12.85
C SER A 232 -9.00 24.51 12.58
N ALA A 233 -9.06 23.91 11.43
CA ALA A 233 -8.14 22.88 11.09
C ALA A 233 -6.73 23.34 11.25
N ARG A 234 -6.43 24.54 10.95
CA ARG A 234 -5.05 24.90 11.15
C ARG A 234 -4.64 24.86 12.57
N TRP A 235 -5.54 25.06 13.47
CA TRP A 235 -5.24 25.02 14.86
C TRP A 235 -5.21 23.60 15.35
N PHE A 236 -6.03 22.78 14.79
CA PHE A 236 -5.93 21.38 15.05
C PHE A 236 -4.63 20.83 14.59
N GLU A 237 -4.06 21.40 13.53
CA GLU A 237 -2.81 20.93 13.00
C GLU A 237 -1.68 21.37 13.87
N ARG A 238 -1.80 22.49 14.50
CA ARG A 238 -0.85 22.83 15.52
C ARG A 238 -0.91 21.92 16.72
N LEU A 239 -1.98 21.27 16.98
CA LEU A 239 -1.90 20.39 18.11
C LEU A 239 -1.21 19.09 17.69
N GLN A 240 -1.40 18.67 16.45
CA GLN A 240 -0.67 17.58 15.88
C GLN A 240 0.77 17.83 15.93
N ALA A 241 1.19 19.05 15.64
CA ALA A 241 2.61 19.32 15.57
C ALA A 241 3.22 19.38 16.93
N ILE A 242 2.50 19.97 17.88
CA ILE A 242 2.93 19.98 19.27
C ILE A 242 3.00 18.56 19.82
N GLU A 243 1.98 17.75 19.64
CA GLU A 243 2.01 16.39 20.13
C GLU A 243 3.22 15.71 19.64
N HIS A 244 3.54 15.90 18.37
CA HIS A 244 4.68 15.26 17.74
C HIS A 244 5.95 15.78 18.31
N GLU A 245 6.06 17.06 18.56
CA GLU A 245 7.31 17.51 19.07
C GLU A 245 7.48 17.13 20.50
N LEU A 246 6.51 17.33 21.32
CA LEU A 246 6.74 16.93 22.69
C LEU A 246 7.16 15.52 22.79
N HIS A 247 6.62 14.65 21.96
CA HIS A 247 7.09 13.27 21.80
C HIS A 247 8.55 13.14 21.42
N GLU A 248 8.96 13.73 20.29
CA GLU A 248 10.31 13.53 19.79
C GLU A 248 11.31 14.02 20.79
N LEU A 249 11.00 15.00 21.59
CA LEU A 249 11.89 15.35 22.67
C LEU A 249 11.70 14.50 23.93
N GLY A 250 10.95 13.47 23.95
CA GLY A 250 11.04 12.71 25.14
C GLY A 250 10.20 13.19 26.26
N LEU A 251 9.28 14.12 26.03
CA LEU A 251 8.59 14.79 27.08
C LEU A 251 7.18 14.29 27.28
N LEU A 252 6.76 13.26 26.57
CA LEU A 252 5.48 12.67 26.86
C LEU A 252 5.71 11.38 27.58
N LYS A 253 4.71 10.80 28.20
CA LYS A 253 4.88 9.63 29.07
C LYS A 253 4.05 8.45 28.56
N ASP A 254 4.62 7.28 28.60
CA ASP A 254 3.99 6.15 27.97
C ASP A 254 3.21 6.54 26.76
N HIS A 255 3.85 7.04 25.73
CA HIS A 255 3.09 7.52 24.59
C HIS A 255 3.84 7.17 23.33
N SER A 256 3.17 6.60 22.37
CA SER A 256 3.74 6.21 21.10
C SER A 256 3.03 6.91 19.99
N LEU A 257 3.71 7.08 18.89
CA LEU A 257 3.02 7.68 17.77
C LEU A 257 1.99 6.78 17.16
N GLU A 258 2.09 5.49 17.23
CA GLU A 258 1.01 4.78 16.65
C GLU A 258 -0.27 4.94 17.44
N GLY A 259 -0.18 5.60 18.58
CA GLY A 259 -1.29 5.99 19.37
C GLY A 259 -1.33 7.47 19.68
N ARG A 260 -1.27 8.27 18.66
CA ARG A 260 -1.47 9.67 18.86
C ARG A 260 -2.88 9.90 19.23
N TYR A 261 -3.10 11.07 19.74
CA TYR A 261 -4.36 11.61 20.11
C TYR A 261 -4.93 12.45 19.04
N PHE A 262 -4.15 13.19 18.35
CA PHE A 262 -4.63 14.03 17.34
C PHE A 262 -4.28 13.39 16.02
N GLN A 263 -5.16 12.55 15.54
CA GLN A 263 -4.98 11.86 14.31
C GLN A 263 -5.79 12.58 13.27
N ASN A 264 -5.19 12.88 12.11
CA ASN A 264 -5.94 13.59 11.10
C ASN A 264 -6.94 12.65 10.51
N TYR A 265 -8.20 12.95 10.80
CA TYR A 265 -9.30 12.14 10.37
C TYR A 265 -10.48 13.12 10.42
N SER A 266 -10.98 13.53 9.27
CA SER A 266 -12.22 14.28 9.25
C SER A 266 -13.33 13.47 9.92
N TYR A 267 -14.31 14.15 10.50
CA TYR A 267 -15.49 13.51 11.06
C TYR A 267 -16.69 13.88 10.24
N GLY A 268 -17.60 12.92 10.09
CA GLY A 268 -18.83 13.16 9.37
C GLY A 268 -19.72 14.08 10.15
N GLY A 269 -20.44 13.49 11.11
CA GLY A 269 -21.53 14.16 11.81
C GLY A 269 -21.06 15.14 12.85
N VAL A 270 -22.01 15.59 13.68
CA VAL A 270 -21.63 16.53 14.71
C VAL A 270 -22.12 16.04 16.07
N ILE A 271 -21.27 16.18 17.02
CA ILE A 271 -21.55 15.96 18.41
C ILE A 271 -22.28 17.21 18.85
N GLN A 272 -23.27 17.10 19.73
CA GLN A 272 -23.85 18.29 20.33
C GLN A 272 -23.17 18.57 21.66
N ASP A 273 -22.74 19.75 21.86
CA ASP A 273 -21.95 19.99 23.04
C ASP A 273 -22.02 21.47 23.16
N ASP A 274 -21.32 22.05 24.09
CA ASP A 274 -21.58 23.42 24.39
C ASP A 274 -21.09 24.32 23.32
N HIS A 275 -20.58 23.79 22.29
CA HIS A 275 -20.05 24.69 21.32
C HIS A 275 -21.08 25.16 20.32
N ILE A 276 -22.14 24.41 20.13
CA ILE A 276 -23.12 24.63 19.09
C ILE A 276 -23.72 26.02 19.23
N PRO A 277 -23.84 26.62 20.39
CA PRO A 277 -24.40 27.97 20.39
C PRO A 277 -23.44 29.00 19.90
N PHE A 278 -22.16 28.70 19.87
CA PHE A 278 -21.16 29.62 19.42
C PHE A 278 -20.76 29.37 17.96
N LEU A 279 -20.86 28.16 17.53
CA LEU A 279 -20.64 27.80 16.16
C LEU A 279 -21.75 28.32 15.26
N ARG A 280 -22.91 28.02 15.59
CA ARG A 280 -23.84 28.62 14.74
C ARG A 280 -23.91 30.07 14.95
N ARG A 281 -23.02 30.77 15.61
CA ARG A 281 -22.83 32.22 15.45
C ARG A 281 -21.48 32.60 14.81
N GLY A 282 -20.83 31.65 14.12
CA GLY A 282 -19.61 31.92 13.44
C GLY A 282 -18.42 32.14 14.29
N VAL A 283 -18.43 31.58 15.47
CA VAL A 283 -17.23 31.44 16.26
C VAL A 283 -16.47 30.21 15.81
N PRO A 284 -15.16 30.30 15.69
CA PRO A 284 -14.41 29.09 15.37
C PRO A 284 -14.20 28.23 16.59
N VAL A 285 -14.44 26.94 16.43
CA VAL A 285 -14.44 25.99 17.52
C VAL A 285 -13.37 24.92 17.27
N LEU A 286 -12.57 24.67 18.29
CA LEU A 286 -11.69 23.52 18.41
C LEU A 286 -12.26 22.62 19.53
N HIS A 287 -12.90 21.60 19.11
CA HIS A 287 -13.69 20.77 19.92
C HIS A 287 -12.91 19.55 20.31
N LEU A 288 -12.26 19.65 21.43
CA LEU A 288 -11.51 18.54 21.97
C LEU A 288 -12.36 17.57 22.78
N ILE A 289 -13.23 16.89 22.05
CA ILE A 289 -14.04 15.82 22.57
C ILE A 289 -13.67 14.58 21.79
N PRO A 290 -13.40 13.47 22.41
CA PRO A 290 -12.90 12.30 21.69
C PRO A 290 -13.94 11.51 21.04
N SER A 291 -13.58 10.90 19.96
CA SER A 291 -14.47 10.00 19.26
C SER A 291 -13.80 8.70 19.10
N PRO A 292 -14.32 7.66 19.70
CA PRO A 292 -15.50 7.41 20.50
C PRO A 292 -15.40 7.93 21.80
N PHE A 293 -16.51 8.18 22.47
CA PHE A 293 -16.55 8.58 23.85
C PHE A 293 -15.90 7.52 24.69
N PRO A 294 -15.56 7.83 25.89
CA PRO A 294 -15.05 6.81 26.77
C PRO A 294 -15.98 5.68 27.00
N GLU A 295 -15.43 4.52 27.42
CA GLU A 295 -16.32 3.38 27.67
C GLU A 295 -17.14 3.56 28.86
N VAL A 296 -16.74 4.40 29.75
CA VAL A 296 -17.41 4.63 30.97
C VAL A 296 -18.37 5.82 30.85
N TRP A 297 -18.62 6.27 29.65
CA TRP A 297 -19.54 7.38 29.49
C TRP A 297 -20.84 7.10 30.15
N HIS A 298 -21.30 8.06 30.89
CA HIS A 298 -22.62 8.08 31.47
C HIS A 298 -22.93 6.77 32.20
N THR A 299 -22.03 6.34 33.03
CA THR A 299 -22.20 5.22 33.90
C THR A 299 -21.58 5.59 35.20
N MET A 300 -21.93 4.93 36.23
CA MET A 300 -21.30 5.22 37.50
C MET A 300 -19.83 4.87 37.50
N ASP A 301 -19.37 4.18 36.51
CA ASP A 301 -17.96 3.93 36.42
C ASP A 301 -17.17 5.08 35.83
N ASP A 302 -17.72 6.24 35.54
CA ASP A 302 -16.98 7.40 35.17
C ASP A 302 -16.43 8.02 36.41
N ASN A 303 -15.61 7.28 37.02
CA ASN A 303 -14.96 7.65 38.25
C ASN A 303 -13.51 7.89 38.10
N GLU A 304 -12.86 8.09 39.16
CA GLU A 304 -11.45 8.30 39.20
C GLU A 304 -10.69 7.00 39.04
N GLU A 305 -11.25 5.92 39.44
CA GLU A 305 -10.45 4.76 39.35
C GLU A 305 -10.10 4.56 37.89
N ASN A 306 -10.92 5.03 37.02
CA ASN A 306 -10.79 4.64 35.66
C ASN A 306 -10.19 5.68 34.80
N LEU A 307 -9.60 6.72 35.37
CA LEU A 307 -8.86 7.72 34.70
C LEU A 307 -7.43 7.31 34.40
N ASP A 308 -6.82 7.89 33.36
CA ASP A 308 -5.44 7.70 32.98
C ASP A 308 -4.63 8.95 33.22
N GLU A 309 -3.85 8.96 34.24
CA GLU A 309 -3.06 10.10 34.65
C GLU A 309 -2.04 10.45 33.59
N SER A 310 -1.48 9.45 32.93
CA SER A 310 -0.50 9.69 31.88
C SER A 310 -1.09 10.50 30.73
N THR A 311 -2.19 10.02 30.15
CA THR A 311 -2.84 10.76 29.11
C THR A 311 -3.25 12.18 29.51
N ILE A 312 -3.59 12.44 30.75
CA ILE A 312 -3.93 13.81 31.08
C ILE A 312 -2.70 14.66 31.21
N ASP A 313 -1.72 14.22 31.94
CA ASP A 313 -0.48 14.96 31.94
C ASP A 313 -0.06 15.31 30.53
N ASN A 314 -0.22 14.39 29.62
CA ASN A 314 0.17 14.62 28.25
C ASN A 314 -0.69 15.67 27.59
N LEU A 315 -2.02 15.59 27.69
CA LEU A 315 -2.83 16.60 27.07
C LEU A 315 -2.64 17.90 27.72
N ASN A 316 -2.29 17.88 28.96
CA ASN A 316 -1.97 19.11 29.60
C ASN A 316 -0.75 19.79 29.04
N LYS A 317 0.29 19.04 28.80
CA LYS A 317 1.47 19.67 28.23
C LYS A 317 1.15 20.24 26.89
N ILE A 318 0.55 19.45 26.03
CA ILE A 318 0.19 19.88 24.68
C ILE A 318 -0.64 21.15 24.68
N LEU A 319 -1.69 21.20 25.50
CA LEU A 319 -2.57 22.32 25.54
C LEU A 319 -1.95 23.53 26.16
N GLN A 320 -1.23 23.37 27.20
CA GLN A 320 -0.48 24.48 27.71
C GLN A 320 0.43 25.02 26.62
N VAL A 321 1.14 24.17 25.94
CA VAL A 321 1.95 24.67 24.87
C VAL A 321 1.09 25.35 23.83
N PHE A 322 0.09 24.67 23.31
CA PHE A 322 -0.79 25.26 22.30
C PHE A 322 -1.16 26.68 22.67
N VAL A 323 -1.44 26.87 23.92
CA VAL A 323 -2.01 28.10 24.35
C VAL A 323 -1.02 29.22 24.48
N LEU A 324 0.23 28.95 24.81
CA LEU A 324 1.23 29.98 24.87
C LEU A 324 1.72 30.32 23.50
N GLU A 325 1.66 29.40 22.60
CA GLU A 325 2.02 29.78 21.28
C GLU A 325 0.92 30.57 20.73
N TYR A 326 -0.34 30.24 21.00
CA TYR A 326 -1.41 31.12 20.49
C TYR A 326 -1.20 32.54 20.95
N LEU A 327 -0.96 32.74 22.19
CA LEU A 327 -0.89 34.06 22.72
C LEU A 327 0.46 34.76 22.48
N HIS A 328 1.35 34.22 21.68
CA HIS A 328 2.69 34.77 21.59
C HIS A 328 3.28 34.99 22.95
N LEU A 329 3.18 34.00 23.82
CA LEU A 329 3.96 34.05 25.06
C LEU A 329 4.81 32.83 25.10
N ALA B 1 40.07 -3.50 14.61
CA ALA B 1 38.72 -2.98 14.66
C ALA B 1 38.65 -1.68 15.46
N SER B 2 38.55 -0.56 14.75
CA SER B 2 38.31 0.75 15.36
C SER B 2 36.80 0.97 15.53
N ALA B 3 36.40 2.17 15.89
CA ALA B 3 35.02 2.40 16.25
C ALA B 3 34.31 3.34 15.32
N TRP B 4 34.95 3.81 14.22
CA TRP B 4 34.36 4.75 13.29
C TRP B 4 33.28 4.08 12.46
N PRO B 5 33.34 2.78 12.21
CA PRO B 5 32.21 2.17 11.56
C PRO B 5 30.93 2.25 12.35
N GLU B 6 30.98 2.64 13.61
CA GLU B 6 29.78 2.78 14.41
C GLU B 6 29.21 4.19 14.37
N GLU B 7 29.92 5.17 13.87
CA GLU B 7 29.42 6.54 13.96
C GLU B 7 28.09 6.72 13.26
N LYS B 8 27.77 5.91 12.28
CA LYS B 8 26.58 6.14 11.48
C LYS B 8 25.32 5.97 12.28
N ASN B 9 25.41 5.30 13.41
CA ASN B 9 24.24 5.05 14.22
C ASN B 9 23.91 6.21 15.06
N TYR B 10 24.80 7.11 15.18
CA TYR B 10 24.52 8.23 16.00
C TYR B 10 24.42 9.46 15.17
N HIS B 11 24.63 9.36 13.88
CA HIS B 11 24.77 10.57 13.08
C HIS B 11 23.45 11.29 13.11
N GLN B 12 23.48 12.62 13.27
CA GLN B 12 22.26 13.39 13.14
C GLN B 12 22.35 14.44 12.05
N PRO B 13 21.30 14.60 11.28
CA PRO B 13 21.25 15.68 10.35
C PRO B 13 21.32 17.01 11.02
N ALA B 14 21.61 18.00 10.23
CA ALA B 14 21.65 19.34 10.70
C ALA B 14 20.53 20.02 9.96
N ILE B 15 19.39 20.11 10.55
CA ILE B 15 18.24 20.58 9.84
C ILE B 15 18.40 22.07 9.42
N LEU B 16 17.67 22.45 8.39
CA LEU B 16 17.80 23.72 7.67
C LEU B 16 16.68 24.64 8.02
N ASN B 17 16.88 25.90 7.79
CA ASN B 17 15.86 26.86 8.17
C ASN B 17 14.95 27.24 7.00
N SER B 18 13.95 28.01 7.29
CA SER B 18 13.02 28.30 6.23
C SER B 18 13.65 29.12 5.14
N SER B 19 14.66 29.91 5.46
CA SER B 19 15.41 30.59 4.41
C SER B 19 16.15 29.59 3.56
N ALA B 20 16.94 28.75 4.18
CA ALA B 20 17.61 27.69 3.47
C ALA B 20 16.69 26.94 2.57
N LEU B 21 15.60 26.48 3.06
CA LEU B 21 14.74 25.70 2.23
C LEU B 21 14.19 26.49 1.07
N ARG B 22 13.77 27.75 1.26
CA ARG B 22 13.37 28.55 0.11
C ARG B 22 14.51 28.60 -0.85
N GLN B 23 15.71 28.62 -0.34
CA GLN B 23 16.82 28.74 -1.24
C GLN B 23 16.93 27.51 -2.05
N ILE B 24 16.89 26.34 -1.43
CA ILE B 24 17.00 25.10 -2.17
C ILE B 24 15.89 24.97 -3.19
N ALA B 25 14.70 25.05 -2.75
CA ALA B 25 13.63 24.94 -3.69
C ALA B 25 13.84 25.89 -4.83
N GLU B 26 14.38 27.03 -4.55
CA GLU B 26 14.62 27.99 -5.59
C GLU B 26 15.69 27.47 -6.53
N GLY B 27 16.59 26.65 -6.04
CA GLY B 27 17.72 26.32 -6.82
C GLY B 27 17.68 25.14 -7.70
N THR B 28 16.60 24.40 -7.79
CA THR B 28 16.53 23.23 -8.66
C THR B 28 15.56 23.61 -9.76
N SER B 29 15.83 23.17 -10.99
CA SER B 29 15.06 23.57 -12.13
C SER B 29 14.58 22.35 -12.84
N ILE B 30 13.35 21.96 -12.66
CA ILE B 30 12.89 20.78 -13.32
C ILE B 30 12.90 20.92 -14.80
N SER B 31 12.80 22.13 -15.33
CA SER B 31 12.79 22.35 -16.78
C SER B 31 14.13 22.04 -17.38
N GLU B 32 15.18 22.56 -16.77
CA GLU B 32 16.53 22.23 -17.15
C GLU B 32 16.75 20.75 -17.02
N MET B 33 16.63 20.20 -15.82
CA MET B 33 16.84 18.78 -15.64
C MET B 33 16.13 17.99 -16.67
N TRP B 34 14.96 18.40 -17.02
CA TRP B 34 14.24 17.62 -17.98
C TRP B 34 14.92 17.68 -19.30
N GLN B 35 15.41 18.83 -19.70
CA GLN B 35 15.99 18.94 -21.03
C GLN B 35 17.42 18.47 -21.02
N ASN B 36 18.17 18.98 -20.10
CA ASN B 36 19.57 18.77 -20.09
C ASN B 36 19.97 17.42 -19.57
N ASP B 37 19.29 16.84 -18.53
CA ASP B 37 19.66 15.55 -17.91
C ASP B 37 18.75 14.40 -18.26
N LEU B 38 17.47 14.58 -18.30
CA LEU B 38 16.67 13.41 -18.53
C LEU B 38 16.43 13.11 -19.97
N GLN B 39 16.38 14.05 -20.84
CA GLN B 39 15.88 13.65 -22.14
C GLN B 39 16.92 12.83 -22.89
N PRO B 40 18.18 13.11 -22.72
CA PRO B 40 19.16 12.22 -23.29
C PRO B 40 19.04 10.77 -22.82
N LEU B 41 18.57 10.45 -21.58
CA LEU B 41 18.51 9.08 -21.12
C LEU B 41 17.31 8.32 -21.54
N LEU B 42 16.45 8.77 -22.40
CA LEU B 42 15.25 8.06 -22.70
C LEU B 42 15.36 7.30 -24.00
N ILE B 43 16.09 6.20 -23.95
CA ILE B 43 16.46 5.42 -25.10
C ILE B 43 16.68 3.99 -24.69
N GLU B 44 16.56 3.10 -25.61
CA GLU B 44 16.81 1.71 -25.31
C GLU B 44 18.21 1.59 -24.76
N ARG B 45 18.46 1.21 -23.48
CA ARG B 45 19.79 1.03 -22.92
C ARG B 45 19.98 -0.25 -22.20
N TYR B 46 19.52 -1.33 -22.71
CA TYR B 46 19.81 -2.60 -22.17
C TYR B 46 21.32 -2.79 -22.19
N PRO B 47 21.85 -3.66 -21.36
CA PRO B 47 23.29 -3.71 -21.27
C PRO B 47 23.93 -4.23 -22.51
N GLY B 48 25.07 -3.67 -22.79
CA GLY B 48 25.77 -4.01 -24.00
C GLY B 48 25.14 -3.45 -25.25
N SER B 49 24.60 -2.26 -25.19
CA SER B 49 23.90 -1.72 -26.31
C SER B 49 24.49 -0.37 -26.63
N PRO B 50 24.04 0.27 -27.67
CA PRO B 50 24.54 1.59 -27.90
C PRO B 50 24.01 2.60 -26.95
N GLY B 51 22.71 2.52 -26.68
CA GLY B 51 22.12 3.29 -25.59
C GLY B 51 22.89 3.20 -24.28
N SER B 52 23.36 2.00 -23.92
CA SER B 52 24.12 1.84 -22.70
C SER B 52 25.38 2.64 -22.70
N TYR B 53 26.08 2.74 -23.84
CA TYR B 53 27.28 3.56 -23.90
C TYR B 53 26.91 5.04 -23.97
N ALA B 54 25.87 5.36 -24.68
CA ALA B 54 25.44 6.73 -24.67
C ALA B 54 25.07 7.22 -23.31
N ALA B 55 24.28 6.44 -22.58
CA ALA B 55 23.89 6.80 -21.22
C ALA B 55 25.08 6.90 -20.31
N ARG B 56 25.83 5.85 -20.18
CA ARG B 56 27.06 5.90 -19.43
C ARG B 56 27.70 7.19 -19.66
N GLN B 57 27.79 7.52 -20.93
CA GLN B 57 28.56 8.63 -21.42
C GLN B 57 27.95 9.94 -21.05
N HIS B 58 26.66 10.08 -21.33
CA HIS B 58 25.86 11.21 -20.86
C HIS B 58 26.04 11.44 -19.39
N ILE B 59 25.90 10.42 -18.61
CA ILE B 59 26.05 10.59 -17.19
C ILE B 59 27.37 11.22 -16.85
N MET B 60 28.46 10.68 -17.35
CA MET B 60 29.78 11.16 -16.99
C MET B 60 30.06 12.55 -17.45
N GLN B 61 29.70 12.87 -18.68
CA GLN B 61 29.79 14.24 -19.14
C GLN B 61 29.15 15.23 -18.20
N ARG B 62 27.88 15.01 -17.83
CA ARG B 62 27.19 15.99 -17.02
C ARG B 62 27.78 16.13 -15.65
N ILE B 63 28.44 15.10 -15.15
CA ILE B 63 29.13 15.20 -13.89
C ILE B 63 30.45 15.89 -14.03
N GLN B 64 31.16 15.62 -15.14
CA GLN B 64 32.50 16.12 -15.39
C GLN B 64 32.54 17.62 -15.56
N ARG B 65 31.45 18.21 -15.98
CA ARG B 65 31.39 19.64 -16.16
C ARG B 65 31.07 20.44 -14.90
N LEU B 66 30.80 19.83 -13.80
CA LEU B 66 30.50 20.60 -12.62
C LEU B 66 31.78 20.85 -11.91
N GLN B 67 31.74 21.77 -10.98
CA GLN B 67 32.92 22.24 -10.30
C GLN B 67 33.45 21.36 -9.15
N ALA B 68 32.68 20.50 -8.55
CA ALA B 68 33.19 19.83 -7.36
C ALA B 68 34.05 18.66 -7.76
N ASP B 69 34.81 18.12 -6.83
CA ASP B 69 35.87 17.24 -7.23
C ASP B 69 35.40 15.79 -7.24
N TRP B 70 34.52 15.50 -8.16
CA TRP B 70 34.02 14.18 -8.36
C TRP B 70 35.03 13.34 -9.07
N VAL B 71 34.99 12.06 -8.80
CA VAL B 71 35.92 11.11 -9.30
C VAL B 71 35.08 10.01 -9.90
N LEU B 72 34.90 10.02 -11.19
CA LEU B 72 34.17 8.99 -11.88
C LEU B 72 35.03 7.81 -12.24
N GLU B 73 34.44 6.64 -12.26
CA GLU B 73 35.12 5.35 -12.39
C GLU B 73 34.11 4.54 -13.16
N ILE B 74 34.54 3.76 -14.10
CA ILE B 74 33.69 2.90 -14.84
C ILE B 74 34.16 1.52 -14.55
N ASP B 75 33.36 0.74 -13.87
CA ASP B 75 33.73 -0.55 -13.45
C ASP B 75 33.15 -1.47 -14.48
N THR B 76 33.93 -1.81 -15.50
CA THR B 76 33.44 -2.76 -16.49
C THR B 76 33.90 -4.13 -16.07
N PHE B 77 33.07 -5.16 -16.32
CA PHE B 77 33.29 -6.48 -15.83
C PHE B 77 32.41 -7.46 -16.55
N LEU B 78 32.75 -8.70 -16.46
CA LEU B 78 32.08 -9.76 -17.15
C LEU B 78 31.21 -10.59 -16.21
N SER B 79 30.07 -11.10 -16.66
CA SER B 79 29.35 -12.02 -15.81
C SER B 79 28.50 -12.93 -16.67
N GLN B 80 28.21 -14.11 -16.16
CA GLN B 80 27.49 -15.10 -16.96
C GLN B 80 26.05 -14.74 -17.02
N THR B 81 25.39 -15.15 -18.04
CA THR B 81 23.96 -14.94 -18.18
C THR B 81 23.27 -16.11 -18.86
N PRO B 82 21.95 -16.05 -19.01
CA PRO B 82 21.25 -17.01 -19.86
C PRO B 82 21.60 -16.90 -21.33
N TYR B 83 22.37 -15.93 -21.70
CA TYR B 83 22.76 -15.78 -23.08
C TYR B 83 24.27 -15.78 -23.19
N GLY B 84 24.96 -16.31 -22.21
CA GLY B 84 26.39 -16.37 -22.25
C GLY B 84 27.01 -15.16 -21.62
N TYR B 85 28.36 -15.12 -21.64
CA TYR B 85 29.06 -14.03 -20.99
C TYR B 85 28.68 -12.70 -21.60
N ARG B 86 28.62 -11.68 -20.76
CA ARG B 86 28.28 -10.36 -21.20
C ARG B 86 28.94 -9.40 -20.28
N SER B 87 28.97 -8.17 -20.66
CA SER B 87 29.78 -7.13 -20.08
C SER B 87 28.85 -6.06 -19.55
N PHE B 88 29.20 -5.52 -18.37
CA PHE B 88 28.40 -4.57 -17.62
C PHE B 88 29.34 -3.48 -17.15
N SER B 89 28.84 -2.28 -16.90
CA SER B 89 29.71 -1.20 -16.57
C SER B 89 28.97 -0.31 -15.60
N ASN B 90 29.25 -0.47 -14.36
CA ASN B 90 28.74 0.42 -13.36
C ASN B 90 29.48 1.68 -13.45
N ILE B 91 28.85 2.78 -13.02
CA ILE B 91 29.42 4.11 -12.95
C ILE B 91 29.44 4.52 -11.52
N ILE B 92 30.50 5.09 -11.04
CA ILE B 92 30.62 5.37 -9.65
C ILE B 92 31.29 6.70 -9.58
N SER B 93 30.72 7.61 -8.88
CA SER B 93 31.18 8.99 -8.85
C SER B 93 31.32 9.40 -7.41
N THR B 94 32.46 9.78 -7.02
CA THR B 94 32.68 9.87 -5.61
C THR B 94 33.31 11.17 -5.22
N LEU B 95 32.89 11.73 -4.17
CA LEU B 95 33.55 12.84 -3.57
C LEU B 95 34.34 12.36 -2.39
N ASN B 96 35.54 12.87 -2.26
CA ASN B 96 36.48 12.50 -1.23
C ASN B 96 36.69 11.00 -1.00
N PRO B 97 37.17 10.31 -1.97
CA PRO B 97 37.15 8.86 -1.95
C PRO B 97 37.87 8.24 -0.78
N THR B 98 38.63 9.06 -0.17
CA THR B 98 39.26 8.74 1.07
C THR B 98 38.50 9.23 2.26
N ALA B 99 37.29 9.77 2.09
CA ALA B 99 36.62 10.47 3.18
C ALA B 99 36.13 9.54 4.24
N LYS B 100 36.37 8.26 4.06
CA LYS B 100 36.08 7.30 5.14
C LYS B 100 34.66 6.84 5.28
N ARG B 101 33.76 7.74 5.52
CA ARG B 101 32.34 7.46 5.48
C ARG B 101 31.70 8.20 4.33
N HIS B 102 30.78 7.55 3.63
CA HIS B 102 30.08 8.15 2.53
C HIS B 102 28.59 7.88 2.64
N LEU B 103 27.79 8.91 2.34
CA LEU B 103 26.41 8.72 1.96
C LEU B 103 26.32 8.43 0.50
N VAL B 104 25.59 7.42 0.15
CA VAL B 104 25.54 6.88 -1.16
C VAL B 104 24.12 7.02 -1.67
N LEU B 105 23.96 7.64 -2.80
CA LEU B 105 22.74 7.71 -3.55
C LEU B 105 23.02 6.91 -4.77
N ALA B 106 22.00 6.26 -5.32
CA ALA B 106 22.17 5.18 -6.25
C ALA B 106 20.91 4.90 -7.00
N CYS B 107 21.03 4.39 -8.22
CA CYS B 107 19.94 3.90 -9.04
C CYS B 107 20.57 2.97 -10.03
N HIS B 108 19.83 2.52 -10.99
CA HIS B 108 20.34 1.78 -12.11
C HIS B 108 20.15 2.42 -13.49
N TYR B 109 21.22 2.47 -14.30
CA TYR B 109 21.09 3.17 -15.57
C TYR B 109 20.75 2.28 -16.71
N ASP B 110 20.52 1.03 -16.53
CA ASP B 110 20.03 0.28 -17.63
C ASP B 110 18.55 0.29 -17.74
N SER B 111 18.12 -0.28 -18.79
CA SER B 111 16.78 -0.40 -19.22
C SER B 111 16.59 -1.84 -19.53
N LYS B 112 15.43 -2.32 -19.46
CA LYS B 112 15.23 -3.73 -19.51
C LYS B 112 15.14 -4.08 -20.95
N TYR B 113 15.66 -5.26 -21.33
CA TYR B 113 15.63 -5.71 -22.71
C TYR B 113 14.27 -6.20 -23.04
N PHE B 114 13.68 -5.64 -24.06
CA PHE B 114 12.45 -6.08 -24.65
C PHE B 114 12.62 -6.00 -26.15
N SER B 115 12.14 -6.99 -26.91
CA SER B 115 11.96 -6.82 -28.35
C SER B 115 11.10 -5.61 -28.72
N HIS B 116 10.97 -5.30 -29.95
CA HIS B 116 10.34 -4.05 -30.28
C HIS B 116 8.97 -4.46 -30.61
N TRP B 117 7.97 -3.65 -30.28
CA TRP B 117 6.60 -4.05 -30.45
C TRP B 117 5.84 -2.95 -31.14
N ASN B 118 5.09 -3.33 -32.21
CA ASN B 118 4.27 -2.43 -33.01
C ASN B 118 5.12 -1.19 -33.27
N ASN B 119 6.38 -1.41 -33.60
CA ASN B 119 7.40 -0.36 -33.62
C ASN B 119 7.23 0.59 -32.41
N ARG B 120 7.21 0.02 -31.20
CA ARG B 120 7.46 0.78 -29.99
C ARG B 120 8.69 0.26 -29.26
N VAL B 121 9.34 1.10 -28.45
CA VAL B 121 10.58 0.76 -27.76
C VAL B 121 10.48 0.98 -26.25
N PHE B 122 11.03 0.09 -25.47
CA PHE B 122 10.94 0.24 -24.01
C PHE B 122 12.05 1.11 -23.54
N VAL B 123 11.76 2.25 -22.95
CA VAL B 123 12.77 3.18 -22.53
C VAL B 123 12.84 3.44 -21.04
N GLY B 124 12.03 2.80 -20.22
CA GLY B 124 12.10 2.91 -18.83
C GLY B 124 12.23 4.26 -18.28
N ALA B 125 11.24 5.10 -18.39
CA ALA B 125 11.47 6.42 -17.91
C ALA B 125 11.42 6.58 -16.42
N THR B 126 10.52 5.86 -15.73
CA THR B 126 10.52 5.73 -14.29
C THR B 126 11.45 4.64 -13.80
N ASP B 127 11.65 3.61 -14.56
CA ASP B 127 12.52 2.48 -14.32
C ASP B 127 13.73 2.53 -15.28
N SER B 128 14.78 3.31 -15.08
CA SER B 128 14.96 4.26 -14.06
C SER B 128 15.59 5.44 -14.54
N ALA B 129 15.12 5.94 -15.66
CA ALA B 129 15.74 7.14 -16.17
C ALA B 129 15.52 8.27 -15.24
N VAL B 130 14.34 8.40 -14.68
CA VAL B 130 14.06 9.55 -13.85
C VAL B 130 14.93 9.58 -12.62
N PRO B 131 15.10 8.52 -11.94
CA PRO B 131 16.07 8.52 -10.88
C PRO B 131 17.47 8.95 -11.33
N CYS B 132 17.95 8.50 -12.49
CA CYS B 132 19.27 8.91 -12.93
C CYS B 132 19.34 10.39 -13.15
N ALA B 133 18.39 10.92 -13.88
CA ALA B 133 18.29 12.35 -13.97
C ALA B 133 18.23 13.04 -12.64
N MET B 134 17.49 12.49 -11.70
CA MET B 134 17.32 13.15 -10.44
C MET B 134 18.59 13.28 -9.72
N MET B 135 19.39 12.22 -9.74
CA MET B 135 20.73 12.23 -9.24
C MET B 135 21.55 13.28 -9.94
N LEU B 136 21.61 13.26 -11.27
CA LEU B 136 22.47 14.21 -11.96
C LEU B 136 22.02 15.64 -11.71
N GLU B 137 20.72 15.90 -11.44
CA GLU B 137 20.35 17.25 -11.06
C GLU B 137 20.69 17.58 -9.66
N LEU B 138 20.78 16.64 -8.80
CA LEU B 138 21.15 17.01 -7.46
C LEU B 138 22.60 17.40 -7.34
N ALA B 139 23.46 16.77 -8.15
CA ALA B 139 24.83 17.20 -8.24
C ALA B 139 24.93 18.61 -8.80
N ARG B 140 24.19 18.91 -9.85
CA ARG B 140 24.23 20.24 -10.37
C ARG B 140 23.72 21.19 -9.34
N ALA B 141 22.48 21.04 -8.96
CA ALA B 141 21.87 21.99 -8.07
C ALA B 141 22.67 22.27 -6.84
N LEU B 142 23.36 21.29 -6.31
CA LEU B 142 24.00 21.50 -5.06
C LEU B 142 25.48 21.73 -5.19
N ASP B 143 26.03 21.62 -6.39
CA ASP B 143 27.43 21.81 -6.64
C ASP B 143 28.10 22.78 -5.72
N LYS B 144 27.74 24.03 -5.75
CA LYS B 144 28.53 25.00 -5.04
C LYS B 144 28.66 24.58 -3.61
N LYS B 145 27.65 23.97 -3.06
CA LYS B 145 27.68 23.55 -1.66
C LYS B 145 28.61 22.37 -1.45
N LEU B 146 28.49 21.35 -2.30
CA LEU B 146 29.39 20.20 -2.27
C LEU B 146 30.85 20.57 -2.39
N LEU B 147 31.15 21.69 -3.02
CA LEU B 147 32.50 22.16 -3.12
C LEU B 147 33.19 22.36 -1.79
N SER B 148 32.45 22.75 -0.77
CA SER B 148 32.92 22.80 0.62
C SER B 148 33.65 21.57 1.09
N LEU B 149 33.45 20.42 0.50
CA LEU B 149 34.09 19.20 0.95
C LEU B 149 35.45 19.06 0.30
N LYS B 150 36.24 20.12 0.43
CA LYS B 150 37.56 20.29 -0.17
C LYS B 150 37.60 19.60 -1.47
N PRO B 157 33.40 15.27 11.81
CA PRO B 157 33.02 14.09 11.02
C PRO B 157 33.54 14.00 9.57
N ASP B 158 34.15 12.85 9.26
CA ASP B 158 34.87 12.65 8.01
C ASP B 158 33.95 12.03 6.98
N LEU B 159 33.03 12.78 6.45
CA LEU B 159 31.97 12.19 5.65
C LEU B 159 31.69 12.94 4.36
N SER B 160 31.35 12.19 3.30
CA SER B 160 31.13 12.80 2.02
C SER B 160 30.04 12.04 1.26
N LEU B 161 29.94 12.29 -0.03
CA LEU B 161 28.86 11.78 -0.81
C LEU B 161 29.34 10.92 -1.95
N GLN B 162 28.50 10.06 -2.49
CA GLN B 162 28.90 9.14 -3.51
C GLN B 162 27.70 8.73 -4.31
N LEU B 163 27.87 8.53 -5.62
CA LEU B 163 26.80 8.16 -6.50
C LEU B 163 27.10 6.86 -7.17
N ILE B 164 26.12 6.11 -7.56
CA ILE B 164 26.40 4.88 -8.25
C ILE B 164 25.27 4.64 -9.20
N PHE B 165 25.56 4.35 -10.44
CA PHE B 165 24.56 4.10 -11.45
C PHE B 165 24.88 2.68 -11.83
N PHE B 166 24.16 1.74 -11.31
CA PHE B 166 24.35 0.33 -11.56
C PHE B 166 23.97 0.00 -12.96
N ASP B 167 24.69 -0.94 -13.54
CA ASP B 167 24.29 -1.58 -14.78
C ASP B 167 23.76 -2.98 -14.50
N GLY B 168 22.99 -3.47 -15.41
CA GLY B 168 22.47 -4.76 -15.25
C GLY B 168 21.58 -5.12 -14.08
N GLU B 169 20.72 -4.20 -13.61
CA GLU B 169 19.71 -4.50 -12.61
C GLU B 169 18.65 -5.44 -13.12
N GLU B 170 18.20 -5.29 -14.33
CA GLU B 170 17.11 -6.01 -14.89
C GLU B 170 17.46 -7.38 -15.38
N ALA B 171 16.58 -8.28 -15.22
CA ALA B 171 16.82 -9.60 -15.66
C ALA B 171 16.79 -9.65 -17.17
N PHE B 172 17.64 -10.45 -17.79
CA PHE B 172 17.68 -10.57 -19.23
C PHE B 172 16.50 -11.37 -19.72
N LEU B 173 15.99 -12.24 -18.89
CA LEU B 173 15.00 -13.20 -19.34
C LEU B 173 13.91 -13.32 -18.30
N HIS B 174 14.25 -13.88 -17.16
CA HIS B 174 13.28 -14.31 -16.16
C HIS B 174 13.84 -14.11 -14.76
N TRP B 175 13.29 -13.11 -14.08
CA TRP B 175 13.64 -12.65 -12.76
C TRP B 175 14.04 -13.77 -11.87
N SER B 176 15.21 -13.65 -11.21
CA SER B 176 15.86 -14.71 -10.45
C SER B 176 17.20 -14.34 -9.84
N PRO B 177 17.63 -15.01 -8.77
CA PRO B 177 18.94 -14.67 -8.20
C PRO B 177 20.04 -14.73 -9.20
N GLN B 178 19.95 -15.66 -10.08
CA GLN B 178 21.07 -15.90 -10.95
C GLN B 178 21.01 -15.00 -12.17
N ASP B 179 19.81 -14.50 -12.50
CA ASP B 179 19.52 -13.64 -13.64
C ASP B 179 19.04 -12.27 -13.16
N SER B 180 19.88 -11.49 -12.51
CA SER B 180 19.45 -10.19 -12.08
C SER B 180 20.52 -9.50 -11.24
N LEU B 181 20.27 -8.28 -10.96
CA LEU B 181 21.19 -7.48 -10.17
C LEU B 181 22.63 -7.78 -10.46
N TYR B 182 23.05 -7.84 -11.73
CA TYR B 182 24.43 -8.14 -12.08
C TYR B 182 25.33 -7.03 -11.67
N GLY B 183 24.89 -5.82 -11.75
CA GLY B 183 25.75 -4.74 -11.37
C GLY B 183 25.97 -4.64 -9.89
N SER B 184 24.88 -4.68 -9.08
CA SER B 184 24.99 -4.54 -7.64
C SER B 184 25.60 -5.74 -7.00
N ARG B 185 25.26 -6.90 -7.46
CA ARG B 185 25.85 -8.06 -6.85
C ARG B 185 27.34 -8.00 -6.93
N HIS B 186 27.84 -7.52 -8.06
CA HIS B 186 29.26 -7.45 -8.33
C HIS B 186 29.93 -6.42 -7.50
N LEU B 187 29.33 -5.28 -7.34
CA LEU B 187 29.99 -4.21 -6.69
C LEU B 187 29.97 -4.37 -5.22
N ALA B 188 28.95 -4.99 -4.66
CA ALA B 188 28.90 -5.25 -3.22
C ALA B 188 30.01 -6.13 -2.80
N ALA B 189 30.18 -7.27 -3.47
CA ALA B 189 31.35 -8.10 -3.28
C ALA B 189 32.64 -7.29 -3.42
N LYS B 190 32.89 -6.68 -4.57
CA LYS B 190 34.13 -5.95 -4.64
C LYS B 190 34.33 -4.99 -3.49
N MET B 191 33.32 -4.24 -3.11
CA MET B 191 33.46 -3.37 -1.94
C MET B 191 33.61 -4.14 -0.63
N ALA B 192 33.01 -5.30 -0.47
CA ALA B 192 33.22 -6.01 0.76
C ALA B 192 34.65 -6.45 0.90
N SER B 193 35.34 -6.64 -0.21
CA SER B 193 36.70 -7.07 -0.13
C SER B 193 37.69 -5.99 -0.37
N THR B 194 37.38 -4.74 -0.16
CA THR B 194 38.33 -3.70 -0.38
C THR B 194 38.62 -2.94 0.87
N PRO B 195 39.81 -2.96 1.41
CA PRO B 195 40.05 -2.24 2.63
C PRO B 195 39.69 -0.81 2.48
N HIS B 196 38.96 -0.28 3.46
CA HIS B 196 38.70 1.18 3.52
C HIS B 196 38.89 1.55 4.94
N PRO B 197 39.63 2.59 5.15
CA PRO B 197 40.42 3.37 4.22
C PRO B 197 41.73 2.73 3.80
N PRO B 198 42.26 3.05 2.67
CA PRO B 198 43.53 2.41 2.27
C PRO B 198 44.50 2.05 3.39
N GLY B 199 44.87 0.80 3.52
CA GLY B 199 45.71 0.37 4.58
C GLY B 199 44.96 -0.37 5.67
N ALA B 200 43.76 0.07 5.96
CA ALA B 200 42.90 -0.58 6.90
C ALA B 200 43.11 -2.02 6.84
N ARG B 201 42.74 -2.66 7.92
CA ARG B 201 42.96 -4.06 8.15
C ARG B 201 41.71 -4.81 8.44
N GLY B 202 40.78 -4.22 9.12
CA GLY B 202 39.57 -4.92 9.45
C GLY B 202 38.29 -4.43 8.84
N THR B 203 38.32 -3.35 8.10
CA THR B 203 37.14 -2.62 7.67
C THR B 203 37.13 -2.43 6.16
N SER B 204 36.02 -2.83 5.54
CA SER B 204 35.89 -2.82 4.12
C SER B 204 35.21 -1.57 3.65
N GLN B 205 35.17 -1.33 2.37
CA GLN B 205 34.49 -0.12 1.97
C GLN B 205 33.04 -0.14 2.44
N LEU B 206 32.41 -1.26 2.51
CA LEU B 206 31.06 -1.27 2.99
C LEU B 206 30.91 -0.68 4.37
N HIS B 207 31.88 -0.82 5.23
CA HIS B 207 31.83 -0.19 6.53
C HIS B 207 31.61 1.28 6.43
N GLY B 208 31.93 1.85 5.31
CA GLY B 208 31.92 3.26 5.18
C GLY B 208 30.76 3.76 4.44
N MET B 209 29.86 2.91 4.08
CA MET B 209 28.59 3.31 3.54
C MET B 209 27.66 3.61 4.66
N ASP B 210 27.43 4.86 4.94
CA ASP B 210 26.53 5.19 6.02
C ASP B 210 25.16 4.73 5.70
N LEU B 211 24.58 5.23 4.66
CA LEU B 211 23.24 4.84 4.34
C LEU B 211 23.21 4.82 2.86
N LEU B 212 22.67 3.78 2.29
CA LEU B 212 22.47 3.70 0.87
C LEU B 212 21.04 4.11 0.55
N VAL B 213 20.87 5.18 -0.21
CA VAL B 213 19.56 5.65 -0.59
C VAL B 213 19.40 5.16 -2.00
N LEU B 214 18.51 4.30 -2.25
CA LEU B 214 18.32 3.78 -3.56
C LEU B 214 17.03 4.26 -4.15
N LEU B 215 17.09 4.93 -5.30
CA LEU B 215 15.97 5.40 -6.09
C LEU B 215 15.52 4.48 -7.20
N ASP B 216 14.27 4.13 -7.24
CA ASP B 216 13.83 3.19 -8.25
C ASP B 216 12.37 3.43 -8.45
N LEU B 217 11.96 3.45 -9.67
CA LEU B 217 10.61 3.56 -10.17
C LEU B 217 9.91 4.82 -9.79
N ILE B 218 10.63 5.89 -9.82
CA ILE B 218 10.13 7.21 -9.57
C ILE B 218 9.76 7.94 -10.88
N GLY B 219 8.87 8.91 -10.75
CA GLY B 219 8.27 9.68 -11.85
C GLY B 219 6.80 9.49 -12.13
N ALA B 220 6.08 8.64 -11.51
CA ALA B 220 4.71 8.47 -11.87
C ALA B 220 3.85 9.19 -10.86
N PRO B 221 2.57 9.39 -11.16
CA PRO B 221 1.75 10.17 -10.28
C PRO B 221 1.41 9.37 -9.06
N ASN B 222 1.26 10.10 -7.96
CA ASN B 222 0.75 9.59 -6.68
C ASN B 222 1.57 8.47 -6.11
N PRO B 223 2.86 8.62 -6.12
CA PRO B 223 3.69 7.67 -5.44
C PRO B 223 3.40 7.63 -3.95
N THR B 224 3.60 6.45 -3.36
CA THR B 224 3.55 6.19 -1.92
C THR B 224 4.70 5.30 -1.61
N PHE B 225 5.58 5.73 -0.74
CA PHE B 225 6.82 5.08 -0.42
C PHE B 225 6.65 4.53 0.95
N PRO B 226 6.83 3.23 1.13
CA PRO B 226 6.74 2.64 2.41
C PRO B 226 8.00 2.87 3.20
N ASN B 227 7.93 2.65 4.51
CA ASN B 227 9.09 2.54 5.33
C ASN B 227 9.50 1.08 5.40
N PHE B 228 10.58 0.72 4.83
CA PHE B 228 10.89 -0.66 4.62
C PHE B 228 11.75 -1.26 5.74
N PHE B 229 12.68 -0.56 6.38
CA PHE B 229 13.56 -1.17 7.24
C PHE B 229 13.78 -0.32 8.46
N PRO B 230 13.80 -0.92 9.64
CA PRO B 230 13.81 -0.18 10.86
C PRO B 230 15.09 0.41 11.24
N ASN B 231 16.19 -0.03 10.66
CA ASN B 231 17.51 0.62 10.79
C ASN B 231 17.77 1.75 9.82
N SER B 232 16.82 2.13 8.98
CA SER B 232 16.79 3.38 8.27
C SER B 232 15.55 4.18 8.57
N ALA B 233 14.80 3.78 9.58
CA ALA B 233 13.47 4.36 9.77
C ALA B 233 13.52 5.77 10.26
N ARG B 234 14.48 6.12 11.09
CA ARG B 234 14.58 7.51 11.46
C ARG B 234 14.97 8.36 10.30
N TRP B 235 15.52 7.80 9.24
CA TRP B 235 15.82 8.60 8.04
C TRP B 235 14.59 8.70 7.19
N PHE B 236 13.78 7.69 7.13
CA PHE B 236 12.52 7.91 6.46
C PHE B 236 11.67 8.89 7.19
N GLU B 237 11.70 8.88 8.49
CA GLU B 237 11.01 9.89 9.24
C GLU B 237 11.51 11.24 8.86
N ARG B 238 12.71 11.38 8.41
CA ARG B 238 13.14 12.69 8.04
C ARG B 238 12.61 13.09 6.70
N LEU B 239 12.36 12.16 5.79
CA LEU B 239 11.76 12.56 4.52
C LEU B 239 10.37 13.02 4.73
N GLN B 240 9.60 12.32 5.56
CA GLN B 240 8.29 12.72 6.02
C GLN B 240 8.28 14.13 6.54
N ALA B 241 9.32 14.50 7.29
CA ALA B 241 9.44 15.80 7.91
C ALA B 241 9.88 16.85 6.98
N ILE B 242 10.88 16.57 6.13
CA ILE B 242 11.18 17.43 5.00
C ILE B 242 9.94 17.62 4.15
N GLU B 243 9.33 16.54 3.69
CA GLU B 243 8.17 16.75 2.83
C GLU B 243 7.16 17.63 3.48
N HIS B 244 7.03 17.56 4.76
CA HIS B 244 5.95 18.27 5.44
C HIS B 244 6.23 19.74 5.35
N GLU B 245 7.44 20.11 5.67
CA GLU B 245 7.75 21.51 5.85
C GLU B 245 7.86 22.23 4.51
N LEU B 246 8.54 21.69 3.55
CA LEU B 246 8.37 22.28 2.26
C LEU B 246 6.91 22.45 1.95
N HIS B 247 6.07 21.66 2.48
CA HIS B 247 4.71 21.90 2.13
C HIS B 247 4.06 23.00 2.95
N GLU B 248 4.19 23.00 4.27
CA GLU B 248 3.53 24.08 4.97
C GLU B 248 4.12 25.42 4.57
N LEU B 249 5.30 25.44 3.99
CA LEU B 249 5.90 26.67 3.46
C LEU B 249 5.62 26.86 2.01
N GLY B 250 4.77 26.08 1.43
CA GLY B 250 4.34 26.29 0.06
C GLY B 250 5.42 26.30 -0.98
N LEU B 251 6.27 25.28 -0.89
CA LEU B 251 7.40 25.16 -1.77
C LEU B 251 7.31 23.94 -2.64
N LEU B 252 6.18 23.26 -2.60
CA LEU B 252 5.86 22.13 -3.42
C LEU B 252 4.68 22.47 -4.28
N LYS B 253 4.54 21.78 -5.38
CA LYS B 253 3.64 22.10 -6.44
C LYS B 253 2.66 20.99 -6.57
N ASP B 254 1.42 21.34 -6.76
CA ASP B 254 0.31 20.44 -6.84
C ASP B 254 0.26 19.43 -5.70
N HIS B 255 0.55 19.88 -4.50
CA HIS B 255 0.76 18.95 -3.40
C HIS B 255 -0.24 19.11 -2.27
N SER B 256 -0.69 18.02 -1.73
CA SER B 256 -1.58 17.98 -0.61
C SER B 256 -1.16 16.92 0.36
N LEU B 257 -1.40 17.18 1.59
CA LEU B 257 -0.99 16.17 2.54
C LEU B 257 -1.92 15.00 2.56
N GLU B 258 -2.94 14.95 1.77
CA GLU B 258 -3.68 13.73 1.68
C GLU B 258 -3.15 12.84 0.66
N GLY B 259 -2.23 13.32 -0.13
CA GLY B 259 -1.50 12.52 -1.03
C GLY B 259 -0.07 12.67 -0.70
N ARG B 260 0.32 12.45 0.54
CA ARG B 260 1.69 12.46 0.93
C ARG B 260 2.35 11.43 0.13
N TYR B 261 3.63 11.62 -0.07
CA TYR B 261 4.42 10.59 -0.69
C TYR B 261 4.97 9.64 0.35
N PHE B 262 5.47 10.12 1.42
CA PHE B 262 6.01 9.29 2.46
C PHE B 262 4.91 9.06 3.49
N GLN B 263 4.19 7.97 3.36
CA GLN B 263 3.13 7.68 4.29
C GLN B 263 3.62 6.80 5.42
N ASN B 264 3.14 7.04 6.64
CA ASN B 264 3.71 6.36 7.79
C ASN B 264 3.20 4.95 7.91
N TYR B 265 3.32 4.19 6.85
CA TYR B 265 2.85 2.83 6.81
C TYR B 265 4.04 1.93 6.49
N SER B 266 4.03 0.74 7.05
CA SER B 266 5.14 -0.20 6.92
C SER B 266 4.76 -1.26 5.90
N TYR B 267 5.78 -1.92 5.35
CA TYR B 267 5.58 -2.86 4.27
C TYR B 267 5.99 -4.26 4.65
N GLY B 268 5.14 -5.23 4.30
CA GLY B 268 5.46 -6.63 4.46
C GLY B 268 6.73 -6.98 3.72
N GLY B 269 6.82 -8.25 3.28
CA GLY B 269 7.90 -8.79 2.47
C GLY B 269 9.04 -7.90 2.09
N VAL B 270 9.43 -7.95 0.82
CA VAL B 270 10.46 -7.07 0.38
C VAL B 270 10.55 -7.14 -1.12
N ILE B 271 11.05 -6.12 -1.70
CA ILE B 271 11.33 -6.09 -3.11
C ILE B 271 12.74 -6.58 -3.33
N GLN B 272 12.92 -7.33 -4.39
CA GLN B 272 14.26 -7.61 -4.81
C GLN B 272 14.74 -6.44 -5.68
N ASP B 273 15.94 -5.95 -5.43
CA ASP B 273 16.47 -4.80 -6.12
C ASP B 273 17.92 -4.57 -5.65
N ASP B 274 18.55 -3.52 -6.20
CA ASP B 274 19.97 -3.32 -6.14
C ASP B 274 20.50 -3.15 -4.75
N HIS B 275 19.64 -2.90 -3.79
CA HIS B 275 20.01 -2.87 -2.38
C HIS B 275 20.24 -4.26 -1.81
N ILE B 276 19.69 -5.31 -2.38
CA ILE B 276 19.88 -6.62 -1.79
C ILE B 276 21.34 -6.97 -1.47
N PRO B 277 22.29 -6.88 -2.36
CA PRO B 277 23.61 -7.32 -2.01
C PRO B 277 24.25 -6.56 -0.94
N PHE B 278 23.77 -5.36 -0.66
CA PHE B 278 24.26 -4.51 0.42
C PHE B 278 23.42 -4.66 1.69
N LEU B 279 22.17 -4.93 1.58
CA LEU B 279 21.50 -5.29 2.81
C LEU B 279 22.10 -6.57 3.38
N ARG B 280 22.13 -7.61 2.58
CA ARG B 280 22.68 -8.86 3.06
C ARG B 280 23.94 -8.70 3.88
N ARG B 281 24.65 -7.65 3.66
CA ARG B 281 25.96 -7.50 4.23
C ARG B 281 26.01 -6.43 5.27
N GLY B 282 24.88 -5.85 5.62
CA GLY B 282 24.87 -5.00 6.75
C GLY B 282 24.88 -3.55 6.51
N VAL B 283 24.60 -3.14 5.30
CA VAL B 283 24.44 -1.73 4.96
C VAL B 283 23.00 -1.29 5.15
N PRO B 284 22.80 -0.16 5.72
CA PRO B 284 21.46 0.34 5.82
C PRO B 284 20.97 0.88 4.51
N VAL B 285 19.74 0.63 4.24
CA VAL B 285 19.08 1.03 3.04
C VAL B 285 17.84 1.85 3.37
N LEU B 286 17.66 2.88 2.60
CA LEU B 286 16.49 3.71 2.53
C LEU B 286 16.06 3.48 1.15
N HIS B 287 15.06 2.73 0.92
CA HIS B 287 14.77 2.25 -0.39
C HIS B 287 13.63 3.04 -0.94
N LEU B 288 13.93 4.03 -1.75
CA LEU B 288 12.91 4.86 -2.32
C LEU B 288 12.38 4.24 -3.58
N ILE B 289 11.70 3.16 -3.36
CA ILE B 289 10.86 2.54 -4.34
C ILE B 289 9.38 2.59 -3.94
N PRO B 290 8.47 2.90 -4.79
CA PRO B 290 7.12 3.16 -4.36
C PRO B 290 6.31 1.90 -4.30
N SER B 291 5.18 1.96 -3.61
CA SER B 291 4.25 0.80 -3.61
C SER B 291 2.79 1.10 -3.61
N PRO B 292 2.07 0.61 -4.59
CA PRO B 292 2.44 -0.20 -5.71
C PRO B 292 3.28 0.47 -6.72
N PHE B 293 3.92 -0.35 -7.53
CA PHE B 293 4.75 0.09 -8.61
C PHE B 293 3.83 0.89 -9.49
N PRO B 294 4.39 1.72 -10.39
CA PRO B 294 3.59 2.52 -11.30
C PRO B 294 2.77 1.72 -12.25
N GLU B 295 1.60 2.16 -12.62
CA GLU B 295 0.81 1.34 -13.54
C GLU B 295 1.52 1.04 -14.87
N VAL B 296 2.34 1.90 -15.35
CA VAL B 296 3.04 1.66 -16.57
C VAL B 296 4.21 0.72 -16.40
N TRP B 297 4.40 0.10 -15.23
CA TRP B 297 5.61 -0.65 -14.98
C TRP B 297 5.81 -1.68 -16.03
N HIS B 298 7.00 -1.68 -16.63
CA HIS B 298 7.42 -2.76 -17.54
C HIS B 298 6.46 -2.92 -18.71
N THR B 299 5.98 -1.80 -19.18
CA THR B 299 5.26 -1.67 -20.40
C THR B 299 5.93 -0.59 -21.22
N MET B 300 5.66 -0.63 -22.54
CA MET B 300 6.03 0.44 -23.44
C MET B 300 5.44 1.73 -23.07
N ASP B 301 4.58 1.80 -22.10
CA ASP B 301 4.06 3.06 -21.69
C ASP B 301 4.91 3.70 -20.61
N ASP B 302 5.92 3.06 -20.14
CA ASP B 302 6.77 3.75 -19.20
C ASP B 302 7.61 4.77 -19.93
N ASN B 303 6.94 5.78 -20.48
CA ASN B 303 7.50 6.79 -21.37
C ASN B 303 7.57 8.13 -20.72
N GLU B 304 7.97 9.11 -21.47
CA GLU B 304 7.93 10.47 -21.00
C GLU B 304 6.50 11.05 -20.90
N GLU B 305 5.62 10.68 -21.77
CA GLU B 305 4.31 11.25 -21.81
C GLU B 305 3.63 10.95 -20.52
N ASN B 306 4.11 9.96 -19.81
CA ASN B 306 3.44 9.55 -18.61
C ASN B 306 4.16 9.90 -17.38
N LEU B 307 5.05 10.83 -17.45
CA LEU B 307 5.76 11.34 -16.32
C LEU B 307 5.06 12.54 -15.79
N ASP B 308 5.15 12.75 -14.47
CA ASP B 308 4.55 13.86 -13.74
C ASP B 308 5.70 14.72 -13.35
N GLU B 309 5.86 15.79 -14.07
CA GLU B 309 6.78 16.85 -13.78
C GLU B 309 6.71 17.30 -12.37
N SER B 310 5.49 17.57 -11.91
CA SER B 310 5.33 18.20 -10.62
C SER B 310 5.81 17.29 -9.49
N THR B 311 5.39 16.04 -9.50
CA THR B 311 5.88 15.09 -8.54
C THR B 311 7.40 14.96 -8.61
N ILE B 312 7.96 14.88 -9.79
CA ILE B 312 9.40 14.72 -9.81
C ILE B 312 10.08 15.92 -9.18
N ASP B 313 9.70 17.12 -9.59
CA ASP B 313 10.23 18.34 -8.98
C ASP B 313 10.13 18.37 -7.46
N ASN B 314 9.03 17.90 -6.90
CA ASN B 314 8.84 17.84 -5.48
C ASN B 314 9.83 16.90 -4.87
N LEU B 315 10.02 15.74 -5.45
CA LEU B 315 10.99 14.85 -4.86
C LEU B 315 12.41 15.35 -5.02
N ASN B 316 12.72 16.09 -6.06
CA ASN B 316 14.00 16.74 -6.13
C ASN B 316 14.27 17.52 -4.89
N LYS B 317 13.42 18.44 -4.57
CA LYS B 317 13.56 19.24 -3.36
C LYS B 317 13.70 18.38 -2.12
N ILE B 318 12.83 17.42 -1.93
CA ILE B 318 12.97 16.61 -0.75
C ILE B 318 14.34 15.94 -0.72
N LEU B 319 14.73 15.27 -1.78
CA LEU B 319 15.98 14.57 -1.75
C LEU B 319 17.13 15.50 -1.58
N GLN B 320 17.10 16.65 -2.16
CA GLN B 320 18.17 17.60 -2.02
C GLN B 320 18.30 18.14 -0.62
N VAL B 321 17.20 18.38 0.05
CA VAL B 321 17.24 18.78 1.44
C VAL B 321 17.65 17.62 2.34
N PHE B 322 17.09 16.46 2.14
CA PHE B 322 17.65 15.29 2.83
C PHE B 322 19.12 15.30 2.84
N VAL B 323 19.73 15.50 1.67
CA VAL B 323 21.13 15.23 1.43
C VAL B 323 21.96 16.32 1.95
N LEU B 324 21.48 17.53 1.95
CA LEU B 324 22.22 18.57 2.61
C LEU B 324 22.15 18.41 4.12
N GLU B 325 21.02 18.04 4.65
CA GLU B 325 20.98 17.90 6.07
C GLU B 325 21.87 16.78 6.53
N TYR B 326 21.98 15.71 5.76
CA TYR B 326 22.82 14.62 6.17
C TYR B 326 24.28 15.01 6.22
N LEU B 327 24.76 15.75 5.23
CA LEU B 327 26.14 16.13 5.13
C LEU B 327 26.52 17.37 5.93
N HIS B 328 25.56 18.09 6.44
CA HIS B 328 25.77 19.25 7.27
C HIS B 328 26.25 20.40 6.42
N LEU B 329 25.65 20.54 5.27
CA LEU B 329 25.92 21.65 4.38
C LEU B 329 24.62 22.46 4.37
N ALA C 1 6.37 -44.56 14.10
CA ALA C 1 5.72 -43.40 14.73
C ALA C 1 4.62 -43.84 15.73
N SER C 2 4.12 -42.87 16.49
CA SER C 2 2.90 -43.07 17.27
C SER C 2 1.94 -41.95 16.89
N ALA C 3 0.78 -41.97 17.54
CA ALA C 3 -0.24 -40.97 17.23
C ALA C 3 0.04 -39.66 17.91
N TRP C 4 0.76 -39.68 19.02
CA TRP C 4 0.76 -38.55 19.93
C TRP C 4 1.29 -37.27 19.32
N PRO C 5 2.18 -37.25 18.37
CA PRO C 5 2.63 -35.96 17.93
C PRO C 5 1.54 -35.14 17.36
N GLU C 6 0.42 -35.74 16.89
CA GLU C 6 -0.71 -35.00 16.35
C GLU C 6 -1.69 -34.48 17.40
N GLU C 7 -1.56 -34.87 18.66
CA GLU C 7 -2.42 -34.37 19.71
C GLU C 7 -2.50 -32.87 19.71
N LYS C 8 -1.37 -32.22 19.61
CA LYS C 8 -1.39 -30.78 19.62
C LYS C 8 -2.29 -30.15 18.61
N ASN C 9 -2.78 -30.88 17.64
CA ASN C 9 -3.64 -30.30 16.60
C ASN C 9 -5.08 -30.21 16.97
N TYR C 10 -5.42 -30.89 18.04
CA TYR C 10 -6.75 -31.01 18.55
C TYR C 10 -6.87 -30.52 19.97
N HIS C 11 -5.85 -29.99 20.55
CA HIS C 11 -5.83 -29.64 21.92
C HIS C 11 -6.51 -28.34 22.17
N GLN C 12 -7.52 -28.36 23.12
CA GLN C 12 -8.32 -27.22 23.40
C GLN C 12 -8.03 -26.69 24.76
N PRO C 13 -8.20 -25.42 24.96
CA PRO C 13 -7.93 -24.85 26.25
C PRO C 13 -9.06 -25.15 27.22
N ALA C 14 -8.75 -25.09 28.50
CA ALA C 14 -9.70 -25.16 29.60
C ALA C 14 -9.96 -23.73 29.98
N ILE C 15 -10.95 -23.15 29.37
CA ILE C 15 -11.30 -21.77 29.57
C ILE C 15 -11.56 -21.55 31.04
N LEU C 16 -11.26 -20.35 31.52
CA LEU C 16 -11.42 -20.00 32.91
C LEU C 16 -12.61 -19.09 33.13
N ASN C 17 -13.34 -19.29 34.21
CA ASN C 17 -14.47 -18.46 34.59
C ASN C 17 -14.01 -17.23 35.34
N SER C 18 -14.90 -16.24 35.38
CA SER C 18 -14.64 -14.94 35.98
C SER C 18 -13.87 -14.92 37.28
N SER C 19 -14.24 -15.82 38.17
CA SER C 19 -13.63 -15.87 39.47
C SER C 19 -12.20 -16.30 39.36
N ALA C 20 -11.93 -17.33 38.54
CA ALA C 20 -10.57 -17.69 38.22
C ALA C 20 -9.77 -16.52 37.70
N LEU C 21 -10.18 -15.98 36.59
CA LEU C 21 -9.51 -14.81 36.04
C LEU C 21 -9.31 -13.68 37.04
N ARG C 22 -10.25 -13.41 37.95
CA ARG C 22 -9.92 -12.45 39.00
C ARG C 22 -8.75 -12.92 39.86
N GLN C 23 -8.59 -14.25 40.07
CA GLN C 23 -7.55 -14.70 40.98
C GLN C 23 -6.23 -14.51 40.37
N ILE C 24 -6.18 -14.64 39.04
CA ILE C 24 -4.90 -14.61 38.35
C ILE C 24 -4.44 -13.19 38.26
N ALA C 25 -5.34 -12.29 38.08
CA ALA C 25 -4.95 -10.91 37.97
C ALA C 25 -4.35 -10.43 39.22
N GLU C 26 -4.84 -10.95 40.29
CA GLU C 26 -4.44 -10.57 41.62
C GLU C 26 -3.22 -11.34 42.04
N GLY C 27 -2.94 -12.44 41.40
CA GLY C 27 -1.77 -13.22 41.72
C GLY C 27 -0.41 -12.75 41.26
N THR C 28 -0.34 -12.00 40.16
CA THR C 28 0.89 -11.46 39.60
C THR C 28 1.12 -10.10 40.19
N SER C 29 2.38 -9.74 40.43
CA SER C 29 2.73 -8.39 40.82
C SER C 29 3.74 -7.71 39.88
N ILE C 30 3.34 -6.65 39.23
CA ILE C 30 4.29 -6.02 38.33
C ILE C 30 5.45 -5.40 39.07
N SER C 31 5.30 -5.03 40.28
CA SER C 31 6.40 -4.37 40.95
C SER C 31 7.41 -5.32 41.49
N GLU C 32 6.94 -6.41 42.05
CA GLU C 32 7.79 -7.52 42.35
C GLU C 32 8.58 -7.94 41.14
N MET C 33 7.91 -8.25 40.06
CA MET C 33 8.65 -8.47 38.80
C MET C 33 9.68 -7.43 38.56
N TRP C 34 9.29 -6.19 38.67
CA TRP C 34 10.15 -5.11 38.27
C TRP C 34 11.41 -5.08 39.08
N GLN C 35 11.25 -5.16 40.39
CA GLN C 35 12.34 -4.97 41.32
C GLN C 35 13.21 -6.21 41.40
N ASN C 36 12.61 -7.39 41.37
CA ASN C 36 13.38 -8.57 41.69
C ASN C 36 13.59 -9.49 40.55
N ASP C 37 12.84 -9.35 39.47
CA ASP C 37 13.07 -10.09 38.24
C ASP C 37 13.78 -9.27 37.19
N LEU C 38 13.42 -8.04 36.94
CA LEU C 38 13.79 -7.34 35.73
C LEU C 38 14.96 -6.41 35.90
N GLN C 39 15.15 -5.80 37.09
CA GLN C 39 16.21 -4.82 37.30
C GLN C 39 17.61 -5.44 37.30
N PRO C 40 17.75 -6.63 37.80
CA PRO C 40 19.03 -7.26 37.67
C PRO C 40 19.41 -7.47 36.29
N LEU C 41 18.47 -7.64 35.36
CA LEU C 41 18.77 -7.97 33.96
C LEU C 41 19.10 -6.75 33.10
N LEU C 42 18.90 -5.57 33.57
CA LEU C 42 19.15 -4.36 32.80
C LEU C 42 20.62 -4.00 32.91
N ILE C 43 21.45 -4.88 32.35
CA ILE C 43 22.90 -4.75 32.33
C ILE C 43 23.36 -5.05 30.94
N GLU C 44 24.56 -4.61 30.60
CA GLU C 44 25.24 -5.01 29.37
C GLU C 44 25.54 -6.48 29.46
N ARG C 45 24.95 -7.29 28.59
CA ARG C 45 24.95 -8.74 28.78
C ARG C 45 25.05 -9.46 27.44
N TYR C 46 26.01 -9.09 26.64
CA TYR C 46 26.23 -9.75 25.38
C TYR C 46 27.10 -10.96 25.58
N PRO C 47 27.12 -11.85 24.61
CA PRO C 47 27.69 -13.17 24.87
C PRO C 47 29.14 -13.09 25.23
N GLY C 48 29.51 -13.91 26.18
CA GLY C 48 30.85 -13.94 26.69
C GLY C 48 30.97 -13.11 27.94
N SER C 49 30.35 -11.95 27.92
CA SER C 49 30.54 -10.95 28.95
C SER C 49 30.24 -11.32 30.40
N PRO C 50 30.65 -10.49 31.30
CA PRO C 50 30.32 -10.72 32.67
C PRO C 50 28.86 -10.58 32.88
N GLY C 51 28.22 -9.76 32.04
CA GLY C 51 26.80 -9.69 32.06
C GLY C 51 26.14 -11.01 31.76
N SER C 52 26.64 -11.71 30.79
CA SER C 52 25.92 -12.91 30.41
C SER C 52 25.94 -13.91 31.51
N TYR C 53 27.05 -13.99 32.24
CA TYR C 53 27.11 -14.96 33.32
C TYR C 53 26.25 -14.49 34.46
N ALA C 54 26.28 -13.22 34.77
CA ALA C 54 25.43 -12.77 35.85
C ALA C 54 23.98 -12.98 35.48
N ALA C 55 23.58 -12.49 34.32
CA ALA C 55 22.23 -12.70 33.86
C ALA C 55 21.84 -14.17 33.90
N ARG C 56 22.76 -15.04 33.61
CA ARG C 56 22.43 -16.45 33.57
C ARG C 56 22.26 -16.98 34.97
N GLN C 57 23.14 -16.56 35.87
CA GLN C 57 22.97 -16.93 37.25
C GLN C 57 21.63 -16.47 37.73
N HIS C 58 21.28 -15.25 37.38
CA HIS C 58 20.10 -14.64 37.95
C HIS C 58 18.82 -15.32 37.53
N ILE C 59 18.77 -15.81 36.32
CA ILE C 59 17.59 -16.50 35.93
C ILE C 59 17.46 -17.75 36.74
N MET C 60 18.50 -18.56 36.77
CA MET C 60 18.49 -19.81 37.50
C MET C 60 18.13 -19.62 38.93
N GLN C 61 18.79 -18.71 39.62
CA GLN C 61 18.41 -18.42 40.97
C GLN C 61 16.91 -18.32 41.07
N ARG C 62 16.34 -17.35 40.38
CA ARG C 62 14.92 -17.06 40.50
C ARG C 62 14.07 -18.24 40.17
N ILE C 63 14.49 -19.05 39.24
CA ILE C 63 13.79 -20.28 39.07
C ILE C 63 14.05 -21.18 40.26
N GLN C 64 15.33 -21.41 40.59
CA GLN C 64 15.62 -22.44 41.59
C GLN C 64 14.78 -22.25 42.82
N ARG C 65 14.44 -21.03 43.13
CA ARG C 65 13.83 -20.75 44.42
C ARG C 65 12.38 -21.15 44.48
N LEU C 66 11.90 -21.84 43.48
CA LEU C 66 10.48 -22.09 43.38
C LEU C 66 10.12 -23.52 43.70
N GLN C 67 8.86 -23.69 43.98
CA GLN C 67 8.40 -24.97 44.51
C GLN C 67 8.20 -26.04 43.46
N ALA C 68 8.11 -25.70 42.18
CA ALA C 68 7.82 -26.70 41.18
C ALA C 68 9.11 -27.30 40.71
N ASP C 69 9.04 -28.55 40.32
CA ASP C 69 10.28 -29.29 40.12
C ASP C 69 10.75 -28.99 38.71
N TRP C 70 11.19 -27.74 38.59
CA TRP C 70 11.87 -27.23 37.40
C TRP C 70 13.22 -27.84 37.24
N VAL C 71 13.59 -28.15 36.03
CA VAL C 71 14.84 -28.81 35.76
C VAL C 71 15.68 -27.92 34.85
N LEU C 72 16.65 -27.25 35.46
CA LEU C 72 17.49 -26.30 34.77
C LEU C 72 18.58 -27.00 34.05
N GLU C 73 18.79 -26.67 32.80
CA GLU C 73 20.02 -26.98 32.08
C GLU C 73 20.82 -25.73 31.74
N ILE C 74 22.05 -25.97 31.32
CA ILE C 74 22.83 -24.97 30.62
C ILE C 74 23.48 -25.61 29.43
N ASP C 75 22.87 -25.50 28.28
CA ASP C 75 23.47 -26.03 27.09
C ASP C 75 24.51 -25.04 26.73
N THR C 76 25.76 -25.41 26.82
CA THR C 76 26.82 -24.51 26.37
C THR C 76 27.40 -24.99 25.05
N PHE C 77 27.87 -24.08 24.26
CA PHE C 77 28.27 -24.56 22.99
C PHE C 77 29.15 -23.51 22.38
N LEU C 78 29.62 -23.78 21.20
CA LEU C 78 30.63 -22.96 20.59
C LEU C 78 30.21 -22.81 19.15
N SER C 79 30.45 -21.65 18.56
CA SER C 79 30.06 -21.40 17.19
C SER C 79 30.83 -20.23 16.67
N GLN C 80 30.77 -20.08 15.37
CA GLN C 80 31.70 -19.25 14.68
C GLN C 80 30.99 -17.94 14.41
N THR C 81 31.61 -16.87 14.81
CA THR C 81 31.15 -15.53 14.54
C THR C 81 32.10 -14.76 13.61
N PRO C 82 31.67 -13.60 13.19
CA PRO C 82 32.56 -12.79 12.42
C PRO C 82 33.77 -12.43 13.09
N TYR C 83 33.86 -12.54 14.39
CA TYR C 83 35.08 -12.33 15.15
C TYR C 83 35.68 -13.66 15.62
N GLY C 84 35.22 -14.78 15.13
CA GLY C 84 35.81 -16.04 15.54
C GLY C 84 34.92 -16.90 16.41
N TYR C 85 35.49 -17.99 16.93
CA TYR C 85 34.76 -18.95 17.75
C TYR C 85 34.50 -18.40 19.12
N ARG C 86 33.23 -18.18 19.44
CA ARG C 86 32.82 -17.70 20.73
C ARG C 86 31.94 -18.76 21.37
N SER C 87 31.81 -18.68 22.67
CA SER C 87 31.06 -19.63 23.46
C SER C 87 29.77 -18.99 23.93
N PHE C 88 28.69 -19.75 23.87
CA PHE C 88 27.34 -19.29 24.16
C PHE C 88 26.77 -20.13 25.30
N SER C 89 25.52 -19.86 25.76
CA SER C 89 24.93 -20.71 26.82
C SER C 89 23.42 -20.48 26.89
N ASN C 90 22.68 -21.36 26.26
CA ASN C 90 21.26 -21.37 26.33
C ASN C 90 20.83 -21.73 27.75
N ILE C 91 19.59 -21.43 28.09
CA ILE C 91 19.04 -21.83 29.37
C ILE C 91 17.72 -22.50 29.18
N ILE C 92 17.54 -23.63 29.75
CA ILE C 92 16.32 -24.35 29.55
C ILE C 92 15.83 -24.73 30.92
N SER C 93 14.57 -24.57 31.15
CA SER C 93 14.00 -24.87 32.44
C SER C 93 12.80 -25.69 32.09
N THR C 94 12.78 -26.92 32.52
CA THR C 94 11.72 -27.81 32.13
C THR C 94 11.05 -28.40 33.36
N LEU C 95 9.74 -28.56 33.25
CA LEU C 95 8.93 -29.37 34.11
C LEU C 95 8.66 -30.68 33.42
N ASN C 96 8.98 -31.78 34.10
CA ASN C 96 8.54 -33.09 33.68
C ASN C 96 9.05 -33.44 32.31
N PRO C 97 10.37 -33.52 32.19
CA PRO C 97 10.98 -33.67 30.89
C PRO C 97 10.67 -34.93 30.20
N THR C 98 10.15 -35.91 30.89
CA THR C 98 9.52 -37.03 30.22
C THR C 98 8.20 -36.63 29.64
N ALA C 99 7.58 -35.56 30.14
CA ALA C 99 6.34 -35.12 29.53
C ALA C 99 6.59 -35.02 28.05
N LYS C 100 6.04 -35.98 27.31
CA LYS C 100 6.24 -36.05 25.86
C LYS C 100 5.94 -34.76 25.16
N ARG C 101 4.92 -34.03 25.60
CA ARG C 101 4.56 -32.79 24.96
C ARG C 101 4.86 -31.66 25.86
N HIS C 102 5.31 -30.55 25.30
CA HIS C 102 5.50 -29.38 26.11
C HIS C 102 4.99 -28.17 25.38
N LEU C 103 4.44 -27.25 26.11
CA LEU C 103 4.22 -25.93 25.65
C LEU C 103 5.46 -25.19 25.99
N VAL C 104 5.95 -24.33 25.13
CA VAL C 104 7.23 -23.72 25.41
C VAL C 104 7.09 -22.22 25.33
N LEU C 105 7.60 -21.55 26.31
CA LEU C 105 7.76 -20.14 26.30
C LEU C 105 9.21 -19.88 26.14
N ALA C 106 9.58 -18.85 25.40
CA ALA C 106 10.95 -18.63 25.10
C ALA C 106 11.15 -17.21 24.70
N CYS C 107 12.33 -16.69 24.96
CA CYS C 107 12.79 -15.36 24.58
C CYS C 107 14.29 -15.37 24.49
N HIS C 108 14.94 -14.21 24.42
CA HIS C 108 16.37 -14.14 24.36
C HIS C 108 17.02 -13.25 25.42
N TYR C 109 17.97 -13.83 26.17
CA TYR C 109 18.66 -13.15 27.23
C TYR C 109 19.92 -12.44 26.83
N ASP C 110 20.50 -12.72 25.68
CA ASP C 110 21.58 -11.85 25.27
C ASP C 110 21.12 -10.43 24.98
N SER C 111 22.08 -9.52 24.99
CA SER C 111 21.95 -8.13 24.66
C SER C 111 22.86 -7.91 23.47
N LYS C 112 22.47 -7.06 22.55
CA LYS C 112 23.29 -6.76 21.38
C LYS C 112 24.52 -5.99 21.78
N TYR C 113 25.61 -6.15 21.01
CA TYR C 113 26.88 -5.59 21.38
C TYR C 113 27.00 -4.25 20.74
N PHE C 114 27.26 -3.24 21.55
CA PHE C 114 27.51 -1.89 21.09
C PHE C 114 28.68 -1.34 21.84
N SER C 115 29.51 -0.55 21.16
CA SER C 115 30.52 0.17 21.90
C SER C 115 29.86 1.11 22.87
N HIS C 116 30.58 1.50 23.90
CA HIS C 116 30.00 2.51 24.75
C HIS C 116 30.03 3.76 23.94
N TRP C 117 29.07 4.61 24.20
CA TRP C 117 29.03 5.80 23.40
C TRP C 117 28.50 6.91 24.28
N ASN C 118 29.25 7.98 24.32
CA ASN C 118 28.86 9.10 25.11
C ASN C 118 28.58 8.66 26.49
N ASN C 119 29.27 7.63 26.90
CA ASN C 119 29.19 7.05 28.23
C ASN C 119 27.90 6.30 28.46
N ARG C 120 27.16 5.96 27.43
CA ARG C 120 26.01 5.12 27.63
C ARG C 120 26.29 3.70 27.22
N VAL C 121 25.39 2.82 27.61
CA VAL C 121 25.53 1.41 27.35
C VAL C 121 24.21 0.89 26.84
N PHE C 122 24.25 0.02 25.88
CA PHE C 122 23.03 -0.66 25.51
C PHE C 122 22.71 -1.71 26.50
N VAL C 123 21.49 -1.74 27.02
CA VAL C 123 21.02 -2.76 27.96
C VAL C 123 19.75 -3.46 27.55
N GLY C 124 19.10 -3.09 26.48
CA GLY C 124 18.08 -3.89 25.89
C GLY C 124 16.87 -4.21 26.67
N ALA C 125 16.23 -3.20 27.20
CA ALA C 125 15.10 -3.38 28.06
C ALA C 125 14.00 -4.17 27.44
N THR C 126 13.50 -3.75 26.31
CA THR C 126 12.53 -4.50 25.55
C THR C 126 13.09 -5.62 24.69
N ASP C 127 14.39 -5.67 24.46
CA ASP C 127 15.08 -6.53 23.57
C ASP C 127 16.20 -7.21 24.37
N SER C 128 15.92 -8.24 25.18
CA SER C 128 14.62 -8.63 25.60
C SER C 128 14.56 -8.80 27.09
N ALA C 129 14.96 -7.82 27.83
CA ALA C 129 14.99 -7.99 29.24
C ALA C 129 13.63 -8.15 29.88
N VAL C 130 12.58 -7.55 29.33
CA VAL C 130 11.26 -7.64 29.87
C VAL C 130 10.68 -9.01 29.57
N PRO C 131 10.85 -9.51 28.40
CA PRO C 131 10.37 -10.83 28.17
C PRO C 131 10.99 -11.84 29.04
N CYS C 132 12.22 -11.63 29.46
CA CYS C 132 12.81 -12.53 30.44
C CYS C 132 12.17 -12.38 31.78
N ALA C 133 11.88 -11.18 32.20
CA ALA C 133 11.18 -11.01 33.44
C ALA C 133 9.76 -11.44 33.37
N MET C 134 9.15 -11.46 32.24
CA MET C 134 7.77 -11.88 32.23
C MET C 134 7.70 -13.35 32.45
N MET C 135 8.58 -14.10 31.81
CA MET C 135 8.56 -15.53 31.94
C MET C 135 8.92 -15.93 33.32
N LEU C 136 9.82 -15.20 33.92
CA LEU C 136 10.11 -15.33 35.30
C LEU C 136 8.91 -15.05 36.12
N GLU C 137 8.32 -13.89 35.97
CA GLU C 137 7.17 -13.57 36.78
C GLU C 137 6.06 -14.54 36.56
N LEU C 138 5.99 -15.21 35.46
CA LEU C 138 4.93 -16.19 35.32
C LEU C 138 5.24 -17.49 36.03
N ALA C 139 6.48 -17.80 36.20
CA ALA C 139 6.74 -19.05 36.85
C ALA C 139 6.44 -18.94 38.32
N ARG C 140 6.53 -17.74 38.83
CA ARG C 140 6.29 -17.45 40.21
C ARG C 140 4.83 -17.25 40.44
N ALA C 141 4.20 -16.44 39.69
CA ALA C 141 2.83 -16.23 39.99
C ALA C 141 2.01 -17.47 39.79
N LEU C 142 2.52 -18.47 39.11
CA LEU C 142 1.71 -19.65 38.90
C LEU C 142 2.27 -20.86 39.56
N ASP C 143 3.17 -20.69 40.53
CA ASP C 143 3.87 -21.81 41.12
C ASP C 143 2.91 -22.79 41.81
N LYS C 144 2.10 -22.30 42.72
CA LYS C 144 1.19 -23.21 43.37
C LYS C 144 0.49 -24.05 42.31
N LYS C 145 0.17 -23.48 41.18
CA LYS C 145 -0.60 -24.29 40.24
C LYS C 145 0.29 -25.17 39.42
N LEU C 146 1.50 -24.75 39.18
CA LEU C 146 2.39 -25.52 38.33
C LEU C 146 2.94 -26.72 39.03
N LEU C 147 2.87 -26.71 40.35
CA LEU C 147 3.15 -27.86 41.22
C LEU C 147 2.23 -29.03 40.98
N SER C 148 1.03 -28.83 40.55
CA SER C 148 0.11 -29.94 40.36
C SER C 148 0.55 -30.99 39.41
N LEU C 149 1.63 -30.78 38.65
CA LEU C 149 2.12 -31.68 37.63
C LEU C 149 3.22 -32.59 38.13
N LYS C 150 3.18 -32.91 39.41
CA LYS C 150 4.16 -33.73 40.12
C LYS C 150 5.55 -33.29 39.72
N PRO C 157 -3.95 -35.58 30.10
CA PRO C 157 -3.09 -35.37 28.95
C PRO C 157 -1.66 -35.23 29.41
N ASP C 158 -0.69 -35.80 28.69
CA ASP C 158 0.70 -35.74 29.10
C ASP C 158 1.41 -34.61 28.35
N LEU C 159 1.50 -33.47 29.03
CA LEU C 159 1.90 -32.19 28.52
C LEU C 159 2.26 -31.31 29.69
N SER C 160 3.41 -30.68 29.70
CA SER C 160 3.76 -29.76 30.75
C SER C 160 4.36 -28.50 30.09
N LEU C 161 5.23 -27.79 30.77
CA LEU C 161 5.69 -26.49 30.35
C LEU C 161 7.19 -26.40 30.39
N GLN C 162 7.78 -25.78 29.38
CA GLN C 162 9.19 -25.57 29.31
C GLN C 162 9.43 -24.13 29.00
N LEU C 163 10.39 -23.52 29.64
CA LEU C 163 10.82 -22.18 29.32
C LEU C 163 12.21 -22.27 28.77
N ILE C 164 12.53 -21.48 27.73
CA ILE C 164 13.84 -21.38 27.09
C ILE C 164 14.28 -19.93 27.01
N PHE C 165 15.45 -19.64 27.54
CA PHE C 165 16.11 -18.34 27.36
C PHE C 165 17.32 -18.37 26.38
N PHE C 166 17.16 -17.91 25.16
CA PHE C 166 18.15 -18.18 24.17
C PHE C 166 19.28 -17.22 24.29
N ASP C 167 20.49 -17.66 23.96
CA ASP C 167 21.66 -16.81 23.96
C ASP C 167 22.05 -16.56 22.53
N GLY C 168 22.72 -15.46 22.29
CA GLY C 168 23.17 -15.15 20.99
C GLY C 168 22.12 -14.86 19.96
N GLU C 169 21.02 -14.29 20.34
CA GLU C 169 20.04 -14.05 19.30
C GLU C 169 20.50 -12.94 18.37
N GLU C 170 21.21 -11.97 18.88
CA GLU C 170 21.53 -10.75 18.15
C GLU C 170 22.80 -10.86 17.27
N ALA C 171 22.78 -10.20 16.16
CA ALA C 171 23.94 -10.20 15.31
C ALA C 171 25.12 -9.67 16.07
N PHE C 172 26.31 -10.05 15.62
CA PHE C 172 27.50 -9.52 16.27
C PHE C 172 27.93 -8.30 15.52
N LEU C 173 28.10 -8.45 14.24
CA LEU C 173 28.36 -7.29 13.42
C LEU C 173 27.05 -6.98 12.76
N HIS C 174 26.70 -7.63 11.66
CA HIS C 174 25.57 -7.10 10.95
C HIS C 174 24.69 -8.18 10.37
N TRP C 175 23.56 -8.34 11.08
CA TRP C 175 22.43 -9.22 10.86
C TRP C 175 22.41 -9.91 9.54
N SER C 176 22.71 -11.17 9.63
CA SER C 176 22.72 -12.00 8.45
C SER C 176 22.48 -13.35 8.98
N PRO C 177 22.01 -14.29 8.15
CA PRO C 177 21.83 -15.65 8.57
C PRO C 177 23.04 -16.32 9.15
N GLN C 178 24.19 -15.78 8.84
CA GLN C 178 25.39 -16.37 9.39
C GLN C 178 25.65 -15.80 10.78
N ASP C 179 25.34 -14.54 10.99
CA ASP C 179 25.70 -13.86 12.22
C ASP C 179 24.43 -13.46 12.98
N SER C 180 23.71 -14.43 13.55
CA SER C 180 22.41 -14.22 14.19
C SER C 180 21.75 -15.52 14.56
N LEU C 181 21.13 -15.60 15.73
CA LEU C 181 20.35 -16.76 16.21
C LEU C 181 21.25 -17.94 16.56
N TYR C 182 22.35 -17.63 17.18
CA TYR C 182 23.29 -18.65 17.49
C TYR C 182 22.66 -19.68 18.37
N GLY C 183 21.99 -19.25 19.38
CA GLY C 183 21.43 -20.15 20.37
C GLY C 183 20.22 -20.89 19.90
N SER C 184 19.34 -20.27 19.15
CA SER C 184 18.22 -21.00 18.68
C SER C 184 18.55 -21.86 17.52
N ARG C 185 19.48 -21.47 16.66
CA ARG C 185 19.83 -22.35 15.56
C ARG C 185 20.49 -23.61 16.08
N HIS C 186 21.13 -23.51 17.21
CA HIS C 186 21.71 -24.63 17.90
C HIS C 186 20.71 -25.55 18.51
N LEU C 187 19.76 -25.02 19.27
CA LEU C 187 18.89 -25.91 19.97
C LEU C 187 17.90 -26.43 19.01
N ALA C 188 17.53 -25.66 18.02
CA ALA C 188 16.64 -26.25 17.06
C ALA C 188 17.16 -27.61 16.69
N ALA C 189 18.42 -27.67 16.22
CA ALA C 189 19.07 -28.89 15.76
C ALA C 189 19.29 -29.89 16.88
N LYS C 190 19.91 -29.48 17.93
CA LYS C 190 20.06 -30.44 18.99
C LYS C 190 18.78 -31.15 19.33
N MET C 191 17.68 -30.44 19.41
CA MET C 191 16.41 -31.08 19.72
C MET C 191 15.88 -31.85 18.55
N ALA C 192 16.13 -31.42 17.35
CA ALA C 192 15.60 -32.25 16.31
C ALA C 192 16.29 -33.41 16.15
N SER C 193 17.20 -33.73 17.00
CA SER C 193 17.83 -35.02 16.90
C SER C 193 18.01 -35.65 18.25
N THR C 194 17.19 -35.31 19.22
CA THR C 194 17.28 -35.98 20.51
C THR C 194 16.03 -36.76 20.65
N PRO C 195 15.99 -38.03 20.32
CA PRO C 195 14.69 -38.69 20.28
C PRO C 195 13.91 -38.41 21.53
N HIS C 196 12.58 -38.36 21.38
CA HIS C 196 11.62 -38.11 22.52
C HIS C 196 10.41 -39.02 22.32
N PRO C 197 10.03 -39.69 23.35
CA PRO C 197 10.60 -39.69 24.68
C PRO C 197 11.84 -40.56 24.71
N PRO C 198 12.65 -40.47 25.66
CA PRO C 198 13.79 -41.34 25.63
C PRO C 198 13.45 -42.67 25.04
N GLY C 199 14.28 -43.14 24.17
CA GLY C 199 14.05 -44.39 23.61
C GLY C 199 13.31 -44.39 22.32
N ALA C 200 12.45 -43.45 22.08
CA ALA C 200 11.72 -43.49 20.84
C ALA C 200 12.67 -43.71 19.69
N ARG C 201 12.10 -43.91 18.54
CA ARG C 201 12.76 -44.35 17.35
C ARG C 201 12.39 -43.57 16.13
N GLY C 202 11.45 -42.65 16.22
CA GLY C 202 11.11 -41.83 15.08
C GLY C 202 10.68 -40.42 15.38
N THR C 203 10.74 -40.07 16.64
CA THR C 203 10.18 -38.83 17.10
C THR C 203 11.23 -38.14 17.93
N SER C 204 11.34 -36.84 17.71
CA SER C 204 12.35 -36.00 18.31
C SER C 204 11.79 -35.10 19.36
N GLN C 205 12.64 -34.29 19.89
CA GLN C 205 12.17 -33.37 20.88
C GLN C 205 11.33 -32.28 20.27
N LEU C 206 11.32 -32.12 18.97
CA LEU C 206 10.45 -31.15 18.36
C LEU C 206 9.14 -31.70 18.02
N HIS C 207 8.96 -32.95 17.88
CA HIS C 207 7.61 -33.40 17.73
C HIS C 207 6.82 -33.11 18.99
N GLY C 208 7.50 -32.94 20.08
CA GLY C 208 6.90 -32.82 21.37
C GLY C 208 6.86 -31.39 21.80
N MET C 209 7.07 -30.44 20.86
CA MET C 209 6.70 -29.05 21.02
C MET C 209 5.35 -28.84 20.41
N ASP C 210 4.35 -28.67 21.27
CA ASP C 210 2.99 -28.33 20.88
C ASP C 210 2.94 -26.96 20.26
N LEU C 211 3.72 -26.05 20.81
CA LEU C 211 3.60 -24.67 20.49
C LEU C 211 4.73 -23.94 21.09
N LEU C 212 5.39 -23.13 20.35
CA LEU C 212 6.38 -22.22 20.85
C LEU C 212 5.84 -20.82 20.92
N VAL C 213 5.88 -20.24 22.05
CA VAL C 213 5.43 -18.88 22.25
C VAL C 213 6.71 -18.14 22.45
N LEU C 214 7.07 -17.31 21.48
CA LEU C 214 8.21 -16.44 21.53
C LEU C 214 7.82 -15.01 21.88
N LEU C 215 8.34 -14.53 22.95
CA LEU C 215 8.24 -13.19 23.40
C LEU C 215 9.47 -12.40 23.01
N ASP C 216 9.26 -11.31 22.31
CA ASP C 216 10.33 -10.48 21.83
C ASP C 216 9.87 -9.02 21.73
N LEU C 217 10.68 -8.13 22.19
CA LEU C 217 10.47 -6.72 22.04
C LEU C 217 9.21 -6.23 22.69
N ILE C 218 8.97 -6.68 23.91
CA ILE C 218 7.79 -6.36 24.64
C ILE C 218 8.14 -5.35 25.70
N GLY C 219 7.31 -4.33 25.85
CA GLY C 219 7.57 -3.41 26.87
C GLY C 219 7.34 -2.00 26.61
N ALA C 220 6.85 -1.70 25.49
CA ALA C 220 6.67 -0.33 25.10
C ALA C 220 5.23 0.07 25.00
N PRO C 221 4.94 1.33 25.04
CA PRO C 221 3.54 1.71 24.91
C PRO C 221 2.94 1.30 23.58
N ASN C 222 1.76 0.84 23.61
CA ASN C 222 0.84 0.70 22.50
C ASN C 222 1.22 -0.35 21.52
N PRO C 223 1.74 -1.48 21.92
CA PRO C 223 2.01 -2.53 21.02
C PRO C 223 0.78 -3.06 20.36
N THR C 224 0.98 -3.65 19.22
CA THR C 224 -0.07 -4.30 18.47
C THR C 224 0.66 -5.51 18.00
N PHE C 225 0.17 -6.70 18.21
CA PHE C 225 0.84 -7.93 17.80
C PHE C 225 0.12 -8.57 16.63
N PRO C 226 0.73 -8.91 15.53
CA PRO C 226 0.02 -9.51 14.47
C PRO C 226 -0.15 -11.00 14.61
N ASN C 227 -1.04 -11.55 13.80
CA ASN C 227 -1.33 -12.95 13.69
C ASN C 227 -0.57 -13.48 12.51
N PHE C 228 0.58 -14.01 12.79
CA PHE C 228 1.58 -14.21 11.84
C PHE C 228 1.33 -15.51 11.11
N PHE C 229 0.80 -16.54 11.78
CA PHE C 229 0.80 -17.86 11.19
C PHE C 229 -0.55 -18.51 11.32
N PRO C 230 -1.11 -18.94 10.22
CA PRO C 230 -2.33 -19.68 10.28
C PRO C 230 -2.32 -20.98 11.08
N ASN C 231 -1.25 -21.48 11.48
CA ASN C 231 -1.23 -22.76 12.13
C ASN C 231 -1.21 -22.58 13.64
N SER C 232 -1.15 -21.35 14.05
CA SER C 232 -1.32 -21.02 15.44
C SER C 232 -2.41 -19.98 15.64
N ALA C 233 -3.33 -19.85 14.73
CA ALA C 233 -4.16 -18.69 14.74
C ALA C 233 -5.28 -18.83 15.72
N ARG C 234 -5.70 -20.07 15.92
CA ARG C 234 -6.62 -20.43 16.99
C ARG C 234 -6.15 -20.04 18.31
N TRP C 235 -4.90 -20.10 18.55
CA TRP C 235 -4.31 -19.63 19.74
C TRP C 235 -4.10 -18.14 19.75
N PHE C 236 -3.84 -17.49 18.66
CA PHE C 236 -3.88 -16.03 18.73
C PHE C 236 -5.27 -15.51 19.11
N GLU C 237 -6.34 -16.03 18.49
CA GLU C 237 -7.70 -15.75 18.85
C GLU C 237 -7.95 -15.84 20.33
N ARG C 238 -7.45 -16.85 21.00
CA ARG C 238 -7.63 -16.92 22.44
C ARG C 238 -7.00 -15.78 23.15
N LEU C 239 -5.82 -15.34 22.74
CA LEU C 239 -5.27 -14.15 23.33
C LEU C 239 -6.16 -12.95 23.06
N GLN C 240 -6.82 -12.91 21.93
CA GLN C 240 -7.79 -11.88 21.73
C GLN C 240 -8.93 -11.96 22.75
N ALA C 241 -9.56 -13.08 22.84
CA ALA C 241 -10.54 -13.48 23.82
C ALA C 241 -10.13 -13.26 25.22
N ILE C 242 -9.03 -13.81 25.63
CA ILE C 242 -8.57 -13.47 26.96
C ILE C 242 -8.53 -11.96 27.14
N GLU C 243 -7.85 -11.23 26.27
CA GLU C 243 -7.71 -9.77 26.41
C GLU C 243 -9.05 -9.12 26.55
N HIS C 244 -10.03 -9.55 25.82
CA HIS C 244 -11.30 -8.89 25.83
C HIS C 244 -11.98 -9.11 27.17
N GLU C 245 -12.03 -10.35 27.63
CA GLU C 245 -12.67 -10.74 28.87
C GLU C 245 -12.00 -10.10 30.06
N LEU C 246 -10.73 -10.05 30.07
CA LEU C 246 -10.10 -9.37 31.17
C LEU C 246 -10.41 -7.92 31.18
N HIS C 247 -10.67 -7.34 30.02
CA HIS C 247 -11.07 -5.96 29.91
C HIS C 247 -12.48 -5.81 30.42
N GLU C 248 -13.37 -6.68 29.97
CA GLU C 248 -14.75 -6.61 30.37
C GLU C 248 -14.93 -6.69 31.84
N LEU C 249 -13.95 -7.15 32.57
CA LEU C 249 -14.08 -7.46 33.96
C LEU C 249 -13.28 -6.52 34.80
N GLY C 250 -12.82 -5.45 34.26
CA GLY C 250 -12.16 -4.47 35.06
C GLY C 250 -10.74 -4.76 35.42
N LEU C 251 -10.15 -5.83 34.90
CA LEU C 251 -8.90 -6.39 35.36
C LEU C 251 -7.66 -5.89 34.69
N LEU C 252 -7.76 -5.10 33.66
CA LEU C 252 -6.69 -4.42 32.96
C LEU C 252 -6.59 -2.96 33.34
N LYS C 253 -5.43 -2.37 33.19
CA LYS C 253 -5.13 -0.99 33.52
C LYS C 253 -4.75 -0.08 32.32
N ASP C 254 -5.27 1.11 32.33
CA ASP C 254 -5.17 2.09 31.26
C ASP C 254 -5.27 1.49 29.86
N HIS C 255 -6.31 0.78 29.58
CA HIS C 255 -6.56 -0.07 28.47
C HIS C 255 -7.85 0.29 27.76
N SER C 256 -7.91 0.24 26.49
CA SER C 256 -9.15 0.46 25.80
C SER C 256 -9.18 -0.50 24.65
N LEU C 257 -10.34 -0.91 24.20
CA LEU C 257 -10.40 -1.86 23.14
C LEU C 257 -10.08 -1.29 21.81
N GLU C 258 -9.87 -0.05 21.75
CA GLU C 258 -9.53 0.62 20.53
C GLU C 258 -8.06 0.85 20.43
N GLY C 259 -7.37 0.41 21.41
CA GLY C 259 -5.98 0.22 21.53
C GLY C 259 -5.70 -1.17 22.02
N ARG C 260 -6.43 -2.16 21.57
CA ARG C 260 -6.12 -3.54 21.79
C ARG C 260 -4.71 -3.87 21.36
N TYR C 261 -4.15 -4.88 22.03
CA TYR C 261 -2.82 -5.41 21.76
C TYR C 261 -2.86 -6.45 20.67
N PHE C 262 -3.85 -7.26 20.63
CA PHE C 262 -3.91 -8.32 19.68
C PHE C 262 -4.96 -8.03 18.66
N GLN C 263 -4.61 -7.55 17.53
CA GLN C 263 -5.65 -7.21 16.60
C GLN C 263 -5.65 -8.18 15.46
N ASN C 264 -6.81 -8.61 14.99
CA ASN C 264 -6.81 -9.60 13.94
C ASN C 264 -6.36 -8.77 12.77
N TYR C 265 -5.07 -8.67 12.66
CA TYR C 265 -4.39 -8.04 11.54
C TYR C 265 -3.35 -9.08 11.16
N SER C 266 -3.48 -9.69 10.00
CA SER C 266 -2.44 -10.61 9.58
C SER C 266 -1.28 -9.82 8.94
N TYR C 267 -0.11 -10.43 8.87
CA TYR C 267 1.09 -9.71 8.45
C TYR C 267 1.64 -10.25 7.15
N GLY C 268 2.40 -9.42 6.46
CA GLY C 268 3.00 -9.74 5.18
C GLY C 268 4.17 -10.72 5.18
N GLY C 269 5.41 -10.19 5.19
CA GLY C 269 6.62 -10.98 5.12
C GLY C 269 7.21 -11.28 6.51
N VAL C 270 8.12 -12.10 6.53
CA VAL C 270 8.47 -12.67 7.83
C VAL C 270 9.42 -11.75 8.56
N ILE C 271 9.43 -11.92 9.88
CA ILE C 271 10.39 -11.30 10.75
C ILE C 271 11.37 -12.36 11.24
N GLN C 272 12.64 -12.12 11.14
CA GLN C 272 13.57 -13.12 11.58
C GLN C 272 13.72 -13.04 13.09
N ASP C 273 13.61 -14.15 13.77
CA ASP C 273 13.78 -14.18 15.21
C ASP C 273 14.10 -15.62 15.59
N ASP C 274 14.39 -15.84 16.84
CA ASP C 274 14.60 -17.16 17.38
C ASP C 274 13.54 -18.20 17.02
N HIS C 275 12.53 -17.91 16.31
CA HIS C 275 11.61 -18.97 15.99
C HIS C 275 11.89 -19.67 14.67
N ILE C 276 12.76 -19.07 13.84
CA ILE C 276 12.93 -19.55 12.45
C ILE C 276 13.56 -20.92 12.43
N PRO C 277 14.56 -21.21 13.20
CA PRO C 277 15.05 -22.53 13.27
C PRO C 277 14.00 -23.53 13.64
N PHE C 278 12.92 -23.14 14.34
CA PHE C 278 11.85 -24.03 14.70
C PHE C 278 10.66 -23.91 13.75
N LEU C 279 10.38 -22.78 13.22
CA LEU C 279 9.27 -22.71 12.29
C LEU C 279 9.43 -23.62 11.08
N ARG C 280 10.53 -23.51 10.35
CA ARG C 280 10.82 -24.33 9.19
C ARG C 280 11.11 -25.77 9.52
N ARG C 281 11.25 -26.12 10.75
CA ARG C 281 11.21 -27.50 11.08
C ARG C 281 9.85 -27.99 11.52
N GLY C 282 8.82 -27.20 11.40
CA GLY C 282 7.51 -27.72 11.63
C GLY C 282 6.89 -27.51 12.96
N VAL C 283 7.50 -26.72 13.83
CA VAL C 283 6.88 -26.38 15.10
C VAL C 283 5.96 -25.20 14.95
N PRO C 284 4.76 -25.24 15.51
CA PRO C 284 3.87 -24.11 15.35
C PRO C 284 4.23 -23.05 16.32
N VAL C 285 4.20 -21.82 15.87
CA VAL C 285 4.78 -20.72 16.56
C VAL C 285 3.79 -19.61 16.75
N LEU C 286 3.91 -18.94 17.88
CA LEU C 286 3.07 -17.86 18.26
C LEU C 286 4.03 -16.76 18.52
N HIS C 287 4.19 -15.92 17.62
CA HIS C 287 5.29 -15.01 17.73
C HIS C 287 4.83 -13.74 18.31
N LEU C 288 4.96 -13.61 19.60
CA LEU C 288 4.54 -12.41 20.26
C LEU C 288 5.63 -11.38 20.15
N ILE C 289 5.75 -10.85 18.97
CA ILE C 289 6.55 -9.68 18.76
C ILE C 289 5.65 -8.64 18.16
N PRO C 290 5.87 -7.39 18.46
CA PRO C 290 5.03 -6.34 17.92
C PRO C 290 5.43 -5.92 16.58
N SER C 291 4.46 -5.46 15.79
CA SER C 291 4.67 -4.71 14.55
C SER C 291 3.85 -3.45 14.49
N PRO C 292 4.49 -2.34 14.52
CA PRO C 292 5.87 -2.04 14.40
C PRO C 292 6.67 -2.16 15.59
N PHE C 293 7.97 -2.08 15.53
CA PHE C 293 8.86 -2.32 16.61
C PHE C 293 8.83 -1.12 17.48
N PRO C 294 9.39 -1.21 18.66
CA PRO C 294 9.37 -0.10 19.56
C PRO C 294 10.11 1.06 18.99
N GLU C 295 9.78 2.27 19.37
CA GLU C 295 10.39 3.41 18.70
C GLU C 295 11.81 3.50 19.04
N VAL C 296 12.21 2.88 20.12
CA VAL C 296 13.55 2.89 20.65
C VAL C 296 14.35 1.65 20.32
N TRP C 297 13.91 0.85 19.39
CA TRP C 297 14.65 -0.31 18.94
C TRP C 297 16.10 -0.03 18.57
N HIS C 298 16.97 -0.85 19.11
CA HIS C 298 18.38 -0.81 18.92
C HIS C 298 18.87 0.60 19.01
N THR C 299 18.64 1.21 20.13
CA THR C 299 19.11 2.55 20.46
C THR C 299 19.41 2.56 21.93
N MET C 300 20.19 3.51 22.37
CA MET C 300 20.59 3.50 23.76
C MET C 300 19.40 3.78 24.61
N ASP C 301 18.40 4.43 24.02
CA ASP C 301 17.16 4.79 24.63
C ASP C 301 16.28 3.63 24.91
N ASP C 302 16.64 2.41 24.67
CA ASP C 302 15.80 1.28 25.00
C ASP C 302 16.10 0.84 26.42
N ASN C 303 15.58 1.58 27.39
CA ASN C 303 16.04 1.45 28.76
C ASN C 303 14.84 1.34 29.69
N GLU C 304 15.06 1.27 31.01
CA GLU C 304 13.97 1.21 31.98
C GLU C 304 13.01 2.37 31.85
N GLU C 305 13.54 3.55 31.57
CA GLU C 305 12.81 4.83 31.55
C GLU C 305 11.67 4.86 30.52
N ASN C 306 11.74 4.08 29.49
CA ASN C 306 10.79 4.13 28.41
C ASN C 306 9.94 2.89 28.32
N LEU C 307 9.86 2.18 29.39
CA LEU C 307 9.05 1.02 29.50
C LEU C 307 7.72 1.44 30.16
N ASP C 308 6.62 0.95 29.65
CA ASP C 308 5.32 1.22 30.26
C ASP C 308 4.94 0.03 31.13
N GLU C 309 5.23 0.14 32.40
CA GLU C 309 4.77 -0.77 33.41
C GLU C 309 3.33 -1.16 33.24
N SER C 310 2.44 -0.28 32.79
CA SER C 310 1.02 -0.67 32.79
C SER C 310 0.78 -1.74 31.77
N THR C 311 1.43 -1.62 30.64
CA THR C 311 1.21 -2.53 29.54
C THR C 311 1.78 -3.86 29.90
N ILE C 312 2.92 -3.86 30.50
CA ILE C 312 3.56 -5.12 30.83
C ILE C 312 2.74 -5.88 31.83
N ASP C 313 2.26 -5.21 32.87
CA ASP C 313 1.25 -5.79 33.74
C ASP C 313 0.09 -6.38 32.99
N ASN C 314 -0.47 -5.66 32.11
CA ASN C 314 -1.55 -6.23 31.36
C ASN C 314 -1.13 -7.43 30.57
N LEU C 315 0.03 -7.40 29.93
CA LEU C 315 0.38 -8.59 29.15
C LEU C 315 0.76 -9.75 30.01
N ASN C 316 1.38 -9.52 31.16
CA ASN C 316 1.63 -10.54 32.15
C ASN C 316 0.40 -11.33 32.44
N LYS C 317 -0.65 -10.65 32.84
CA LYS C 317 -1.95 -11.28 33.10
C LYS C 317 -2.51 -12.05 31.93
N ILE C 318 -2.34 -11.59 30.72
CA ILE C 318 -2.95 -12.21 29.56
C ILE C 318 -2.24 -13.47 29.26
N LEU C 319 -0.94 -13.45 29.47
CA LEU C 319 -0.09 -14.54 29.12
C LEU C 319 -0.21 -15.62 30.15
N GLN C 320 -0.16 -15.24 31.42
CA GLN C 320 -0.42 -16.14 32.49
C GLN C 320 -1.73 -16.82 32.32
N VAL C 321 -2.79 -16.12 31.96
CA VAL C 321 -4.03 -16.86 31.72
C VAL C 321 -3.90 -17.89 30.61
N PHE C 322 -3.27 -17.52 29.47
CA PHE C 322 -3.13 -18.33 28.26
C PHE C 322 -2.56 -19.66 28.59
N VAL C 323 -1.67 -19.68 29.56
CA VAL C 323 -0.92 -20.87 29.88
C VAL C 323 -1.72 -21.79 30.76
N LEU C 324 -2.36 -21.27 31.77
CA LEU C 324 -3.27 -22.09 32.52
C LEU C 324 -4.32 -22.65 31.61
N GLU C 325 -4.86 -21.86 30.71
CA GLU C 325 -5.87 -22.47 29.88
C GLU C 325 -5.32 -23.54 28.99
N TYR C 326 -4.04 -23.51 28.63
CA TYR C 326 -3.42 -24.47 27.71
C TYR C 326 -3.13 -25.74 28.43
N LEU C 327 -2.66 -25.59 29.64
CA LEU C 327 -2.25 -26.62 30.54
C LEU C 327 -3.37 -27.18 31.40
N HIS C 328 -4.58 -26.69 31.27
CA HIS C 328 -5.69 -27.14 32.05
C HIS C 328 -5.47 -27.04 33.56
N LEU C 329 -4.92 -25.93 34.01
CA LEU C 329 -4.78 -25.65 35.39
C LEU C 329 -5.73 -24.51 35.57
N ALA D 1 17.07 -16.87 -30.19
CA ALA D 1 15.66 -16.83 -29.79
C ALA D 1 14.79 -16.39 -30.96
N SER D 2 13.49 -16.46 -30.73
CA SER D 2 12.50 -15.80 -31.58
C SER D 2 11.75 -14.86 -30.67
N ALA D 3 10.62 -14.35 -31.13
CA ALA D 3 9.89 -13.35 -30.37
C ALA D 3 8.44 -13.73 -30.09
N TRP D 4 8.06 -14.99 -30.08
CA TRP D 4 6.77 -15.35 -29.52
C TRP D 4 6.84 -15.52 -28.02
N PRO D 5 7.94 -15.79 -27.45
CA PRO D 5 7.99 -15.82 -26.01
C PRO D 5 7.54 -14.55 -25.37
N GLU D 6 7.54 -13.45 -26.09
CA GLU D 6 7.03 -12.20 -25.54
C GLU D 6 5.59 -11.88 -25.95
N GLU D 7 4.90 -12.69 -26.71
CA GLU D 7 3.57 -12.24 -27.05
C GLU D 7 2.73 -12.12 -25.80
N LYS D 8 3.03 -12.94 -24.85
CA LYS D 8 2.25 -12.96 -23.64
C LYS D 8 2.18 -11.61 -22.99
N ASN D 9 3.04 -10.74 -23.28
CA ASN D 9 3.06 -9.42 -22.68
C ASN D 9 2.22 -8.41 -23.36
N TYR D 10 1.69 -8.71 -24.44
CA TYR D 10 0.97 -7.73 -25.19
C TYR D 10 -0.37 -8.29 -25.48
N HIS D 11 -0.65 -9.48 -25.02
CA HIS D 11 -1.89 -10.14 -25.33
C HIS D 11 -3.05 -9.58 -24.58
N GLN D 12 -4.12 -9.29 -25.28
CA GLN D 12 -5.22 -8.57 -24.75
C GLN D 12 -6.47 -9.39 -24.94
N PRO D 13 -7.44 -9.31 -24.04
CA PRO D 13 -8.61 -10.14 -24.17
C PRO D 13 -9.65 -9.54 -25.11
N ALA D 14 -10.57 -10.37 -25.52
CA ALA D 14 -11.74 -9.98 -26.25
C ALA D 14 -12.93 -9.92 -25.30
N ILE D 15 -13.26 -8.74 -24.77
CA ILE D 15 -14.20 -8.68 -23.67
C ILE D 15 -15.59 -8.94 -24.20
N LEU D 16 -16.45 -9.49 -23.38
CA LEU D 16 -17.75 -9.95 -23.82
C LEU D 16 -18.84 -8.95 -23.57
N ASN D 17 -19.88 -9.06 -24.36
CA ASN D 17 -21.02 -8.18 -24.32
C ASN D 17 -22.09 -8.75 -23.43
N SER D 18 -22.90 -7.89 -22.87
CA SER D 18 -23.91 -8.34 -21.96
C SER D 18 -24.58 -9.59 -22.47
N SER D 19 -24.93 -9.59 -23.71
CA SER D 19 -25.67 -10.73 -24.20
C SER D 19 -24.92 -12.02 -23.99
N ALA D 20 -23.62 -11.95 -24.16
CA ALA D 20 -22.83 -13.14 -24.10
C ALA D 20 -22.48 -13.49 -22.68
N LEU D 21 -22.36 -12.50 -21.85
CA LEU D 21 -22.24 -12.80 -20.45
C LEU D 21 -23.47 -13.54 -19.97
N ARG D 22 -24.65 -13.20 -20.44
CA ARG D 22 -25.80 -13.98 -20.00
C ARG D 22 -25.67 -15.44 -20.40
N GLN D 23 -25.13 -15.74 -21.59
CA GLN D 23 -25.08 -17.12 -22.03
C GLN D 23 -24.15 -17.90 -21.13
N ILE D 24 -23.03 -17.32 -20.75
CA ILE D 24 -22.07 -18.03 -19.91
C ILE D 24 -22.65 -18.29 -18.53
N ALA D 25 -23.28 -17.30 -17.97
CA ALA D 25 -23.87 -17.45 -16.66
C ALA D 25 -24.92 -18.51 -16.64
N GLU D 26 -25.78 -18.51 -17.65
CA GLU D 26 -26.81 -19.52 -17.83
C GLU D 26 -26.21 -20.86 -18.16
N GLY D 27 -24.95 -20.87 -18.52
CA GLY D 27 -24.36 -22.08 -18.99
C GLY D 27 -23.64 -22.95 -18.04
N THR D 28 -23.47 -22.56 -16.80
CA THR D 28 -22.87 -23.41 -15.81
C THR D 28 -23.93 -23.82 -14.81
N SER D 29 -23.81 -25.03 -14.29
CA SER D 29 -24.70 -25.53 -13.30
C SER D 29 -23.90 -25.96 -12.10
N ILE D 30 -24.19 -25.35 -10.98
CA ILE D 30 -23.46 -25.65 -9.78
C ILE D 30 -23.97 -26.93 -9.20
N SER D 31 -25.11 -27.37 -9.61
CA SER D 31 -25.58 -28.59 -9.01
C SER D 31 -25.10 -29.76 -9.80
N GLU D 32 -24.96 -29.60 -11.10
CA GLU D 32 -24.32 -30.65 -11.82
C GLU D 32 -22.87 -30.74 -11.40
N MET D 33 -22.26 -29.65 -11.02
CA MET D 33 -20.93 -29.74 -10.47
C MET D 33 -20.94 -30.39 -9.11
N TRP D 34 -21.82 -29.98 -8.26
CA TRP D 34 -21.69 -30.41 -6.90
C TRP D 34 -21.77 -31.87 -6.89
N GLN D 35 -22.52 -32.46 -7.77
CA GLN D 35 -22.69 -33.87 -7.57
C GLN D 35 -21.86 -34.69 -8.54
N ASN D 36 -21.65 -34.19 -9.73
CA ASN D 36 -21.02 -34.94 -10.77
C ASN D 36 -19.53 -34.79 -10.77
N ASP D 37 -19.04 -33.64 -10.42
CA ASP D 37 -17.63 -33.32 -10.39
C ASP D 37 -17.09 -33.27 -9.00
N LEU D 38 -17.77 -32.66 -8.06
CA LEU D 38 -17.22 -32.45 -6.74
C LEU D 38 -17.37 -33.60 -5.78
N GLN D 39 -18.48 -34.26 -5.71
CA GLN D 39 -18.71 -35.11 -4.54
C GLN D 39 -17.84 -36.31 -4.61
N PRO D 40 -17.54 -36.76 -5.78
CA PRO D 40 -16.60 -37.85 -5.89
C PRO D 40 -15.25 -37.55 -5.34
N LEU D 41 -14.85 -36.32 -5.28
CA LEU D 41 -13.56 -35.89 -4.78
C LEU D 41 -13.53 -35.73 -3.29
N LEU D 42 -14.68 -35.63 -2.64
CA LEU D 42 -14.71 -35.49 -1.19
C LEU D 42 -14.40 -36.81 -0.47
N ILE D 43 -13.18 -37.29 -0.70
CA ILE D 43 -12.67 -38.49 -0.05
C ILE D 43 -11.26 -38.19 0.36
N GLU D 44 -10.78 -38.91 1.34
CA GLU D 44 -9.36 -38.93 1.67
C GLU D 44 -8.67 -39.20 0.39
N ARG D 45 -7.63 -38.44 0.10
CA ARG D 45 -6.94 -38.72 -1.13
C ARG D 45 -5.48 -38.29 -1.14
N TYR D 46 -4.68 -38.84 -0.28
CA TYR D 46 -3.32 -38.50 -0.15
C TYR D 46 -2.48 -39.37 -1.05
N PRO D 47 -1.25 -39.05 -1.21
CA PRO D 47 -0.47 -39.75 -2.18
C PRO D 47 -0.29 -41.22 -1.88
N GLY D 48 -0.52 -42.00 -2.87
CA GLY D 48 -0.32 -43.38 -2.79
C GLY D 48 -1.52 -44.10 -2.31
N SER D 49 -2.28 -43.46 -1.56
CA SER D 49 -3.58 -43.91 -1.15
C SER D 49 -4.46 -44.43 -2.27
N PRO D 50 -5.50 -45.08 -1.92
CA PRO D 50 -6.47 -45.51 -2.93
C PRO D 50 -7.40 -44.43 -3.42
N GLY D 51 -7.56 -43.40 -2.59
CA GLY D 51 -8.22 -42.19 -3.06
C GLY D 51 -7.41 -41.48 -4.15
N SER D 52 -6.08 -41.41 -3.98
CA SER D 52 -5.29 -40.81 -5.04
C SER D 52 -5.71 -41.36 -6.35
N TYR D 53 -5.94 -42.65 -6.41
CA TYR D 53 -6.29 -43.30 -7.65
C TYR D 53 -7.73 -43.04 -8.06
N ALA D 54 -8.65 -43.09 -7.14
CA ALA D 54 -10.01 -42.91 -7.62
C ALA D 54 -10.25 -41.50 -8.03
N ALA D 55 -9.57 -40.56 -7.42
CA ALA D 55 -9.72 -39.20 -7.88
C ALA D 55 -9.01 -38.96 -9.18
N ARG D 56 -7.83 -39.56 -9.31
CA ARG D 56 -7.16 -39.55 -10.57
C ARG D 56 -8.03 -40.12 -11.62
N GLN D 57 -8.65 -41.23 -11.36
CA GLN D 57 -9.50 -41.80 -12.39
C GLN D 57 -10.73 -40.99 -12.59
N HIS D 58 -11.30 -40.50 -11.51
CA HIS D 58 -12.44 -39.63 -11.65
C HIS D 58 -12.10 -38.46 -12.53
N ILE D 59 -11.01 -37.80 -12.27
CA ILE D 59 -10.76 -36.59 -13.01
C ILE D 59 -10.71 -36.93 -14.47
N MET D 60 -9.88 -37.91 -14.83
CA MET D 60 -9.79 -38.26 -16.22
C MET D 60 -11.17 -38.58 -16.79
N GLN D 61 -11.90 -39.51 -16.17
CA GLN D 61 -13.14 -39.91 -16.81
C GLN D 61 -13.98 -38.70 -17.20
N ARG D 62 -14.03 -37.73 -16.32
CA ARG D 62 -14.88 -36.58 -16.56
C ARG D 62 -14.41 -35.80 -17.77
N ILE D 63 -13.13 -35.56 -17.90
CA ILE D 63 -12.60 -34.86 -19.05
C ILE D 63 -12.78 -35.70 -20.31
N GLN D 64 -12.36 -36.95 -20.24
CA GLN D 64 -12.37 -37.87 -21.37
C GLN D 64 -13.67 -37.84 -22.11
N ARG D 65 -14.74 -37.49 -21.42
CA ARG D 65 -16.06 -37.58 -21.97
C ARG D 65 -16.58 -36.30 -22.59
N LEU D 66 -15.75 -35.30 -22.72
CA LEU D 66 -16.16 -34.11 -23.47
C LEU D 66 -15.73 -34.17 -24.95
N GLN D 67 -16.25 -33.28 -25.73
CA GLN D 67 -16.00 -33.42 -27.14
C GLN D 67 -14.69 -32.76 -27.57
N ALA D 68 -14.20 -31.82 -26.83
CA ALA D 68 -12.97 -31.19 -27.25
C ALA D 68 -11.84 -32.16 -27.08
N ASP D 69 -10.77 -31.91 -27.80
CA ASP D 69 -9.71 -32.87 -27.99
C ASP D 69 -8.71 -32.76 -26.82
N TRP D 70 -9.13 -33.18 -25.64
CA TRP D 70 -8.26 -33.02 -24.49
C TRP D 70 -7.31 -34.18 -24.56
N VAL D 71 -6.03 -33.88 -24.48
CA VAL D 71 -4.96 -34.87 -24.43
C VAL D 71 -4.52 -34.95 -22.99
N LEU D 72 -4.54 -36.12 -22.43
CA LEU D 72 -4.28 -36.37 -21.02
C LEU D 72 -2.99 -37.14 -20.78
N GLU D 73 -2.01 -36.50 -20.16
CA GLU D 73 -0.76 -37.12 -19.72
C GLU D 73 -0.93 -37.49 -18.25
N ILE D 74 -0.35 -38.58 -17.83
CA ILE D 74 -0.04 -38.83 -16.44
C ILE D 74 1.44 -38.69 -16.33
N ASP D 75 1.89 -38.00 -15.34
CA ASP D 75 3.27 -37.85 -15.09
C ASP D 75 3.51 -38.51 -13.75
N THR D 76 3.45 -39.84 -13.73
CA THR D 76 3.79 -40.54 -12.51
C THR D 76 5.28 -40.46 -12.27
N PHE D 77 5.69 -40.38 -11.02
CA PHE D 77 7.09 -40.09 -10.77
C PHE D 77 7.43 -40.38 -9.32
N LEU D 78 8.70 -40.34 -8.97
CA LEU D 78 9.14 -40.75 -7.68
C LEU D 78 9.92 -39.64 -7.02
N SER D 79 9.69 -39.38 -5.75
CA SER D 79 10.43 -38.33 -5.08
C SER D 79 10.60 -38.66 -3.61
N GLN D 80 11.69 -38.22 -3.03
CA GLN D 80 11.91 -38.57 -1.65
C GLN D 80 11.11 -37.66 -0.76
N THR D 81 10.72 -38.21 0.35
CA THR D 81 9.90 -37.56 1.34
C THR D 81 10.44 -37.96 2.68
N PRO D 82 9.85 -37.50 3.78
CA PRO D 82 10.36 -37.90 5.08
C PRO D 82 10.13 -39.37 5.39
N TYR D 83 9.06 -39.97 4.92
CA TYR D 83 8.83 -41.39 5.06
C TYR D 83 9.40 -42.16 3.87
N GLY D 84 10.25 -41.56 3.04
CA GLY D 84 10.92 -42.28 1.99
C GLY D 84 10.34 -42.00 0.62
N TYR D 85 10.85 -42.73 -0.35
CA TYR D 85 10.43 -42.55 -1.73
C TYR D 85 9.01 -42.93 -1.87
N ARG D 86 8.28 -42.17 -2.68
CA ARG D 86 6.88 -42.44 -2.91
C ARG D 86 6.54 -42.02 -4.34
N SER D 87 5.53 -42.63 -4.88
CA SER D 87 5.09 -42.33 -6.21
C SER D 87 3.99 -41.32 -6.12
N PHE D 88 4.01 -40.35 -7.02
CA PHE D 88 3.09 -39.26 -7.25
C PHE D 88 2.55 -39.26 -8.67
N SER D 89 1.46 -38.58 -8.95
CA SER D 89 0.90 -38.60 -10.28
C SER D 89 0.25 -37.24 -10.56
N ASN D 90 0.97 -36.41 -11.28
CA ASN D 90 0.42 -35.22 -11.87
C ASN D 90 -0.52 -35.61 -12.97
N ILE D 91 -1.58 -34.81 -13.18
CA ILE D 91 -2.52 -34.97 -14.27
C ILE D 91 -2.45 -33.76 -15.11
N ILE D 92 -2.28 -33.94 -16.38
CA ILE D 92 -2.21 -32.82 -17.28
C ILE D 92 -3.14 -33.08 -18.41
N SER D 93 -4.04 -32.14 -18.68
CA SER D 93 -4.97 -32.21 -19.80
C SER D 93 -4.67 -31.02 -20.69
N THR D 94 -4.50 -31.22 -22.00
CA THR D 94 -4.11 -30.16 -22.92
C THR D 94 -4.92 -30.09 -24.21
N LEU D 95 -5.15 -28.92 -24.67
CA LEU D 95 -5.73 -28.71 -25.96
C LEU D 95 -4.63 -28.18 -26.82
N ASN D 96 -4.41 -28.85 -27.97
CA ASN D 96 -3.43 -28.41 -28.94
C ASN D 96 -2.08 -28.36 -28.29
N PRO D 97 -1.54 -29.52 -27.94
CA PRO D 97 -0.26 -29.55 -27.27
C PRO D 97 0.84 -28.91 -28.06
N THR D 98 0.64 -28.76 -29.35
CA THR D 98 1.58 -28.02 -30.18
C THR D 98 1.28 -26.53 -30.18
N ALA D 99 0.06 -26.11 -29.92
CA ALA D 99 -0.04 -24.70 -29.78
C ALA D 99 1.10 -24.26 -28.89
N LYS D 100 1.86 -23.37 -29.45
CA LYS D 100 3.06 -22.76 -28.89
C LYS D 100 2.86 -22.16 -27.54
N ARG D 101 1.79 -21.42 -27.39
CA ARG D 101 1.39 -20.78 -26.16
C ARG D 101 0.16 -21.44 -25.56
N HIS D 102 0.14 -21.61 -24.22
CA HIS D 102 -1.06 -22.02 -23.51
C HIS D 102 -1.29 -21.18 -22.27
N LEU D 103 -2.56 -20.88 -21.98
CA LEU D 103 -3.00 -20.39 -20.69
C LEU D 103 -3.26 -21.57 -19.80
N VAL D 104 -2.83 -21.52 -18.57
CA VAL D 104 -2.88 -22.70 -17.72
C VAL D 104 -3.74 -22.46 -16.48
N LEU D 105 -4.68 -23.31 -16.26
CA LEU D 105 -5.35 -23.41 -14.99
C LEU D 105 -4.82 -24.56 -14.16
N ALA D 106 -4.76 -24.41 -12.86
CA ALA D 106 -4.19 -25.49 -12.09
C ALA D 106 -4.66 -25.48 -10.67
N CYS D 107 -4.69 -26.65 -10.07
CA CYS D 107 -4.92 -26.86 -8.66
C CYS D 107 -4.19 -28.08 -8.22
N HIS D 108 -4.30 -28.42 -6.96
CA HIS D 108 -3.85 -29.71 -6.50
C HIS D 108 -5.00 -30.63 -6.14
N TYR D 109 -4.94 -31.84 -6.63
CA TYR D 109 -5.88 -32.89 -6.31
C TYR D 109 -5.48 -33.75 -5.15
N ASP D 110 -4.42 -33.51 -4.47
CA ASP D 110 -4.27 -34.28 -3.25
C ASP D 110 -4.85 -33.56 -2.03
N SER D 111 -4.98 -34.30 -0.98
CA SER D 111 -5.37 -33.84 0.29
C SER D 111 -4.29 -34.21 1.30
N LYS D 112 -4.15 -33.43 2.35
CA LYS D 112 -3.18 -33.63 3.38
C LYS D 112 -3.44 -34.94 4.05
N TYR D 113 -2.39 -35.59 4.49
CA TYR D 113 -2.48 -36.75 5.35
C TYR D 113 -2.59 -36.31 6.80
N PHE D 114 -3.70 -36.64 7.40
CA PHE D 114 -3.93 -36.61 8.81
C PHE D 114 -4.41 -38.00 9.17
N SER D 115 -4.02 -38.51 10.31
CA SER D 115 -4.69 -39.71 10.77
C SER D 115 -6.18 -39.48 11.06
N HIS D 116 -6.89 -40.55 11.35
CA HIS D 116 -8.24 -40.40 11.79
C HIS D 116 -8.27 -39.97 13.25
N TRP D 117 -9.19 -39.08 13.54
CA TRP D 117 -9.32 -38.54 14.88
C TRP D 117 -10.79 -38.65 15.25
N ASN D 118 -11.13 -39.56 16.16
CA ASN D 118 -12.52 -39.70 16.60
C ASN D 118 -13.45 -39.76 15.40
N ASN D 119 -13.08 -40.65 14.50
CA ASN D 119 -13.89 -41.03 13.37
C ASN D 119 -13.98 -39.99 12.29
N ARG D 120 -13.23 -38.95 12.39
CA ARG D 120 -13.22 -37.97 11.35
C ARG D 120 -11.98 -38.08 10.47
N VAL D 121 -12.23 -38.05 9.19
CA VAL D 121 -11.24 -38.00 8.14
C VAL D 121 -11.19 -36.64 7.50
N PHE D 122 -10.02 -36.22 7.04
CA PHE D 122 -9.80 -34.98 6.29
C PHE D 122 -9.99 -35.16 4.80
N VAL D 123 -10.73 -34.28 4.19
CA VAL D 123 -11.06 -34.40 2.78
C VAL D 123 -10.79 -33.12 1.99
N GLY D 124 -10.42 -32.09 2.65
CA GLY D 124 -10.16 -30.88 2.03
C GLY D 124 -11.12 -30.48 0.97
N ALA D 125 -12.23 -29.89 1.31
CA ALA D 125 -13.16 -29.44 0.31
C ALA D 125 -12.79 -28.11 -0.25
N THR D 126 -12.23 -27.24 0.55
CA THR D 126 -11.61 -26.02 0.06
C THR D 126 -10.24 -26.24 -0.51
N ASP D 127 -9.48 -27.17 0.06
CA ASP D 127 -8.04 -27.44 -0.08
C ASP D 127 -7.89 -28.81 -0.58
N SER D 128 -8.20 -29.11 -1.83
CA SER D 128 -8.61 -28.19 -2.92
C SER D 128 -9.58 -28.91 -3.77
N ALA D 129 -10.50 -29.64 -3.19
CA ALA D 129 -11.49 -30.31 -3.97
C ALA D 129 -12.35 -29.37 -4.76
N VAL D 130 -12.74 -28.26 -4.20
CA VAL D 130 -13.56 -27.37 -4.96
C VAL D 130 -12.82 -26.84 -6.16
N PRO D 131 -11.60 -26.38 -6.05
CA PRO D 131 -10.89 -25.94 -7.24
C PRO D 131 -10.75 -27.02 -8.27
N CYS D 132 -10.52 -28.25 -7.88
CA CYS D 132 -10.53 -29.31 -8.85
C CYS D 132 -11.77 -29.34 -9.67
N ALA D 133 -12.94 -29.38 -9.02
CA ALA D 133 -14.21 -29.44 -9.68
C ALA D 133 -14.54 -28.22 -10.42
N MET D 134 -14.09 -27.08 -9.96
CA MET D 134 -14.36 -25.87 -10.73
C MET D 134 -13.77 -25.97 -12.09
N MET D 135 -12.59 -26.55 -12.18
CA MET D 135 -11.90 -26.78 -13.42
C MET D 135 -12.65 -27.77 -14.27
N LEU D 136 -13.06 -28.83 -13.71
CA LEU D 136 -13.87 -29.77 -14.43
C LEU D 136 -15.12 -29.14 -14.99
N GLU D 137 -15.86 -28.36 -14.17
CA GLU D 137 -17.04 -27.66 -14.64
C GLU D 137 -16.72 -26.66 -15.72
N LEU D 138 -15.61 -25.97 -15.62
CA LEU D 138 -15.19 -25.10 -16.68
C LEU D 138 -14.93 -25.85 -17.95
N ALA D 139 -14.18 -26.93 -17.88
CA ALA D 139 -14.03 -27.62 -19.11
C ALA D 139 -15.37 -27.97 -19.70
N ARG D 140 -16.33 -28.29 -18.85
CA ARG D 140 -17.62 -28.74 -19.34
C ARG D 140 -18.34 -27.62 -20.02
N ALA D 141 -18.72 -26.61 -19.30
CA ALA D 141 -19.51 -25.56 -19.87
C ALA D 141 -18.84 -24.91 -21.05
N LEU D 142 -17.59 -24.91 -21.11
CA LEU D 142 -16.97 -24.29 -22.25
C LEU D 142 -16.70 -25.27 -23.37
N ASP D 143 -16.97 -26.55 -23.15
CA ASP D 143 -16.69 -27.55 -24.18
C ASP D 143 -17.01 -27.08 -25.58
N LYS D 144 -18.22 -26.64 -25.83
CA LYS D 144 -18.63 -26.31 -27.18
C LYS D 144 -17.87 -25.10 -27.73
N LYS D 145 -17.62 -24.11 -26.91
CA LYS D 145 -16.79 -23.04 -27.40
C LYS D 145 -15.34 -23.46 -27.54
N LEU D 146 -14.87 -24.47 -26.82
CA LEU D 146 -13.48 -24.92 -26.87
C LEU D 146 -13.21 -25.84 -28.06
N LEU D 147 -14.25 -26.34 -28.68
CA LEU D 147 -14.03 -27.06 -29.93
C LEU D 147 -13.34 -26.15 -30.93
N SER D 148 -13.76 -24.92 -31.02
CA SER D 148 -13.25 -23.98 -32.01
C SER D 148 -11.75 -23.77 -32.00
N LEU D 149 -10.99 -24.75 -31.50
CA LEU D 149 -9.55 -24.75 -31.60
C LEU D 149 -9.06 -26.04 -32.24
N LYS D 150 -9.87 -26.67 -33.05
CA LYS D 150 -9.46 -27.83 -33.84
C LYS D 150 -8.94 -28.89 -32.91
N PRO D 157 -3.81 -16.24 -33.22
CA PRO D 157 -2.80 -16.54 -32.20
C PRO D 157 -2.78 -18.00 -31.90
N ASP D 158 -1.58 -18.46 -31.70
CA ASP D 158 -1.34 -19.89 -31.60
C ASP D 158 -1.36 -20.16 -30.10
N LEU D 159 -2.57 -20.29 -29.54
CA LEU D 159 -2.85 -20.21 -28.08
C LEU D 159 -4.04 -21.05 -27.66
N SER D 160 -3.85 -22.02 -26.78
CA SER D 160 -4.91 -22.90 -26.36
C SER D 160 -4.94 -23.00 -24.84
N LEU D 161 -5.63 -23.94 -24.31
CA LEU D 161 -5.79 -24.02 -22.88
C LEU D 161 -5.16 -25.28 -22.28
N GLN D 162 -4.61 -25.15 -21.10
CA GLN D 162 -4.21 -26.35 -20.39
C GLN D 162 -4.64 -26.35 -18.94
N LEU D 163 -4.95 -27.50 -18.44
CA LEU D 163 -5.32 -27.76 -17.07
C LEU D 163 -4.32 -28.69 -16.38
N ILE D 164 -3.98 -28.41 -15.14
CA ILE D 164 -3.03 -29.20 -14.38
C ILE D 164 -3.61 -29.48 -13.02
N PHE D 165 -3.75 -30.72 -12.65
CA PHE D 165 -4.02 -31.11 -11.29
C PHE D 165 -2.74 -31.74 -10.71
N PHE D 166 -2.07 -31.04 -9.82
CA PHE D 166 -0.83 -31.48 -9.23
C PHE D 166 -1.13 -32.48 -8.16
N ASP D 167 -0.19 -33.33 -7.92
CA ASP D 167 -0.15 -34.25 -6.82
C ASP D 167 0.85 -33.77 -5.81
N GLY D 168 0.71 -34.23 -4.64
CA GLY D 168 1.65 -33.92 -3.65
C GLY D 168 1.95 -32.53 -3.36
N GLU D 169 0.98 -31.69 -3.18
CA GLU D 169 1.22 -30.31 -2.82
C GLU D 169 1.46 -30.15 -1.39
N GLU D 170 0.87 -30.99 -0.60
CA GLU D 170 0.81 -30.80 0.82
C GLU D 170 2.00 -31.46 1.45
N ALA D 171 2.50 -30.89 2.53
CA ALA D 171 3.55 -31.58 3.23
C ALA D 171 3.02 -32.90 3.78
N PHE D 172 3.89 -33.88 3.88
CA PHE D 172 3.51 -35.11 4.53
C PHE D 172 3.56 -34.95 6.04
N LEU D 173 4.55 -34.24 6.54
CA LEU D 173 4.76 -34.14 7.96
C LEU D 173 4.76 -32.69 8.33
N HIS D 174 5.71 -31.89 7.86
CA HIS D 174 5.75 -30.58 8.42
C HIS D 174 6.49 -29.70 7.43
N TRP D 175 5.68 -29.06 6.60
CA TRP D 175 5.91 -27.91 5.75
C TRP D 175 7.32 -27.42 5.75
N SER D 176 7.87 -27.48 4.64
CA SER D 176 9.22 -27.08 4.49
C SER D 176 9.43 -27.25 3.03
N PRO D 177 10.49 -26.66 2.51
CA PRO D 177 10.78 -26.80 1.11
C PRO D 177 11.06 -28.21 0.73
N GLN D 178 11.81 -28.91 1.54
CA GLN D 178 12.19 -30.25 1.14
C GLN D 178 11.00 -31.19 1.16
N ASP D 179 9.90 -30.76 1.71
CA ASP D 179 8.74 -31.62 1.95
C ASP D 179 7.47 -30.82 1.67
N SER D 180 7.05 -30.79 0.38
CA SER D 180 5.99 -29.94 -0.16
C SER D 180 6.17 -29.64 -1.65
N LEU D 181 5.10 -29.57 -2.36
CA LEU D 181 5.10 -29.27 -3.74
C LEU D 181 5.90 -30.30 -4.47
N TYR D 182 5.68 -31.54 -4.12
CA TYR D 182 6.33 -32.62 -4.85
C TYR D 182 5.92 -32.62 -6.31
N GLY D 183 4.70 -32.32 -6.63
CA GLY D 183 4.27 -32.46 -8.00
C GLY D 183 4.60 -31.30 -8.90
N SER D 184 4.61 -30.09 -8.36
CA SER D 184 4.91 -28.91 -9.13
C SER D 184 6.37 -28.56 -9.10
N ARG D 185 7.11 -29.04 -8.13
CA ARG D 185 8.55 -28.95 -8.26
C ARG D 185 9.04 -29.81 -9.42
N HIS D 186 8.55 -31.02 -9.53
CA HIS D 186 8.83 -31.87 -10.66
C HIS D 186 8.48 -31.19 -11.97
N LEU D 187 7.24 -30.81 -12.16
CA LEU D 187 6.77 -30.47 -13.47
C LEU D 187 7.38 -29.18 -13.94
N ALA D 188 7.28 -28.15 -13.15
CA ALA D 188 8.03 -26.98 -13.44
C ALA D 188 9.37 -27.31 -14.08
N ALA D 189 10.11 -28.27 -13.56
CA ALA D 189 11.47 -28.50 -13.96
C ALA D 189 11.56 -29.44 -15.14
N LYS D 190 10.71 -30.39 -15.23
CA LYS D 190 10.65 -31.15 -16.43
C LYS D 190 10.18 -30.34 -17.57
N MET D 191 9.47 -29.26 -17.30
CA MET D 191 8.94 -28.41 -18.35
C MET D 191 9.96 -27.42 -18.84
N ALA D 192 10.74 -26.92 -17.95
CA ALA D 192 11.76 -25.99 -18.32
C ALA D 192 12.80 -26.63 -19.23
N SER D 193 12.81 -27.96 -19.29
CA SER D 193 13.80 -28.70 -20.01
C SER D 193 13.17 -29.62 -20.99
N THR D 194 11.97 -29.30 -21.43
CA THR D 194 11.33 -29.90 -22.56
C THR D 194 11.20 -28.86 -23.64
N PRO D 195 11.74 -29.03 -24.79
CA PRO D 195 11.63 -27.99 -25.80
C PRO D 195 10.24 -27.81 -26.40
N HIS D 196 9.89 -26.56 -26.65
CA HIS D 196 8.61 -26.29 -27.22
C HIS D 196 8.71 -25.15 -28.20
N PRO D 197 8.11 -25.31 -29.32
CA PRO D 197 7.37 -26.44 -29.80
C PRO D 197 8.30 -27.53 -30.20
N PRO D 198 7.77 -28.69 -30.54
CA PRO D 198 8.66 -29.74 -30.96
C PRO D 198 9.66 -29.22 -31.95
N GLY D 199 10.91 -29.48 -31.68
CA GLY D 199 12.00 -29.03 -32.49
C GLY D 199 12.65 -27.77 -32.01
N ALA D 200 11.98 -27.01 -31.21
CA ALA D 200 12.64 -25.80 -30.82
C ALA D 200 14.02 -26.06 -30.29
N ARG D 201 14.76 -25.03 -30.05
CA ARG D 201 16.16 -25.14 -29.72
C ARG D 201 16.59 -24.26 -28.61
N GLY D 202 15.87 -23.23 -28.26
CA GLY D 202 16.23 -22.45 -27.09
C GLY D 202 15.07 -22.02 -26.21
N THR D 203 13.90 -22.60 -26.44
CA THR D 203 12.67 -22.26 -25.76
C THR D 203 12.04 -23.54 -25.27
N SER D 204 11.40 -23.42 -24.11
CA SER D 204 10.82 -24.53 -23.37
C SER D 204 9.34 -24.39 -23.24
N GLN D 205 8.76 -25.48 -22.77
CA GLN D 205 7.35 -25.49 -22.45
C GLN D 205 6.97 -24.37 -21.51
N LEU D 206 7.88 -23.90 -20.68
CA LEU D 206 7.63 -22.80 -19.79
C LEU D 206 7.60 -21.48 -20.47
N HIS D 207 8.26 -21.35 -21.59
CA HIS D 207 8.20 -20.09 -22.30
C HIS D 207 6.79 -19.89 -22.86
N GLY D 208 6.05 -20.98 -23.05
CA GLY D 208 4.69 -21.03 -23.52
C GLY D 208 3.60 -20.89 -22.47
N MET D 209 3.90 -20.89 -21.19
CA MET D 209 2.93 -20.67 -20.18
C MET D 209 2.75 -19.19 -20.14
N ASP D 210 1.67 -18.76 -20.74
CA ASP D 210 1.32 -17.38 -20.80
C ASP D 210 1.02 -16.87 -19.43
N LEU D 211 0.24 -17.62 -18.71
CA LEU D 211 -0.20 -17.27 -17.37
C LEU D 211 -0.61 -18.57 -16.70
N LEU D 212 -0.09 -18.77 -15.52
CA LEU D 212 -0.58 -19.79 -14.64
C LEU D 212 -1.64 -19.25 -13.68
N VAL D 213 -2.86 -19.73 -13.81
CA VAL D 213 -3.92 -19.33 -12.96
C VAL D 213 -4.13 -20.46 -12.00
N LEU D 214 -3.77 -20.26 -10.75
CA LEU D 214 -3.71 -21.28 -9.77
C LEU D 214 -4.81 -21.09 -8.75
N LEU D 215 -5.63 -22.13 -8.53
CA LEU D 215 -6.74 -22.15 -7.63
C LEU D 215 -6.46 -22.86 -6.33
N ASP D 216 -6.73 -22.22 -5.25
CA ASP D 216 -6.40 -22.85 -4.01
C ASP D 216 -7.31 -22.26 -2.97
N LEU D 217 -7.91 -23.12 -2.18
CA LEU D 217 -8.64 -22.83 -0.96
C LEU D 217 -9.90 -22.06 -1.20
N ILE D 218 -10.75 -22.59 -2.03
CA ILE D 218 -11.84 -21.82 -2.57
C ILE D 218 -13.08 -22.56 -2.20
N GLY D 219 -14.10 -21.86 -1.76
CA GLY D 219 -15.32 -22.47 -1.37
C GLY D 219 -15.87 -22.02 -0.07
N ALA D 220 -15.13 -21.39 0.71
CA ALA D 220 -15.64 -20.77 1.89
C ALA D 220 -16.35 -19.45 1.65
N PRO D 221 -17.07 -18.99 2.59
CA PRO D 221 -17.84 -17.78 2.31
C PRO D 221 -16.98 -16.55 2.29
N ASN D 222 -17.43 -15.49 1.64
CA ASN D 222 -16.75 -14.22 1.79
C ASN D 222 -15.28 -14.26 1.47
N PRO D 223 -14.84 -14.93 0.44
CA PRO D 223 -13.45 -14.93 0.09
C PRO D 223 -12.96 -13.58 -0.37
N THR D 224 -11.68 -13.32 -0.28
CA THR D 224 -11.06 -12.14 -0.82
C THR D 224 -9.66 -12.44 -1.30
N PHE D 225 -9.37 -12.17 -2.53
CA PHE D 225 -8.16 -12.50 -3.22
C PHE D 225 -7.30 -11.29 -3.44
N PRO D 226 -6.08 -11.30 -3.01
CA PRO D 226 -5.19 -10.21 -3.33
C PRO D 226 -4.55 -10.30 -4.72
N ASN D 227 -4.03 -9.14 -5.16
CA ASN D 227 -3.19 -8.95 -6.31
C ASN D 227 -1.75 -9.08 -5.91
N PHE D 228 -1.22 -10.20 -6.21
CA PHE D 228 -0.01 -10.64 -5.62
C PHE D 228 1.19 -10.19 -6.41
N PHE D 229 1.14 -10.26 -7.72
CA PHE D 229 2.29 -10.00 -8.50
C PHE D 229 2.03 -8.90 -9.52
N PRO D 230 2.94 -7.98 -9.67
CA PRO D 230 2.74 -6.93 -10.64
C PRO D 230 2.73 -7.38 -12.03
N ASN D 231 3.28 -8.50 -12.33
CA ASN D 231 3.32 -8.98 -13.67
C ASN D 231 2.10 -9.69 -14.08
N SER D 232 1.07 -9.79 -13.22
CA SER D 232 -0.23 -10.26 -13.60
C SER D 232 -1.33 -9.34 -13.18
N ALA D 233 -1.00 -8.23 -12.59
CA ALA D 233 -2.00 -7.32 -12.13
C ALA D 233 -3.07 -7.08 -13.14
N ARG D 234 -2.74 -6.77 -14.34
CA ARG D 234 -3.75 -6.41 -15.33
C ARG D 234 -4.72 -7.52 -15.62
N TRP D 235 -4.35 -8.76 -15.37
CA TRP D 235 -5.28 -9.84 -15.46
C TRP D 235 -6.10 -9.92 -14.21
N PHE D 236 -5.62 -9.39 -13.15
CA PHE D 236 -6.44 -9.38 -11.98
C PHE D 236 -7.43 -8.29 -12.08
N GLU D 237 -7.00 -7.18 -12.63
CA GLU D 237 -7.89 -6.07 -12.91
C GLU D 237 -9.00 -6.53 -13.79
N ARG D 238 -8.77 -7.56 -14.56
CA ARG D 238 -9.81 -8.07 -15.40
C ARG D 238 -10.74 -8.94 -14.66
N LEU D 239 -10.31 -9.47 -13.56
CA LEU D 239 -11.16 -10.31 -12.79
C LEU D 239 -12.10 -9.44 -12.04
N GLN D 240 -11.58 -8.34 -11.60
CA GLN D 240 -12.40 -7.32 -11.01
C GLN D 240 -13.44 -6.88 -11.97
N ALA D 241 -13.06 -6.60 -13.16
CA ALA D 241 -14.04 -6.04 -14.04
C ALA D 241 -15.15 -7.00 -14.35
N ILE D 242 -14.85 -8.26 -14.35
CA ILE D 242 -15.81 -9.25 -14.73
C ILE D 242 -16.76 -9.51 -13.57
N GLU D 243 -16.26 -9.41 -12.35
CA GLU D 243 -17.17 -9.46 -11.20
C GLU D 243 -18.11 -8.30 -11.23
N HIS D 244 -17.56 -7.15 -11.37
CA HIS D 244 -18.37 -5.97 -11.39
C HIS D 244 -19.43 -6.03 -12.45
N GLU D 245 -19.12 -6.48 -13.60
CA GLU D 245 -20.12 -6.34 -14.62
C GLU D 245 -21.14 -7.45 -14.56
N LEU D 246 -20.72 -8.63 -14.34
CA LEU D 246 -21.62 -9.69 -14.05
C LEU D 246 -22.53 -9.29 -12.92
N HIS D 247 -22.04 -8.52 -11.98
CA HIS D 247 -22.91 -8.00 -10.94
C HIS D 247 -23.90 -7.02 -11.48
N GLU D 248 -23.44 -5.91 -12.01
CA GLU D 248 -24.31 -4.86 -12.51
C GLU D 248 -25.40 -5.37 -13.43
N LEU D 249 -25.31 -6.59 -13.83
CA LEU D 249 -26.20 -7.24 -14.77
C LEU D 249 -27.02 -8.27 -14.07
N GLY D 250 -26.91 -8.38 -12.79
CA GLY D 250 -27.79 -9.27 -12.09
C GLY D 250 -27.53 -10.72 -12.20
N LEU D 251 -26.29 -11.09 -12.40
CA LEU D 251 -25.99 -12.45 -12.78
C LEU D 251 -25.15 -13.15 -11.77
N LEU D 252 -24.96 -12.55 -10.59
CA LEU D 252 -24.33 -13.14 -9.44
C LEU D 252 -25.37 -13.41 -8.39
N LYS D 253 -25.15 -14.33 -7.49
CA LYS D 253 -26.12 -14.68 -6.43
C LYS D 253 -25.54 -14.31 -5.07
N ASP D 254 -26.34 -13.67 -4.22
CA ASP D 254 -25.96 -13.36 -2.83
C ASP D 254 -24.73 -12.46 -2.79
N HIS D 255 -24.62 -11.53 -3.74
CA HIS D 255 -23.38 -10.82 -3.96
C HIS D 255 -23.58 -9.34 -3.82
N SER D 256 -22.57 -8.64 -3.37
CA SER D 256 -22.59 -7.21 -3.42
C SER D 256 -21.20 -6.66 -3.59
N LEU D 257 -21.11 -5.42 -3.94
CA LEU D 257 -19.83 -4.84 -4.22
C LEU D 257 -19.09 -4.55 -2.97
N GLU D 258 -19.74 -4.60 -1.88
CA GLU D 258 -19.08 -4.40 -0.63
C GLU D 258 -18.61 -5.70 -0.04
N GLY D 259 -18.88 -6.78 -0.73
CA GLY D 259 -18.38 -8.06 -0.47
C GLY D 259 -17.73 -8.68 -1.67
N ARG D 260 -17.00 -7.85 -2.40
CA ARG D 260 -16.36 -8.21 -3.64
C ARG D 260 -15.39 -9.24 -3.28
N TYR D 261 -14.99 -9.99 -4.27
CA TYR D 261 -13.96 -10.97 -4.07
C TYR D 261 -12.62 -10.44 -4.38
N PHE D 262 -12.53 -9.67 -5.41
CA PHE D 262 -11.29 -9.16 -5.93
C PHE D 262 -11.25 -7.73 -5.63
N GLN D 263 -10.62 -7.35 -4.55
CA GLN D 263 -10.46 -5.95 -4.21
C GLN D 263 -9.04 -5.54 -4.45
N ASN D 264 -8.80 -4.43 -5.14
CA ASN D 264 -7.41 -4.15 -5.48
C ASN D 264 -6.74 -3.60 -4.24
N TYR D 265 -6.59 -4.49 -3.30
CA TYR D 265 -5.61 -4.37 -2.24
C TYR D 265 -4.47 -5.27 -2.68
N SER D 266 -3.25 -4.83 -2.47
CA SER D 266 -2.13 -5.66 -2.83
C SER D 266 -1.74 -6.51 -1.62
N TYR D 267 -0.75 -7.38 -1.76
CA TYR D 267 -0.34 -8.21 -0.65
C TYR D 267 1.16 -8.16 -0.45
N GLY D 268 1.58 -8.02 0.80
CA GLY D 268 2.98 -7.87 1.15
C GLY D 268 3.83 -9.04 0.74
N GLY D 269 3.80 -10.12 1.53
CA GLY D 269 4.67 -11.28 1.39
C GLY D 269 4.07 -12.36 0.52
N VAL D 270 4.72 -13.52 0.51
CA VAL D 270 4.30 -14.55 -0.41
C VAL D 270 3.80 -15.74 0.38
N ILE D 271 3.03 -16.54 -0.32
CA ILE D 271 2.37 -17.76 0.12
C ILE D 271 2.95 -18.89 -0.72
N GLN D 272 3.55 -19.87 -0.09
CA GLN D 272 4.14 -20.92 -0.88
C GLN D 272 3.05 -21.78 -1.47
N ASP D 273 3.15 -22.18 -2.68
CA ASP D 273 2.13 -22.99 -3.34
C ASP D 273 2.71 -23.41 -4.68
N ASP D 274 1.95 -24.17 -5.41
CA ASP D 274 2.42 -24.80 -6.61
C ASP D 274 2.79 -23.79 -7.69
N HIS D 275 2.56 -22.55 -7.44
CA HIS D 275 3.03 -21.56 -8.36
C HIS D 275 4.48 -21.28 -8.17
N ILE D 276 4.98 -21.41 -6.96
CA ILE D 276 6.33 -21.01 -6.61
C ILE D 276 7.27 -21.64 -7.60
N PRO D 277 7.24 -22.94 -7.83
CA PRO D 277 8.25 -23.51 -8.72
C PRO D 277 8.21 -22.90 -10.11
N PHE D 278 7.10 -22.29 -10.46
CA PHE D 278 6.98 -21.63 -11.73
C PHE D 278 7.31 -20.17 -11.56
N LEU D 279 6.73 -19.51 -10.61
CA LEU D 279 7.08 -18.13 -10.42
C LEU D 279 8.57 -17.93 -10.49
N ARG D 280 9.34 -18.84 -9.96
CA ARG D 280 10.77 -18.64 -9.75
C ARG D 280 11.54 -18.89 -11.01
N ARG D 281 10.88 -19.36 -12.01
CA ARG D 281 11.43 -19.54 -13.31
C ARG D 281 10.83 -18.56 -14.34
N GLY D 282 10.05 -17.58 -13.91
CA GLY D 282 9.64 -16.52 -14.76
C GLY D 282 8.34 -16.71 -15.46
N VAL D 283 7.46 -17.54 -14.94
CA VAL D 283 6.11 -17.67 -15.44
C VAL D 283 5.30 -16.58 -14.77
N PRO D 284 4.35 -15.97 -15.45
CA PRO D 284 3.47 -15.03 -14.77
C PRO D 284 2.34 -15.75 -14.10
N VAL D 285 2.13 -15.47 -12.86
CA VAL D 285 1.20 -16.28 -12.09
C VAL D 285 0.06 -15.45 -11.59
N LEU D 286 -1.10 -15.93 -11.75
CA LEU D 286 -2.29 -15.30 -11.21
C LEU D 286 -2.74 -16.20 -10.09
N HIS D 287 -2.49 -15.83 -8.88
CA HIS D 287 -2.64 -16.73 -7.74
C HIS D 287 -3.97 -16.54 -7.03
N LEU D 288 -4.95 -17.33 -7.36
CA LEU D 288 -6.27 -17.14 -6.78
C LEU D 288 -6.41 -18.00 -5.52
N ILE D 289 -5.80 -17.52 -4.46
CA ILE D 289 -5.90 -18.05 -3.13
C ILE D 289 -6.38 -16.93 -2.22
N PRO D 290 -7.23 -17.15 -1.27
CA PRO D 290 -7.75 -16.03 -0.52
C PRO D 290 -6.86 -15.64 0.62
N SER D 291 -6.97 -14.43 1.07
CA SER D 291 -6.29 -14.04 2.25
C SER D 291 -7.29 -13.24 3.00
N PRO D 292 -7.68 -13.72 4.21
CA PRO D 292 -7.17 -14.82 4.97
C PRO D 292 -7.56 -16.18 4.49
N PHE D 293 -6.95 -17.23 4.94
CA PHE D 293 -7.40 -18.52 4.54
C PHE D 293 -8.78 -18.80 5.11
N PRO D 294 -9.43 -19.80 4.62
CA PRO D 294 -10.68 -20.20 5.22
C PRO D 294 -10.53 -20.54 6.68
N GLU D 295 -11.61 -20.36 7.43
CA GLU D 295 -11.48 -20.61 8.81
C GLU D 295 -11.20 -22.06 9.10
N VAL D 296 -11.56 -22.92 8.23
CA VAL D 296 -11.60 -24.35 8.43
C VAL D 296 -10.32 -24.91 7.89
N TRP D 297 -9.38 -24.06 7.64
CA TRP D 297 -8.19 -24.48 7.04
C TRP D 297 -7.61 -25.56 7.90
N HIS D 298 -7.26 -26.65 7.24
CA HIS D 298 -6.45 -27.73 7.78
C HIS D 298 -7.05 -28.24 9.05
N THR D 299 -8.35 -28.45 9.00
CA THR D 299 -9.11 -29.05 10.06
C THR D 299 -10.12 -29.96 9.43
N MET D 300 -10.61 -30.92 10.21
CA MET D 300 -11.62 -31.85 9.79
C MET D 300 -12.95 -31.18 9.48
N ASP D 301 -13.10 -29.92 9.74
CA ASP D 301 -14.29 -29.19 9.36
C ASP D 301 -14.22 -28.56 7.97
N ASP D 302 -13.14 -28.75 7.24
CA ASP D 302 -13.03 -28.38 5.86
C ASP D 302 -13.77 -29.43 5.07
N ASN D 303 -15.09 -29.37 5.17
CA ASN D 303 -15.98 -30.30 4.49
C ASN D 303 -17.10 -29.71 3.65
N GLU D 304 -17.98 -30.52 3.11
CA GLU D 304 -19.11 -30.00 2.35
C GLU D 304 -20.07 -29.13 3.19
N GLU D 305 -20.21 -29.41 4.43
CA GLU D 305 -21.13 -28.67 5.22
C GLU D 305 -20.81 -27.20 5.16
N ASN D 306 -19.53 -26.86 5.14
CA ASN D 306 -19.13 -25.48 5.28
C ASN D 306 -18.70 -24.82 3.99
N LEU D 307 -19.08 -25.36 2.86
CA LEU D 307 -18.91 -24.72 1.60
C LEU D 307 -20.05 -23.81 1.33
N ASP D 308 -19.79 -22.72 0.62
CA ASP D 308 -20.80 -21.74 0.35
C ASP D 308 -21.10 -21.91 -1.10
N GLU D 309 -22.13 -22.64 -1.40
CA GLU D 309 -22.53 -22.92 -2.75
C GLU D 309 -22.59 -21.70 -3.60
N SER D 310 -23.00 -20.56 -3.08
CA SER D 310 -23.31 -19.46 -3.99
C SER D 310 -22.08 -18.72 -4.38
N THR D 311 -21.10 -18.64 -3.48
CA THR D 311 -19.83 -18.05 -3.84
C THR D 311 -19.12 -18.86 -4.93
N ILE D 312 -19.18 -20.17 -4.85
CA ILE D 312 -18.55 -20.98 -5.83
C ILE D 312 -19.13 -20.72 -7.16
N ASP D 313 -20.44 -20.86 -7.28
CA ASP D 313 -21.13 -20.51 -8.51
C ASP D 313 -20.76 -19.11 -8.97
N ASN D 314 -20.67 -18.19 -8.07
CA ASN D 314 -20.26 -16.91 -8.56
C ASN D 314 -18.89 -17.00 -9.13
N LEU D 315 -17.99 -17.70 -8.51
CA LEU D 315 -16.67 -17.74 -9.10
C LEU D 315 -16.66 -18.51 -10.37
N ASN D 316 -17.32 -19.66 -10.44
CA ASN D 316 -17.40 -20.32 -11.75
C ASN D 316 -17.70 -19.27 -12.85
N LYS D 317 -18.68 -18.41 -12.69
CA LYS D 317 -19.04 -17.55 -13.80
C LYS D 317 -17.98 -16.52 -14.06
N ILE D 318 -17.35 -16.02 -13.04
CA ILE D 318 -16.22 -15.11 -13.23
C ILE D 318 -15.08 -15.81 -13.90
N LEU D 319 -14.82 -17.07 -13.57
CA LEU D 319 -13.63 -17.72 -14.08
C LEU D 319 -13.82 -18.09 -15.50
N GLN D 320 -14.96 -18.67 -15.82
CA GLN D 320 -15.36 -19.02 -17.17
C GLN D 320 -15.31 -17.85 -18.11
N VAL D 321 -15.63 -16.68 -17.66
CA VAL D 321 -15.52 -15.50 -18.51
C VAL D 321 -14.08 -15.10 -18.68
N PHE D 322 -13.31 -15.02 -17.64
CA PHE D 322 -11.92 -14.61 -17.81
C PHE D 322 -11.23 -15.41 -18.92
N VAL D 323 -11.62 -16.66 -19.05
CA VAL D 323 -10.94 -17.58 -19.92
C VAL D 323 -11.30 -17.29 -21.34
N LEU D 324 -12.58 -17.37 -21.63
CA LEU D 324 -13.03 -17.07 -22.97
C LEU D 324 -12.56 -15.72 -23.37
N GLU D 325 -12.63 -14.76 -22.50
CA GLU D 325 -12.05 -13.49 -22.90
C GLU D 325 -10.61 -13.61 -23.31
N TYR D 326 -9.77 -14.35 -22.53
CA TYR D 326 -8.31 -14.49 -22.76
C TYR D 326 -8.02 -15.21 -24.05
N LEU D 327 -8.78 -16.20 -24.36
CA LEU D 327 -8.65 -16.95 -25.55
C LEU D 327 -9.47 -16.43 -26.69
N HIS D 328 -10.12 -15.30 -26.62
CA HIS D 328 -10.96 -14.92 -27.74
C HIS D 328 -11.87 -16.06 -28.19
N LEU D 329 -12.70 -16.48 -27.32
CA LEU D 329 -13.74 -17.37 -27.70
C LEU D 329 -14.95 -16.75 -27.16
N ALA E 1 -42.73 11.45 39.05
CA ALA E 1 -41.38 10.93 38.84
C ALA E 1 -40.87 10.07 40.01
N SER E 2 -40.66 8.78 39.75
CA SER E 2 -39.93 7.94 40.67
C SER E 2 -38.55 7.67 40.11
N ALA E 3 -37.94 6.59 40.55
CA ALA E 3 -36.65 6.18 40.05
C ALA E 3 -36.75 4.99 39.14
N TRP E 4 -37.94 4.45 38.87
CA TRP E 4 -37.99 3.32 37.96
C TRP E 4 -37.74 3.75 36.54
N PRO E 5 -37.91 5.00 36.18
CA PRO E 5 -37.59 5.37 34.82
C PRO E 5 -36.12 5.19 34.50
N GLU E 6 -35.26 5.10 35.49
CA GLU E 6 -33.86 4.90 35.28
C GLU E 6 -33.43 3.45 35.44
N GLU E 7 -34.31 2.55 35.79
CA GLU E 7 -33.87 1.20 35.95
C GLU E 7 -33.15 0.76 34.72
N LYS E 8 -33.53 1.28 33.59
CA LYS E 8 -33.05 0.78 32.31
C LYS E 8 -31.59 0.95 32.15
N ASN E 9 -31.00 1.92 32.80
CA ASN E 9 -29.60 2.29 32.69
C ASN E 9 -28.70 1.27 33.25
N TYR E 10 -29.23 0.35 33.98
CA TYR E 10 -28.45 -0.58 34.76
C TYR E 10 -28.91 -1.99 34.51
N HIS E 11 -29.79 -2.17 33.57
CA HIS E 11 -30.28 -3.46 33.26
C HIS E 11 -29.21 -4.18 32.58
N GLN E 12 -28.96 -5.40 32.98
CA GLN E 12 -27.98 -6.26 32.40
C GLN E 12 -28.66 -7.49 31.88
N PRO E 13 -28.14 -8.10 30.87
CA PRO E 13 -28.75 -9.30 30.33
C PRO E 13 -28.43 -10.60 31.06
N ALA E 14 -29.25 -11.59 30.78
CA ALA E 14 -29.06 -12.95 31.24
C ALA E 14 -28.50 -13.75 30.12
N ILE E 15 -27.20 -13.80 30.07
CA ILE E 15 -26.51 -14.36 28.96
C ILE E 15 -26.73 -15.86 28.92
N LEU E 16 -27.17 -16.36 27.78
CA LEU E 16 -27.40 -17.78 27.58
C LEU E 16 -26.15 -18.61 27.42
N ASN E 17 -26.11 -19.77 28.04
CA ASN E 17 -25.05 -20.72 27.77
C ASN E 17 -25.24 -21.36 26.39
N SER E 18 -24.35 -22.28 26.06
CA SER E 18 -24.28 -22.81 24.72
C SER E 18 -25.43 -23.72 24.39
N SER E 19 -25.57 -24.77 25.11
CA SER E 19 -26.81 -25.52 25.07
C SER E 19 -28.05 -24.69 24.73
N ALA E 20 -28.19 -23.60 25.45
CA ALA E 20 -29.29 -22.72 25.24
C ALA E 20 -29.29 -22.19 23.86
N LEU E 21 -28.14 -21.67 23.43
CA LEU E 21 -28.01 -21.04 22.14
C LEU E 21 -28.30 -21.99 21.01
N ARG E 22 -27.91 -23.27 21.11
CA ARG E 22 -28.31 -24.21 20.07
C ARG E 22 -29.81 -24.38 20.08
N GLN E 23 -30.35 -24.41 21.27
CA GLN E 23 -31.77 -24.61 21.38
C GLN E 23 -32.53 -23.47 20.72
N ILE E 24 -32.02 -22.26 20.80
CA ILE E 24 -32.71 -21.19 20.13
C ILE E 24 -32.52 -21.30 18.68
N ALA E 25 -31.37 -21.79 18.27
CA ALA E 25 -31.04 -21.77 16.88
C ALA E 25 -31.70 -22.89 16.13
N GLU E 26 -31.96 -24.03 16.78
CA GLU E 26 -32.83 -25.03 16.18
C GLU E 26 -34.29 -24.57 16.16
N GLY E 27 -34.63 -23.60 16.99
CA GLY E 27 -35.95 -23.10 17.21
C GLY E 27 -36.56 -22.21 16.15
N THR E 28 -35.85 -21.82 15.07
CA THR E 28 -36.39 -20.90 14.11
C THR E 28 -36.19 -21.43 12.72
N SER E 29 -37.21 -21.32 11.94
CA SER E 29 -37.28 -21.85 10.62
C SER E 29 -37.46 -20.65 9.75
N ILE E 30 -36.49 -20.44 8.88
CA ILE E 30 -36.58 -19.40 7.95
C ILE E 30 -37.56 -19.80 6.91
N SER E 31 -37.81 -21.06 6.76
CA SER E 31 -38.69 -21.44 5.69
C SER E 31 -40.12 -21.18 6.10
N GLU E 32 -40.47 -21.51 7.33
CA GLU E 32 -41.78 -21.13 7.86
C GLU E 32 -41.97 -19.61 7.77
N MET E 33 -41.16 -18.86 8.49
CA MET E 33 -41.23 -17.41 8.33
C MET E 33 -41.39 -17.03 6.88
N TRP E 34 -40.56 -17.62 5.98
CA TRP E 34 -40.48 -17.15 4.61
C TRP E 34 -41.82 -17.19 3.92
N GLN E 35 -42.60 -18.25 4.13
CA GLN E 35 -43.84 -18.49 3.41
C GLN E 35 -45.08 -18.20 4.24
N ASN E 36 -45.00 -18.28 5.58
CA ASN E 36 -46.16 -17.96 6.40
C ASN E 36 -46.16 -16.50 6.88
N ASP E 37 -45.02 -15.90 7.24
CA ASP E 37 -44.95 -14.55 7.80
C ASP E 37 -44.55 -13.53 6.75
N LEU E 38 -43.73 -13.89 5.79
CA LEU E 38 -43.25 -12.85 4.91
C LEU E 38 -43.95 -12.77 3.57
N GLN E 39 -44.23 -13.87 2.93
CA GLN E 39 -44.69 -13.76 1.57
C GLN E 39 -46.02 -13.04 1.48
N PRO E 40 -46.88 -13.11 2.48
CA PRO E 40 -48.12 -12.37 2.41
C PRO E 40 -47.96 -10.91 2.28
N LEU E 41 -46.82 -10.34 2.62
CA LEU E 41 -46.64 -8.88 2.68
C LEU E 41 -45.99 -8.27 1.46
N LEU E 42 -45.63 -9.07 0.49
CA LEU E 42 -44.90 -8.62 -0.68
C LEU E 42 -45.86 -8.05 -1.71
N ILE E 43 -46.59 -7.05 -1.28
CA ILE E 43 -47.63 -6.49 -2.10
C ILE E 43 -47.55 -5.01 -1.99
N GLU E 44 -47.97 -4.34 -3.02
CA GLU E 44 -48.15 -2.90 -2.94
C GLU E 44 -49.01 -2.66 -1.74
N ARG E 45 -48.61 -1.71 -0.90
CA ARG E 45 -49.22 -1.50 0.40
C ARG E 45 -48.95 -0.14 0.95
N TYR E 46 -49.04 0.86 0.10
CA TYR E 46 -48.90 2.18 0.56
C TYR E 46 -50.17 2.55 1.31
N PRO E 47 -50.18 3.65 2.00
CA PRO E 47 -51.27 3.88 2.93
C PRO E 47 -52.58 4.16 2.25
N GLY E 48 -53.62 3.69 2.88
CA GLY E 48 -54.94 3.82 2.39
C GLY E 48 -55.21 2.63 1.52
N SER E 49 -54.15 2.14 0.94
CA SER E 49 -54.32 1.23 -0.11
C SER E 49 -54.94 -0.04 0.39
N PRO E 50 -55.35 -0.90 -0.51
CA PRO E 50 -55.90 -2.17 -0.10
C PRO E 50 -54.93 -3.14 0.49
N GLY E 51 -53.70 -3.22 0.02
CA GLY E 51 -52.70 -4.04 0.69
C GLY E 51 -52.30 -3.46 2.00
N SER E 52 -52.56 -2.16 2.20
CA SER E 52 -52.45 -1.55 3.51
C SER E 52 -53.42 -2.19 4.47
N TYR E 53 -54.67 -2.37 4.08
CA TYR E 53 -55.54 -3.13 4.97
C TYR E 53 -55.13 -4.60 4.97
N ALA E 54 -54.93 -5.20 3.83
CA ALA E 54 -54.60 -6.62 3.78
C ALA E 54 -53.39 -6.98 4.62
N ALA E 55 -52.45 -6.05 4.69
CA ALA E 55 -51.21 -6.32 5.38
C ALA E 55 -51.43 -6.25 6.85
N ARG E 56 -51.98 -5.13 7.30
CA ARG E 56 -52.48 -4.95 8.66
C ARG E 56 -53.20 -6.19 9.11
N GLN E 57 -54.21 -6.60 8.35
CA GLN E 57 -54.95 -7.81 8.66
C GLN E 57 -54.05 -8.98 8.83
N HIS E 58 -53.22 -9.21 7.85
CA HIS E 58 -52.35 -10.36 7.92
C HIS E 58 -51.54 -10.37 9.18
N ILE E 59 -50.86 -9.26 9.45
CA ILE E 59 -49.95 -9.19 10.58
C ILE E 59 -50.67 -9.65 11.78
N MET E 60 -51.81 -9.00 12.03
CA MET E 60 -52.64 -9.29 13.18
C MET E 60 -53.00 -10.73 13.27
N GLN E 61 -53.41 -11.29 12.16
CA GLN E 61 -53.77 -12.69 12.13
C GLN E 61 -52.70 -13.56 12.74
N ARG E 62 -51.43 -13.24 12.53
CA ARG E 62 -50.36 -14.16 12.87
C ARG E 62 -49.96 -14.03 14.30
N ILE E 63 -50.20 -12.85 14.85
CA ILE E 63 -50.07 -12.66 16.28
C ILE E 63 -51.21 -13.34 16.98
N GLN E 64 -52.42 -13.08 16.52
CA GLN E 64 -53.60 -13.60 17.19
C GLN E 64 -53.43 -15.04 17.49
N ARG E 65 -52.85 -15.78 16.57
CA ARG E 65 -52.78 -17.22 16.65
C ARG E 65 -51.72 -17.74 17.59
N LEU E 66 -51.06 -16.89 18.34
CA LEU E 66 -50.06 -17.34 19.31
C LEU E 66 -50.61 -17.37 20.74
N GLN E 67 -49.94 -18.19 21.56
CA GLN E 67 -50.36 -18.37 22.94
C GLN E 67 -50.17 -17.11 23.73
N ALA E 68 -49.01 -16.56 23.69
CA ALA E 68 -48.74 -15.40 24.48
C ALA E 68 -49.86 -14.40 24.44
N ASP E 69 -49.92 -13.57 25.44
CA ASP E 69 -51.03 -12.66 25.70
C ASP E 69 -51.00 -11.38 24.88
N TRP E 70 -50.85 -11.49 23.61
CA TRP E 70 -50.51 -10.30 22.87
C TRP E 70 -51.73 -9.42 22.85
N VAL E 71 -51.58 -8.20 23.28
CA VAL E 71 -52.67 -7.26 23.24
C VAL E 71 -52.45 -6.42 22.04
N LEU E 72 -53.31 -6.50 21.05
CA LEU E 72 -53.26 -5.65 19.86
C LEU E 72 -54.01 -4.34 20.00
N GLU E 73 -53.50 -3.32 19.42
CA GLU E 73 -54.17 -2.06 19.29
C GLU E 73 -54.03 -1.66 17.84
N ILE E 74 -54.95 -0.86 17.36
CA ILE E 74 -54.76 -0.09 16.15
C ILE E 74 -54.73 1.38 16.56
N ASP E 75 -54.28 2.21 15.67
CA ASP E 75 -54.09 3.54 15.96
C ASP E 75 -54.26 4.16 14.59
N THR E 76 -55.50 4.07 14.13
CA THR E 76 -55.90 4.84 12.98
C THR E 76 -55.79 6.30 13.34
N PHE E 77 -55.37 7.12 12.40
CA PHE E 77 -55.24 8.54 12.64
C PHE E 77 -55.16 9.22 11.28
N LEU E 78 -54.85 10.50 11.27
CA LEU E 78 -55.09 11.34 10.13
C LEU E 78 -54.15 12.51 10.11
N SER E 79 -53.44 12.73 9.01
CA SER E 79 -52.51 13.84 8.99
C SER E 79 -52.57 14.49 7.63
N GLN E 80 -52.18 15.74 7.59
CA GLN E 80 -51.99 16.39 6.31
C GLN E 80 -50.84 15.74 5.56
N THR E 81 -50.90 15.77 4.23
CA THR E 81 -49.87 15.25 3.36
C THR E 81 -49.82 16.02 2.06
N PRO E 82 -48.85 15.76 1.20
CA PRO E 82 -48.82 16.54 -0.04
C PRO E 82 -49.96 16.24 -0.96
N TYR E 83 -50.59 15.11 -0.83
CA TYR E 83 -51.81 14.85 -1.54
C TYR E 83 -53.04 14.99 -0.65
N GLY E 84 -52.99 15.86 0.37
CA GLY E 84 -54.09 16.08 1.27
C GLY E 84 -54.20 15.07 2.40
N TYR E 85 -55.08 15.33 3.36
CA TYR E 85 -55.20 14.43 4.50
C TYR E 85 -55.33 13.02 3.99
N ARG E 86 -54.89 12.04 4.79
CA ARG E 86 -55.03 10.61 4.51
C ARG E 86 -55.06 9.97 5.86
N SER E 87 -55.45 8.72 5.92
CA SER E 87 -55.63 7.95 7.14
C SER E 87 -54.67 6.78 7.25
N PHE E 88 -53.86 6.78 8.31
CA PHE E 88 -52.87 5.76 8.59
C PHE E 88 -53.34 4.85 9.68
N SER E 89 -52.62 3.82 9.96
CA SER E 89 -53.06 2.89 10.98
C SER E 89 -51.85 2.09 11.48
N ASN E 90 -51.31 2.49 12.61
CA ASN E 90 -50.25 1.76 13.28
C ASN E 90 -50.77 0.53 13.95
N ILE E 91 -49.97 -0.50 14.01
CA ILE E 91 -50.27 -1.68 14.79
C ILE E 91 -49.34 -1.74 15.99
N ILE E 92 -49.85 -1.83 17.20
CA ILE E 92 -49.00 -2.02 18.37
C ILE E 92 -49.41 -3.31 18.95
N SER E 93 -48.48 -4.11 19.40
CA SER E 93 -48.84 -5.36 20.02
C SER E 93 -48.06 -5.53 21.31
N THR E 94 -48.72 -5.63 22.42
CA THR E 94 -48.07 -5.52 23.70
C THR E 94 -48.38 -6.72 24.54
N LEU E 95 -47.40 -7.14 25.29
CA LEU E 95 -47.50 -8.13 26.31
C LEU E 95 -47.40 -7.42 27.61
N ASN E 96 -48.27 -7.74 28.50
CA ASN E 96 -48.27 -7.19 29.84
C ASN E 96 -48.30 -5.66 29.82
N PRO E 97 -49.32 -5.08 29.18
CA PRO E 97 -49.40 -3.66 29.01
C PRO E 97 -49.36 -2.86 30.24
N THR E 98 -49.55 -3.45 31.39
CA THR E 98 -49.27 -2.68 32.60
C THR E 98 -47.86 -2.86 33.10
N ALA E 99 -47.08 -3.76 32.54
CA ALA E 99 -45.67 -3.70 32.84
C ALA E 99 -45.22 -2.27 32.59
N LYS E 100 -44.40 -1.79 33.51
CA LYS E 100 -43.88 -0.42 33.49
C LYS E 100 -42.90 -0.17 32.35
N ARG E 101 -41.98 -1.11 32.18
CA ARG E 101 -40.84 -1.09 31.28
C ARG E 101 -41.12 -2.06 30.16
N HIS E 102 -40.72 -1.72 28.95
CA HIS E 102 -40.82 -2.63 27.82
C HIS E 102 -39.57 -2.53 26.93
N LEU E 103 -39.20 -3.64 26.37
CA LEU E 103 -38.32 -3.60 25.25
C LEU E 103 -39.22 -3.47 24.08
N VAL E 104 -38.90 -2.62 23.16
CA VAL E 104 -39.71 -2.49 21.96
C VAL E 104 -38.96 -2.95 20.72
N LEU E 105 -39.61 -3.67 19.89
CA LEU E 105 -39.09 -4.01 18.61
C LEU E 105 -39.95 -3.29 17.62
N ALA E 106 -39.39 -2.81 16.52
CA ALA E 106 -40.28 -2.08 15.69
C ALA E 106 -39.80 -2.06 14.28
N CYS E 107 -40.67 -1.79 13.39
CA CYS E 107 -40.41 -1.67 12.01
C CYS E 107 -41.62 -1.03 11.39
N HIS E 108 -41.69 -1.04 10.09
CA HIS E 108 -42.63 -0.25 9.36
C HIS E 108 -43.17 -1.04 8.19
N TYR E 109 -44.50 -1.13 8.11
CA TYR E 109 -45.20 -2.01 7.20
C TYR E 109 -45.74 -1.31 5.99
N ASP E 110 -45.60 0.00 5.87
CA ASP E 110 -45.95 0.55 4.60
C ASP E 110 -44.85 0.35 3.61
N SER E 111 -45.15 0.77 2.40
CA SER E 111 -44.34 0.61 1.24
C SER E 111 -44.47 1.89 0.49
N LYS E 112 -43.40 2.34 -0.06
CA LYS E 112 -43.43 3.62 -0.74
C LYS E 112 -44.34 3.56 -1.91
N TYR E 113 -44.92 4.70 -2.21
CA TYR E 113 -45.82 4.79 -3.32
C TYR E 113 -44.99 5.08 -4.55
N PHE E 114 -45.25 4.32 -5.61
CA PHE E 114 -44.66 4.48 -6.94
C PHE E 114 -45.67 4.07 -7.98
N SER E 115 -45.92 4.93 -8.95
CA SER E 115 -46.70 4.54 -10.11
C SER E 115 -46.05 3.39 -10.81
N HIS E 116 -46.84 2.62 -11.52
CA HIS E 116 -46.30 1.42 -12.14
C HIS E 116 -45.47 1.76 -13.37
N TRP E 117 -44.50 0.92 -13.60
CA TRP E 117 -43.51 1.14 -14.62
C TRP E 117 -43.23 -0.18 -15.26
N ASN E 118 -43.32 -0.23 -16.59
CA ASN E 118 -43.05 -1.45 -17.32
C ASN E 118 -43.84 -2.61 -16.79
N ASN E 119 -44.93 -2.29 -16.07
CA ASN E 119 -45.81 -3.30 -15.56
C ASN E 119 -45.25 -3.88 -14.30
N ARG E 120 -44.37 -3.15 -13.64
CA ARG E 120 -43.71 -3.56 -12.41
C ARG E 120 -44.25 -2.76 -11.22
N VAL E 121 -44.19 -3.34 -10.00
CA VAL E 121 -44.69 -2.70 -8.79
C VAL E 121 -43.78 -2.84 -7.59
N PHE E 122 -43.58 -1.75 -6.93
CA PHE E 122 -42.75 -1.72 -5.76
C PHE E 122 -43.36 -2.40 -4.56
N VAL E 123 -42.67 -3.33 -3.99
CA VAL E 123 -43.19 -3.99 -2.82
C VAL E 123 -42.28 -3.90 -1.61
N GLY E 124 -41.23 -3.11 -1.65
CA GLY E 124 -40.21 -3.08 -0.64
C GLY E 124 -39.95 -4.32 0.17
N ALA E 125 -39.26 -5.30 -0.33
CA ALA E 125 -38.98 -6.46 0.46
C ALA E 125 -38.06 -6.17 1.60
N THR E 126 -37.02 -5.44 1.38
CA THR E 126 -36.19 -5.12 2.51
C THR E 126 -36.74 -3.97 3.29
N ASP E 127 -37.62 -3.18 2.68
CA ASP E 127 -38.09 -1.85 3.14
C ASP E 127 -39.57 -1.81 3.29
N SER E 128 -40.16 -2.51 4.25
CA SER E 128 -39.50 -3.32 5.18
C SER E 128 -40.31 -4.59 5.39
N ALA E 129 -40.73 -5.25 4.35
CA ALA E 129 -41.38 -6.53 4.61
C ALA E 129 -40.55 -7.51 5.45
N VAL E 130 -39.27 -7.57 5.25
CA VAL E 130 -38.51 -8.61 5.87
C VAL E 130 -38.46 -8.34 7.35
N PRO E 131 -38.09 -7.13 7.74
CA PRO E 131 -38.16 -6.75 9.15
C PRO E 131 -39.47 -7.07 9.81
N CYS E 132 -40.58 -6.66 9.23
CA CYS E 132 -41.89 -7.15 9.62
C CYS E 132 -41.85 -8.63 9.90
N ALA E 133 -41.43 -9.42 8.92
CA ALA E 133 -41.55 -10.85 9.07
C ALA E 133 -40.59 -11.34 10.08
N MET E 134 -39.52 -10.65 10.30
CA MET E 134 -38.58 -11.12 11.31
C MET E 134 -39.12 -10.99 12.68
N MET E 135 -39.99 -10.00 12.90
CA MET E 135 -40.66 -9.78 14.16
C MET E 135 -41.70 -10.82 14.36
N LEU E 136 -42.59 -10.97 13.41
CA LEU E 136 -43.52 -12.07 13.45
C LEU E 136 -42.84 -13.34 13.79
N GLU E 137 -41.82 -13.71 13.09
CA GLU E 137 -41.16 -14.95 13.38
C GLU E 137 -40.51 -14.95 14.72
N LEU E 138 -40.16 -13.81 15.26
CA LEU E 138 -39.65 -13.80 16.61
C LEU E 138 -40.74 -14.05 17.60
N ALA E 139 -41.89 -13.45 17.37
CA ALA E 139 -43.05 -13.66 18.20
C ALA E 139 -43.48 -15.07 18.16
N ARG E 140 -43.17 -15.76 17.09
CA ARG E 140 -43.54 -17.15 16.99
C ARG E 140 -42.57 -18.07 17.63
N ALA E 141 -41.32 -17.80 17.48
CA ALA E 141 -40.38 -18.79 17.88
C ALA E 141 -40.15 -18.74 19.33
N LEU E 142 -40.38 -17.60 19.92
CA LEU E 142 -40.22 -17.45 21.34
C LEU E 142 -41.52 -17.40 22.06
N ASP E 143 -42.61 -17.80 21.43
CA ASP E 143 -43.91 -17.86 22.07
C ASP E 143 -43.74 -18.51 23.43
N LYS E 144 -43.76 -19.81 23.44
CA LYS E 144 -43.73 -20.53 24.68
C LYS E 144 -42.87 -19.87 25.73
N LYS E 145 -41.87 -19.14 25.39
CA LYS E 145 -41.13 -18.54 26.50
C LYS E 145 -41.71 -17.19 26.91
N LEU E 146 -42.37 -16.52 25.97
CA LEU E 146 -42.97 -15.26 26.29
C LEU E 146 -44.19 -15.42 27.15
N LEU E 147 -44.82 -16.60 27.09
CA LEU E 147 -45.79 -17.07 28.07
C LEU E 147 -45.34 -16.72 29.46
N SER E 148 -44.18 -17.17 29.88
CA SER E 148 -43.74 -17.02 31.24
C SER E 148 -43.82 -15.63 31.79
N LEU E 149 -44.59 -14.76 31.19
CA LEU E 149 -44.84 -13.45 31.74
C LEU E 149 -46.30 -13.32 32.08
N LYS E 150 -46.99 -14.43 32.20
CA LYS E 150 -48.31 -14.44 32.77
C LYS E 150 -49.37 -14.00 31.77
N PRO E 157 -38.07 -8.32 38.14
CA PRO E 157 -38.10 -7.11 37.30
C PRO E 157 -39.27 -7.02 36.38
N ASP E 158 -39.98 -5.88 36.44
CA ASP E 158 -41.28 -5.66 35.78
C ASP E 158 -41.06 -5.21 34.36
N LEU E 159 -40.78 -6.15 33.47
CA LEU E 159 -40.41 -5.80 32.12
C LEU E 159 -40.95 -6.80 31.15
N SER E 160 -41.57 -6.34 30.07
CA SER E 160 -42.05 -7.20 29.01
C SER E 160 -41.62 -6.68 27.65
N LEU E 161 -42.34 -7.10 26.60
CA LEU E 161 -42.02 -6.84 25.21
C LEU E 161 -43.14 -6.15 24.47
N GLN E 162 -42.81 -5.38 23.45
CA GLN E 162 -43.83 -4.74 22.66
C GLN E 162 -43.35 -4.59 21.24
N LEU E 163 -44.21 -4.86 20.30
CA LEU E 163 -43.90 -4.78 18.91
C LEU E 163 -44.71 -3.65 18.35
N ILE E 164 -44.15 -2.87 17.50
CA ILE E 164 -44.81 -1.79 16.79
C ILE E 164 -44.43 -1.87 15.32
N PHE E 165 -45.42 -1.73 14.49
CA PHE E 165 -45.32 -1.83 13.07
C PHE E 165 -45.77 -0.50 12.49
N PHE E 166 -44.90 0.47 12.34
CA PHE E 166 -45.39 1.80 12.01
C PHE E 166 -45.88 1.88 10.60
N ASP E 167 -46.84 2.74 10.36
CA ASP E 167 -47.43 3.04 9.08
C ASP E 167 -47.01 4.42 8.74
N GLY E 168 -46.84 4.66 7.48
CA GLY E 168 -46.39 5.93 6.99
C GLY E 168 -44.96 6.28 7.19
N GLU E 169 -44.03 5.36 7.02
CA GLU E 169 -42.64 5.71 7.21
C GLU E 169 -42.17 6.55 6.07
N GLU E 170 -42.62 6.23 4.90
CA GLU E 170 -42.06 6.74 3.69
C GLU E 170 -42.76 8.00 3.25
N ALA E 171 -42.02 8.90 2.61
CA ALA E 171 -42.59 10.07 1.97
C ALA E 171 -43.59 9.64 0.96
N PHE E 172 -44.49 10.54 0.70
CA PHE E 172 -45.52 10.28 -0.28
C PHE E 172 -45.04 10.84 -1.57
N LEU E 173 -44.38 11.92 -1.44
CA LEU E 173 -43.82 12.54 -2.57
C LEU E 173 -42.36 12.53 -2.20
N HIS E 174 -41.92 13.56 -1.48
CA HIS E 174 -40.50 13.84 -1.44
C HIS E 174 -39.99 14.13 -0.02
N TRP E 175 -39.09 13.27 0.44
CA TRP E 175 -38.37 13.29 1.71
C TRP E 175 -38.25 14.64 2.34
N SER E 176 -38.67 14.77 3.55
CA SER E 176 -38.80 16.05 4.18
C SER E 176 -39.45 15.80 5.50
N PRO E 177 -39.24 16.60 6.45
CA PRO E 177 -39.92 16.44 7.71
C PRO E 177 -41.42 16.40 7.59
N GLN E 178 -42.02 17.41 7.00
CA GLN E 178 -43.46 17.48 7.00
C GLN E 178 -44.07 16.29 6.28
N ASP E 179 -43.26 15.51 5.54
CA ASP E 179 -43.73 14.49 4.60
C ASP E 179 -42.91 13.25 4.81
N SER E 180 -43.13 12.57 5.91
CA SER E 180 -42.37 11.37 6.21
C SER E 180 -42.59 11.01 7.65
N LEU E 181 -42.56 9.76 7.96
CA LEU E 181 -42.54 9.37 9.36
C LEU E 181 -43.85 9.64 9.99
N TYR E 182 -44.94 9.33 9.30
CA TYR E 182 -46.29 9.73 9.72
C TYR E 182 -46.70 8.98 10.97
N GLY E 183 -46.58 7.66 10.98
CA GLY E 183 -47.06 6.86 12.12
C GLY E 183 -46.24 7.02 13.38
N SER E 184 -44.94 7.25 13.24
CA SER E 184 -44.08 7.35 14.38
C SER E 184 -44.10 8.72 15.04
N ARG E 185 -44.26 9.78 14.30
CA ARG E 185 -44.23 11.11 14.89
C ARG E 185 -45.43 11.35 15.78
N HIS E 186 -46.50 10.71 15.43
CA HIS E 186 -47.75 10.64 16.08
C HIS E 186 -47.73 9.65 17.22
N LEU E 187 -47.24 8.47 17.00
CA LEU E 187 -47.22 7.57 18.13
C LEU E 187 -46.27 8.08 19.18
N ALA E 188 -45.27 8.78 18.80
CA ALA E 188 -44.33 9.16 19.82
C ALA E 188 -44.90 10.29 20.64
N ALA E 189 -45.65 11.19 19.98
CA ALA E 189 -46.30 12.28 20.69
C ALA E 189 -47.41 11.79 21.57
N LYS E 190 -48.10 10.79 21.15
CA LYS E 190 -49.23 10.28 21.87
C LYS E 190 -48.82 9.52 23.09
N MET E 191 -47.80 8.71 23.00
CA MET E 191 -47.25 8.06 24.18
C MET E 191 -46.52 9.01 25.08
N ALA E 192 -45.98 10.07 24.59
CA ALA E 192 -45.28 11.02 25.41
C ALA E 192 -46.19 11.80 26.30
N SER E 193 -47.46 11.64 26.11
CA SER E 193 -48.55 12.34 26.72
C SER E 193 -49.59 11.33 27.16
N THR E 194 -49.15 10.15 27.53
CA THR E 194 -49.99 9.18 28.17
C THR E 194 -49.33 8.76 29.47
N PRO E 195 -49.98 8.80 30.60
CA PRO E 195 -49.25 8.49 31.82
C PRO E 195 -48.99 7.03 31.88
N HIS E 196 -47.84 6.65 32.36
CA HIS E 196 -47.59 5.23 32.54
C HIS E 196 -46.80 5.10 33.81
N PRO E 197 -47.07 4.07 34.57
CA PRO E 197 -48.21 3.21 34.38
C PRO E 197 -49.53 3.94 34.62
N PRO E 198 -50.62 3.29 34.30
CA PRO E 198 -51.92 3.94 34.51
C PRO E 198 -52.11 4.38 35.95
N GLY E 199 -52.34 5.63 36.12
CA GLY E 199 -52.32 6.24 37.41
C GLY E 199 -51.28 7.28 37.56
N ALA E 200 -50.25 7.26 36.75
CA ALA E 200 -49.09 7.99 37.13
C ALA E 200 -49.33 9.47 37.05
N ARG E 201 -48.50 10.19 37.74
CA ARG E 201 -48.62 11.61 37.77
C ARG E 201 -47.45 12.30 37.15
N GLY E 202 -46.31 11.61 36.99
CA GLY E 202 -45.11 12.25 36.48
C GLY E 202 -44.53 11.67 35.22
N THR E 203 -44.88 10.45 34.87
CA THR E 203 -44.11 9.62 33.97
C THR E 203 -44.97 9.20 32.78
N SER E 204 -44.38 9.11 31.57
CA SER E 204 -45.07 8.76 30.35
C SER E 204 -44.77 7.34 30.00
N GLN E 205 -45.48 6.85 29.02
CA GLN E 205 -45.17 5.55 28.46
C GLN E 205 -43.79 5.52 27.86
N LEU E 206 -43.31 6.64 27.31
CA LEU E 206 -41.93 6.83 26.91
C LEU E 206 -40.95 6.61 28.02
N HIS E 207 -41.12 7.19 29.15
CA HIS E 207 -40.26 6.85 30.29
C HIS E 207 -40.12 5.38 30.41
N GLY E 208 -41.07 4.66 29.90
CA GLY E 208 -41.09 3.24 29.93
C GLY E 208 -40.49 2.50 28.81
N MET E 209 -40.12 3.13 27.74
CA MET E 209 -39.47 2.42 26.66
C MET E 209 -38.00 2.28 27.01
N ASP E 210 -37.61 1.06 27.32
CA ASP E 210 -36.27 0.75 27.71
C ASP E 210 -35.29 0.90 26.58
N LEU E 211 -35.75 0.52 25.43
CA LEU E 211 -34.99 0.48 24.27
C LEU E 211 -35.95 0.28 23.18
N LEU E 212 -35.78 1.01 22.13
CA LEU E 212 -36.45 0.78 20.86
C LEU E 212 -35.49 0.20 19.82
N VAL E 213 -35.66 -1.08 19.50
CA VAL E 213 -34.94 -1.70 18.45
C VAL E 213 -35.69 -1.56 17.19
N LEU E 214 -35.25 -0.68 16.32
CA LEU E 214 -35.83 -0.46 15.03
C LEU E 214 -35.10 -1.20 13.94
N LEU E 215 -35.80 -2.02 13.22
CA LEU E 215 -35.34 -2.78 12.10
C LEU E 215 -35.83 -2.26 10.81
N ASP E 216 -34.95 -1.93 9.96
CA ASP E 216 -35.25 -1.34 8.70
C ASP E 216 -34.18 -1.80 7.72
N LEU E 217 -34.55 -1.85 6.46
CA LEU E 217 -33.66 -2.12 5.34
C LEU E 217 -32.85 -3.38 5.53
N ILE E 218 -33.44 -4.34 5.99
CA ILE E 218 -32.78 -5.59 6.22
C ILE E 218 -33.12 -6.60 5.13
N GLY E 219 -32.16 -7.43 4.80
CA GLY E 219 -32.43 -8.54 3.93
C GLY E 219 -31.63 -8.58 2.71
N ALA E 220 -30.63 -7.80 2.58
CA ALA E 220 -29.73 -7.88 1.48
C ALA E 220 -28.42 -8.59 1.82
N PRO E 221 -27.63 -9.01 0.85
CA PRO E 221 -26.40 -9.70 1.21
C PRO E 221 -25.38 -8.74 1.73
N ASN E 222 -24.68 -9.13 2.70
CA ASN E 222 -23.52 -8.51 3.27
C ASN E 222 -23.80 -7.20 3.95
N PRO E 223 -24.76 -7.06 4.86
CA PRO E 223 -24.99 -5.80 5.51
C PRO E 223 -23.99 -5.58 6.61
N THR E 224 -23.87 -4.35 7.02
CA THR E 224 -23.03 -3.96 8.07
C THR E 224 -23.81 -2.90 8.78
N PHE E 225 -24.06 -3.09 10.04
CA PHE E 225 -24.77 -2.14 10.82
C PHE E 225 -23.76 -1.45 11.68
N PRO E 226 -23.83 -0.15 11.78
CA PRO E 226 -22.94 0.58 12.66
C PRO E 226 -23.54 0.83 14.03
N ASN E 227 -22.74 1.39 14.88
CA ASN E 227 -23.08 1.66 16.28
C ASN E 227 -23.42 3.12 16.35
N PHE E 228 -24.65 3.42 16.04
CA PHE E 228 -25.06 4.77 15.74
C PHE E 228 -25.07 5.68 16.94
N PHE E 229 -25.42 5.18 18.09
CA PHE E 229 -25.65 5.96 19.30
C PHE E 229 -24.98 5.38 20.53
N PRO E 230 -24.52 6.23 21.45
CA PRO E 230 -23.80 5.73 22.61
C PRO E 230 -24.59 5.39 23.85
N ASN E 231 -25.85 5.69 23.84
CA ASN E 231 -26.71 5.30 24.88
C ASN E 231 -27.29 3.93 24.64
N SER E 232 -26.97 3.36 23.46
CA SER E 232 -27.17 1.97 23.16
C SER E 232 -25.93 1.22 22.72
N ALA E 233 -24.76 1.78 22.92
CA ALA E 233 -23.55 1.09 22.51
C ALA E 233 -23.40 -0.22 23.22
N ARG E 234 -23.75 -0.30 24.47
CA ARG E 234 -23.63 -1.61 25.09
C ARG E 234 -24.56 -2.65 24.56
N TRP E 235 -25.71 -2.28 24.08
CA TRP E 235 -26.59 -3.21 23.45
C TRP E 235 -26.14 -3.56 22.05
N PHE E 236 -25.51 -2.66 21.36
CA PHE E 236 -24.84 -3.04 20.16
C PHE E 236 -23.75 -4.07 20.40
N GLU E 237 -22.88 -3.83 21.38
CA GLU E 237 -21.80 -4.77 21.70
C GLU E 237 -22.28 -6.11 22.07
N ARG E 238 -23.53 -6.28 22.39
CA ARG E 238 -24.04 -7.57 22.66
C ARG E 238 -24.48 -8.22 21.41
N LEU E 239 -24.84 -7.49 20.46
CA LEU E 239 -25.18 -8.09 19.23
C LEU E 239 -23.93 -8.59 18.58
N GLN E 240 -22.82 -7.93 18.82
CA GLN E 240 -21.57 -8.42 18.37
C GLN E 240 -21.22 -9.67 19.12
N ALA E 241 -21.24 -9.59 20.41
CA ALA E 241 -20.93 -10.79 21.19
C ALA E 241 -21.81 -11.97 20.82
N ILE E 242 -23.06 -11.76 20.55
CA ILE E 242 -23.89 -12.88 20.17
C ILE E 242 -23.47 -13.44 18.84
N GLU E 243 -23.11 -12.57 17.91
CA GLU E 243 -22.81 -12.98 16.54
C GLU E 243 -21.57 -13.83 16.52
N HIS E 244 -20.56 -13.44 17.27
CA HIS E 244 -19.35 -14.21 17.41
C HIS E 244 -19.63 -15.52 18.07
N GLU E 245 -20.39 -15.52 19.14
CA GLU E 245 -20.56 -16.76 19.83
C GLU E 245 -21.47 -17.67 19.10
N LEU E 246 -22.48 -17.18 18.45
CA LEU E 246 -23.28 -18.03 17.62
C LEU E 246 -22.54 -18.52 16.42
N HIS E 247 -21.48 -17.85 16.05
CA HIS E 247 -20.63 -18.20 14.93
C HIS E 247 -19.68 -19.28 15.26
N GLU E 248 -18.93 -19.10 16.35
CA GLU E 248 -17.91 -20.02 16.80
C GLU E 248 -18.50 -21.35 17.17
N LEU E 249 -19.80 -21.44 17.34
CA LEU E 249 -20.50 -22.68 17.62
C LEU E 249 -21.15 -23.26 16.40
N GLY E 250 -20.91 -22.69 15.27
CA GLY E 250 -21.41 -23.27 14.10
C GLY E 250 -22.84 -23.16 13.88
N LEU E 251 -23.47 -22.12 14.41
CA LEU E 251 -24.90 -22.00 14.36
C LEU E 251 -25.40 -21.05 13.29
N LEU E 252 -24.49 -20.35 12.64
CA LEU E 252 -24.72 -19.44 11.53
C LEU E 252 -24.25 -20.03 10.19
N LYS E 253 -24.87 -19.62 9.09
CA LYS E 253 -24.72 -20.26 7.80
C LYS E 253 -24.15 -19.28 6.79
N ASP E 254 -23.07 -19.68 6.14
CA ASP E 254 -22.44 -18.94 5.02
C ASP E 254 -21.82 -17.65 5.54
N HIS E 255 -21.18 -17.66 6.67
CA HIS E 255 -20.88 -16.47 7.42
C HIS E 255 -19.49 -16.60 7.92
N SER E 256 -18.67 -15.63 7.69
CA SER E 256 -17.40 -15.64 8.38
C SER E 256 -17.35 -14.40 9.19
N LEU E 257 -16.41 -14.35 10.12
CA LEU E 257 -16.09 -13.20 10.91
C LEU E 257 -15.42 -12.12 10.10
N GLU E 258 -14.88 -12.45 9.00
CA GLU E 258 -14.41 -11.39 8.13
C GLU E 258 -15.53 -10.75 7.35
N GLY E 259 -16.71 -11.31 7.40
CA GLY E 259 -17.86 -10.67 6.82
C GLY E 259 -18.97 -10.54 7.82
N ARG E 260 -18.72 -10.09 9.04
CA ARG E 260 -19.71 -9.93 10.07
C ARG E 260 -20.54 -8.66 9.91
N TYR E 261 -21.65 -8.68 10.53
CA TYR E 261 -22.65 -7.67 10.40
C TYR E 261 -22.48 -6.53 11.38
N PHE E 262 -22.11 -6.77 12.60
CA PHE E 262 -22.02 -5.76 13.61
C PHE E 262 -20.57 -5.46 13.83
N GLN E 263 -20.11 -4.39 13.20
CA GLN E 263 -18.69 -4.03 13.21
C GLN E 263 -18.50 -2.79 14.04
N ASN E 264 -17.44 -2.73 14.83
CA ASN E 264 -17.36 -1.56 15.69
C ASN E 264 -16.88 -0.48 14.79
N TYR E 265 -17.87 0.14 14.19
CA TYR E 265 -17.69 1.20 13.22
C TYR E 265 -18.78 2.19 13.63
N SER E 266 -18.36 3.28 14.24
CA SER E 266 -19.34 4.29 14.55
C SER E 266 -19.64 5.08 13.28
N TYR E 267 -20.78 5.78 13.29
CA TYR E 267 -21.27 6.49 12.11
C TYR E 267 -21.34 7.98 12.34
N GLY E 268 -20.77 8.76 11.43
CA GLY E 268 -20.78 10.20 11.59
C GLY E 268 -22.09 10.78 12.11
N GLY E 269 -22.99 11.11 11.20
CA GLY E 269 -24.25 11.78 11.44
C GLY E 269 -25.40 10.81 11.49
N VAL E 270 -26.57 11.27 11.12
CA VAL E 270 -27.73 10.45 11.38
C VAL E 270 -28.48 10.14 10.11
N ILE E 271 -29.14 9.05 10.16
CA ILE E 271 -30.14 8.68 9.18
C ILE E 271 -31.47 9.07 9.77
N GLN E 272 -32.37 9.62 8.96
CA GLN E 272 -33.71 9.88 9.44
C GLN E 272 -34.61 8.66 9.25
N ASP E 273 -35.22 8.19 10.32
CA ASP E 273 -36.08 7.01 10.30
C ASP E 273 -37.02 7.14 11.50
N ASP E 274 -37.92 6.18 11.64
CA ASP E 274 -38.94 6.12 12.64
C ASP E 274 -38.49 6.27 14.07
N HIS E 275 -37.23 6.33 14.31
CA HIS E 275 -36.71 6.41 15.66
C HIS E 275 -36.60 7.82 16.10
N ILE E 276 -36.38 8.69 15.15
CA ILE E 276 -36.14 10.10 15.41
C ILE E 276 -37.19 10.68 16.30
N PRO E 277 -38.43 10.56 15.98
CA PRO E 277 -39.47 10.92 16.89
C PRO E 277 -39.20 10.48 18.29
N PHE E 278 -38.68 9.27 18.48
CA PHE E 278 -38.49 8.78 19.82
C PHE E 278 -37.18 9.16 20.36
N LEU E 279 -36.19 9.29 19.49
CA LEU E 279 -34.84 9.62 19.97
C LEU E 279 -34.86 10.94 20.68
N ARG E 280 -35.56 11.93 20.13
CA ARG E 280 -35.48 13.26 20.66
C ARG E 280 -36.28 13.44 21.90
N ARG E 281 -37.20 12.56 22.17
CA ARG E 281 -37.88 12.47 23.42
C ARG E 281 -37.16 11.60 24.40
N GLY E 282 -35.97 11.14 24.11
CA GLY E 282 -35.10 10.58 25.08
C GLY E 282 -35.02 9.13 25.19
N VAL E 283 -35.67 8.41 24.29
CA VAL E 283 -35.63 6.96 24.20
C VAL E 283 -34.33 6.47 23.59
N PRO E 284 -33.74 5.43 24.15
CA PRO E 284 -32.54 4.91 23.61
C PRO E 284 -32.90 3.92 22.56
N VAL E 285 -32.12 3.95 21.50
CA VAL E 285 -32.44 3.41 20.21
C VAL E 285 -31.30 2.57 19.74
N LEU E 286 -31.64 1.44 19.21
CA LEU E 286 -30.74 0.52 18.56
C LEU E 286 -31.18 0.46 17.11
N HIS E 287 -30.55 1.19 16.29
CA HIS E 287 -31.06 1.31 14.95
C HIS E 287 -30.47 0.22 14.10
N LEU E 288 -31.17 -0.88 13.90
CA LEU E 288 -30.69 -1.88 12.96
C LEU E 288 -31.15 -1.54 11.54
N ILE E 289 -30.47 -0.55 11.04
CA ILE E 289 -30.45 -0.18 9.63
C ILE E 289 -29.02 -0.36 9.14
N PRO E 290 -28.76 -0.76 7.90
CA PRO E 290 -27.39 -0.92 7.48
C PRO E 290 -26.82 0.30 6.82
N SER E 291 -25.54 0.44 6.97
CA SER E 291 -24.85 1.41 6.12
C SER E 291 -23.72 0.77 5.34
N PRO E 292 -23.81 0.73 4.04
CA PRO E 292 -24.77 1.30 3.16
C PRO E 292 -26.06 0.60 3.03
N PHE E 293 -27.03 1.30 2.48
CA PHE E 293 -28.33 0.76 2.23
C PHE E 293 -28.21 -0.37 1.26
N PRO E 294 -29.18 -1.23 1.13
CA PRO E 294 -29.11 -2.20 0.07
C PRO E 294 -29.05 -1.58 -1.34
N GLU E 295 -28.58 -2.35 -2.31
CA GLU E 295 -28.38 -1.81 -3.63
C GLU E 295 -29.68 -1.56 -4.35
N VAL E 296 -30.66 -2.42 -4.13
CA VAL E 296 -32.01 -2.24 -4.61
C VAL E 296 -32.80 -1.07 -3.94
N TRP E 297 -32.36 -0.57 -2.79
CA TRP E 297 -33.03 0.56 -2.15
C TRP E 297 -33.78 1.39 -3.16
N HIS E 298 -35.06 1.53 -2.90
CA HIS E 298 -36.09 2.31 -3.63
C HIS E 298 -36.12 2.11 -5.14
N THR E 299 -36.06 0.86 -5.58
CA THR E 299 -36.17 0.48 -6.97
C THR E 299 -37.03 -0.74 -7.07
N MET E 300 -37.65 -0.94 -8.19
CA MET E 300 -38.49 -2.11 -8.36
C MET E 300 -37.74 -3.35 -8.07
N ASP E 301 -36.44 -3.30 -8.14
CA ASP E 301 -35.64 -4.50 -8.02
C ASP E 301 -35.47 -4.94 -6.56
N ASP E 302 -36.16 -4.29 -5.65
CA ASP E 302 -36.17 -4.61 -4.24
C ASP E 302 -37.25 -5.63 -3.96
N ASN E 303 -37.05 -6.85 -4.41
CA ASN E 303 -37.98 -7.95 -4.35
C ASN E 303 -37.44 -9.14 -3.59
N GLU E 304 -38.15 -10.23 -3.72
CA GLU E 304 -37.71 -11.50 -3.18
C GLU E 304 -36.49 -12.01 -3.85
N GLU E 305 -36.44 -11.94 -5.14
CA GLU E 305 -35.37 -12.58 -5.88
C GLU E 305 -34.01 -12.07 -5.41
N ASN E 306 -33.98 -10.90 -4.83
CA ASN E 306 -32.77 -10.33 -4.35
C ASN E 306 -32.53 -10.47 -2.85
N LEU E 307 -33.25 -11.29 -2.14
CA LEU E 307 -32.99 -11.39 -0.73
C LEU E 307 -32.13 -12.61 -0.40
N ASP E 308 -31.17 -12.45 0.50
CA ASP E 308 -30.34 -13.56 0.95
C ASP E 308 -31.03 -14.21 2.13
N GLU E 309 -31.87 -15.18 1.86
CA GLU E 309 -32.35 -16.09 2.84
C GLU E 309 -31.34 -16.46 3.90
N SER E 310 -30.06 -16.64 3.57
CA SER E 310 -29.14 -17.12 4.61
C SER E 310 -28.84 -16.03 5.61
N THR E 311 -28.80 -14.78 5.18
CA THR E 311 -28.48 -13.71 6.08
C THR E 311 -29.62 -13.40 7.02
N ILE E 312 -30.87 -13.57 6.56
CA ILE E 312 -32.04 -13.41 7.41
C ILE E 312 -32.09 -14.51 8.46
N ASP E 313 -32.02 -15.79 8.09
CA ASP E 313 -31.99 -16.83 9.12
C ASP E 313 -31.03 -16.43 10.20
N ASN E 314 -29.85 -16.02 9.83
CA ASN E 314 -28.82 -15.73 10.81
C ASN E 314 -29.22 -14.60 11.69
N LEU E 315 -29.89 -13.58 11.14
CA LEU E 315 -30.28 -12.46 11.98
C LEU E 315 -31.48 -12.80 12.86
N ASN E 316 -32.43 -13.61 12.41
CA ASN E 316 -33.44 -14.09 13.30
C ASN E 316 -32.77 -14.66 14.51
N LYS E 317 -31.95 -15.63 14.31
CA LYS E 317 -31.20 -16.19 15.42
C LYS E 317 -30.58 -15.12 16.29
N ILE E 318 -29.99 -14.09 15.74
CA ILE E 318 -29.27 -13.17 16.61
C ILE E 318 -30.24 -12.38 17.43
N LEU E 319 -31.25 -11.87 16.76
CA LEU E 319 -32.24 -11.02 17.43
C LEU E 319 -33.00 -11.75 18.51
N GLN E 320 -33.43 -12.97 18.24
CA GLN E 320 -34.14 -13.78 19.22
C GLN E 320 -33.28 -14.05 20.43
N VAL E 321 -32.03 -14.30 20.24
CA VAL E 321 -31.20 -14.42 21.40
C VAL E 321 -31.12 -13.11 22.11
N PHE E 322 -31.02 -12.01 21.39
CA PHE E 322 -30.82 -10.74 22.06
C PHE E 322 -31.96 -10.50 23.00
N VAL E 323 -33.14 -10.85 22.53
CA VAL E 323 -34.38 -10.56 23.21
C VAL E 323 -34.57 -11.47 24.41
N LEU E 324 -34.23 -12.73 24.26
CA LEU E 324 -34.30 -13.56 25.44
C LEU E 324 -33.31 -13.11 26.46
N GLU E 325 -32.21 -12.61 26.06
CA GLU E 325 -31.21 -12.23 27.03
C GLU E 325 -31.64 -10.98 27.75
N TYR E 326 -32.29 -10.03 27.06
CA TYR E 326 -32.79 -8.77 27.67
C TYR E 326 -33.89 -9.07 28.65
N LEU E 327 -34.81 -9.91 28.27
CA LEU E 327 -35.91 -10.27 29.13
C LEU E 327 -35.59 -11.35 30.19
N HIS E 328 -34.35 -11.71 30.41
CA HIS E 328 -33.95 -12.75 31.35
C HIS E 328 -34.72 -14.02 31.16
N LEU E 329 -35.22 -14.25 29.98
CA LEU E 329 -35.80 -15.52 29.69
C LEU E 329 -34.74 -16.43 29.27
N ALA F 1 32.80 -16.43 -30.64
CA ALA F 1 33.69 -17.09 -29.67
C ALA F 1 35.09 -17.12 -30.21
N SER F 2 36.02 -16.21 -29.90
CA SER F 2 37.13 -16.19 -30.82
C SER F 2 37.93 -17.41 -30.57
N ALA F 3 39.09 -17.49 -31.22
CA ALA F 3 39.96 -18.61 -31.03
C ALA F 3 41.31 -18.25 -30.46
N TRP F 4 41.66 -17.02 -30.35
CA TRP F 4 42.96 -16.87 -29.73
C TRP F 4 43.05 -17.61 -28.41
N PRO F 5 41.98 -17.70 -27.64
CA PRO F 5 41.99 -18.59 -26.49
C PRO F 5 42.40 -20.00 -26.75
N GLU F 6 42.24 -20.50 -27.93
CA GLU F 6 42.63 -21.87 -28.22
C GLU F 6 44.07 -21.96 -28.67
N GLU F 7 44.78 -20.89 -28.80
CA GLU F 7 46.10 -21.07 -29.34
C GLU F 7 46.96 -21.74 -28.31
N LYS F 8 46.67 -21.54 -27.05
CA LYS F 8 47.41 -22.33 -26.07
C LYS F 8 47.41 -23.80 -26.43
N ASN F 9 46.41 -24.25 -27.12
CA ASN F 9 46.22 -25.64 -27.36
C ASN F 9 47.18 -26.24 -28.35
N TYR F 10 47.81 -25.45 -29.16
CA TYR F 10 48.67 -25.96 -30.20
C TYR F 10 50.04 -25.39 -30.12
N HIS F 11 50.31 -24.54 -29.16
CA HIS F 11 51.61 -23.90 -29.03
C HIS F 11 52.69 -24.93 -28.78
N GLN F 12 53.82 -24.77 -29.45
CA GLN F 12 54.87 -25.77 -29.39
C GLN F 12 56.18 -25.10 -29.03
N PRO F 13 57.05 -25.83 -28.36
CA PRO F 13 58.27 -25.26 -27.86
C PRO F 13 59.29 -25.04 -28.94
N ALA F 14 60.13 -24.06 -28.72
CA ALA F 14 61.35 -23.78 -29.48
C ALA F 14 62.52 -24.41 -28.73
N ILE F 15 62.79 -25.66 -29.08
CA ILE F 15 63.75 -26.46 -28.36
C ILE F 15 65.18 -25.94 -28.56
N LEU F 16 65.89 -25.78 -27.49
CA LEU F 16 67.26 -25.31 -27.54
C LEU F 16 68.32 -26.39 -27.80
N ASN F 17 69.25 -26.12 -28.72
CA ASN F 17 70.38 -26.99 -28.98
C ASN F 17 71.25 -27.11 -27.74
N SER F 18 72.22 -28.00 -27.80
CA SER F 18 73.04 -28.33 -26.65
C SER F 18 73.94 -27.18 -26.24
N SER F 19 74.37 -26.36 -27.14
CA SER F 19 75.23 -25.31 -26.62
C SER F 19 74.41 -24.28 -25.88
N ALA F 20 73.23 -24.02 -26.38
CA ALA F 20 72.31 -23.12 -25.71
C ALA F 20 72.13 -23.53 -24.27
N LEU F 21 71.73 -24.76 -24.09
CA LEU F 21 71.63 -25.34 -22.77
C LEU F 21 72.88 -25.07 -21.93
N ARG F 22 74.07 -25.34 -22.47
CA ARG F 22 75.29 -25.02 -21.72
C ARG F 22 75.25 -23.62 -21.20
N GLN F 23 74.79 -22.68 -22.03
CA GLN F 23 74.73 -21.25 -21.67
C GLN F 23 73.77 -21.04 -20.52
N ILE F 24 72.57 -21.54 -20.70
CA ILE F 24 71.58 -21.44 -19.65
C ILE F 24 72.19 -21.94 -18.38
N ALA F 25 72.62 -23.18 -18.38
CA ALA F 25 73.08 -23.80 -17.15
C ALA F 25 74.19 -23.01 -16.51
N GLU F 26 75.07 -22.43 -17.30
CA GLU F 26 76.16 -21.67 -16.74
C GLU F 26 75.74 -20.27 -16.37
N GLY F 27 74.63 -19.81 -16.93
CA GLY F 27 74.07 -18.54 -16.55
C GLY F 27 72.99 -18.47 -15.49
N THR F 28 72.97 -19.36 -14.50
CA THR F 28 72.17 -19.25 -13.28
C THR F 28 73.05 -19.60 -12.08
N SER F 29 73.04 -18.78 -11.06
CA SER F 29 73.96 -18.93 -9.94
C SER F 29 73.30 -19.31 -8.63
N ILE F 30 73.28 -20.60 -8.32
CA ILE F 30 72.61 -21.03 -7.10
C ILE F 30 73.07 -20.21 -5.92
N SER F 31 74.33 -19.76 -5.91
CA SER F 31 74.73 -19.12 -4.67
C SER F 31 74.34 -17.68 -4.66
N GLU F 32 74.16 -17.06 -5.80
CA GLU F 32 73.63 -15.71 -5.76
C GLU F 32 72.20 -15.71 -5.20
N MET F 33 71.36 -16.60 -5.70
CA MET F 33 70.00 -16.68 -5.17
C MET F 33 70.00 -16.84 -3.66
N TRP F 34 70.63 -17.88 -3.17
CA TRP F 34 70.61 -18.19 -1.76
C TRP F 34 70.96 -16.98 -0.97
N GLN F 35 71.76 -16.13 -1.51
CA GLN F 35 72.30 -15.07 -0.71
C GLN F 35 71.46 -13.85 -0.89
N ASN F 36 70.93 -13.68 -2.09
CA ASN F 36 70.30 -12.43 -2.44
C ASN F 36 68.80 -12.52 -2.57
N ASP F 37 68.27 -13.64 -3.06
CA ASP F 37 66.86 -13.86 -3.32
C ASP F 37 66.15 -14.67 -2.25
N LEU F 38 66.76 -15.69 -1.72
CA LEU F 38 66.10 -16.54 -0.76
C LEU F 38 66.50 -16.28 0.67
N GLN F 39 67.68 -15.85 0.97
CA GLN F 39 67.99 -15.76 2.38
C GLN F 39 67.06 -14.77 3.05
N PRO F 40 66.79 -13.62 2.48
CA PRO F 40 65.95 -12.63 3.16
C PRO F 40 64.53 -13.07 3.41
N LEU F 41 64.05 -14.09 2.71
CA LEU F 41 62.72 -14.60 2.81
C LEU F 41 62.55 -15.56 3.95
N LEU F 42 63.63 -16.04 4.53
CA LEU F 42 63.58 -17.05 5.57
C LEU F 42 63.17 -16.46 6.93
N ILE F 43 61.97 -15.87 6.94
CA ILE F 43 61.42 -15.17 8.09
C ILE F 43 59.96 -15.57 8.27
N GLU F 44 59.45 -15.34 9.47
CA GLU F 44 58.06 -15.50 9.84
C GLU F 44 57.37 -14.47 9.00
N ARG F 45 56.58 -14.90 8.05
CA ARG F 45 55.87 -14.03 7.14
C ARG F 45 54.41 -14.38 6.93
N TYR F 46 53.64 -14.51 7.98
CA TYR F 46 52.23 -14.87 7.83
C TYR F 46 51.53 -13.61 7.47
N PRO F 47 50.29 -13.68 7.01
CA PRO F 47 49.61 -12.51 6.54
C PRO F 47 49.35 -11.51 7.60
N GLY F 48 49.49 -10.29 7.25
CA GLY F 48 49.42 -9.26 8.23
C GLY F 48 50.65 -9.08 9.02
N SER F 49 51.56 -9.94 8.94
CA SER F 49 52.68 -9.90 9.82
C SER F 49 53.77 -9.02 9.28
N PRO F 50 54.71 -8.65 10.15
CA PRO F 50 55.83 -7.81 9.70
C PRO F 50 56.65 -8.49 8.69
N GLY F 51 56.75 -9.79 8.77
CA GLY F 51 57.30 -10.50 7.67
C GLY F 51 56.50 -10.39 6.42
N SER F 52 55.20 -10.24 6.51
CA SER F 52 54.44 -10.28 5.27
C SER F 52 54.78 -9.08 4.46
N TYR F 53 55.20 -8.05 5.13
CA TYR F 53 55.44 -6.83 4.44
C TYR F 53 56.87 -6.76 4.01
N ALA F 54 57.73 -7.17 4.90
CA ALA F 54 59.14 -7.24 4.55
C ALA F 54 59.39 -8.09 3.30
N ALA F 55 58.62 -9.17 3.13
CA ALA F 55 58.76 -10.07 2.01
C ALA F 55 58.16 -9.47 0.76
N ARG F 56 57.04 -8.77 0.90
CA ARG F 56 56.44 -8.15 -0.26
C ARG F 56 57.41 -7.17 -0.88
N GLN F 57 58.21 -6.51 -0.06
CA GLN F 57 59.13 -5.49 -0.53
C GLN F 57 60.34 -6.10 -1.19
N HIS F 58 61.03 -6.99 -0.49
CA HIS F 58 62.10 -7.77 -1.05
C HIS F 58 61.74 -8.30 -2.41
N ILE F 59 60.70 -9.11 -2.47
CA ILE F 59 60.27 -9.62 -3.74
C ILE F 59 60.25 -8.52 -4.77
N MET F 60 59.74 -7.35 -4.41
CA MET F 60 59.60 -6.31 -5.42
C MET F 60 60.91 -5.62 -5.74
N GLN F 61 61.61 -5.16 -4.73
CA GLN F 61 62.93 -4.58 -4.89
C GLN F 61 63.78 -5.37 -5.86
N ARG F 62 63.71 -6.69 -5.80
CA ARG F 62 64.54 -7.49 -6.69
C ARG F 62 64.02 -7.55 -8.10
N ILE F 63 62.78 -7.29 -8.33
CA ILE F 63 62.27 -7.25 -9.67
C ILE F 63 62.42 -5.89 -10.23
N GLN F 64 62.33 -4.92 -9.34
CA GLN F 64 62.41 -3.54 -9.73
C GLN F 64 63.81 -3.20 -10.24
N ARG F 65 64.76 -3.98 -9.89
CA ARG F 65 66.10 -3.71 -10.31
C ARG F 65 66.47 -4.41 -11.59
N LEU F 66 65.59 -5.16 -12.18
CA LEU F 66 65.97 -5.81 -13.40
C LEU F 66 65.62 -4.91 -14.56
N GLN F 67 66.19 -5.23 -15.71
CA GLN F 67 66.06 -4.32 -16.82
C GLN F 67 64.81 -4.57 -17.61
N ALA F 68 64.30 -5.80 -17.65
CA ALA F 68 63.07 -6.05 -18.35
C ALA F 68 62.02 -5.10 -17.85
N ASP F 69 60.96 -4.93 -18.65
CA ASP F 69 59.93 -3.95 -18.32
C ASP F 69 58.79 -4.65 -17.62
N TRP F 70 59.10 -5.04 -16.38
CA TRP F 70 58.17 -5.70 -15.48
C TRP F 70 57.24 -4.69 -14.88
N VAL F 71 55.95 -5.00 -14.90
CA VAL F 71 54.88 -4.16 -14.32
C VAL F 71 54.36 -4.82 -13.06
N LEU F 72 54.73 -4.32 -11.89
CA LEU F 72 54.28 -4.84 -10.60
C LEU F 72 52.98 -4.20 -10.06
N GLU F 73 51.98 -5.02 -9.77
CA GLU F 73 50.82 -4.65 -8.96
C GLU F 73 50.87 -5.15 -7.49
N ILE F 74 50.05 -4.56 -6.67
CA ILE F 74 49.75 -5.10 -5.34
C ILE F 74 48.26 -5.19 -5.22
N ASP F 75 47.72 -6.36 -5.31
CA ASP F 75 46.28 -6.54 -5.30
C ASP F 75 45.94 -6.83 -3.86
N THR F 76 45.75 -5.79 -3.07
CA THR F 76 45.48 -5.95 -1.67
C THR F 76 43.99 -6.03 -1.43
N PHE F 77 43.56 -7.01 -0.66
CA PHE F 77 42.18 -7.31 -0.54
C PHE F 77 41.85 -7.82 0.87
N LEU F 78 40.59 -8.13 1.10
CA LEU F 78 40.07 -8.44 2.43
C LEU F 78 39.22 -9.70 2.38
N SER F 79 39.47 -10.62 3.27
CA SER F 79 38.61 -11.78 3.26
C SER F 79 38.38 -12.32 4.66
N GLN F 80 37.28 -13.01 4.83
CA GLN F 80 36.97 -13.50 6.15
C GLN F 80 37.78 -14.73 6.45
N THR F 81 38.25 -14.81 7.66
CA THR F 81 39.07 -15.88 8.15
C THR F 81 38.43 -16.34 9.45
N PRO F 82 38.85 -17.50 9.97
CA PRO F 82 38.43 -17.87 11.32
C PRO F 82 38.51 -16.67 12.24
N TYR F 83 39.69 -16.12 12.42
CA TYR F 83 39.86 -15.04 13.35
C TYR F 83 39.14 -13.77 12.93
N GLY F 84 38.39 -13.73 11.87
CA GLY F 84 37.83 -12.47 11.44
C GLY F 84 38.42 -11.94 10.15
N TYR F 85 37.88 -10.82 9.70
CA TYR F 85 38.34 -10.14 8.50
C TYR F 85 39.76 -9.73 8.64
N ARG F 86 40.55 -10.04 7.61
CA ARG F 86 41.96 -9.78 7.59
C ARG F 86 42.34 -9.41 6.17
N SER F 87 43.52 -8.83 6.04
CA SER F 87 44.01 -8.20 4.83
C SER F 87 45.20 -8.99 4.28
N PHE F 88 45.15 -9.29 2.97
CA PHE F 88 46.12 -10.04 2.17
C PHE F 88 46.59 -9.18 1.02
N SER F 89 47.73 -9.47 0.45
CA SER F 89 48.24 -8.74 -0.71
C SER F 89 49.00 -9.70 -1.61
N ASN F 90 48.39 -10.02 -2.71
CA ASN F 90 49.07 -10.71 -3.78
C ASN F 90 50.02 -9.82 -4.56
N ILE F 91 51.00 -10.45 -5.20
CA ILE F 91 51.99 -9.73 -5.97
C ILE F 91 52.00 -10.23 -7.36
N ILE F 92 51.55 -9.44 -8.31
CA ILE F 92 51.56 -9.84 -9.71
C ILE F 92 52.62 -9.00 -10.39
N SER F 93 53.34 -9.62 -11.30
CA SER F 93 54.48 -9.00 -11.96
C SER F 93 54.28 -9.35 -13.41
N THR F 94 54.13 -8.38 -14.24
CA THR F 94 53.80 -8.68 -15.62
C THR F 94 54.70 -7.92 -16.62
N LEU F 95 55.14 -8.65 -17.65
CA LEU F 95 55.78 -8.07 -18.80
C LEU F 95 54.72 -8.10 -19.82
N ASN F 96 54.41 -6.92 -20.43
CA ASN F 96 53.59 -6.85 -21.60
C ASN F 96 52.13 -7.00 -21.29
N PRO F 97 51.63 -6.30 -20.34
CA PRO F 97 50.26 -6.49 -19.94
C PRO F 97 49.35 -6.66 -21.11
N THR F 98 49.71 -6.10 -22.22
CA THR F 98 48.91 -6.31 -23.39
C THR F 98 49.10 -7.73 -23.90
N ALA F 99 50.30 -8.26 -23.80
CA ALA F 99 50.55 -9.64 -24.22
C ALA F 99 49.34 -10.51 -23.93
N LYS F 100 48.27 -10.26 -24.67
CA LYS F 100 47.08 -11.06 -24.65
C LYS F 100 47.19 -12.36 -23.89
N ARG F 101 48.03 -13.23 -24.41
CA ARG F 101 48.35 -14.52 -23.82
C ARG F 101 49.57 -14.46 -22.92
N HIS F 102 49.48 -15.15 -21.79
CA HIS F 102 50.56 -15.18 -20.85
C HIS F 102 50.73 -16.57 -20.29
N LEU F 103 51.96 -16.84 -19.91
CA LEU F 103 52.42 -17.99 -19.17
C LEU F 103 52.75 -17.53 -17.77
N VAL F 104 52.25 -18.24 -16.80
CA VAL F 104 52.27 -17.74 -15.46
C VAL F 104 53.12 -18.66 -14.66
N LEU F 105 53.92 -18.12 -13.79
CA LEU F 105 54.64 -18.89 -12.82
C LEU F 105 54.14 -18.37 -11.52
N ALA F 106 53.85 -19.26 -10.60
CA ALA F 106 53.22 -18.80 -9.40
C ALA F 106 53.69 -19.61 -8.26
N CYS F 107 53.80 -18.97 -7.14
CA CYS F 107 54.07 -19.65 -5.93
C CYS F 107 53.36 -18.87 -4.84
N HIS F 108 53.49 -19.31 -3.60
CA HIS F 108 52.98 -18.54 -2.50
C HIS F 108 54.04 -17.99 -1.57
N TYR F 109 53.94 -16.77 -1.26
CA TYR F 109 54.93 -16.14 -0.46
C TYR F 109 54.51 -15.94 0.96
N ASP F 110 53.35 -16.46 1.40
CA ASP F 110 53.13 -16.50 2.84
C ASP F 110 53.73 -17.71 3.47
N SER F 111 53.96 -17.64 4.76
CA SER F 111 54.35 -18.80 5.57
C SER F 111 53.29 -19.17 6.55
N LYS F 112 53.07 -20.45 6.78
CA LYS F 112 52.02 -20.79 7.73
C LYS F 112 52.27 -20.24 9.12
N TYR F 113 51.19 -19.83 9.77
CA TYR F 113 51.26 -19.36 11.15
C TYR F 113 51.46 -20.54 12.08
N PHE F 114 52.37 -20.35 13.03
CA PHE F 114 52.67 -21.30 14.07
C PHE F 114 53.18 -20.52 15.27
N SER F 115 52.74 -20.90 16.45
CA SER F 115 53.28 -20.30 17.65
C SER F 115 54.73 -20.64 17.84
N HIS F 116 55.45 -19.78 18.48
CA HIS F 116 56.80 -20.15 18.78
C HIS F 116 56.80 -21.31 19.74
N TRP F 117 57.39 -22.43 19.31
CA TRP F 117 57.58 -23.60 20.14
C TRP F 117 59.04 -23.70 20.43
N ASN F 118 59.39 -23.84 21.70
CA ASN F 118 60.78 -24.04 22.01
C ASN F 118 61.59 -22.87 21.55
N ASN F 119 60.96 -21.72 21.45
CA ASN F 119 61.65 -20.55 20.93
C ASN F 119 62.11 -20.68 19.48
N ARG F 120 61.68 -21.71 18.79
CA ARG F 120 61.94 -21.74 17.36
C ARG F 120 60.78 -21.15 16.57
N VAL F 121 60.98 -21.04 15.24
CA VAL F 121 60.12 -20.31 14.31
C VAL F 121 59.97 -21.00 12.97
N PHE F 122 58.74 -21.10 12.48
CA PHE F 122 58.52 -21.71 11.18
C PHE F 122 58.75 -20.72 10.06
N VAL F 123 59.62 -21.09 9.12
CA VAL F 123 60.07 -20.28 8.00
C VAL F 123 59.81 -20.95 6.65
N GLY F 124 59.08 -22.03 6.65
CA GLY F 124 58.67 -22.64 5.43
C GLY F 124 59.69 -22.47 4.35
N ALA F 125 60.79 -23.16 4.43
CA ALA F 125 61.85 -22.94 3.47
C ALA F 125 61.53 -23.55 2.15
N THR F 126 61.09 -24.77 2.16
CA THR F 126 60.45 -25.39 1.04
C THR F 126 59.02 -24.92 0.83
N ASP F 127 58.42 -24.22 1.78
CA ASP F 127 57.04 -23.83 1.66
C ASP F 127 56.80 -22.39 1.99
N SER F 128 57.07 -21.45 1.08
CA SER F 128 57.54 -21.72 -0.24
C SER F 128 58.54 -20.69 -0.62
N ALA F 129 59.46 -20.42 0.28
CA ALA F 129 60.53 -19.48 0.02
C ALA F 129 61.36 -19.92 -1.12
N VAL F 130 61.60 -21.19 -1.30
CA VAL F 130 62.50 -21.59 -2.36
C VAL F 130 61.84 -21.31 -3.68
N PRO F 131 60.63 -21.75 -3.91
CA PRO F 131 59.95 -21.35 -5.11
C PRO F 131 59.96 -19.89 -5.34
N CYS F 132 59.93 -19.12 -4.31
CA CYS F 132 59.91 -17.69 -4.46
C CYS F 132 61.20 -17.23 -4.99
N ALA F 133 62.25 -17.70 -4.41
CA ALA F 133 63.56 -17.42 -4.92
C ALA F 133 63.75 -17.95 -6.33
N MET F 134 63.35 -19.16 -6.57
CA MET F 134 63.56 -19.71 -7.88
C MET F 134 63.01 -18.80 -8.91
N MET F 135 61.80 -18.26 -8.66
CA MET F 135 61.13 -17.42 -9.64
C MET F 135 61.79 -16.09 -9.76
N LEU F 136 62.41 -15.63 -8.71
CA LEU F 136 63.14 -14.39 -8.80
C LEU F 136 64.39 -14.59 -9.60
N GLU F 137 65.14 -15.66 -9.33
CA GLU F 137 66.33 -15.97 -10.09
C GLU F 137 66.03 -16.26 -11.52
N LEU F 138 64.91 -16.81 -11.83
CA LEU F 138 64.64 -17.02 -13.21
C LEU F 138 64.39 -15.72 -13.85
N ALA F 139 63.89 -14.77 -13.11
CA ALA F 139 63.75 -13.47 -13.71
C ALA F 139 65.09 -12.79 -13.89
N ARG F 140 65.99 -12.90 -12.93
CA ARG F 140 67.26 -12.20 -13.02
C ARG F 140 68.18 -12.80 -14.05
N ALA F 141 68.06 -14.07 -14.27
CA ALA F 141 68.98 -14.81 -15.06
C ALA F 141 68.54 -14.90 -16.47
N LEU F 142 67.27 -14.68 -16.76
CA LEU F 142 66.83 -14.62 -18.14
C LEU F 142 66.43 -13.21 -18.53
N ASP F 143 66.88 -12.22 -17.78
CA ASP F 143 66.53 -10.85 -18.10
C ASP F 143 66.82 -10.58 -19.56
N LYS F 144 68.12 -10.61 -19.95
CA LYS F 144 68.50 -10.19 -21.28
C LYS F 144 67.55 -10.80 -22.26
N LYS F 145 67.25 -12.05 -22.11
CA LYS F 145 66.37 -12.62 -23.09
C LYS F 145 64.95 -12.06 -23.00
N LEU F 146 64.56 -11.48 -21.88
CA LEU F 146 63.17 -11.05 -21.70
C LEU F 146 62.87 -9.65 -22.21
N LEU F 147 63.87 -8.75 -22.23
CA LEU F 147 63.77 -7.43 -22.87
C LEU F 147 63.37 -7.48 -24.33
N SER F 148 63.73 -8.55 -25.04
CA SER F 148 63.30 -8.81 -26.40
C SER F 148 61.80 -8.71 -26.63
N LEU F 149 61.07 -8.38 -25.60
CA LEU F 149 59.65 -8.19 -25.70
C LEU F 149 59.28 -6.75 -25.47
N LYS F 150 60.22 -5.84 -25.63
CA LYS F 150 59.94 -4.41 -25.67
C LYS F 150 59.95 -3.85 -24.25
N PRO F 157 53.92 -14.35 -32.46
CA PRO F 157 53.01 -14.80 -31.37
C PRO F 157 52.90 -13.83 -30.19
N ASP F 158 51.69 -13.40 -29.81
CA ASP F 158 51.47 -12.34 -28.80
C ASP F 158 51.31 -12.97 -27.44
N LEU F 159 52.43 -13.19 -26.77
CA LEU F 159 52.56 -14.07 -25.63
C LEU F 159 53.74 -13.59 -24.81
N SER F 160 53.56 -13.38 -23.51
CA SER F 160 54.66 -12.89 -22.69
C SER F 160 54.67 -13.66 -21.38
N LEU F 161 55.15 -13.11 -20.32
CA LEU F 161 55.39 -13.87 -19.13
C LEU F 161 54.77 -13.20 -17.94
N GLN F 162 53.98 -13.93 -17.14
CA GLN F 162 53.55 -13.49 -15.81
C GLN F 162 54.22 -14.26 -14.66
N LEU F 163 54.52 -13.59 -13.59
CA LEU F 163 54.81 -14.17 -12.31
C LEU F 163 53.78 -13.74 -11.30
N ILE F 164 53.25 -14.64 -10.51
CA ILE F 164 52.30 -14.34 -9.42
C ILE F 164 52.81 -14.99 -8.15
N PHE F 165 53.06 -14.18 -7.14
CA PHE F 165 53.27 -14.61 -5.77
C PHE F 165 51.99 -14.38 -5.00
N PHE F 166 51.25 -15.44 -4.69
CA PHE F 166 49.95 -15.39 -3.98
C PHE F 166 50.13 -15.11 -2.49
N ASP F 167 49.24 -14.35 -1.87
CA ASP F 167 49.22 -14.34 -0.40
C ASP F 167 48.18 -15.31 0.09
N GLY F 168 48.31 -15.66 1.36
CA GLY F 168 47.29 -16.41 2.06
C GLY F 168 47.01 -17.79 1.59
N GLU F 169 48.01 -18.54 1.26
CA GLU F 169 47.76 -19.88 0.77
C GLU F 169 47.50 -20.77 1.93
N GLU F 170 48.15 -20.49 3.01
CA GLU F 170 48.08 -21.38 4.14
C GLU F 170 46.88 -21.03 4.99
N ALA F 171 46.33 -22.07 5.61
CA ALA F 171 45.28 -21.97 6.60
C ALA F 171 45.71 -21.27 7.87
N PHE F 172 44.77 -20.54 8.47
CA PHE F 172 45.01 -19.89 9.74
C PHE F 172 44.73 -20.82 10.90
N LEU F 173 43.84 -21.75 10.69
CA LEU F 173 43.49 -22.73 11.65
C LEU F 173 43.67 -24.07 11.01
N HIS F 174 42.74 -24.47 10.19
CA HIS F 174 42.59 -25.87 9.85
C HIS F 174 42.30 -25.93 8.38
N TRP F 175 43.20 -26.51 7.62
CA TRP F 175 42.99 -26.62 6.19
C TRP F 175 41.54 -26.98 5.93
N SER F 176 40.94 -26.26 5.02
CA SER F 176 39.50 -26.31 4.84
C SER F 176 39.15 -25.31 3.76
N PRO F 177 38.18 -25.63 2.93
CA PRO F 177 37.85 -24.75 1.83
C PRO F 177 37.71 -23.34 2.25
N GLN F 178 37.15 -23.11 3.41
CA GLN F 178 36.87 -21.76 3.81
C GLN F 178 38.05 -21.11 4.46
N ASP F 179 39.07 -21.87 4.79
CA ASP F 179 40.18 -21.36 5.58
C ASP F 179 41.45 -21.77 4.93
N SER F 180 41.78 -21.23 3.77
CA SER F 180 42.89 -21.59 2.88
C SER F 180 42.77 -20.85 1.56
N LEU F 181 43.89 -20.57 0.86
CA LEU F 181 43.92 -20.18 -0.53
C LEU F 181 43.30 -18.83 -0.71
N TYR F 182 43.55 -17.95 0.21
CA TYR F 182 42.81 -16.76 0.16
C TYR F 182 43.23 -15.93 -1.02
N GLY F 183 44.50 -15.87 -1.30
CA GLY F 183 44.95 -15.11 -2.43
C GLY F 183 44.49 -15.69 -3.74
N SER F 184 44.57 -16.94 -3.91
CA SER F 184 44.30 -17.45 -5.22
C SER F 184 42.86 -17.51 -5.54
N ARG F 185 42.05 -17.57 -4.53
CA ARG F 185 40.63 -17.57 -4.73
C ARG F 185 40.18 -16.17 -5.09
N HIS F 186 40.73 -15.19 -4.45
CA HIS F 186 40.50 -13.84 -4.89
C HIS F 186 40.87 -13.58 -6.32
N LEU F 187 42.05 -13.94 -6.71
CA LEU F 187 42.49 -13.62 -8.02
C LEU F 187 41.83 -14.50 -9.02
N ALA F 188 41.64 -15.75 -8.75
CA ALA F 188 41.05 -16.53 -9.81
C ALA F 188 39.76 -15.91 -10.21
N ALA F 189 39.10 -15.28 -9.29
CA ALA F 189 37.77 -14.75 -9.42
C ALA F 189 37.77 -13.35 -9.95
N LYS F 190 38.67 -12.55 -9.52
CA LYS F 190 38.88 -11.27 -10.13
C LYS F 190 39.09 -11.43 -11.59
N MET F 191 40.08 -12.26 -11.98
CA MET F 191 40.49 -12.45 -13.35
C MET F 191 39.36 -12.94 -14.21
N ALA F 192 38.68 -13.96 -13.80
CA ALA F 192 37.56 -14.45 -14.60
C ALA F 192 36.46 -13.43 -14.91
N SER F 193 36.45 -12.32 -14.27
CA SER F 193 35.52 -11.30 -14.52
C SER F 193 36.17 -10.05 -15.05
N THR F 194 37.43 -10.06 -15.25
CA THR F 194 38.03 -8.93 -15.90
C THR F 194 38.11 -9.18 -17.41
N PRO F 195 37.93 -8.26 -18.32
CA PRO F 195 37.99 -8.66 -19.72
C PRO F 195 39.38 -8.57 -20.24
N HIS F 196 39.72 -9.52 -21.05
CA HIS F 196 41.03 -9.42 -21.71
C HIS F 196 40.73 -9.77 -23.11
N PRO F 197 41.12 -8.91 -24.00
CA PRO F 197 41.85 -7.74 -23.74
C PRO F 197 40.92 -6.69 -23.35
N PRO F 198 41.40 -5.59 -22.84
CA PRO F 198 40.49 -4.59 -22.41
C PRO F 198 39.50 -4.32 -23.48
N GLY F 199 38.30 -4.26 -23.12
CA GLY F 199 37.27 -4.25 -24.10
C GLY F 199 37.25 -5.51 -24.86
N ALA F 200 36.97 -6.63 -24.23
CA ALA F 200 36.58 -7.84 -24.90
C ALA F 200 35.24 -8.17 -24.31
N ARG F 201 34.34 -8.75 -25.04
CA ARG F 201 33.04 -8.93 -24.44
C ARG F 201 32.85 -10.29 -23.93
N GLY F 202 33.72 -11.21 -24.27
CA GLY F 202 33.55 -12.56 -23.77
C GLY F 202 34.79 -13.29 -23.44
N THR F 203 35.88 -12.59 -23.17
CA THR F 203 37.17 -13.16 -22.88
C THR F 203 37.81 -12.44 -21.71
N SER F 204 38.16 -13.23 -20.71
CA SER F 204 38.67 -12.74 -19.44
C SER F 204 40.15 -12.92 -19.39
N GLN F 205 40.78 -12.24 -18.46
CA GLN F 205 42.17 -12.47 -18.09
C GLN F 205 42.53 -13.94 -17.98
N LEU F 206 41.61 -14.80 -17.68
CA LEU F 206 41.83 -16.21 -17.49
C LEU F 206 41.91 -16.97 -18.77
N HIS F 207 41.06 -16.66 -19.72
CA HIS F 207 41.29 -17.16 -21.07
C HIS F 207 42.71 -16.91 -21.51
N GLY F 208 43.28 -15.86 -21.09
CA GLY F 208 44.62 -15.51 -21.39
C GLY F 208 45.70 -16.18 -20.67
N MET F 209 45.42 -17.06 -19.75
CA MET F 209 46.44 -17.87 -19.09
C MET F 209 46.63 -19.10 -19.93
N ASP F 210 47.76 -19.18 -20.55
CA ASP F 210 48.11 -20.31 -21.39
C ASP F 210 48.42 -21.52 -20.56
N LEU F 211 49.08 -21.32 -19.46
CA LEU F 211 49.33 -22.40 -18.57
C LEU F 211 49.86 -21.84 -17.28
N LEU F 212 49.32 -22.31 -16.16
CA LEU F 212 49.82 -21.94 -14.86
C LEU F 212 50.78 -23.00 -14.33
N VAL F 213 51.98 -22.61 -14.11
CA VAL F 213 52.98 -23.50 -13.62
C VAL F 213 53.22 -23.04 -12.23
N LEU F 214 52.72 -23.83 -11.26
CA LEU F 214 52.73 -23.48 -9.89
C LEU F 214 53.76 -24.27 -9.19
N LEU F 215 54.63 -23.57 -8.49
CA LEU F 215 55.70 -24.16 -7.72
C LEU F 215 55.37 -24.22 -6.24
N ASP F 216 55.64 -25.36 -5.66
CA ASP F 216 55.34 -25.48 -4.25
C ASP F 216 56.15 -26.56 -3.61
N LEU F 217 56.77 -26.27 -2.53
CA LEU F 217 57.33 -27.32 -1.72
C LEU F 217 58.50 -27.94 -2.39
N ILE F 218 59.30 -27.15 -3.02
CA ILE F 218 60.50 -27.56 -3.70
C ILE F 218 61.70 -27.25 -2.81
N GLY F 219 62.61 -28.19 -2.68
CA GLY F 219 63.82 -27.86 -2.00
C GLY F 219 64.42 -28.95 -1.18
N ALA F 220 63.77 -29.99 -1.01
CA ALA F 220 64.38 -31.11 -0.34
C ALA F 220 65.08 -32.00 -1.34
N PRO F 221 65.88 -32.87 -0.89
CA PRO F 221 66.54 -33.76 -1.80
C PRO F 221 65.59 -34.70 -2.49
N ASN F 222 65.94 -35.13 -3.57
CA ASN F 222 65.19 -36.28 -4.03
C ASN F 222 63.70 -36.11 -4.16
N PRO F 223 63.20 -35.03 -4.72
CA PRO F 223 61.81 -34.93 -5.05
C PRO F 223 61.46 -35.77 -6.21
N THR F 224 60.20 -36.12 -6.31
CA THR F 224 59.64 -36.85 -7.43
C THR F 224 58.34 -36.19 -7.74
N PHE F 225 58.20 -35.61 -8.96
CA PHE F 225 57.03 -34.87 -9.39
C PHE F 225 56.18 -35.76 -10.25
N PRO F 226 54.86 -35.81 -10.04
CA PRO F 226 53.98 -36.59 -10.91
C PRO F 226 53.27 -35.78 -11.95
N ASN F 227 52.75 -36.44 -12.97
CA ASN F 227 51.94 -35.80 -13.97
C ASN F 227 50.48 -35.77 -13.52
N PHE F 228 50.01 -34.60 -13.17
CA PHE F 228 48.75 -34.52 -12.54
C PHE F 228 47.64 -34.43 -13.53
N PHE F 229 47.86 -33.76 -14.62
CA PHE F 229 46.72 -33.47 -15.45
C PHE F 229 47.02 -33.84 -16.89
N PRO F 230 46.04 -34.30 -17.60
CA PRO F 230 46.23 -34.56 -19.01
C PRO F 230 46.29 -33.35 -19.89
N ASN F 231 45.68 -32.24 -19.52
CA ASN F 231 45.77 -31.08 -20.37
C ASN F 231 47.13 -30.46 -20.28
N SER F 232 47.87 -30.81 -19.28
CA SER F 232 49.22 -30.32 -19.23
C SER F 232 50.27 -31.44 -19.36
N ALA F 233 49.94 -32.61 -19.86
CA ALA F 233 50.93 -33.69 -19.92
C ALA F 233 52.02 -33.42 -20.92
N ARG F 234 51.73 -32.71 -21.98
CA ARG F 234 52.72 -32.54 -23.00
C ARG F 234 53.79 -31.67 -22.53
N TRP F 235 53.47 -30.77 -21.68
CA TRP F 235 54.44 -29.92 -21.08
C TRP F 235 55.19 -30.58 -19.96
N PHE F 236 54.68 -31.64 -19.40
CA PHE F 236 55.36 -32.38 -18.36
C PHE F 236 56.43 -33.22 -19.02
N GLU F 237 56.07 -33.82 -20.14
CA GLU F 237 56.99 -34.56 -20.94
C GLU F 237 58.15 -33.70 -21.39
N ARG F 238 57.94 -32.45 -21.69
CA ARG F 238 59.08 -31.60 -21.95
C ARG F 238 59.95 -31.43 -20.74
N LEU F 239 59.42 -31.61 -19.62
CA LEU F 239 60.31 -31.44 -18.49
C LEU F 239 61.11 -32.71 -18.31
N GLN F 240 60.49 -33.84 -18.54
CA GLN F 240 61.13 -35.11 -18.44
C GLN F 240 62.34 -35.12 -19.33
N ALA F 241 62.18 -34.56 -20.57
CA ALA F 241 63.20 -34.53 -21.60
C ALA F 241 64.23 -33.49 -21.38
N ILE F 242 63.85 -32.34 -20.90
CA ILE F 242 64.86 -31.41 -20.43
C ILE F 242 65.66 -32.00 -19.29
N GLU F 243 65.07 -32.80 -18.44
CA GLU F 243 65.83 -33.32 -17.31
C GLU F 243 66.90 -34.28 -17.80
N HIS F 244 66.57 -34.99 -18.85
CA HIS F 244 67.34 -36.08 -19.36
C HIS F 244 68.49 -35.54 -20.19
N GLU F 245 68.18 -34.65 -21.14
CA GLU F 245 69.26 -34.03 -21.86
C GLU F 245 70.21 -33.31 -20.91
N LEU F 246 69.69 -32.52 -19.99
CA LEU F 246 70.62 -31.84 -19.12
C LEU F 246 71.43 -32.80 -18.30
N HIS F 247 71.00 -34.05 -18.22
CA HIS F 247 71.77 -35.03 -17.49
C HIS F 247 72.87 -35.52 -18.35
N GLU F 248 72.49 -35.98 -19.54
CA GLU F 248 73.42 -36.53 -20.48
C GLU F 248 74.53 -35.52 -20.81
N LEU F 249 74.18 -34.31 -20.98
CA LEU F 249 75.21 -33.35 -21.25
C LEU F 249 76.03 -32.95 -20.04
N GLY F 250 75.89 -33.66 -18.94
CA GLY F 250 76.73 -33.38 -17.81
C GLY F 250 76.43 -32.14 -17.05
N LEU F 251 75.24 -31.57 -17.23
CA LEU F 251 74.96 -30.27 -16.72
C LEU F 251 74.15 -30.29 -15.47
N LEU F 252 73.95 -31.46 -14.88
CA LEU F 252 73.30 -31.58 -13.60
C LEU F 252 74.21 -32.21 -12.57
N LYS F 253 73.95 -31.90 -11.32
CA LYS F 253 74.84 -32.16 -10.19
C LYS F 253 74.13 -33.02 -9.17
N ASP F 254 74.71 -34.16 -8.84
CA ASP F 254 74.12 -35.03 -7.87
C ASP F 254 72.82 -35.53 -8.43
N HIS F 255 72.89 -36.14 -9.58
CA HIS F 255 71.67 -36.45 -10.26
C HIS F 255 71.81 -37.79 -10.91
N SER F 256 70.87 -38.67 -10.69
CA SER F 256 70.88 -39.95 -11.33
C SER F 256 69.57 -40.27 -12.01
N LEU F 257 69.61 -40.82 -13.19
CA LEU F 257 68.39 -41.10 -13.92
C LEU F 257 67.56 -42.19 -13.28
N GLU F 258 68.07 -42.76 -12.23
CA GLU F 258 67.22 -43.67 -11.50
C GLU F 258 66.28 -42.90 -10.61
N GLY F 259 66.82 -41.97 -9.85
CA GLY F 259 66.02 -41.01 -9.15
C GLY F 259 65.99 -39.69 -9.86
N ARG F 260 65.23 -39.62 -10.93
CA ARG F 260 64.98 -38.37 -11.61
C ARG F 260 63.72 -37.73 -11.01
N TYR F 261 63.68 -36.40 -11.07
CA TYR F 261 62.64 -35.64 -10.46
C TYR F 261 61.28 -35.79 -11.18
N PHE F 262 61.24 -35.88 -12.49
CA PHE F 262 60.00 -36.03 -13.24
C PHE F 262 59.84 -37.40 -13.87
N GLN F 263 59.07 -38.27 -13.26
CA GLN F 263 58.98 -39.67 -13.69
C GLN F 263 57.58 -39.95 -14.19
N ASN F 264 57.44 -40.73 -15.25
CA ASN F 264 56.11 -40.78 -15.86
C ASN F 264 55.23 -41.73 -15.04
N TYR F 265 54.81 -41.25 -13.86
CA TYR F 265 53.89 -41.97 -12.99
C TYR F 265 52.72 -41.04 -12.66
N SER F 266 51.52 -41.48 -12.99
CA SER F 266 50.34 -40.66 -12.80
C SER F 266 49.93 -40.65 -11.33
N TYR F 267 49.09 -39.71 -11.00
CA TYR F 267 48.55 -39.63 -9.66
C TYR F 267 47.05 -39.75 -9.75
N GLY F 268 46.41 -39.82 -8.61
CA GLY F 268 45.03 -40.17 -8.63
C GLY F 268 44.16 -39.03 -8.22
N GLY F 269 44.28 -38.68 -6.96
CA GLY F 269 43.55 -37.59 -6.39
C GLY F 269 44.20 -36.29 -6.77
N VAL F 270 43.74 -35.24 -6.14
CA VAL F 270 44.28 -33.93 -6.41
C VAL F 270 44.82 -33.42 -5.10
N ILE F 271 45.75 -32.50 -5.19
CA ILE F 271 46.25 -31.76 -4.05
C ILE F 271 45.64 -30.38 -4.09
N GLN F 272 45.33 -29.85 -2.96
CA GLN F 272 44.74 -28.56 -2.86
C GLN F 272 45.84 -27.54 -2.81
N ASP F 273 45.83 -26.63 -3.73
CA ASP F 273 46.79 -25.54 -3.72
C ASP F 273 46.25 -24.39 -4.58
N ASP F 274 47.00 -23.31 -4.62
CA ASP F 274 46.66 -22.09 -5.32
C ASP F 274 46.22 -22.33 -6.80
N HIS F 275 46.38 -23.50 -7.31
CA HIS F 275 45.89 -23.77 -8.65
C HIS F 275 44.42 -24.14 -8.74
N ILE F 276 43.75 -24.46 -7.64
CA ILE F 276 42.43 -25.06 -7.68
C ILE F 276 41.44 -24.06 -8.18
N PRO F 277 41.51 -22.86 -7.71
CA PRO F 277 40.63 -21.86 -8.20
C PRO F 277 40.71 -21.60 -9.65
N PHE F 278 41.85 -21.84 -10.31
CA PHE F 278 42.14 -21.72 -11.75
C PHE F 278 41.84 -23.00 -12.48
N LEU F 279 42.33 -24.10 -11.97
CA LEU F 279 41.94 -25.37 -12.53
C LEU F 279 40.46 -25.44 -12.75
N ARG F 280 39.70 -25.25 -11.70
CA ARG F 280 38.29 -25.51 -11.73
C ARG F 280 37.57 -24.57 -12.67
N ARG F 281 38.28 -23.59 -13.22
CA ARG F 281 37.79 -22.55 -14.11
C ARG F 281 38.38 -22.62 -15.51
N GLY F 282 39.22 -23.59 -15.79
CA GLY F 282 39.60 -23.88 -17.14
C GLY F 282 41.06 -23.72 -17.44
N VAL F 283 41.82 -23.16 -16.56
CA VAL F 283 43.23 -22.90 -16.81
C VAL F 283 44.04 -24.20 -16.76
N PRO F 284 44.97 -24.39 -17.67
CA PRO F 284 45.75 -25.61 -17.67
C PRO F 284 46.91 -25.45 -16.75
N VAL F 285 47.14 -26.48 -15.96
CA VAL F 285 48.00 -26.36 -14.82
C VAL F 285 49.09 -27.40 -14.89
N LEU F 286 50.24 -26.98 -14.53
CA LEU F 286 51.36 -27.83 -14.33
C LEU F 286 51.76 -27.58 -12.90
N HIS F 287 51.61 -28.56 -12.10
CA HIS F 287 51.61 -28.38 -10.69
C HIS F 287 52.92 -28.94 -10.23
N LEU F 288 53.89 -28.11 -10.09
CA LEU F 288 55.18 -28.63 -9.65
C LEU F 288 55.22 -28.66 -8.15
N ILE F 289 54.59 -29.69 -7.65
CA ILE F 289 54.67 -30.06 -6.27
C ILE F 289 55.09 -31.52 -6.17
N PRO F 290 55.71 -31.95 -5.16
CA PRO F 290 56.17 -33.32 -5.17
C PRO F 290 55.26 -34.27 -4.44
N SER F 291 55.29 -35.54 -4.73
CA SER F 291 54.65 -36.53 -3.90
C SER F 291 55.65 -37.62 -3.59
N PRO F 292 56.04 -37.72 -2.35
CA PRO F 292 55.40 -37.05 -1.25
C PRO F 292 56.01 -35.77 -0.84
N PHE F 293 55.33 -35.07 -0.15
CA PHE F 293 55.80 -33.88 0.48
C PHE F 293 57.14 -34.13 1.10
N PRO F 294 57.95 -33.10 1.32
CA PRO F 294 59.16 -33.24 2.10
C PRO F 294 58.93 -33.75 3.53
N GLU F 295 59.97 -34.37 4.13
CA GLU F 295 59.91 -34.85 5.49
C GLU F 295 59.54 -33.77 6.44
N VAL F 296 60.21 -32.64 6.29
CA VAL F 296 60.04 -31.52 7.18
C VAL F 296 58.79 -30.72 6.93
N TRP F 297 57.94 -31.15 6.02
CA TRP F 297 56.67 -30.50 5.80
C TRP F 297 56.06 -30.04 7.08
N HIS F 298 55.74 -28.80 7.12
CA HIS F 298 55.09 -28.19 8.26
C HIS F 298 55.72 -28.56 9.57
N THR F 299 57.02 -28.74 9.61
CA THR F 299 57.72 -28.69 10.87
C THR F 299 58.72 -27.55 10.91
N MET F 300 59.18 -27.24 12.10
CA MET F 300 60.19 -26.22 12.26
C MET F 300 61.51 -26.55 11.59
N ASP F 301 61.70 -27.77 11.11
CA ASP F 301 62.87 -28.18 10.34
C ASP F 301 62.70 -27.92 8.85
N ASP F 302 61.75 -27.08 8.49
CA ASP F 302 61.63 -26.61 7.14
C ASP F 302 62.49 -25.40 7.05
N ASN F 303 63.72 -25.55 7.48
CA ASN F 303 64.69 -24.48 7.50
C ASN F 303 65.72 -24.61 6.38
N GLU F 304 66.65 -23.67 6.39
CA GLU F 304 67.72 -23.64 5.43
C GLU F 304 68.56 -24.88 5.49
N GLU F 305 68.86 -25.36 6.69
CA GLU F 305 69.76 -26.47 6.87
C GLU F 305 69.30 -27.65 6.10
N ASN F 306 68.02 -27.83 5.88
CA ASN F 306 67.58 -29.05 5.27
C ASN F 306 67.29 -28.94 3.81
N LEU F 307 67.62 -27.85 3.18
CA LEU F 307 67.54 -27.78 1.74
C LEU F 307 68.76 -28.36 1.12
N ASP F 308 68.63 -28.86 -0.06
CA ASP F 308 69.74 -29.38 -0.81
C ASP F 308 70.00 -28.38 -1.93
N GLU F 309 71.11 -27.65 -1.82
CA GLU F 309 71.65 -26.79 -2.85
C GLU F 309 71.62 -27.46 -4.21
N SER F 310 71.88 -28.70 -4.27
CA SER F 310 72.13 -29.26 -5.58
C SER F 310 70.83 -29.49 -6.31
N THR F 311 69.80 -29.95 -5.59
CA THR F 311 68.50 -30.19 -6.19
C THR F 311 67.86 -28.89 -6.70
N ILE F 312 68.11 -27.75 -6.08
CA ILE F 312 67.46 -26.54 -6.53
C ILE F 312 68.08 -25.99 -7.77
N ASP F 313 69.40 -25.75 -7.74
CA ASP F 313 70.21 -25.45 -8.92
C ASP F 313 69.81 -26.34 -10.06
N ASN F 314 69.63 -27.60 -9.82
CA ASN F 314 69.19 -28.45 -10.91
C ASN F 314 67.87 -28.01 -11.49
N LEU F 315 66.88 -27.73 -10.63
CA LEU F 315 65.55 -27.37 -11.09
C LEU F 315 65.51 -25.97 -11.61
N ASN F 316 66.27 -25.07 -11.01
CA ASN F 316 66.45 -23.77 -11.63
C ASN F 316 66.83 -23.89 -13.10
N LYS F 317 67.60 -24.91 -13.46
CA LYS F 317 68.00 -25.07 -14.84
C LYS F 317 66.93 -25.73 -15.66
N ILE F 318 66.34 -26.76 -15.16
CA ILE F 318 65.22 -27.29 -15.88
C ILE F 318 64.14 -26.21 -16.05
N LEU F 319 63.90 -25.41 -15.02
CA LEU F 319 62.80 -24.48 -15.16
C LEU F 319 63.13 -23.45 -16.21
N GLN F 320 64.30 -22.85 -16.10
CA GLN F 320 64.70 -21.74 -16.93
C GLN F 320 64.65 -22.12 -18.39
N VAL F 321 65.19 -23.25 -18.76
CA VAL F 321 64.99 -23.77 -20.09
C VAL F 321 63.53 -23.89 -20.44
N PHE F 322 62.72 -24.51 -19.62
CA PHE F 322 61.37 -24.82 -20.03
C PHE F 322 60.71 -23.60 -20.52
N VAL F 323 60.94 -22.55 -19.77
CA VAL F 323 60.27 -21.30 -19.99
C VAL F 323 60.71 -20.73 -21.30
N LEU F 324 62.01 -20.45 -21.40
CA LEU F 324 62.67 -19.98 -22.61
C LEU F 324 62.14 -20.66 -23.80
N GLU F 325 62.05 -21.98 -23.73
CA GLU F 325 61.53 -22.74 -24.84
C GLU F 325 60.07 -22.49 -25.06
N TYR F 326 59.29 -22.11 -24.04
CA TYR F 326 57.87 -21.80 -24.26
C TYR F 326 57.72 -20.51 -25.06
N LEU F 327 58.47 -19.51 -24.73
CA LEU F 327 58.42 -18.21 -25.29
C LEU F 327 59.17 -18.06 -26.59
N HIS F 328 59.73 -19.13 -27.17
CA HIS F 328 60.59 -19.04 -28.35
C HIS F 328 61.61 -17.96 -28.14
N LEU F 329 62.35 -18.10 -27.06
CA LEU F 329 63.51 -17.31 -26.78
C LEU F 329 64.67 -18.18 -26.53
N ALA G 1 -42.08 26.77 45.00
CA ALA G 1 -42.60 28.13 44.85
C ALA G 1 -42.84 28.80 46.18
N SER G 2 -42.97 30.13 46.17
CA SER G 2 -43.26 30.82 47.41
C SER G 2 -44.63 31.47 47.34
N ALA G 3 -44.91 32.41 48.25
CA ALA G 3 -46.19 33.09 48.29
C ALA G 3 -46.11 34.50 47.77
N TRP G 4 -44.99 35.20 47.94
CA TRP G 4 -44.98 36.62 47.59
C TRP G 4 -45.32 36.88 46.12
N PRO G 5 -45.02 36.06 45.20
CA PRO G 5 -45.52 36.33 43.85
C PRO G 5 -47.01 36.53 43.77
N GLU G 6 -47.74 36.05 44.74
CA GLU G 6 -49.18 36.21 44.71
C GLU G 6 -49.65 37.52 45.35
N GLU G 7 -48.82 38.12 46.22
CA GLU G 7 -49.17 39.31 46.98
C GLU G 7 -49.79 40.40 46.13
N LYS G 8 -49.74 40.27 44.85
CA LYS G 8 -50.16 41.35 43.99
C LYS G 8 -51.63 41.30 43.71
N ASN G 9 -52.27 40.15 43.84
CA ASN G 9 -53.69 40.07 43.61
C ASN G 9 -54.44 40.62 44.78
N TYR G 10 -53.73 40.91 45.85
CA TYR G 10 -54.35 41.25 47.10
C TYR G 10 -53.99 42.64 47.56
N HIS G 11 -53.24 43.36 46.80
CA HIS G 11 -52.79 44.63 47.27
C HIS G 11 -53.91 45.64 47.13
N GLN G 12 -54.08 46.49 48.13
CA GLN G 12 -54.99 47.61 48.00
C GLN G 12 -54.24 48.87 48.37
N PRO G 13 -54.74 50.03 47.93
CA PRO G 13 -54.08 51.29 48.16
C PRO G 13 -54.38 51.93 49.49
N ALA G 14 -53.48 52.83 49.86
CA ALA G 14 -53.58 53.67 51.05
C ALA G 14 -54.16 54.99 50.63
N ILE G 15 -55.47 54.97 50.38
CA ILE G 15 -56.18 56.11 49.83
C ILE G 15 -55.96 57.38 50.63
N LEU G 16 -55.94 58.48 49.94
CA LEU G 16 -55.55 59.72 50.54
C LEU G 16 -56.77 60.58 50.80
N ASN G 17 -56.64 61.45 51.78
CA ASN G 17 -57.66 62.40 52.18
C ASN G 17 -57.63 63.65 51.31
N SER G 18 -58.75 64.32 51.31
CA SER G 18 -58.82 65.58 50.59
C SER G 18 -57.72 66.54 51.00
N SER G 19 -57.36 66.60 52.27
CA SER G 19 -56.30 67.54 52.68
C SER G 19 -54.98 67.18 52.01
N ALA G 20 -54.65 65.88 52.03
CA ALA G 20 -53.43 65.40 51.40
C ALA G 20 -53.50 65.55 49.90
N LEU G 21 -54.64 65.19 49.30
CA LEU G 21 -54.74 65.40 47.87
C LEU G 21 -54.47 66.85 47.46
N ARG G 22 -54.64 67.81 48.35
CA ARG G 22 -54.31 69.18 47.99
C ARG G 22 -52.79 69.36 47.92
N GLN G 23 -52.04 68.86 48.90
CA GLN G 23 -50.60 69.11 48.90
C GLN G 23 -49.98 68.65 47.60
N ILE G 24 -50.33 67.46 47.19
CA ILE G 24 -49.72 66.89 46.00
C ILE G 24 -49.94 67.81 44.81
N ALA G 25 -51.19 68.24 44.61
CA ALA G 25 -51.50 69.06 43.45
C ALA G 25 -50.71 70.35 43.43
N GLU G 26 -50.33 70.82 44.59
CA GLU G 26 -49.50 72.00 44.67
C GLU G 26 -48.05 71.62 44.55
N GLY G 27 -47.69 70.45 45.07
CA GLY G 27 -46.35 69.91 45.05
C GLY G 27 -45.83 69.56 43.66
N THR G 28 -46.67 69.61 42.64
CA THR G 28 -46.17 69.51 41.27
C THR G 28 -46.17 70.88 40.63
N SER G 29 -45.18 71.09 39.78
CA SER G 29 -45.02 72.31 39.02
C SER G 29 -45.01 71.93 37.56
N ILE G 30 -46.07 72.25 36.85
CA ILE G 30 -46.04 71.98 35.42
C ILE G 30 -44.97 72.79 34.71
N SER G 31 -44.48 73.89 35.31
CA SER G 31 -43.50 74.71 34.58
C SER G 31 -42.08 74.25 34.82
N GLU G 32 -41.67 74.08 36.08
CA GLU G 32 -40.35 73.50 36.39
C GLU G 32 -40.22 72.06 35.93
N MET G 33 -41.28 71.55 35.33
CA MET G 33 -41.15 70.40 34.48
C MET G 33 -40.68 70.88 33.11
N TRP G 34 -41.51 71.65 32.47
CA TRP G 34 -41.28 72.06 31.09
C TRP G 34 -39.86 72.55 30.86
N GLN G 35 -39.39 73.46 31.68
CA GLN G 35 -38.13 74.14 31.37
C GLN G 35 -36.92 73.28 31.76
N ASN G 36 -37.12 72.32 32.65
CA ASN G 36 -36.01 71.62 33.26
C ASN G 36 -36.13 70.12 33.15
N ASP G 37 -37.20 69.60 32.64
CA ASP G 37 -37.37 68.16 32.53
C ASP G 37 -37.72 67.80 31.12
N LEU G 38 -38.46 68.63 30.43
CA LEU G 38 -38.97 68.23 29.14
C LEU G 38 -38.25 68.92 28.02
N GLN G 39 -37.86 70.15 28.17
CA GLN G 39 -37.30 70.82 27.01
C GLN G 39 -36.02 70.16 26.58
N PRO G 40 -35.04 69.93 27.45
CA PRO G 40 -33.85 69.17 27.07
C PRO G 40 -34.07 68.02 26.10
N LEU G 41 -35.21 67.35 26.14
CA LEU G 41 -35.41 66.10 25.44
C LEU G 41 -36.04 66.22 24.08
N LEU G 42 -36.38 67.39 23.63
CA LEU G 42 -37.09 67.42 22.36
C LEU G 42 -36.01 67.68 21.36
N ILE G 43 -35.49 66.59 20.80
CA ILE G 43 -34.29 66.63 19.98
C ILE G 43 -34.38 65.36 19.19
N GLU G 44 -33.80 65.36 17.98
CA GLU G 44 -33.63 64.09 17.30
C GLU G 44 -32.79 63.23 18.22
N ARG G 45 -33.29 62.03 18.52
CA ARG G 45 -32.67 61.13 19.47
C ARG G 45 -33.03 59.70 19.11
N TYR G 46 -32.99 59.37 17.85
CA TYR G 46 -33.20 57.99 17.50
C TYR G 46 -32.05 57.20 18.06
N PRO G 47 -32.14 55.87 18.10
CA PRO G 47 -31.14 55.12 18.83
C PRO G 47 -29.80 55.38 18.20
N GLY G 48 -28.82 55.70 19.03
CA GLY G 48 -27.45 55.84 18.61
C GLY G 48 -27.07 57.21 18.09
N SER G 49 -28.03 58.06 17.83
CA SER G 49 -27.76 59.42 17.46
C SER G 49 -27.17 60.19 18.62
N PRO G 50 -26.42 61.23 18.34
CA PRO G 50 -25.86 62.01 19.45
C PRO G 50 -26.91 62.59 20.30
N GLY G 51 -28.13 62.62 19.82
CA GLY G 51 -29.25 62.95 20.67
C GLY G 51 -29.53 61.90 21.72
N SER G 52 -29.61 60.64 21.30
CA SER G 52 -29.78 59.55 22.24
C SER G 52 -28.87 59.75 23.39
N TYR G 53 -27.59 59.97 23.12
CA TYR G 53 -26.70 60.07 24.26
C TYR G 53 -27.06 61.25 25.13
N ALA G 54 -27.40 62.38 24.52
CA ALA G 54 -27.74 63.52 25.33
C ALA G 54 -28.90 63.16 26.23
N ALA G 55 -30.02 62.79 25.61
CA ALA G 55 -31.18 62.31 26.33
C ALA G 55 -30.82 61.36 27.47
N ARG G 56 -30.27 60.23 27.12
CA ARG G 56 -29.83 59.34 28.15
C ARG G 56 -29.02 60.09 29.15
N GLN G 57 -28.20 61.02 28.68
CA GLN G 57 -27.41 61.81 29.59
C GLN G 57 -28.31 62.62 30.48
N HIS G 58 -29.24 63.35 29.87
CA HIS G 58 -30.11 64.26 30.60
C HIS G 58 -30.87 63.54 31.68
N ILE G 59 -31.68 62.58 31.29
CA ILE G 59 -32.46 61.79 32.22
C ILE G 59 -31.62 61.44 33.44
N MET G 60 -30.49 60.81 33.21
CA MET G 60 -29.66 60.37 34.31
C MET G 60 -29.33 61.53 35.20
N GLN G 61 -28.85 62.59 34.60
CA GLN G 61 -28.48 63.73 35.40
C GLN G 61 -29.61 64.10 36.33
N ARG G 62 -30.83 64.15 35.80
CA ARG G 62 -31.96 64.64 36.57
C ARG G 62 -32.32 63.71 37.71
N ILE G 63 -32.39 62.42 37.44
CA ILE G 63 -32.64 61.50 38.54
C ILE G 63 -31.48 61.53 39.52
N GLN G 64 -30.28 61.85 39.04
CA GLN G 64 -29.12 61.66 39.87
C GLN G 64 -29.10 62.68 40.98
N ARG G 65 -29.67 63.84 40.70
CA ARG G 65 -29.65 64.95 41.64
C ARG G 65 -30.84 64.92 42.57
N LEU G 66 -31.43 63.77 42.82
CA LEU G 66 -32.56 63.73 43.73
C LEU G 66 -32.10 63.02 44.98
N GLN G 67 -32.84 63.26 46.07
CA GLN G 67 -32.42 62.78 47.37
C GLN G 67 -32.59 61.26 47.46
N ALA G 68 -33.72 60.74 46.99
CA ALA G 68 -33.91 59.29 47.06
C ALA G 68 -32.70 58.54 46.48
N ASP G 69 -32.49 57.33 46.99
CA ASP G 69 -31.30 56.54 46.68
C ASP G 69 -31.64 55.66 45.51
N TRP G 70 -31.80 56.30 44.37
CA TRP G 70 -32.05 55.60 43.13
C TRP G 70 -30.79 54.90 42.60
N VAL G 71 -30.98 53.77 41.96
CA VAL G 71 -29.88 53.01 41.39
C VAL G 71 -30.13 52.99 39.90
N LEU G 72 -29.35 53.75 39.14
CA LEU G 72 -29.47 53.69 37.70
C LEU G 72 -28.74 52.51 37.13
N GLU G 73 -29.35 51.86 36.17
CA GLU G 73 -28.69 50.82 35.43
C GLU G 73 -28.81 51.23 33.98
N ILE G 74 -27.69 51.46 33.30
CA ILE G 74 -27.66 51.55 31.85
C ILE G 74 -27.35 50.20 31.30
N ASP G 75 -28.24 49.70 30.47
CA ASP G 75 -28.22 48.33 30.01
C ASP G 75 -28.09 48.44 28.52
N THR G 76 -26.86 48.69 28.08
CA THR G 76 -26.53 48.79 26.67
C THR G 76 -26.42 47.41 26.04
N PHE G 77 -27.21 47.15 25.04
CA PHE G 77 -27.19 45.88 24.39
C PHE G 77 -27.05 46.07 22.88
N LEU G 78 -26.93 44.98 22.15
CA LEU G 78 -26.75 45.01 20.72
C LEU G 78 -27.86 44.24 20.11
N SER G 79 -28.31 44.64 18.95
CA SER G 79 -29.38 43.93 18.31
C SER G 79 -29.41 44.23 16.84
N GLN G 80 -30.09 43.36 16.10
CA GLN G 80 -30.08 43.38 14.66
C GLN G 80 -31.24 44.22 14.23
N THR G 81 -31.05 44.92 13.14
CA THR G 81 -32.05 45.79 12.59
C THR G 81 -31.99 45.73 11.11
N PRO G 82 -32.90 46.43 10.42
CA PRO G 82 -32.86 46.49 8.98
C PRO G 82 -31.80 47.42 8.41
N TYR G 83 -30.88 47.89 9.24
CA TYR G 83 -29.67 48.55 8.78
C TYR G 83 -28.43 47.84 9.34
N GLY G 84 -28.60 46.69 9.94
CA GLY G 84 -27.49 46.08 10.57
C GLY G 84 -27.61 46.12 12.07
N TYR G 85 -26.48 45.99 12.74
CA TYR G 85 -26.40 45.84 14.19
C TYR G 85 -26.26 47.20 14.82
N ARG G 86 -27.15 47.55 15.75
CA ARG G 86 -27.02 48.85 16.38
C ARG G 86 -26.97 48.66 17.87
N SER G 87 -26.50 49.66 18.60
CA SER G 87 -26.26 49.58 20.05
C SER G 87 -27.29 50.41 20.82
N PHE G 88 -28.22 49.74 21.48
CA PHE G 88 -29.25 50.40 22.24
C PHE G 88 -28.78 50.57 23.67
N SER G 89 -29.56 51.25 24.51
CA SER G 89 -29.20 51.44 25.91
C SER G 89 -30.48 51.77 26.64
N ASN G 90 -31.01 50.83 27.43
CA ASN G 90 -32.21 51.06 28.25
C ASN G 90 -31.82 51.79 29.51
N ILE G 91 -32.73 52.58 30.09
CA ILE G 91 -32.46 53.24 31.38
C ILE G 91 -33.35 52.60 32.41
N ILE G 92 -32.79 52.29 33.56
CA ILE G 92 -33.48 51.55 34.58
C ILE G 92 -33.10 52.24 35.86
N SER G 93 -34.05 52.99 36.38
CA SER G 93 -33.94 53.63 37.68
C SER G 93 -34.75 52.87 38.75
N THR G 94 -34.13 52.62 39.86
CA THR G 94 -34.74 51.72 40.80
C THR G 94 -34.45 52.23 42.19
N LEU G 95 -35.43 52.03 43.08
CA LEU G 95 -35.30 52.19 44.52
C LEU G 95 -35.30 50.81 45.18
N ASN G 96 -34.31 50.57 46.00
CA ASN G 96 -34.34 49.35 46.79
C ASN G 96 -34.37 48.16 45.86
N PRO G 97 -33.32 48.03 45.09
CA PRO G 97 -33.19 46.94 44.16
C PRO G 97 -33.61 45.68 44.80
N THR G 98 -33.19 45.50 46.04
CA THR G 98 -33.59 44.31 46.76
C THR G 98 -35.10 44.29 46.95
N ALA G 99 -35.72 45.47 47.07
CA ALA G 99 -37.16 45.51 47.26
C ALA G 99 -37.79 44.50 46.34
N LYS G 100 -37.99 43.33 46.88
CA LYS G 100 -38.47 42.17 46.11
C LYS G 100 -39.48 42.50 45.05
N ARG G 101 -40.53 43.18 45.40
CA ARG G 101 -41.57 43.68 44.51
C ARG G 101 -41.34 45.14 44.12
N HIS G 102 -41.86 45.52 42.99
CA HIS G 102 -41.65 46.89 42.60
C HIS G 102 -42.80 47.29 41.72
N LEU G 103 -43.29 48.49 41.90
CA LEU G 103 -44.26 49.08 41.00
C LEU G 103 -43.44 49.86 40.04
N VAL G 104 -43.73 49.69 38.78
CA VAL G 104 -42.85 50.17 37.73
C VAL G 104 -43.60 51.13 36.85
N LEU G 105 -42.93 52.20 36.48
CA LEU G 105 -43.44 53.17 35.53
C LEU G 105 -42.55 53.18 34.33
N ALA G 106 -43.13 53.34 33.18
CA ALA G 106 -42.21 53.24 32.05
C ALA G 106 -42.72 53.93 30.80
N CYS G 107 -41.79 54.48 30.08
CA CYS G 107 -42.02 55.09 28.78
C CYS G 107 -40.85 54.74 27.89
N HIS G 108 -40.84 55.27 26.70
CA HIS G 108 -39.74 55.00 25.79
C HIS G 108 -39.08 56.27 25.36
N TYR G 109 -37.81 56.36 25.60
CA TYR G 109 -37.11 57.61 25.48
C TYR G 109 -36.45 57.76 24.16
N ASP G 110 -36.69 56.91 23.23
CA ASP G 110 -36.15 57.12 21.92
C ASP G 110 -37.10 58.01 21.16
N SER G 111 -36.64 58.51 20.00
CA SER G 111 -37.45 59.13 18.98
C SER G 111 -37.32 58.37 17.69
N LYS G 112 -38.42 58.08 17.04
CA LYS G 112 -38.38 57.42 15.76
C LYS G 112 -37.47 58.15 14.81
N TYR G 113 -36.69 57.37 14.06
CA TYR G 113 -35.76 57.96 13.09
C TYR G 113 -36.53 58.36 11.86
N PHE G 114 -36.46 59.64 11.59
CA PHE G 114 -36.86 60.20 10.33
C PHE G 114 -35.68 60.94 9.76
N SER G 115 -35.59 60.90 8.43
CA SER G 115 -34.65 61.74 7.72
C SER G 115 -34.87 63.18 8.14
N HIS G 116 -34.47 64.12 7.33
CA HIS G 116 -34.86 65.47 7.57
C HIS G 116 -35.70 65.85 6.36
N TRP G 117 -36.87 66.40 6.63
CA TRP G 117 -37.83 66.70 5.58
C TRP G 117 -38.16 68.18 5.66
N ASN G 118 -37.97 68.87 4.53
CA ASN G 118 -38.14 70.31 4.46
C ASN G 118 -37.50 70.97 5.67
N ASN G 119 -36.35 70.45 6.06
CA ASN G 119 -35.53 71.03 7.11
C ASN G 119 -36.10 70.82 8.50
N ARG G 120 -37.30 70.22 8.63
CA ARG G 120 -37.87 69.91 9.94
C ARG G 120 -37.40 68.54 10.44
N VAL G 121 -37.23 68.46 11.77
CA VAL G 121 -36.67 67.30 12.47
C VAL G 121 -37.71 66.79 13.45
N PHE G 122 -37.99 65.49 13.41
CA PHE G 122 -38.97 64.87 14.29
C PHE G 122 -38.42 64.70 15.69
N VAL G 123 -39.01 65.37 16.66
CA VAL G 123 -38.58 65.20 18.06
C VAL G 123 -39.54 64.35 18.87
N GLY G 124 -40.62 63.87 18.29
CA GLY G 124 -41.64 63.25 19.10
C GLY G 124 -41.96 63.91 20.43
N ALA G 125 -43.07 64.64 20.51
CA ALA G 125 -43.43 65.40 21.69
C ALA G 125 -44.29 64.60 22.62
N THR G 126 -45.28 63.98 22.07
CA THR G 126 -46.10 63.04 22.76
C THR G 126 -45.58 61.63 22.62
N ASP G 127 -44.40 61.40 22.07
CA ASP G 127 -43.96 60.04 21.74
C ASP G 127 -42.47 59.97 21.81
N SER G 128 -41.92 60.06 23.02
CA SER G 128 -42.67 60.14 24.26
C SER G 128 -41.99 61.04 25.11
N ALA G 129 -41.49 62.11 24.54
CA ALA G 129 -40.77 63.09 25.34
C ALA G 129 -41.51 63.40 26.60
N VAL G 130 -42.84 63.54 26.50
CA VAL G 130 -43.63 64.00 27.62
C VAL G 130 -43.69 62.93 28.69
N PRO G 131 -44.12 61.80 28.36
CA PRO G 131 -43.99 60.70 29.28
C PRO G 131 -42.71 60.68 30.10
N CYS G 132 -41.54 60.80 29.52
CA CYS G 132 -40.35 60.71 30.36
C CYS G 132 -40.32 61.83 31.36
N ALA G 133 -40.78 62.99 30.95
CA ALA G 133 -40.79 64.16 31.81
C ALA G 133 -41.76 63.93 32.91
N MET G 134 -42.95 63.48 32.55
CA MET G 134 -43.90 63.10 33.57
C MET G 134 -43.23 62.20 34.58
N MET G 135 -42.56 61.18 34.11
CA MET G 135 -41.89 60.27 35.00
C MET G 135 -40.82 60.99 35.79
N LEU G 136 -40.11 61.89 35.17
CA LEU G 136 -39.05 62.54 35.91
C LEU G 136 -39.62 63.50 36.94
N GLU G 137 -40.51 64.39 36.53
CA GLU G 137 -41.21 65.19 37.51
C GLU G 137 -41.69 64.31 38.66
N LEU G 138 -42.48 63.30 38.33
CA LEU G 138 -43.02 62.44 39.36
C LEU G 138 -41.99 62.09 40.41
N ALA G 139 -40.77 61.93 40.03
CA ALA G 139 -39.80 61.56 41.03
C ALA G 139 -39.21 62.75 41.69
N ARG G 140 -39.44 63.93 41.11
CA ARG G 140 -39.07 65.20 41.73
C ARG G 140 -40.18 65.75 42.57
N ALA G 141 -41.39 65.39 42.24
CA ALA G 141 -42.48 65.80 43.10
C ALA G 141 -42.52 64.96 44.37
N LEU G 142 -42.45 63.67 44.25
CA LEU G 142 -42.57 62.84 45.43
C LEU G 142 -41.25 62.53 46.08
N ASP G 143 -40.18 63.21 45.68
CA ASP G 143 -38.89 62.75 46.17
C ASP G 143 -38.89 62.61 47.67
N LYS G 144 -39.21 63.69 48.38
CA LYS G 144 -39.26 63.64 49.83
C LYS G 144 -40.01 62.40 50.28
N LYS G 145 -41.18 62.17 49.71
CA LYS G 145 -41.98 61.04 50.17
C LYS G 145 -41.32 59.71 49.86
N LEU G 146 -40.39 59.68 48.91
CA LEU G 146 -39.78 58.41 48.52
C LEU G 146 -38.64 58.01 49.43
N LEU G 147 -37.86 58.98 49.91
CA LEU G 147 -36.91 58.79 51.00
C LEU G 147 -37.40 57.86 52.11
N SER G 148 -38.69 57.88 52.36
CA SER G 148 -39.22 56.99 53.38
C SER G 148 -38.72 55.60 53.22
N LEU G 149 -38.29 55.25 52.03
CA LEU G 149 -37.93 53.88 51.70
C LEU G 149 -36.46 53.64 51.90
N LYS G 150 -35.92 54.04 53.05
CA LYS G 150 -34.54 53.78 53.42
C LYS G 150 -33.60 53.91 52.23
N PRO G 157 -45.09 46.11 54.33
CA PRO G 157 -44.97 45.43 53.03
C PRO G 157 -43.77 45.88 52.14
N ASP G 158 -43.05 44.87 51.60
CA ASP G 158 -41.73 44.99 50.95
C ASP G 158 -41.91 45.37 49.50
N LEU G 159 -41.93 46.67 49.22
CA LEU G 159 -42.34 47.13 47.90
C LEU G 159 -41.85 48.55 47.66
N SER G 160 -41.28 48.81 46.49
CA SER G 160 -40.75 50.15 46.19
C SER G 160 -40.99 50.48 44.72
N LEU G 161 -40.15 51.35 44.17
CA LEU G 161 -40.45 51.92 42.87
C LEU G 161 -39.30 51.75 41.88
N GLN G 162 -39.70 51.52 40.63
CA GLN G 162 -38.77 51.44 39.52
C GLN G 162 -39.29 52.18 38.31
N LEU G 163 -38.37 52.87 37.64
CA LEU G 163 -38.65 53.62 36.44
C LEU G 163 -37.83 53.07 35.31
N ILE G 164 -38.47 52.89 34.16
CA ILE G 164 -37.80 52.33 33.02
C ILE G 164 -38.10 53.21 31.85
N PHE G 165 -37.10 53.82 31.35
CA PHE G 165 -37.16 54.44 30.05
C PHE G 165 -36.57 53.50 29.01
N PHE G 166 -37.37 52.90 28.18
CA PHE G 166 -36.82 52.03 27.16
C PHE G 166 -36.09 52.80 26.07
N ASP G 167 -35.34 52.08 25.27
CA ASP G 167 -34.78 52.52 24.04
C ASP G 167 -35.37 51.71 22.90
N GLY G 168 -35.18 52.17 21.71
CA GLY G 168 -35.51 51.29 20.62
C GLY G 168 -36.91 50.82 20.50
N GLU G 169 -37.85 51.53 21.10
CA GLU G 169 -39.27 51.24 20.93
C GLU G 169 -39.66 51.31 19.52
N GLU G 170 -39.12 52.26 18.83
CA GLU G 170 -39.63 52.59 17.52
C GLU G 170 -38.95 51.78 16.47
N ALA G 171 -39.73 51.25 15.56
CA ALA G 171 -39.20 50.54 14.42
C ALA G 171 -38.35 51.48 13.62
N PHE G 172 -37.40 50.90 12.87
CA PHE G 172 -36.44 51.67 12.08
C PHE G 172 -36.89 51.84 10.67
N LEU G 173 -37.61 50.87 10.17
CA LEU G 173 -38.17 50.98 8.85
C LEU G 173 -39.65 50.81 8.96
N HIS G 174 -40.10 49.57 9.06
CA HIS G 174 -41.52 49.28 8.90
C HIS G 174 -41.98 48.31 9.98
N TRP G 175 -42.54 48.87 11.04
CA TRP G 175 -43.07 48.16 12.17
C TRP G 175 -43.27 46.70 11.88
N SER G 176 -42.80 45.89 12.79
CA SER G 176 -42.81 44.47 12.60
C SER G 176 -42.30 43.78 13.85
N PRO G 177 -42.62 42.56 14.07
CA PRO G 177 -42.01 41.84 15.15
C PRO G 177 -40.55 42.08 15.25
N GLN G 178 -39.83 41.80 14.17
CA GLN G 178 -38.39 41.76 14.20
C GLN G 178 -37.80 43.16 14.23
N ASP G 179 -38.55 44.17 13.76
CA ASP G 179 -38.16 45.57 13.77
C ASP G 179 -39.11 46.38 14.64
N SER G 180 -38.77 46.54 15.92
CA SER G 180 -39.56 47.23 16.91
C SER G 180 -39.31 46.79 18.33
N LEU G 181 -39.46 47.67 19.27
CA LEU G 181 -39.40 47.26 20.67
C LEU G 181 -38.08 46.62 20.93
N TYR G 182 -37.06 47.10 20.26
CA TYR G 182 -35.73 46.57 20.51
C TYR G 182 -35.43 46.52 21.98
N GLY G 183 -35.88 47.47 22.74
CA GLY G 183 -35.31 47.68 24.05
C GLY G 183 -36.01 47.02 25.19
N SER G 184 -37.24 46.60 24.94
CA SER G 184 -38.10 45.98 25.91
C SER G 184 -38.30 44.50 25.66
N ARG G 185 -38.35 44.09 24.40
CA ARG G 185 -38.20 42.69 24.11
C ARG G 185 -36.98 42.09 24.81
N HIS G 186 -35.90 42.82 24.79
CA HIS G 186 -34.62 42.43 25.33
C HIS G 186 -34.57 42.46 26.82
N LEU G 187 -35.09 43.48 27.41
CA LEU G 187 -35.08 43.53 28.86
C LEU G 187 -36.15 42.62 29.45
N ALA G 188 -37.25 42.39 28.75
CA ALA G 188 -38.23 41.46 29.23
C ALA G 188 -37.60 40.12 29.42
N ALA G 189 -36.74 39.74 28.51
CA ALA G 189 -36.14 38.44 28.58
C ALA G 189 -34.98 38.44 29.50
N LYS G 190 -34.16 39.47 29.46
CA LYS G 190 -33.17 39.60 30.50
C LYS G 190 -33.80 39.43 31.86
N MET G 191 -35.02 39.91 32.04
CA MET G 191 -35.63 39.84 33.35
C MET G 191 -36.30 38.49 33.60
N ALA G 192 -36.86 37.88 32.59
CA ALA G 192 -37.53 36.64 32.81
C ALA G 192 -36.57 35.57 33.21
N SER G 193 -35.30 35.87 33.14
CA SER G 193 -34.31 34.89 33.42
C SER G 193 -33.34 35.35 34.46
N THR G 194 -33.64 36.39 35.17
CA THR G 194 -32.82 36.72 36.32
C THR G 194 -33.51 36.39 37.65
N PRO G 195 -33.01 35.47 38.45
CA PRO G 195 -33.77 35.13 39.62
C PRO G 195 -33.84 36.35 40.49
N HIS G 196 -34.97 36.49 41.19
CA HIS G 196 -35.23 37.60 42.13
C HIS G 196 -35.95 37.03 43.33
N PRO G 197 -35.64 37.50 44.53
CA PRO G 197 -34.56 38.42 44.82
C PRO G 197 -33.26 37.66 44.65
N PRO G 198 -32.11 38.25 44.90
CA PRO G 198 -30.89 37.48 44.76
C PRO G 198 -31.06 36.12 45.42
N GLY G 199 -30.30 35.16 44.98
CA GLY G 199 -30.33 33.86 45.62
C GLY G 199 -31.56 33.02 45.32
N ALA G 200 -32.61 33.56 44.76
CA ALA G 200 -33.78 32.76 44.68
C ALA G 200 -33.54 31.58 43.82
N ARG G 201 -34.48 30.67 43.80
CA ARG G 201 -34.32 29.46 43.02
C ARG G 201 -35.34 29.25 41.95
N GLY G 202 -36.42 29.94 41.96
CA GLY G 202 -37.47 29.59 41.02
C GLY G 202 -38.31 30.75 40.60
N THR G 203 -37.92 31.96 41.01
CA THR G 203 -38.62 33.22 40.82
C THR G 203 -37.79 34.24 40.02
N SER G 204 -38.41 34.84 39.01
CA SER G 204 -37.77 35.78 38.11
C SER G 204 -38.12 37.21 38.39
N GLN G 205 -37.21 38.09 38.12
CA GLN G 205 -37.42 39.50 38.35
C GLN G 205 -38.72 39.99 37.77
N LEU G 206 -39.35 39.22 36.87
CA LEU G 206 -40.65 39.57 36.39
C LEU G 206 -41.73 39.20 37.37
N HIS G 207 -41.50 38.20 38.19
CA HIS G 207 -42.41 37.97 39.29
C HIS G 207 -42.46 39.20 40.15
N GLY G 208 -41.33 39.72 40.57
CA GLY G 208 -41.29 40.92 41.36
C GLY G 208 -41.88 42.18 40.75
N MET G 209 -42.46 42.08 39.55
CA MET G 209 -43.09 43.22 38.88
C MET G 209 -44.56 43.22 39.22
N ASP G 210 -44.90 44.12 40.16
CA ASP G 210 -46.25 44.23 40.69
C ASP G 210 -47.23 44.69 39.64
N LEU G 211 -46.90 45.75 38.99
CA LEU G 211 -47.69 46.22 37.91
C LEU G 211 -46.76 47.08 37.14
N LEU G 212 -46.96 47.08 35.84
CA LEU G 212 -46.27 47.94 34.92
C LEU G 212 -47.22 49.01 34.37
N VAL G 213 -46.89 50.25 34.65
CA VAL G 213 -47.62 51.39 34.12
C VAL G 213 -46.86 51.94 32.95
N LEU G 214 -47.45 51.85 31.79
CA LEU G 214 -46.76 52.29 30.59
C LEU G 214 -47.41 53.55 30.11
N LEU G 215 -46.62 54.61 30.04
CA LEU G 215 -47.01 55.91 29.55
C LEU G 215 -46.54 56.06 28.14
N ASP G 216 -47.44 56.39 27.24
CA ASP G 216 -47.07 56.46 25.85
C ASP G 216 -48.06 57.40 25.21
N LEU G 217 -47.59 58.34 24.39
CA LEU G 217 -48.42 59.19 23.54
C LEU G 217 -49.23 60.23 24.32
N ILE G 218 -48.59 60.87 25.29
CA ILE G 218 -49.26 61.73 26.25
C ILE G 218 -48.83 63.17 26.01
N GLY G 219 -49.78 64.01 25.58
CA GLY G 219 -49.59 65.44 25.55
C GLY G 219 -50.58 66.21 24.71
N ALA G 220 -51.35 65.52 23.94
CA ALA G 220 -52.33 66.14 23.16
C ALA G 220 -53.41 66.55 24.11
N PRO G 221 -54.42 67.28 23.64
CA PRO G 221 -55.52 67.64 24.50
C PRO G 221 -56.63 66.64 24.31
N ASN G 222 -57.34 66.41 25.41
CA ASN G 222 -58.53 65.57 25.41
C ASN G 222 -58.24 64.14 25.04
N PRO G 223 -57.34 63.50 25.76
CA PRO G 223 -57.12 62.07 25.62
C PRO G 223 -58.23 61.21 26.21
N THR G 224 -58.46 60.07 25.56
CA THR G 224 -59.40 59.03 26.03
C THR G 224 -58.71 57.68 26.27
N PHE G 225 -58.07 57.51 27.41
CA PHE G 225 -57.45 56.24 27.75
C PHE G 225 -58.41 55.08 27.97
N PRO G 226 -58.39 54.02 27.16
CA PRO G 226 -59.24 52.87 27.44
C PRO G 226 -58.65 51.94 28.49
N ASN G 227 -59.48 50.99 28.97
CA ASN G 227 -59.08 49.95 29.92
C ASN G 227 -58.90 48.65 29.16
N PHE G 228 -57.65 48.32 28.88
CA PHE G 228 -57.32 47.22 28.00
C PHE G 228 -57.38 45.88 28.67
N PHE G 229 -56.95 45.76 29.96
CA PHE G 229 -56.67 44.49 30.63
C PHE G 229 -57.20 44.38 32.05
N PRO G 230 -57.78 43.22 32.39
CA PRO G 230 -58.59 43.11 33.60
C PRO G 230 -57.86 42.83 34.82
N ASN G 231 -56.68 42.32 34.78
CA ASN G 231 -56.00 42.20 36.05
C ASN G 231 -55.44 43.53 36.46
N SER G 232 -55.69 44.50 35.65
CA SER G 232 -55.40 45.86 35.98
C SER G 232 -56.65 46.71 36.11
N ALA G 233 -57.75 46.33 35.45
CA ALA G 233 -58.97 47.12 35.57
C ALA G 233 -59.15 47.68 36.97
N ARG G 234 -59.07 46.85 37.98
CA ARG G 234 -59.20 47.40 39.31
C ARG G 234 -58.26 48.58 39.45
N TRP G 235 -57.11 48.54 38.84
CA TRP G 235 -56.22 49.65 39.09
C TRP G 235 -56.53 50.80 38.17
N PHE G 236 -57.20 50.55 37.08
CA PHE G 236 -57.69 51.63 36.23
C PHE G 236 -58.78 52.41 36.93
N GLU G 237 -59.64 51.71 37.66
CA GLU G 237 -60.74 52.34 38.33
C GLU G 237 -60.23 53.24 39.43
N ARG G 238 -59.04 52.96 39.94
CA ARG G 238 -58.42 53.91 40.86
C ARG G 238 -58.04 55.16 40.14
N LEU G 239 -57.88 55.08 38.84
CA LEU G 239 -57.56 56.29 38.12
C LEU G 239 -58.81 57.12 37.96
N GLN G 240 -59.89 56.50 37.51
CA GLN G 240 -61.16 57.19 37.43
C GLN G 240 -61.49 57.92 38.74
N ALA G 241 -61.35 57.22 39.86
CA ALA G 241 -61.75 57.78 41.14
C ALA G 241 -60.81 58.87 41.60
N ILE G 242 -59.56 58.79 41.25
CA ILE G 242 -58.69 59.91 41.52
C ILE G 242 -59.07 61.06 40.62
N GLU G 243 -59.40 60.76 39.36
CA GLU G 243 -59.68 61.82 38.38
C GLU G 243 -60.91 62.58 38.77
N HIS G 244 -62.03 61.89 38.76
CA HIS G 244 -63.25 62.38 39.35
C HIS G 244 -62.96 63.20 40.59
N GLU G 245 -62.33 62.62 41.59
CA GLU G 245 -62.22 63.33 42.85
C GLU G 245 -61.43 64.63 42.71
N LEU G 246 -60.25 64.59 42.12
CA LEU G 246 -59.51 65.83 41.95
C LEU G 246 -60.29 66.86 41.17
N HIS G 247 -61.33 66.43 40.46
CA HIS G 247 -62.18 67.36 39.75
C HIS G 247 -63.18 68.01 40.67
N GLU G 248 -63.87 67.17 41.45
CA GLU G 248 -64.86 67.65 42.38
C GLU G 248 -64.29 68.74 43.26
N LEU G 249 -62.97 68.88 43.30
CA LEU G 249 -62.37 70.05 43.91
C LEU G 249 -61.66 70.87 42.87
N GLY G 250 -62.01 70.69 41.60
CA GLY G 250 -61.39 71.34 40.45
C GLY G 250 -59.93 71.63 40.60
N LEU G 251 -59.16 70.79 41.34
CA LEU G 251 -57.69 70.91 41.38
C LEU G 251 -57.09 70.73 40.02
N LEU G 252 -57.91 70.37 39.05
CA LEU G 252 -57.51 70.21 37.67
C LEU G 252 -57.60 71.53 36.88
N LYS G 253 -57.77 71.46 35.57
CA LYS G 253 -57.92 72.68 34.78
C LYS G 253 -58.45 72.32 33.40
N ASP G 254 -59.24 73.18 32.86
CA ASP G 254 -59.94 72.90 31.63
C ASP G 254 -60.56 71.54 31.68
N HIS G 255 -60.77 71.03 32.87
CA HIS G 255 -61.20 69.65 33.03
C HIS G 255 -62.71 69.53 33.08
N SER G 256 -63.26 68.73 32.20
CA SER G 256 -64.67 68.42 32.23
C SER G 256 -64.91 67.06 32.85
N LEU G 257 -66.17 66.68 32.86
CA LEU G 257 -66.62 65.31 33.03
C LEU G 257 -67.35 64.82 31.80
N GLU G 258 -67.81 65.72 30.97
CA GLU G 258 -68.19 65.37 29.62
C GLU G 258 -67.00 64.91 28.81
N GLY G 259 -65.80 65.12 29.31
CA GLY G 259 -64.61 64.71 28.60
C GLY G 259 -63.55 64.45 29.62
N ARG G 260 -63.80 63.43 30.42
CA ARG G 260 -62.77 62.94 31.30
C ARG G 260 -61.84 62.07 30.50
N TYR G 261 -60.68 61.78 31.08
CA TYR G 261 -59.67 61.05 30.38
C TYR G 261 -59.95 59.55 30.45
N PHE G 262 -60.22 59.05 31.64
CA PHE G 262 -60.40 57.61 31.87
C PHE G 262 -61.86 57.25 31.90
N GLN G 263 -62.39 56.72 30.83
CA GLN G 263 -63.82 56.52 30.76
C GLN G 263 -64.15 55.09 30.51
N ASN G 264 -65.25 54.64 31.10
CA ASN G 264 -65.68 53.26 31.06
C ASN G 264 -66.01 52.79 29.64
N TYR G 265 -64.98 52.61 28.84
CA TYR G 265 -65.12 52.21 27.43
C TYR G 265 -64.03 51.20 27.16
N SER G 266 -64.34 49.93 27.38
CA SER G 266 -63.36 48.94 27.02
C SER G 266 -63.01 49.05 25.53
N TYR G 267 -61.82 48.59 25.24
CA TYR G 267 -61.29 48.58 23.90
C TYR G 267 -61.52 47.17 23.38
N GLY G 268 -61.55 47.04 22.07
CA GLY G 268 -61.49 45.71 21.56
C GLY G 268 -60.18 45.03 21.93
N GLY G 269 -59.16 45.12 21.06
CA GLY G 269 -57.94 44.31 21.12
C GLY G 269 -56.69 44.89 21.75
N VAL G 270 -55.59 45.01 21.02
CA VAL G 270 -54.39 45.55 21.64
C VAL G 270 -53.57 46.37 20.65
N ILE G 271 -52.91 47.36 21.21
CA ILE G 271 -51.90 48.16 20.56
C ILE G 271 -50.55 47.53 20.82
N GLN G 272 -49.73 47.40 19.81
CA GLN G 272 -48.40 46.89 20.10
C GLN G 272 -47.52 47.99 20.65
N ASP G 273 -46.91 47.77 21.78
CA ASP G 273 -46.01 48.77 22.32
C ASP G 273 -45.12 48.02 23.29
N ASP G 274 -44.41 48.73 24.16
CA ASP G 274 -43.35 48.12 24.96
C ASP G 274 -43.85 47.11 26.01
N HIS G 275 -45.13 47.00 26.22
CA HIS G 275 -45.63 46.02 27.18
C HIS G 275 -45.68 44.63 26.58
N ILE G 276 -45.91 44.45 25.29
CA ILE G 276 -46.16 43.12 24.81
C ILE G 276 -45.16 42.18 25.47
N PRO G 277 -43.87 42.48 25.44
CA PRO G 277 -42.91 41.50 25.94
C PRO G 277 -43.14 41.14 27.35
N PHE G 278 -43.57 42.09 28.16
CA PHE G 278 -43.93 41.77 29.53
C PHE G 278 -45.28 41.12 29.60
N LEU G 279 -46.31 41.68 28.96
CA LEU G 279 -47.59 41.02 29.05
C LEU G 279 -47.52 39.56 28.71
N ARG G 280 -46.76 39.18 27.71
CA ARG G 280 -46.86 37.79 27.25
C ARG G 280 -46.07 36.84 28.15
N ARG G 281 -45.50 37.35 29.21
CA ARG G 281 -44.99 36.53 30.28
C ARG G 281 -45.80 36.73 31.52
N GLY G 282 -47.02 37.27 31.36
CA GLY G 282 -48.03 37.36 32.40
C GLY G 282 -47.86 38.46 33.42
N VAL G 283 -47.23 39.54 33.06
CA VAL G 283 -47.15 40.72 33.90
C VAL G 283 -48.44 41.53 33.83
N PRO G 284 -48.72 42.33 34.80
CA PRO G 284 -49.89 43.20 34.72
C PRO G 284 -49.58 44.60 34.23
N VAL G 285 -50.34 45.07 33.25
CA VAL G 285 -50.05 46.32 32.54
C VAL G 285 -51.18 47.35 32.65
N LEU G 286 -50.82 48.57 33.01
CA LEU G 286 -51.67 49.73 32.86
C LEU G 286 -51.13 50.48 31.67
N HIS G 287 -51.76 50.27 30.53
CA HIS G 287 -51.28 50.79 29.27
C HIS G 287 -51.94 52.15 29.10
N LEU G 288 -51.27 53.16 29.61
CA LEU G 288 -51.78 54.51 29.56
C LEU G 288 -51.43 55.13 28.22
N ILE G 289 -52.00 54.52 27.18
CA ILE G 289 -51.92 54.99 25.82
C ILE G 289 -53.30 55.42 25.38
N PRO G 290 -53.49 56.64 24.89
CA PRO G 290 -54.82 57.05 24.48
C PRO G 290 -55.16 56.35 23.23
N SER G 291 -56.44 56.28 22.93
CA SER G 291 -56.98 55.65 21.75
C SER G 291 -58.21 56.34 21.44
N PRO G 292 -58.18 57.13 20.39
CA PRO G 292 -57.19 57.19 19.32
C PRO G 292 -55.92 57.98 19.61
N PHE G 293 -54.87 57.71 18.86
CA PHE G 293 -53.60 58.38 19.05
C PHE G 293 -53.74 59.84 18.66
N PRO G 294 -52.87 60.67 19.10
CA PRO G 294 -52.95 62.05 18.65
C PRO G 294 -53.00 62.27 17.15
N GLU G 295 -53.34 63.50 16.75
CA GLU G 295 -53.40 63.84 15.32
C GLU G 295 -52.00 63.94 14.76
N VAL G 296 -51.13 64.58 15.53
CA VAL G 296 -49.76 64.86 15.17
C VAL G 296 -48.93 63.61 15.32
N TRP G 297 -49.58 62.44 15.29
CA TRP G 297 -48.91 61.16 15.49
C TRP G 297 -48.07 60.82 14.28
N HIS G 298 -46.80 60.55 14.53
CA HIS G 298 -45.85 60.20 13.48
C HIS G 298 -46.01 61.14 12.28
N THR G 299 -45.88 62.43 12.62
CA THR G 299 -45.88 63.59 11.73
C THR G 299 -45.09 64.66 12.41
N MET G 300 -44.52 65.59 11.65
CA MET G 300 -43.51 66.44 12.28
C MET G 300 -44.12 67.46 13.24
N ASP G 301 -45.44 67.45 13.39
CA ASP G 301 -46.17 68.40 14.23
C ASP G 301 -46.41 67.85 15.63
N ASP G 302 -45.86 66.69 15.96
CA ASP G 302 -45.79 66.23 17.33
C ASP G 302 -44.74 67.07 18.04
N ASN G 303 -44.96 68.37 18.20
CA ASN G 303 -43.96 69.27 18.77
C ASN G 303 -44.49 69.98 20.00
N GLU G 304 -43.63 70.82 20.56
CA GLU G 304 -43.94 71.56 21.76
C GLU G 304 -45.12 72.49 21.61
N GLU G 305 -45.68 72.65 20.40
CA GLU G 305 -46.68 73.68 20.12
C GLU G 305 -48.06 73.10 20.03
N ASN G 306 -48.14 71.80 19.84
CA ASN G 306 -49.43 71.14 19.94
C ASN G 306 -49.60 70.37 21.23
N LEU G 307 -48.87 70.71 22.27
CA LEU G 307 -49.05 70.13 23.60
C LEU G 307 -49.98 70.96 24.47
N ASP G 308 -50.74 70.29 25.33
CA ASP G 308 -51.75 70.90 26.15
C ASP G 308 -51.29 70.94 27.59
N GLU G 309 -50.44 71.87 27.90
CA GLU G 309 -49.99 72.17 29.25
C GLU G 309 -50.91 71.69 30.36
N SER G 310 -52.22 71.74 30.09
CA SER G 310 -53.20 71.53 31.14
C SER G 310 -53.59 70.06 31.27
N THR G 311 -53.91 69.39 30.17
CA THR G 311 -53.99 67.94 30.21
C THR G 311 -52.81 67.25 30.91
N ILE G 312 -51.62 67.82 30.83
CA ILE G 312 -50.47 67.16 31.39
C ILE G 312 -50.35 67.44 32.85
N ASP G 313 -50.51 68.68 33.22
CA ASP G 313 -50.43 68.98 34.63
C ASP G 313 -51.47 68.22 35.40
N ASN G 314 -52.50 67.77 34.71
CA ASN G 314 -53.56 67.05 35.37
C ASN G 314 -53.20 65.59 35.56
N LEU G 315 -52.86 64.92 34.46
CA LEU G 315 -52.39 63.56 34.52
C LEU G 315 -51.23 63.50 35.48
N ASN G 316 -50.34 64.47 35.38
CA ASN G 316 -49.23 64.48 36.33
C ASN G 316 -49.71 64.39 37.75
N LYS G 317 -50.93 64.81 38.00
CA LYS G 317 -51.46 64.85 39.35
C LYS G 317 -52.19 63.55 39.64
N ILE G 318 -53.04 63.14 38.70
CA ILE G 318 -53.70 61.85 38.77
C ILE G 318 -52.69 60.75 39.05
N LEU G 319 -51.79 60.56 38.10
CA LEU G 319 -50.63 59.71 38.24
C LEU G 319 -49.99 59.81 39.60
N GLN G 320 -49.38 60.95 39.91
CA GLN G 320 -48.58 61.07 41.13
C GLN G 320 -49.33 60.59 42.34
N VAL G 321 -50.63 60.77 42.35
CA VAL G 321 -51.39 60.38 43.49
C VAL G 321 -51.28 58.88 43.55
N PHE G 322 -51.97 58.24 42.63
CA PHE G 322 -52.01 56.81 42.43
C PHE G 322 -50.78 56.11 42.91
N VAL G 323 -49.63 56.64 42.57
CA VAL G 323 -48.40 56.07 43.01
C VAL G 323 -48.27 56.12 44.53
N LEU G 324 -48.66 57.22 45.17
CA LEU G 324 -48.58 57.22 46.62
C LEU G 324 -49.56 56.21 47.23
N GLU G 325 -50.67 56.02 46.58
CA GLU G 325 -51.66 55.13 47.10
C GLU G 325 -51.25 53.70 46.91
N TYR G 326 -50.59 53.39 45.82
CA TYR G 326 -49.99 52.06 45.68
C TYR G 326 -48.92 51.84 46.73
N LEU G 327 -48.09 52.80 47.00
CA LEU G 327 -46.98 52.54 47.88
C LEU G 327 -47.24 52.94 49.31
N HIS G 328 -48.51 53.07 49.71
CA HIS G 328 -48.88 53.41 51.08
C HIS G 328 -48.02 54.54 51.63
N LEU G 329 -47.86 55.57 50.81
CA LEU G 329 -47.31 56.83 51.26
C LEU G 329 -48.38 57.89 51.04
N ALA H 1 9.36 -51.92 -0.02
CA ALA H 1 10.33 -52.27 -1.05
C ALA H 1 10.12 -53.69 -1.53
N SER H 2 11.08 -54.23 -2.27
CA SER H 2 11.14 -55.66 -2.55
C SER H 2 12.60 -56.09 -2.50
N ALA H 3 12.89 -57.28 -2.99
CA ALA H 3 14.24 -57.80 -2.96
C ALA H 3 14.85 -57.94 -4.34
N TRP H 4 14.12 -57.71 -5.41
CA TRP H 4 14.72 -57.92 -6.70
C TRP H 4 15.82 -56.92 -6.96
N PRO H 5 15.86 -55.76 -6.32
CA PRO H 5 16.95 -54.83 -6.61
C PRO H 5 18.29 -55.26 -6.08
N GLU H 6 18.34 -56.32 -5.30
CA GLU H 6 19.60 -56.88 -4.83
C GLU H 6 20.04 -58.10 -5.61
N GLU H 7 19.23 -58.67 -6.48
CA GLU H 7 19.69 -59.73 -7.33
C GLU H 7 21.04 -59.40 -7.98
N LYS H 8 21.25 -58.15 -8.34
CA LYS H 8 22.50 -57.81 -8.99
C LYS H 8 23.66 -58.20 -8.15
N ASN H 9 23.53 -58.02 -6.87
CA ASN H 9 24.67 -58.15 -6.02
C ASN H 9 25.12 -59.57 -5.98
N TYR H 10 24.24 -60.49 -6.29
CA TYR H 10 24.56 -61.88 -6.20
C TYR H 10 24.69 -62.53 -7.54
N HIS H 11 24.60 -61.77 -8.62
CA HIS H 11 24.47 -62.31 -9.95
C HIS H 11 25.76 -62.78 -10.47
N GLN H 12 25.75 -63.98 -11.07
CA GLN H 12 26.95 -64.69 -11.45
C GLN H 12 27.01 -64.93 -12.95
N PRO H 13 28.20 -64.86 -13.57
CA PRO H 13 28.30 -65.18 -14.99
C PRO H 13 28.31 -66.66 -15.34
N ALA H 14 27.80 -66.93 -16.54
CA ALA H 14 27.78 -68.24 -17.16
C ALA H 14 29.07 -68.32 -17.96
N ILE H 15 30.15 -68.56 -17.25
CA ILE H 15 31.44 -68.59 -17.89
C ILE H 15 31.31 -69.44 -19.15
N LEU H 16 32.01 -69.07 -20.21
CA LEU H 16 31.83 -69.76 -21.47
C LEU H 16 32.92 -70.79 -21.72
N ASN H 17 32.56 -71.84 -22.45
CA ASN H 17 33.54 -72.84 -22.91
C ASN H 17 34.41 -72.30 -24.06
N SER H 18 35.63 -72.83 -24.16
CA SER H 18 36.51 -72.40 -25.25
C SER H 18 35.94 -72.70 -26.63
N SER H 19 34.91 -73.52 -26.76
CA SER H 19 34.26 -73.62 -28.06
C SER H 19 33.52 -72.36 -28.40
N ALA H 20 32.64 -71.92 -27.50
CA ALA H 20 31.90 -70.69 -27.76
C ALA H 20 32.87 -69.52 -28.00
N LEU H 21 33.96 -69.43 -27.24
CA LEU H 21 34.82 -68.26 -27.36
C LEU H 21 35.37 -68.14 -28.76
N ARG H 22 35.92 -69.21 -29.28
CA ARG H 22 36.22 -69.22 -30.69
C ARG H 22 35.00 -68.76 -31.47
N GLN H 23 33.82 -69.37 -31.21
CA GLN H 23 32.66 -69.00 -32.01
C GLN H 23 32.42 -67.49 -31.97
N ILE H 24 32.53 -66.92 -30.78
CA ILE H 24 32.32 -65.48 -30.61
C ILE H 24 33.39 -64.72 -31.36
N ALA H 25 34.65 -65.05 -31.09
CA ALA H 25 35.74 -64.34 -31.72
C ALA H 25 35.68 -64.44 -33.24
N GLU H 26 35.18 -65.55 -33.74
CA GLU H 26 35.04 -65.65 -35.17
C GLU H 26 33.94 -64.72 -35.63
N GLY H 27 32.94 -64.50 -34.79
CA GLY H 27 31.75 -63.76 -35.12
C GLY H 27 31.81 -62.25 -35.11
N THR H 28 32.99 -61.62 -34.94
CA THR H 28 33.12 -60.17 -35.03
C THR H 28 34.22 -59.80 -36.04
N SER H 29 33.89 -58.93 -36.97
CA SER H 29 34.81 -58.52 -38.02
C SER H 29 35.24 -57.11 -37.78
N ILE H 30 36.41 -56.94 -37.19
CA ILE H 30 36.90 -55.58 -36.99
C ILE H 30 36.77 -54.76 -38.24
N SER H 31 36.77 -55.38 -39.41
CA SER H 31 36.81 -54.59 -40.61
C SER H 31 35.43 -54.10 -41.02
N GLU H 32 34.33 -54.84 -40.77
CA GLU H 32 33.02 -54.32 -41.16
C GLU H 32 32.55 -53.23 -40.20
N MET H 33 32.87 -53.37 -38.92
CA MET H 33 32.67 -52.26 -37.98
C MET H 33 33.34 -51.03 -38.52
N TRP H 34 34.53 -51.21 -39.06
CA TRP H 34 35.38 -50.08 -39.35
C TRP H 34 34.94 -49.29 -40.54
N GLN H 35 34.13 -49.86 -41.43
CA GLN H 35 33.69 -49.15 -42.60
C GLN H 35 32.20 -48.94 -42.59
N ASN H 36 31.48 -49.76 -41.85
CA ASN H 36 30.04 -49.66 -41.85
C ASN H 36 29.50 -48.93 -40.64
N ASP H 37 30.17 -49.03 -39.51
CA ASP H 37 29.75 -48.40 -38.26
C ASP H 37 30.65 -47.23 -37.89
N LEU H 38 31.96 -47.36 -38.02
CA LEU H 38 32.84 -46.34 -37.50
C LEU H 38 33.07 -45.19 -38.45
N GLN H 39 33.13 -45.45 -39.72
CA GLN H 39 33.55 -44.39 -40.62
C GLN H 39 32.49 -43.30 -40.63
N PRO H 40 31.21 -43.67 -40.74
CA PRO H 40 30.15 -42.66 -40.80
C PRO H 40 30.16 -41.69 -39.68
N LEU H 41 30.67 -42.10 -38.53
CA LEU H 41 30.67 -41.32 -37.33
C LEU H 41 31.89 -40.45 -37.17
N LEU H 42 32.84 -40.52 -38.07
CA LEU H 42 34.04 -39.73 -37.87
C LEU H 42 33.91 -38.29 -38.27
N ILE H 43 32.86 -37.63 -37.85
CA ILE H 43 32.54 -36.31 -38.35
C ILE H 43 32.38 -35.34 -37.20
N GLU H 44 32.61 -34.07 -37.44
CA GLU H 44 32.31 -33.07 -36.42
C GLU H 44 30.86 -33.25 -35.96
N ARG H 45 30.61 -33.45 -34.63
CA ARG H 45 29.30 -33.75 -34.12
C ARG H 45 29.00 -33.13 -32.74
N TYR H 46 29.56 -31.99 -32.47
CA TYR H 46 29.23 -31.36 -31.26
C TYR H 46 27.76 -31.09 -31.26
N PRO H 47 27.18 -30.87 -30.10
CA PRO H 47 25.76 -30.87 -30.00
C PRO H 47 25.18 -29.71 -30.75
N GLY H 48 24.04 -29.95 -31.32
CA GLY H 48 23.31 -28.92 -31.99
C GLY H 48 23.64 -28.78 -33.42
N SER H 49 24.65 -29.52 -33.91
CA SER H 49 25.23 -29.41 -35.21
C SER H 49 24.67 -30.41 -36.20
N PRO H 50 24.81 -30.14 -37.46
CA PRO H 50 24.27 -31.07 -38.41
C PRO H 50 24.90 -32.43 -38.30
N GLY H 51 26.11 -32.52 -37.75
CA GLY H 51 26.70 -33.82 -37.52
C GLY H 51 26.14 -34.54 -36.33
N SER H 52 25.73 -33.80 -35.32
CA SER H 52 24.97 -34.43 -34.28
C SER H 52 23.81 -35.13 -34.91
N TYR H 53 23.04 -34.42 -35.72
CA TYR H 53 21.91 -35.08 -36.34
C TYR H 53 22.37 -36.24 -37.19
N ALA H 54 23.35 -36.03 -37.99
CA ALA H 54 23.74 -37.09 -38.89
C ALA H 54 24.26 -38.34 -38.18
N ALA H 55 24.86 -38.15 -37.01
CA ALA H 55 25.45 -39.25 -36.30
C ALA H 55 24.39 -40.01 -35.55
N ARG H 56 23.51 -39.24 -34.95
CA ARG H 56 22.38 -39.83 -34.29
C ARG H 56 21.62 -40.70 -35.22
N GLN H 57 21.28 -40.18 -36.39
CA GLN H 57 20.50 -40.98 -37.33
C GLN H 57 21.25 -42.20 -37.74
N HIS H 58 22.52 -42.01 -38.02
CA HIS H 58 23.36 -43.15 -38.35
C HIS H 58 23.23 -44.22 -37.32
N ILE H 59 23.09 -43.84 -36.07
CA ILE H 59 23.12 -44.85 -35.03
C ILE H 59 21.87 -45.70 -35.06
N MET H 60 20.71 -45.08 -35.07
CA MET H 60 19.49 -45.85 -35.08
C MET H 60 19.43 -46.73 -36.31
N GLN H 61 19.79 -46.17 -37.46
CA GLN H 61 19.60 -46.93 -38.69
C GLN H 61 20.18 -48.30 -38.54
N ARG H 62 21.36 -48.40 -37.94
CA ARG H 62 22.07 -49.67 -37.87
C ARG H 62 21.48 -50.57 -36.81
N ILE H 63 21.04 -49.99 -35.70
CA ILE H 63 20.28 -50.77 -34.75
C ILE H 63 18.97 -51.15 -35.35
N GLN H 64 18.41 -50.25 -36.12
CA GLN H 64 17.10 -50.51 -36.68
C GLN H 64 17.13 -51.77 -37.52
N ARG H 65 18.07 -51.85 -38.43
CA ARG H 65 18.05 -52.96 -39.36
C ARG H 65 18.36 -54.28 -38.69
N LEU H 66 18.70 -54.27 -37.40
CA LEU H 66 18.99 -55.50 -36.68
C LEU H 66 17.72 -56.25 -36.30
N GLN H 67 17.91 -57.54 -36.03
CA GLN H 67 16.84 -58.49 -35.81
C GLN H 67 16.20 -58.32 -34.44
N ALA H 68 17.02 -58.32 -33.40
CA ALA H 68 16.54 -58.08 -32.07
C ALA H 68 15.43 -57.06 -32.08
N ASP H 69 14.69 -56.99 -31.00
CA ASP H 69 13.62 -56.02 -30.89
C ASP H 69 14.03 -54.88 -29.97
N TRP H 70 14.95 -54.09 -30.48
CA TRP H 70 15.39 -52.92 -29.77
C TRP H 70 14.33 -51.83 -29.84
N VAL H 71 14.27 -51.05 -28.79
CA VAL H 71 13.32 -49.97 -28.63
C VAL H 71 14.10 -48.67 -28.60
N LEU H 72 14.41 -48.09 -29.74
CA LEU H 72 15.04 -46.79 -29.73
C LEU H 72 14.13 -45.76 -29.15
N GLU H 73 14.67 -44.91 -28.30
CA GLU H 73 14.01 -43.75 -27.73
C GLU H 73 14.90 -42.57 -28.04
N ILE H 74 14.41 -41.34 -28.05
CA ILE H 74 15.27 -40.18 -28.29
C ILE H 74 14.98 -39.13 -27.24
N ASP H 75 15.77 -39.07 -26.20
CA ASP H 75 15.54 -38.17 -25.09
C ASP H 75 16.05 -36.80 -25.48
N THR H 76 15.26 -36.06 -26.22
CA THR H 76 15.65 -34.72 -26.55
C THR H 76 15.27 -33.79 -25.42
N PHE H 77 16.22 -32.99 -24.96
CA PHE H 77 16.04 -32.19 -23.77
C PHE H 77 16.80 -30.91 -23.94
N LEU H 78 16.57 -29.94 -23.07
CA LEU H 78 17.14 -28.62 -23.16
C LEU H 78 17.89 -28.28 -21.90
N SER H 79 19.03 -27.61 -22.00
CA SER H 79 19.78 -27.25 -20.81
C SER H 79 20.63 -26.03 -21.07
N GLN H 80 21.09 -25.41 -19.97
CA GLN H 80 21.74 -24.12 -19.98
C GLN H 80 23.21 -24.39 -20.14
N THR H 81 23.86 -23.53 -20.86
CA THR H 81 25.27 -23.63 -21.11
C THR H 81 25.96 -22.30 -21.00
N PRO H 82 27.24 -22.27 -21.16
CA PRO H 82 27.85 -20.99 -21.31
C PRO H 82 27.32 -20.25 -22.50
N TYR H 83 27.08 -20.87 -23.63
CA TYR H 83 26.65 -20.08 -24.76
C TYR H 83 25.17 -19.90 -24.74
N GLY H 84 24.52 -20.15 -23.62
CA GLY H 84 23.10 -19.99 -23.48
C GLY H 84 22.38 -21.31 -23.46
N TYR H 85 21.11 -21.28 -23.76
CA TYR H 85 20.34 -22.50 -23.79
C TYR H 85 20.67 -23.24 -25.03
N ARG H 86 20.44 -24.54 -25.00
CA ARG H 86 20.84 -25.34 -26.13
C ARG H 86 20.17 -26.67 -25.96
N SER H 87 19.89 -27.34 -27.07
CA SER H 87 19.30 -28.65 -27.12
C SER H 87 20.33 -29.74 -27.35
N PHE H 88 19.97 -30.95 -26.89
CA PHE H 88 20.77 -32.15 -26.72
C PHE H 88 19.87 -33.38 -26.88
N SER H 89 20.36 -34.48 -27.40
CA SER H 89 19.45 -35.62 -27.55
C SER H 89 20.22 -36.88 -27.30
N ASN H 90 19.79 -37.66 -26.30
CA ASN H 90 20.37 -38.95 -25.91
C ASN H 90 19.66 -40.06 -26.64
N ILE H 91 20.38 -41.09 -27.04
CA ILE H 91 19.79 -42.25 -27.67
C ILE H 91 19.75 -43.39 -26.67
N ILE H 92 18.59 -44.00 -26.50
CA ILE H 92 18.43 -45.14 -25.61
C ILE H 92 17.85 -46.27 -26.41
N SER H 93 18.65 -47.26 -26.70
CA SER H 93 18.20 -48.48 -27.32
C SER H 93 17.97 -49.47 -26.20
N THR H 94 16.92 -50.25 -26.27
CA THR H 94 16.59 -51.13 -25.17
C THR H 94 15.97 -52.42 -25.68
N LEU H 95 16.29 -53.52 -25.04
CA LEU H 95 15.57 -54.76 -25.24
C LEU H 95 14.78 -55.07 -23.99
N ASN H 96 13.54 -55.47 -24.18
CA ASN H 96 12.69 -55.87 -23.07
C ASN H 96 12.64 -54.70 -22.04
N PRO H 97 12.16 -53.55 -22.50
CA PRO H 97 12.09 -52.45 -21.53
C PRO H 97 11.32 -52.79 -20.31
N THR H 98 10.49 -53.80 -20.37
CA THR H 98 9.78 -54.22 -19.18
C THR H 98 10.61 -55.17 -18.32
N ALA H 99 11.62 -55.79 -18.87
CA ALA H 99 12.54 -56.42 -17.95
C ALA H 99 12.88 -55.40 -16.88
N LYS H 100 12.81 -55.87 -15.64
CA LYS H 100 13.19 -55.08 -14.48
C LYS H 100 14.65 -54.69 -14.50
N ARG H 101 15.55 -55.66 -14.55
CA ARG H 101 16.98 -55.42 -14.46
C ARG H 101 17.62 -55.39 -15.81
N HIS H 102 18.51 -54.44 -16.02
CA HIS H 102 19.25 -54.37 -17.26
C HIS H 102 20.74 -54.25 -16.98
N LEU H 103 21.50 -54.77 -17.93
CA LEU H 103 22.91 -54.45 -18.09
C LEU H 103 22.96 -53.30 -19.03
N VAL H 104 23.81 -52.33 -18.77
CA VAL H 104 23.82 -51.16 -19.59
C VAL H 104 25.22 -50.84 -20.08
N LEU H 105 25.32 -50.60 -21.39
CA LEU H 105 26.53 -50.25 -22.10
C LEU H 105 26.44 -48.81 -22.51
N ALA H 106 27.50 -48.06 -22.34
CA ALA H 106 27.35 -46.69 -22.73
C ALA H 106 28.64 -46.01 -23.24
N CYS H 107 28.45 -45.02 -24.06
CA CYS H 107 29.51 -44.15 -24.46
C CYS H 107 28.82 -42.87 -24.82
N HIS H 108 29.56 -41.87 -25.18
CA HIS H 108 28.98 -40.64 -25.63
C HIS H 108 29.27 -40.45 -27.08
N TYR H 109 28.32 -39.91 -27.79
CA TYR H 109 28.41 -39.79 -29.22
C TYR H 109 28.68 -38.40 -29.75
N ASP H 110 28.90 -37.41 -28.92
CA ASP H 110 29.16 -36.07 -29.35
C ASP H 110 30.64 -35.88 -29.48
N SER H 111 31.06 -34.84 -30.14
CA SER H 111 32.46 -34.53 -30.22
C SER H 111 32.74 -33.15 -29.65
N LYS H 112 33.87 -32.98 -29.01
CA LYS H 112 34.10 -31.67 -28.46
C LYS H 112 34.13 -30.59 -29.53
N TYR H 113 33.74 -29.43 -29.15
CA TYR H 113 33.83 -28.34 -30.07
C TYR H 113 35.25 -27.87 -30.07
N PHE H 114 35.78 -27.66 -31.26
CA PHE H 114 37.00 -26.87 -31.44
C PHE H 114 36.87 -26.00 -32.67
N SER H 115 37.28 -24.74 -32.59
CA SER H 115 37.44 -24.02 -33.83
C SER H 115 38.43 -24.76 -34.70
N HIS H 116 38.25 -24.63 -36.01
CA HIS H 116 39.13 -25.22 -37.01
C HIS H 116 40.54 -24.64 -36.94
N TRP H 117 41.54 -25.51 -36.98
CA TRP H 117 42.92 -25.06 -36.90
C TRP H 117 43.69 -25.61 -38.08
N ASN H 118 44.34 -24.72 -38.83
CA ASN H 118 45.08 -25.11 -40.01
C ASN H 118 44.30 -26.12 -40.79
N ASN H 119 43.08 -25.80 -41.07
CA ASN H 119 42.30 -26.67 -41.93
C ASN H 119 42.05 -28.02 -41.31
N ARG H 120 42.15 -28.13 -40.01
CA ARG H 120 41.84 -29.41 -39.38
C ARG H 120 40.59 -29.29 -38.52
N VAL H 121 39.83 -30.39 -38.47
CA VAL H 121 38.60 -30.49 -37.71
C VAL H 121 38.69 -31.67 -36.73
N PHE H 122 38.08 -31.54 -35.53
CA PHE H 122 38.20 -32.53 -34.49
C PHE H 122 37.14 -33.59 -34.62
N VAL H 123 37.49 -34.83 -34.47
CA VAL H 123 36.49 -35.88 -34.58
C VAL H 123 36.64 -36.99 -33.53
N GLY H 124 37.38 -36.76 -32.47
CA GLY H 124 37.52 -37.75 -31.47
C GLY H 124 37.16 -39.13 -31.94
N ALA H 125 38.10 -39.74 -32.56
CA ALA H 125 37.88 -41.13 -32.88
C ALA H 125 37.97 -41.98 -31.65
N THR H 126 39.01 -41.76 -30.85
CA THR H 126 39.03 -42.29 -29.48
C THR H 126 37.78 -41.93 -28.73
N ASP H 127 37.33 -40.70 -28.89
CA ASP H 127 36.52 -39.91 -28.02
C ASP H 127 35.34 -39.36 -28.80
N SER H 128 34.32 -40.17 -29.09
CA SER H 128 34.24 -41.60 -28.70
C SER H 128 33.65 -42.34 -29.81
N ALA H 129 33.98 -41.91 -31.00
CA ALA H 129 33.59 -42.62 -32.19
C ALA H 129 33.76 -44.11 -32.05
N VAL H 130 34.95 -44.56 -31.71
CA VAL H 130 35.17 -45.98 -31.62
C VAL H 130 34.24 -46.60 -30.60
N PRO H 131 34.15 -46.15 -29.44
CA PRO H 131 33.13 -46.61 -28.54
C PRO H 131 31.77 -46.73 -29.17
N CYS H 132 31.27 -45.65 -29.77
CA CYS H 132 29.99 -45.77 -30.44
C CYS H 132 29.95 -47.01 -31.29
N ALA H 133 30.97 -47.20 -32.10
CA ALA H 133 31.00 -48.34 -32.99
C ALA H 133 31.16 -49.65 -32.23
N MET H 134 32.13 -49.75 -31.35
CA MET H 134 32.27 -51.04 -30.73
C MET H 134 30.93 -51.56 -30.20
N MET H 135 30.03 -50.67 -29.78
CA MET H 135 28.75 -51.07 -29.22
C MET H 135 27.83 -51.57 -30.30
N LEU H 136 27.57 -50.74 -31.30
CA LEU H 136 26.89 -51.21 -32.48
C LEU H 136 27.40 -52.57 -32.98
N GLU H 137 28.69 -52.73 -33.09
CA GLU H 137 29.23 -54.00 -33.57
C GLU H 137 28.86 -55.14 -32.65
N LEU H 138 28.86 -54.91 -31.34
CA LEU H 138 28.33 -55.91 -30.41
C LEU H 138 26.84 -56.20 -30.66
N ALA H 139 26.07 -55.18 -30.97
CA ALA H 139 24.68 -55.44 -31.27
C ALA H 139 24.51 -56.22 -32.54
N ARG H 140 25.34 -55.97 -33.52
CA ARG H 140 25.36 -56.88 -34.63
C ARG H 140 25.83 -58.18 -34.06
N ALA H 141 27.14 -58.28 -33.95
CA ALA H 141 27.81 -59.51 -33.61
C ALA H 141 26.94 -60.47 -32.86
N LEU H 142 26.06 -59.98 -31.99
CA LEU H 142 25.33 -60.84 -31.10
C LEU H 142 23.85 -60.88 -31.37
N ASP H 143 23.40 -60.22 -32.41
CA ASP H 143 21.98 -60.06 -32.49
C ASP H 143 21.32 -61.41 -32.44
N LYS H 144 21.93 -62.38 -33.06
CA LYS H 144 21.30 -63.66 -33.13
C LYS H 144 21.18 -64.24 -31.75
N LYS H 145 22.18 -64.01 -30.92
CA LYS H 145 22.06 -64.56 -29.59
C LYS H 145 21.21 -63.65 -28.74
N LEU H 146 21.24 -62.35 -29.00
CA LEU H 146 20.38 -61.43 -28.26
C LEU H 146 18.92 -61.72 -28.49
N LEU H 147 18.61 -62.22 -29.66
CA LEU H 147 17.28 -62.68 -29.98
C LEU H 147 16.62 -63.52 -28.91
N SER H 148 17.39 -64.18 -28.06
CA SER H 148 16.88 -65.15 -27.11
C SER H 148 16.17 -64.52 -25.91
N LEU H 149 16.02 -63.22 -25.84
CA LEU H 149 15.35 -62.63 -24.69
C LEU H 149 13.92 -62.25 -25.00
N LYS H 150 13.31 -62.82 -26.03
CA LYS H 150 11.97 -62.48 -26.51
C LYS H 150 11.96 -61.05 -27.09
N PRO H 157 15.86 -65.31 -14.81
CA PRO H 157 16.04 -63.99 -14.21
C PRO H 157 15.30 -62.99 -15.04
N ASP H 158 15.10 -61.76 -14.62
CA ASP H 158 14.55 -60.76 -15.53
C ASP H 158 15.60 -59.70 -15.81
N LEU H 159 16.57 -60.09 -16.60
CA LEU H 159 17.72 -59.28 -16.90
C LEU H 159 17.71 -59.07 -18.38
N SER H 160 18.06 -57.87 -18.83
CA SER H 160 18.20 -57.68 -20.24
C SER H 160 19.29 -56.68 -20.46
N LEU H 161 19.30 -56.08 -21.64
CA LEU H 161 20.40 -55.29 -22.16
C LEU H 161 19.88 -53.98 -22.68
N GLN H 162 20.74 -52.96 -22.61
CA GLN H 162 20.38 -51.61 -22.98
C GLN H 162 21.61 -50.83 -23.42
N LEU H 163 21.53 -50.19 -24.59
CA LEU H 163 22.61 -49.33 -25.01
C LEU H 163 22.20 -47.92 -24.74
N ILE H 164 23.16 -47.08 -24.42
CA ILE H 164 22.91 -45.68 -24.23
C ILE H 164 24.03 -44.93 -24.83
N PHE H 165 23.71 -44.04 -25.76
CA PHE H 165 24.64 -43.08 -26.31
C PHE H 165 24.33 -41.68 -25.84
N PHE H 166 25.15 -41.10 -25.02
CA PHE H 166 24.95 -39.79 -24.47
C PHE H 166 25.38 -38.67 -25.38
N ASP H 167 24.68 -37.57 -25.35
CA ASP H 167 25.02 -36.32 -25.97
C ASP H 167 25.57 -35.40 -24.91
N GLY H 168 26.01 -34.27 -25.33
CA GLY H 168 26.79 -33.38 -24.50
C GLY H 168 27.65 -33.90 -23.39
N GLU H 169 28.38 -34.97 -23.54
CA GLU H 169 29.38 -35.30 -22.55
C GLU H 169 30.47 -34.26 -22.50
N GLU H 170 30.75 -33.60 -23.57
CA GLU H 170 31.95 -32.81 -23.62
C GLU H 170 31.62 -31.41 -23.20
N ALA H 171 32.52 -30.79 -22.48
CA ALA H 171 32.35 -29.39 -22.12
C ALA H 171 32.34 -28.54 -23.36
N PHE H 172 31.44 -27.57 -23.38
CA PHE H 172 31.48 -26.52 -24.39
C PHE H 172 32.76 -25.73 -24.31
N LEU H 173 33.05 -25.23 -23.15
CA LEU H 173 34.20 -24.37 -23.01
C LEU H 173 35.22 -24.98 -22.09
N HIS H 174 35.01 -24.83 -20.81
CA HIS H 174 36.03 -25.02 -19.78
C HIS H 174 35.47 -26.08 -18.85
N TRP H 175 35.99 -27.31 -18.92
CA TRP H 175 35.52 -28.42 -18.09
C TRP H 175 35.27 -27.98 -16.68
N SER H 176 34.11 -28.35 -16.19
CA SER H 176 33.49 -27.90 -14.96
C SER H 176 32.23 -28.68 -14.71
N PRO H 177 31.81 -28.79 -13.48
CA PRO H 177 30.54 -29.45 -13.21
C PRO H 177 29.38 -28.95 -13.98
N GLN H 178 29.16 -27.63 -14.03
CA GLN H 178 28.01 -27.06 -14.72
C GLN H 178 28.17 -27.08 -16.23
N ASP H 179 29.35 -27.45 -16.73
CA ASP H 179 29.67 -27.47 -18.14
C ASP H 179 30.32 -28.79 -18.43
N SER H 180 29.52 -29.82 -18.61
CA SER H 180 30.02 -31.13 -18.94
C SER H 180 28.85 -32.05 -18.83
N LEU H 181 29.09 -33.31 -18.98
CA LEU H 181 28.07 -34.30 -18.85
C LEU H 181 26.63 -33.86 -19.06
N TYR H 182 26.33 -32.97 -20.00
CA TYR H 182 24.95 -32.49 -20.13
C TYR H 182 23.93 -33.59 -20.29
N GLY H 183 24.24 -34.60 -20.96
CA GLY H 183 23.22 -35.57 -21.20
C GLY H 183 23.15 -36.67 -20.19
N SER H 184 24.24 -36.96 -19.48
CA SER H 184 24.13 -38.00 -18.48
C SER H 184 23.52 -37.47 -17.18
N ARG H 185 23.81 -36.24 -16.81
CA ARG H 185 23.20 -35.61 -15.68
C ARG H 185 21.71 -35.54 -15.84
N HIS H 186 21.25 -35.37 -17.05
CA HIS H 186 19.84 -35.31 -17.28
C HIS H 186 19.21 -36.65 -17.21
N LEU H 187 19.86 -37.67 -17.67
CA LEU H 187 19.22 -38.99 -17.61
C LEU H 187 19.37 -39.70 -16.26
N ALA H 188 20.43 -39.55 -15.52
CA ALA H 188 20.40 -40.07 -14.19
C ALA H 188 19.20 -39.54 -13.47
N ALA H 189 18.94 -38.24 -13.64
CA ALA H 189 17.89 -37.61 -12.87
C ALA H 189 16.54 -38.06 -13.35
N LYS H 190 16.33 -38.09 -14.62
CA LYS H 190 15.10 -38.63 -15.14
C LYS H 190 14.87 -40.05 -14.66
N MET H 191 15.91 -40.86 -14.64
CA MET H 191 15.73 -42.27 -14.36
C MET H 191 15.56 -42.49 -12.88
N ALA H 192 16.25 -41.66 -12.11
CA ALA H 192 16.12 -41.75 -10.70
C ALA H 192 14.72 -41.53 -10.23
N SER H 193 13.85 -41.03 -11.07
CA SER H 193 12.53 -40.63 -10.71
C SER H 193 11.49 -41.20 -11.66
N THR H 194 11.79 -42.23 -12.35
CA THR H 194 10.81 -42.90 -13.16
C THR H 194 10.69 -44.23 -12.47
N PRO H 195 9.56 -44.57 -11.91
CA PRO H 195 9.43 -45.84 -11.20
C PRO H 195 9.59 -47.02 -12.13
N HIS H 196 10.19 -48.07 -11.63
CA HIS H 196 10.38 -49.24 -12.47
C HIS H 196 10.17 -50.38 -11.55
N PRO H 197 9.45 -51.39 -12.00
CA PRO H 197 8.79 -51.39 -13.32
C PRO H 197 7.49 -50.60 -13.33
N PRO H 198 6.93 -50.37 -14.47
CA PRO H 198 5.70 -49.61 -14.49
C PRO H 198 4.81 -50.04 -13.34
N GLY H 199 4.59 -49.11 -12.44
CA GLY H 199 3.65 -49.34 -11.38
C GLY H 199 4.27 -49.42 -10.02
N ALA H 200 5.56 -49.55 -9.95
CA ALA H 200 6.13 -49.76 -8.65
C ALA H 200 5.87 -48.53 -7.84
N ARG H 201 6.29 -48.57 -6.61
CA ARG H 201 5.92 -47.58 -5.63
C ARG H 201 7.13 -47.02 -4.91
N GLY H 202 8.33 -47.53 -5.18
CA GLY H 202 9.51 -47.14 -4.46
C GLY H 202 10.81 -47.56 -5.10
N THR H 203 10.77 -47.97 -6.36
CA THR H 203 11.93 -48.44 -7.10
C THR H 203 12.07 -47.72 -8.43
N SER H 204 13.22 -47.08 -8.66
CA SER H 204 13.44 -46.32 -9.89
C SER H 204 13.99 -47.18 -11.01
N GLN H 205 14.10 -46.55 -12.17
CA GLN H 205 14.75 -47.18 -13.30
C GLN H 205 16.24 -47.41 -13.07
N LEU H 206 16.86 -46.72 -12.09
CA LEU H 206 18.21 -46.86 -11.66
C LEU H 206 18.42 -48.01 -10.76
N HIS H 207 17.36 -48.60 -10.25
CA HIS H 207 17.46 -49.83 -9.50
C HIS H 207 17.58 -51.02 -10.43
N GLY H 208 16.93 -50.99 -11.58
CA GLY H 208 17.16 -51.98 -12.60
C GLY H 208 18.55 -51.95 -13.24
N MET H 209 19.36 -50.92 -13.01
CA MET H 209 20.67 -50.82 -13.66
C MET H 209 21.61 -51.68 -12.89
N ASP H 210 21.81 -52.88 -13.39
CA ASP H 210 22.62 -53.87 -12.72
C ASP H 210 24.04 -53.48 -12.73
N LEU H 211 24.45 -52.89 -13.80
CA LEU H 211 25.81 -52.45 -13.89
C LEU H 211 25.88 -51.53 -15.09
N LEU H 212 26.48 -50.38 -14.98
CA LEU H 212 26.73 -49.52 -16.13
C LEU H 212 28.13 -49.68 -16.67
N VAL H 213 28.26 -50.19 -17.90
CA VAL H 213 29.56 -50.30 -18.56
C VAL H 213 29.71 -49.13 -19.49
N LEU H 214 30.74 -48.34 -19.23
CA LEU H 214 30.91 -47.05 -19.84
C LEU H 214 32.22 -47.12 -20.53
N LEU H 215 32.19 -46.96 -21.87
CA LEU H 215 33.33 -47.03 -22.73
C LEU H 215 33.75 -45.65 -23.12
N ASP H 216 35.00 -45.37 -22.96
CA ASP H 216 35.44 -44.05 -23.32
C ASP H 216 36.90 -44.10 -23.69
N LEU H 217 37.28 -43.31 -24.70
CA LEU H 217 38.65 -43.06 -25.02
C LEU H 217 39.41 -44.33 -25.41
N ILE H 218 38.75 -45.14 -26.19
CA ILE H 218 39.27 -46.41 -26.63
C ILE H 218 39.65 -46.37 -28.09
N GLY H 219 40.77 -46.98 -28.41
CA GLY H 219 41.17 -47.10 -29.80
C GLY H 219 42.62 -46.78 -30.00
N ALA H 220 43.33 -46.34 -29.01
CA ALA H 220 44.75 -46.24 -29.17
C ALA H 220 45.31 -47.63 -28.98
N PRO H 221 46.62 -47.77 -29.10
CA PRO H 221 47.26 -49.03 -28.75
C PRO H 221 47.83 -49.04 -27.33
N ASN H 222 48.08 -50.23 -26.84
CA ASN H 222 48.59 -50.40 -25.47
C ASN H 222 47.88 -49.57 -24.40
N PRO H 223 46.62 -49.81 -24.17
CA PRO H 223 45.95 -49.05 -23.14
C PRO H 223 45.98 -49.83 -21.86
N THR H 224 45.82 -49.14 -20.75
CA THR H 224 45.71 -49.75 -19.42
C THR H 224 44.43 -49.31 -18.73
N PHE H 225 43.47 -50.19 -18.62
CA PHE H 225 42.29 -49.90 -17.83
C PHE H 225 42.46 -50.25 -16.36
N PRO H 226 42.37 -49.30 -15.45
CA PRO H 226 42.44 -49.64 -14.04
C PRO H 226 41.12 -50.16 -13.54
N ASN H 227 41.19 -50.80 -12.38
CA ASN H 227 40.04 -51.25 -11.62
C ASN H 227 39.64 -50.12 -10.71
N PHE H 228 38.44 -49.63 -10.89
CA PHE H 228 38.20 -48.35 -10.31
C PHE H 228 37.39 -48.47 -9.04
N PHE H 229 36.47 -49.42 -8.98
CA PHE H 229 35.51 -49.40 -7.91
C PHE H 229 35.33 -50.78 -7.30
N PRO H 230 35.32 -50.89 -5.98
CA PRO H 230 35.31 -52.20 -5.38
C PRO H 230 34.05 -52.93 -5.63
N ASN H 231 33.01 -52.25 -5.87
CA ASN H 231 31.75 -52.90 -6.13
C ASN H 231 31.58 -53.32 -7.53
N SER H 232 32.63 -53.24 -8.32
CA SER H 232 32.65 -53.74 -9.68
C SER H 232 33.89 -54.57 -9.94
N ALA H 233 34.77 -54.71 -8.97
CA ALA H 233 36.00 -55.41 -9.22
C ALA H 233 35.82 -56.86 -9.66
N ARG H 234 34.81 -57.54 -9.17
CA ARG H 234 34.62 -58.87 -9.65
C ARG H 234 34.22 -58.88 -11.06
N TRP H 235 33.82 -57.78 -11.57
CA TRP H 235 33.54 -57.75 -12.99
C TRP H 235 34.75 -57.28 -13.76
N PHE H 236 35.61 -56.52 -13.15
CA PHE H 236 36.90 -56.33 -13.75
C PHE H 236 37.66 -57.65 -13.76
N GLU H 237 37.55 -58.43 -12.71
CA GLU H 237 38.25 -59.68 -12.77
C GLU H 237 37.69 -60.52 -13.87
N ARG H 238 36.40 -60.46 -14.12
CA ARG H 238 35.99 -61.25 -15.26
C ARG H 238 36.47 -60.69 -16.58
N LEU H 239 37.06 -59.54 -16.59
CA LEU H 239 37.57 -59.02 -17.83
C LEU H 239 39.03 -59.36 -17.99
N GLN H 240 39.67 -59.69 -16.91
CA GLN H 240 40.94 -60.35 -16.97
C GLN H 240 40.79 -61.77 -17.44
N ALA H 241 40.05 -62.55 -16.68
CA ALA H 241 39.86 -63.96 -16.98
C ALA H 241 39.46 -64.20 -18.41
N ILE H 242 38.77 -63.26 -19.02
CA ILE H 242 38.38 -63.39 -20.42
C ILE H 242 39.51 -62.93 -21.32
N GLU H 243 40.18 -61.85 -21.00
CA GLU H 243 41.36 -61.48 -21.77
C GLU H 243 42.30 -62.65 -21.75
N HIS H 244 42.66 -63.06 -20.55
CA HIS H 244 43.72 -64.02 -20.37
C HIS H 244 43.39 -65.39 -20.91
N GLU H 245 42.17 -65.68 -21.27
CA GLU H 245 41.90 -66.97 -21.86
C GLU H 245 41.85 -66.91 -23.35
N LEU H 246 41.37 -65.82 -23.92
CA LEU H 246 41.38 -65.70 -25.36
C LEU H 246 42.80 -65.52 -25.90
N HIS H 247 43.75 -65.22 -25.04
CA HIS H 247 45.12 -65.09 -25.49
C HIS H 247 45.79 -66.41 -25.66
N GLU H 248 45.83 -67.16 -24.56
CA GLU H 248 46.28 -68.54 -24.53
C GLU H 248 45.51 -69.42 -25.54
N LEU H 249 44.28 -69.08 -25.87
CA LEU H 249 43.52 -69.76 -26.92
C LEU H 249 43.76 -69.19 -28.30
N GLY H 250 44.64 -68.20 -28.44
CA GLY H 250 45.09 -67.67 -29.70
C GLY H 250 44.24 -66.61 -30.35
N LEU H 251 43.03 -66.36 -29.86
CA LEU H 251 42.08 -65.50 -30.57
C LEU H 251 42.39 -64.06 -30.38
N LEU H 252 43.45 -63.75 -29.68
CA LEU H 252 43.89 -62.39 -29.52
C LEU H 252 45.07 -62.09 -30.44
N LYS H 253 44.90 -61.08 -31.31
CA LYS H 253 45.90 -60.55 -32.24
C LYS H 253 46.89 -59.65 -31.50
N ASP H 254 47.91 -59.21 -32.21
CA ASP H 254 49.08 -58.51 -31.69
C ASP H 254 49.21 -58.36 -30.17
N HIS H 255 48.86 -59.40 -29.40
CA HIS H 255 48.63 -59.28 -27.97
C HIS H 255 49.58 -60.10 -27.13
N SER H 256 50.34 -59.43 -26.26
CA SER H 256 51.13 -60.08 -25.23
C SER H 256 50.53 -59.94 -23.84
N LEU H 257 50.71 -60.98 -23.05
CA LEU H 257 50.37 -60.87 -21.66
C LEU H 257 51.35 -60.05 -20.88
N GLU H 258 52.36 -59.48 -21.46
CA GLU H 258 53.11 -58.50 -20.70
C GLU H 258 52.56 -57.11 -20.93
N GLY H 259 51.65 -56.95 -21.88
CA GLY H 259 50.93 -55.73 -22.10
C GLY H 259 49.48 -56.07 -22.16
N ARG H 260 48.99 -56.70 -21.09
CA ARG H 260 47.56 -56.87 -20.89
C ARG H 260 46.94 -55.51 -20.69
N TYR H 261 45.66 -55.38 -21.10
CA TYR H 261 44.92 -54.14 -20.90
C TYR H 261 44.39 -54.04 -19.48
N PHE H 262 43.50 -54.92 -19.14
CA PHE H 262 43.05 -55.01 -17.77
C PHE H 262 44.12 -55.51 -16.82
N GLN H 263 44.95 -54.56 -16.39
CA GLN H 263 46.04 -54.79 -15.46
C GLN H 263 45.54 -54.52 -14.06
N ASN H 264 45.24 -55.57 -13.30
CA ASN H 264 44.81 -55.34 -11.93
C ASN H 264 45.85 -54.46 -11.27
N TYR H 265 45.68 -53.17 -11.49
CA TYR H 265 46.46 -52.10 -10.89
C TYR H 265 45.43 -51.08 -10.45
N SER H 266 45.37 -50.76 -9.16
CA SER H 266 44.30 -49.87 -8.78
C SER H 266 44.72 -48.43 -9.00
N TYR H 267 43.72 -47.57 -9.01
CA TYR H 267 43.86 -46.15 -9.25
C TYR H 267 43.48 -45.40 -8.00
N GLY H 268 43.84 -44.12 -7.97
CA GLY H 268 43.59 -43.31 -6.81
C GLY H 268 42.29 -42.58 -6.92
N GLY H 269 42.33 -41.38 -7.48
CA GLY H 269 41.18 -40.52 -7.61
C GLY H 269 40.15 -41.04 -8.60
N VAL H 270 39.32 -40.14 -9.10
CA VAL H 270 38.28 -40.51 -10.03
C VAL H 270 38.35 -39.59 -11.23
N ILE H 271 37.97 -40.15 -12.34
CA ILE H 271 37.90 -39.46 -13.59
C ILE H 271 36.49 -38.98 -13.75
N GLN H 272 36.30 -37.72 -13.98
CA GLN H 272 34.95 -37.29 -14.30
C GLN H 272 34.57 -37.81 -15.69
N ASP H 273 33.45 -38.49 -15.79
CA ASP H 273 32.96 -38.89 -17.10
C ASP H 273 31.44 -39.05 -17.00
N ASP H 274 30.86 -39.72 -17.96
CA ASP H 274 29.43 -39.80 -17.96
C ASP H 274 28.90 -40.71 -16.92
N HIS H 275 29.73 -41.43 -16.24
CA HIS H 275 29.23 -42.31 -15.23
C HIS H 275 28.89 -41.58 -13.97
N ILE H 276 29.48 -40.43 -13.71
CA ILE H 276 29.40 -39.83 -12.37
C ILE H 276 27.96 -39.65 -11.91
N PRO H 277 27.08 -39.12 -12.70
CA PRO H 277 25.73 -38.95 -12.21
C PRO H 277 25.04 -40.22 -11.92
N PHE H 278 25.62 -41.34 -12.22
CA PHE H 278 24.99 -42.60 -11.91
C PHE H 278 25.69 -43.25 -10.73
N LEU H 279 26.94 -42.91 -10.56
CA LEU H 279 27.71 -43.39 -9.46
C LEU H 279 27.20 -42.84 -8.14
N ARG H 280 26.98 -41.57 -8.07
CA ARG H 280 26.52 -41.00 -6.84
C ARG H 280 25.05 -41.21 -6.65
N ARG H 281 24.38 -41.99 -7.47
CA ARG H 281 23.06 -42.49 -7.20
C ARG H 281 23.03 -44.00 -6.97
N GLY H 282 24.18 -44.56 -6.64
CA GLY H 282 24.33 -45.96 -6.27
C GLY H 282 24.32 -46.96 -7.38
N VAL H 283 24.65 -46.60 -8.60
CA VAL H 283 24.65 -47.59 -9.68
C VAL H 283 26.04 -48.16 -9.71
N PRO H 284 26.20 -49.44 -9.97
CA PRO H 284 27.53 -50.04 -10.14
C PRO H 284 28.15 -49.83 -11.52
N VAL H 285 29.41 -49.44 -11.51
CA VAL H 285 30.08 -48.98 -12.69
C VAL H 285 31.36 -49.78 -12.91
N LEU H 286 31.62 -50.08 -14.17
CA LEU H 286 32.83 -50.65 -14.69
C LEU H 286 33.26 -49.64 -15.72
N HIS H 287 34.09 -48.74 -15.33
CA HIS H 287 34.48 -47.62 -16.15
C HIS H 287 35.70 -47.98 -17.01
N LEU H 288 35.48 -48.19 -18.31
CA LEU H 288 36.50 -48.64 -19.23
C LEU H 288 36.97 -47.42 -19.94
N ILE H 289 37.76 -46.67 -19.23
CA ILE H 289 38.47 -45.52 -19.74
C ILE H 289 39.92 -45.81 -19.42
N PRO H 290 40.83 -45.76 -20.36
CA PRO H 290 42.20 -46.11 -20.05
C PRO H 290 42.86 -45.07 -19.18
N SER H 291 43.79 -45.51 -18.34
CA SER H 291 44.72 -44.52 -17.73
C SER H 291 46.18 -44.89 -17.91
N PRO H 292 46.92 -44.01 -18.55
CA PRO H 292 46.66 -42.68 -19.03
C PRO H 292 45.83 -42.60 -20.29
N PHE H 293 45.36 -41.40 -20.62
CA PHE H 293 44.54 -41.22 -21.80
C PHE H 293 45.42 -41.36 -23.03
N PRO H 294 44.85 -41.65 -24.16
CA PRO H 294 45.61 -41.55 -25.39
C PRO H 294 46.59 -40.37 -25.48
N GLU H 295 47.71 -40.56 -26.19
CA GLU H 295 48.54 -39.41 -26.49
C GLU H 295 47.81 -38.45 -27.38
N VAL H 296 46.92 -38.94 -28.22
CA VAL H 296 46.21 -38.08 -29.14
C VAL H 296 45.15 -37.20 -28.54
N TRP H 297 44.73 -37.42 -27.29
CA TRP H 297 43.59 -36.81 -26.59
C TRP H 297 43.38 -35.34 -26.84
N HIS H 298 42.22 -35.00 -27.32
CA HIS H 298 41.78 -33.61 -27.41
C HIS H 298 42.82 -32.80 -28.18
N THR H 299 43.19 -33.37 -29.31
CA THR H 299 44.04 -32.78 -30.33
C THR H 299 43.53 -33.19 -31.69
N MET H 300 43.91 -32.42 -32.72
CA MET H 300 43.44 -32.72 -34.02
C MET H 300 43.87 -34.09 -34.49
N ASP H 301 44.87 -34.64 -33.88
CA ASP H 301 45.44 -35.91 -34.26
C ASP H 301 44.64 -37.10 -33.73
N ASP H 302 43.57 -36.86 -32.99
CA ASP H 302 42.74 -37.94 -32.52
C ASP H 302 41.81 -38.27 -33.68
N ASN H 303 42.40 -38.95 -34.65
CA ASN H 303 41.72 -39.25 -35.89
C ASN H 303 41.79 -40.73 -36.12
N GLU H 304 41.31 -41.16 -37.28
CA GLU H 304 41.40 -42.57 -37.66
C GLU H 304 42.85 -43.01 -37.89
N GLU H 305 43.68 -42.14 -38.46
CA GLU H 305 45.01 -42.56 -38.84
C GLU H 305 45.68 -43.23 -37.67
N ASN H 306 45.40 -42.74 -36.47
CA ASN H 306 46.12 -43.14 -35.27
C ASN H 306 45.42 -44.22 -34.48
N LEU H 307 44.45 -44.93 -35.01
CA LEU H 307 43.85 -46.02 -34.27
C LEU H 307 44.58 -47.32 -34.53
N ASP H 308 44.55 -48.21 -33.53
CA ASP H 308 45.07 -49.58 -33.69
C ASP H 308 43.92 -50.53 -33.98
N GLU H 309 43.78 -50.92 -35.22
CA GLU H 309 42.74 -51.88 -35.60
C GLU H 309 42.78 -53.16 -34.77
N SER H 310 43.94 -53.58 -34.34
CA SER H 310 44.05 -54.87 -33.68
C SER H 310 43.55 -54.81 -32.26
N THR H 311 44.04 -53.84 -31.48
CA THR H 311 43.54 -53.54 -30.15
C THR H 311 42.00 -53.43 -30.16
N ILE H 312 41.44 -52.61 -31.04
CA ILE H 312 40.00 -52.48 -31.10
C ILE H 312 39.35 -53.82 -31.31
N ASP H 313 39.84 -54.65 -32.20
CA ASP H 313 39.08 -55.87 -32.36
C ASP H 313 39.12 -56.66 -31.07
N ASN H 314 40.30 -56.80 -30.48
CA ASN H 314 40.42 -57.65 -29.31
C ASN H 314 39.32 -57.41 -28.29
N LEU H 315 39.35 -56.22 -27.70
CA LEU H 315 38.23 -55.75 -26.92
C LEU H 315 36.94 -56.12 -27.60
N ASN H 316 36.63 -55.48 -28.70
CA ASN H 316 35.46 -55.85 -29.47
C ASN H 316 35.02 -57.28 -29.20
N LYS H 317 35.96 -58.13 -28.85
CA LYS H 317 35.73 -59.52 -28.53
C LYS H 317 35.57 -59.76 -27.04
N ILE H 318 36.52 -59.31 -26.23
CA ILE H 318 36.39 -59.47 -24.80
C ILE H 318 35.05 -58.99 -24.33
N LEU H 319 34.68 -57.78 -24.74
CA LEU H 319 33.44 -57.18 -24.36
C LEU H 319 32.26 -58.01 -24.76
N GLN H 320 32.22 -58.54 -25.97
CA GLN H 320 31.02 -59.27 -26.37
C GLN H 320 30.85 -60.49 -25.51
N VAL H 321 31.96 -61.13 -25.17
CA VAL H 321 32.01 -62.30 -24.30
C VAL H 321 31.33 -61.90 -23.03
N PHE H 322 31.97 -60.98 -22.35
CA PHE H 322 31.44 -60.46 -21.11
C PHE H 322 29.94 -60.30 -21.12
N VAL H 323 29.43 -59.72 -22.18
CA VAL H 323 28.02 -59.44 -22.20
C VAL H 323 27.22 -60.71 -22.33
N LEU H 324 27.66 -61.60 -23.21
CA LEU H 324 27.00 -62.88 -23.27
C LEU H 324 27.09 -63.61 -21.96
N GLU H 325 28.27 -63.56 -21.34
CA GLU H 325 28.47 -64.19 -20.05
C GLU H 325 27.58 -63.55 -19.00
N TYR H 326 27.32 -62.24 -19.09
CA TYR H 326 26.45 -61.60 -18.09
C TYR H 326 25.02 -62.02 -18.30
N LEU H 327 24.58 -62.01 -19.49
CA LEU H 327 23.21 -62.35 -19.73
C LEU H 327 22.97 -63.85 -19.69
N HIS H 328 24.02 -64.67 -19.61
CA HIS H 328 23.87 -66.12 -19.76
C HIS H 328 23.30 -66.43 -21.15
N LEU H 329 24.17 -66.30 -22.14
CA LEU H 329 23.78 -66.49 -23.52
C LEU H 329 24.87 -67.12 -24.34
N ALA I 1 43.80 -17.54 22.02
CA ALA I 1 44.21 -18.94 22.00
C ALA I 1 45.34 -19.19 23.01
N SER I 2 45.63 -20.47 23.23
CA SER I 2 46.73 -20.87 24.11
C SER I 2 47.62 -21.88 23.40
N ALA I 3 48.53 -22.52 24.14
CA ALA I 3 49.50 -23.43 23.53
C ALA I 3 48.86 -24.76 23.15
N TRP I 4 48.48 -25.51 24.13
CA TRP I 4 48.02 -26.88 24.07
C TRP I 4 47.52 -27.39 22.69
N PRO I 5 46.69 -26.72 21.88
CA PRO I 5 46.19 -27.43 20.70
C PRO I 5 47.26 -27.84 19.80
N GLU I 6 48.37 -27.12 19.83
CA GLU I 6 49.48 -27.44 18.94
C GLU I 6 50.42 -28.49 19.49
N GLU I 7 50.40 -28.78 20.77
CA GLU I 7 51.28 -29.77 21.36
C GLU I 7 51.34 -31.04 20.55
N LYS I 8 50.32 -31.35 19.79
CA LYS I 8 50.30 -32.61 19.09
C LYS I 8 50.99 -32.52 17.77
N ASN I 9 51.76 -31.48 17.56
CA ASN I 9 52.59 -31.40 16.39
C ASN I 9 54.03 -31.67 16.71
N TYR I 10 54.37 -31.56 17.98
CA TYR I 10 55.74 -31.67 18.49
C TYR I 10 55.87 -32.90 19.36
N HIS I 11 54.90 -33.78 19.30
CA HIS I 11 54.78 -34.86 20.23
C HIS I 11 55.51 -36.07 19.69
N GLN I 12 56.20 -36.76 20.56
CA GLN I 12 57.07 -37.76 20.00
C GLN I 12 56.88 -39.06 20.74
N PRO I 13 57.22 -40.16 20.11
CA PRO I 13 57.05 -41.47 20.72
C PRO I 13 58.20 -41.82 21.62
N ALA I 14 57.88 -42.61 22.65
CA ALA I 14 58.86 -43.28 23.51
C ALA I 14 59.19 -44.62 22.91
N ILE I 15 60.08 -44.63 21.93
CA ILE I 15 60.32 -45.85 21.21
C ILE I 15 60.67 -46.94 22.25
N LEU I 16 60.38 -48.20 21.93
CA LEU I 16 60.43 -49.26 22.92
C LEU I 16 61.51 -50.27 22.63
N ASN I 17 62.19 -50.71 23.71
CA ASN I 17 63.38 -51.54 23.56
C ASN I 17 63.07 -53.03 23.42
N SER I 18 63.86 -53.70 22.60
CA SER I 18 63.74 -55.12 22.33
C SER I 18 62.99 -55.85 23.41
N SER I 19 63.33 -55.65 24.69
CA SER I 19 62.63 -56.36 25.77
C SER I 19 61.12 -56.09 25.79
N ALA I 20 60.75 -54.88 26.22
CA ALA I 20 59.35 -54.50 26.24
C ALA I 20 58.65 -55.02 24.99
N LEU I 21 59.23 -54.84 23.83
CA LEU I 21 58.52 -55.36 22.69
C LEU I 21 58.21 -56.79 22.87
N ARG I 22 59.02 -57.55 23.54
CA ARG I 22 58.60 -58.92 23.72
C ARG I 22 57.41 -58.96 24.65
N GLN I 23 57.49 -58.25 25.76
CA GLN I 23 56.40 -58.25 26.73
C GLN I 23 55.09 -58.01 26.04
N ILE I 24 55.03 -56.96 25.23
CA ILE I 24 53.79 -56.61 24.54
C ILE I 24 53.35 -57.78 23.68
N ALA I 25 54.13 -58.13 22.70
CA ALA I 25 53.72 -59.20 21.81
C ALA I 25 53.29 -60.47 22.49
N GLU I 26 53.66 -60.63 23.76
CA GLU I 26 53.34 -61.79 24.57
C GLU I 26 52.11 -61.57 25.41
N GLY I 27 51.94 -60.38 25.94
CA GLY I 27 50.72 -59.98 26.58
C GLY I 27 49.51 -59.68 25.69
N THR I 28 49.33 -60.38 24.59
CA THR I 28 48.13 -60.26 23.79
C THR I 28 47.80 -61.64 23.33
N SER I 29 46.53 -62.01 23.38
CA SER I 29 46.15 -63.35 22.99
C SER I 29 45.19 -63.30 21.85
N ILE I 30 45.55 -63.89 20.75
CA ILE I 30 44.65 -63.82 19.64
C ILE I 30 43.46 -64.66 19.86
N SER I 31 43.56 -65.78 20.53
CA SER I 31 42.38 -66.62 20.65
C SER I 31 41.45 -66.17 21.77
N GLU I 32 41.92 -65.42 22.77
CA GLU I 32 41.01 -64.83 23.73
C GLU I 32 40.17 -63.73 23.10
N MET I 33 40.72 -63.01 22.14
CA MET I 33 39.96 -61.96 21.50
C MET I 33 39.05 -62.53 20.48
N TRP I 34 39.34 -63.68 20.03
CA TRP I 34 38.44 -64.30 19.11
C TRP I 34 37.22 -64.87 19.78
N GLN I 35 37.36 -65.35 21.01
CA GLN I 35 36.29 -66.09 21.69
C GLN I 35 35.51 -65.17 22.58
N ASN I 36 36.24 -64.27 23.20
CA ASN I 36 35.65 -63.37 24.15
C ASN I 36 35.16 -62.06 23.54
N ASP I 37 35.92 -61.35 22.73
CA ASP I 37 35.52 -60.05 22.22
C ASP I 37 35.00 -60.09 20.80
N LEU I 38 35.30 -61.08 20.03
CA LEU I 38 34.94 -61.03 18.64
C LEU I 38 33.71 -61.85 18.34
N GLN I 39 33.56 -63.01 18.91
CA GLN I 39 32.45 -63.81 18.43
C GLN I 39 31.11 -63.26 18.85
N PRO I 40 30.98 -62.55 19.93
CA PRO I 40 29.71 -61.95 20.17
C PRO I 40 29.34 -60.91 19.17
N LEU I 41 30.24 -60.35 18.38
CA LEU I 41 29.85 -59.28 17.48
C LEU I 41 29.53 -59.79 16.13
N LEU I 42 29.78 -61.04 15.88
CA LEU I 42 29.56 -61.60 14.58
C LEU I 42 28.10 -61.95 14.40
N ILE I 43 27.31 -60.91 14.33
CA ILE I 43 25.85 -60.96 14.26
C ILE I 43 25.29 -59.76 13.47
N GLU I 44 24.11 -59.95 12.88
CA GLU I 44 23.44 -58.87 12.19
C GLU I 44 23.36 -57.68 13.12
N ARG I 45 23.78 -56.51 12.71
CA ARG I 45 23.78 -55.41 13.67
C ARG I 45 23.53 -54.06 13.02
N TYR I 46 22.75 -54.01 12.06
CA TYR I 46 22.40 -52.74 11.50
C TYR I 46 21.66 -51.94 12.54
N PRO I 47 21.40 -50.68 12.31
CA PRO I 47 20.98 -49.85 13.41
C PRO I 47 19.52 -50.01 13.59
N GLY I 48 19.12 -49.78 14.82
CA GLY I 48 17.78 -50.02 15.21
C GLY I 48 17.50 -51.42 15.59
N SER I 49 17.98 -52.31 14.84
CA SER I 49 17.90 -53.74 15.09
C SER I 49 18.24 -54.25 16.49
N PRO I 50 17.85 -55.48 16.77
CA PRO I 50 18.25 -56.06 18.01
C PRO I 50 19.74 -56.30 18.08
N GLY I 51 20.37 -56.64 16.96
CA GLY I 51 21.79 -56.77 16.95
C GLY I 51 22.52 -55.51 17.35
N SER I 52 21.99 -54.37 17.00
CA SER I 52 22.64 -53.16 17.37
C SER I 52 22.74 -53.08 18.86
N TYR I 53 21.66 -53.31 19.55
CA TYR I 53 21.66 -53.04 20.97
C TYR I 53 22.56 -54.00 21.68
N ALA I 54 22.46 -55.24 21.31
CA ALA I 54 23.37 -56.25 21.80
C ALA I 54 24.83 -55.89 21.62
N ALA I 55 25.23 -55.44 20.44
CA ALA I 55 26.62 -55.11 20.29
C ALA I 55 26.99 -53.92 21.12
N ARG I 56 26.14 -52.90 21.12
CA ARG I 56 26.39 -51.75 21.99
C ARG I 56 26.60 -52.19 23.41
N GLN I 57 25.90 -53.23 23.80
CA GLN I 57 25.99 -53.75 25.14
C GLN I 57 27.22 -54.62 25.36
N HIS I 58 27.55 -55.44 24.39
CA HIS I 58 28.77 -56.22 24.50
C HIS I 58 30.01 -55.35 24.61
N ILE I 59 30.15 -54.39 23.72
CA ILE I 59 31.28 -53.50 23.82
C ILE I 59 31.42 -52.97 25.22
N MET I 60 30.32 -52.73 25.88
CA MET I 60 30.40 -52.18 27.23
C MET I 60 30.76 -53.22 28.27
N GLN I 61 30.17 -54.42 28.21
CA GLN I 61 30.64 -55.52 29.07
C GLN I 61 32.12 -55.34 29.24
N ARG I 62 32.80 -55.42 28.10
CA ARG I 62 34.22 -55.64 28.05
C ARG I 62 34.99 -54.45 28.59
N ILE I 63 34.61 -53.26 28.15
CA ILE I 63 35.33 -52.13 28.62
C ILE I 63 35.07 -51.82 30.05
N GLN I 64 33.94 -52.22 30.57
CA GLN I 64 33.61 -51.78 31.91
C GLN I 64 34.36 -52.59 32.92
N ARG I 65 34.63 -53.85 32.61
CA ARG I 65 35.24 -54.76 33.57
C ARG I 65 36.71 -54.54 33.78
N LEU I 66 37.35 -53.82 32.90
CA LEU I 66 38.76 -53.63 33.09
C LEU I 66 38.98 -52.65 34.19
N GLN I 67 40.15 -52.75 34.78
CA GLN I 67 40.44 -52.00 35.97
C GLN I 67 40.54 -50.53 35.69
N ALA I 68 41.05 -50.16 34.53
CA ALA I 68 41.18 -48.75 34.22
C ALA I 68 39.85 -48.04 34.34
N ASP I 69 39.89 -46.73 34.37
CA ASP I 69 38.74 -45.89 34.63
C ASP I 69 38.16 -45.31 33.34
N TRP I 70 37.84 -46.21 32.46
CA TRP I 70 36.99 -45.97 31.33
C TRP I 70 35.64 -45.34 31.62
N VAL I 71 35.44 -44.10 31.21
CA VAL I 71 34.16 -43.43 31.27
C VAL I 71 33.42 -43.65 29.96
N LEU I 72 32.30 -44.37 30.03
CA LEU I 72 31.44 -44.66 28.90
C LEU I 72 30.26 -43.70 28.72
N GLU I 73 29.90 -43.46 27.49
CA GLU I 73 28.91 -42.49 27.12
C GLU I 73 28.21 -43.10 25.93
N ILE I 74 26.92 -43.25 25.93
CA ILE I 74 26.22 -43.50 24.69
C ILE I 74 25.70 -42.21 24.21
N ASP I 75 25.86 -41.95 22.94
CA ASP I 75 25.31 -40.77 22.32
C ASP I 75 24.21 -41.28 21.41
N THR I 76 23.00 -41.41 21.95
CA THR I 76 21.90 -41.73 21.08
C THR I 76 21.37 -40.49 20.43
N PHE I 77 20.91 -40.63 19.21
CA PHE I 77 20.55 -39.46 18.46
C PHE I 77 19.71 -39.91 17.28
N LEU I 78 19.16 -38.96 16.56
CA LEU I 78 18.18 -39.18 15.50
C LEU I 78 18.58 -38.51 14.20
N SER I 79 18.36 -39.16 13.07
CA SER I 79 18.69 -38.51 11.82
C SER I 79 17.90 -39.08 10.69
N GLN I 80 17.88 -38.35 9.59
CA GLN I 80 16.99 -38.66 8.48
C GLN I 80 17.70 -39.58 7.48
N THR I 81 16.98 -40.53 7.00
CA THR I 81 17.52 -41.60 6.21
C THR I 81 16.60 -41.84 5.03
N PRO I 82 17.03 -42.59 4.06
CA PRO I 82 16.15 -42.93 2.95
C PRO I 82 14.86 -43.66 3.31
N TYR I 83 14.67 -43.99 4.56
CA TYR I 83 13.48 -44.69 4.99
C TYR I 83 12.84 -43.93 6.15
N GLY I 84 13.36 -42.80 6.50
CA GLY I 84 12.81 -41.95 7.51
C GLY I 84 13.81 -41.66 8.60
N TYR I 85 13.38 -40.87 9.56
CA TYR I 85 14.18 -40.72 10.77
C TYR I 85 14.37 -42.09 11.32
N ARG I 86 15.55 -42.30 11.93
CA ARG I 86 15.87 -43.51 12.66
C ARG I 86 16.89 -43.17 13.75
N SER I 87 17.05 -44.02 14.73
CA SER I 87 17.94 -43.76 15.83
C SER I 87 19.24 -44.54 15.68
N PHE I 88 20.32 -43.93 16.17
CA PHE I 88 21.68 -44.31 16.00
C PHE I 88 22.31 -44.01 17.32
N SER I 89 23.32 -44.81 17.71
CA SER I 89 23.91 -44.72 19.04
C SER I 89 25.40 -45.08 18.95
N ASN I 90 26.23 -44.04 18.99
CA ASN I 90 27.66 -44.13 19.08
C ASN I 90 28.11 -44.51 20.45
N ILE I 91 29.19 -45.24 20.58
CA ILE I 91 29.74 -45.50 21.89
C ILE I 91 31.09 -44.87 21.97
N ILE I 92 31.36 -44.17 23.04
CA ILE I 92 32.60 -43.55 23.33
C ILE I 92 33.09 -44.04 24.67
N SER I 93 34.38 -44.28 24.78
CA SER I 93 34.96 -44.70 26.05
C SER I 93 36.22 -43.89 26.24
N THR I 94 36.32 -43.17 27.34
CA THR I 94 37.37 -42.20 27.54
C THR I 94 38.05 -42.39 28.86
N LEU I 95 39.35 -42.23 28.87
CA LEU I 95 40.12 -42.17 30.08
C LEU I 95 40.52 -40.72 30.30
N ASN I 96 40.31 -40.26 31.47
CA ASN I 96 40.75 -38.97 31.91
C ASN I 96 40.14 -37.89 31.06
N PRO I 97 38.81 -37.84 30.93
CA PRO I 97 38.21 -36.86 30.03
C PRO I 97 38.59 -35.47 30.36
N THR I 98 39.10 -35.26 31.57
CA THR I 98 39.72 -34.01 31.97
C THR I 98 40.92 -33.73 31.11
N ALA I 99 41.70 -34.77 30.82
CA ALA I 99 42.81 -34.54 29.94
C ALA I 99 42.29 -33.83 28.73
N LYS I 100 42.94 -32.75 28.44
CA LYS I 100 42.68 -31.94 27.27
C LYS I 100 42.99 -32.67 26.00
N ARG I 101 44.04 -33.49 25.99
CA ARG I 101 44.62 -34.07 24.79
C ARG I 101 44.33 -35.56 24.81
N HIS I 102 43.80 -36.09 23.70
CA HIS I 102 43.49 -37.49 23.66
C HIS I 102 43.96 -38.02 22.33
N LEU I 103 44.62 -39.18 22.36
CA LEU I 103 44.84 -40.04 21.23
C LEU I 103 43.64 -40.94 21.07
N VAL I 104 43.04 -40.97 19.90
CA VAL I 104 41.71 -41.50 19.71
C VAL I 104 41.77 -42.57 18.70
N LEU I 105 41.22 -43.73 19.04
CA LEU I 105 41.09 -44.92 18.21
C LEU I 105 39.65 -45.17 17.91
N ALA I 106 39.28 -45.52 16.67
CA ALA I 106 37.89 -45.56 16.32
C ALA I 106 37.61 -46.51 15.23
N CYS I 107 36.40 -46.95 15.06
CA CYS I 107 35.95 -47.87 14.03
C CYS I 107 34.44 -47.83 14.00
N HIS I 108 33.79 -48.79 13.33
CA HIS I 108 32.34 -48.79 13.22
C HIS I 108 31.64 -50.08 13.61
N TYR I 109 30.73 -49.98 14.55
CA TYR I 109 30.16 -51.19 15.14
C TYR I 109 28.91 -51.63 14.45
N ASP I 110 28.43 -50.93 13.43
CA ASP I 110 27.30 -51.42 12.69
C ASP I 110 27.70 -52.40 11.65
N SER I 111 26.70 -53.00 11.07
CA SER I 111 26.77 -53.93 9.98
C SER I 111 25.92 -53.38 8.86
N LYS I 112 26.13 -53.76 7.68
CA LYS I 112 25.38 -53.14 6.64
C LYS I 112 24.10 -53.90 6.46
N TYR I 113 23.02 -53.23 6.13
CA TYR I 113 21.80 -53.96 6.00
C TYR I 113 21.81 -54.72 4.69
N PHE I 114 21.47 -55.99 4.74
CA PHE I 114 21.15 -56.75 3.55
C PHE I 114 19.94 -57.60 3.79
N SER I 115 19.06 -57.72 2.80
CA SER I 115 18.03 -58.74 2.86
C SER I 115 18.73 -60.04 3.04
N HIS I 116 18.06 -61.06 3.52
CA HIS I 116 18.75 -62.33 3.53
C HIS I 116 18.72 -62.93 2.15
N TRP I 117 19.57 -63.91 1.98
CA TRP I 117 19.65 -64.53 0.68
C TRP I 117 20.30 -65.86 0.93
N ASN I 118 19.72 -66.92 0.37
CA ASN I 118 20.20 -68.26 0.61
C ASN I 118 20.12 -68.61 2.06
N ASN I 119 19.30 -67.86 2.80
CA ASN I 119 19.23 -67.99 4.24
C ASN I 119 20.54 -67.61 4.88
N ARG I 120 21.24 -66.67 4.30
CA ARG I 120 22.49 -66.22 4.87
C ARG I 120 22.36 -64.76 5.30
N VAL I 121 23.15 -64.37 6.28
CA VAL I 121 23.09 -63.05 6.88
C VAL I 121 24.45 -62.35 6.80
N PHE I 122 24.47 -61.05 6.54
CA PHE I 122 25.75 -60.35 6.47
C PHE I 122 26.11 -59.99 7.89
N VAL I 123 27.34 -60.25 8.29
CA VAL I 123 27.80 -59.94 9.64
C VAL I 123 29.02 -59.06 9.70
N GLY I 124 29.70 -58.78 8.60
CA GLY I 124 30.85 -57.94 8.61
C GLY I 124 32.00 -58.34 9.48
N ALA I 125 32.64 -59.42 9.14
CA ALA I 125 33.72 -59.79 10.00
C ALA I 125 34.85 -58.80 9.92
N THR I 126 35.13 -58.31 8.73
CA THR I 126 36.19 -57.34 8.47
C THR I 126 35.77 -55.94 8.62
N ASP I 127 34.57 -55.70 8.15
CA ASP I 127 33.78 -54.48 8.14
C ASP I 127 32.67 -54.36 9.21
N SER I 128 32.95 -54.06 10.47
CA SER I 128 34.18 -53.91 11.04
C SER I 128 34.21 -54.64 12.30
N ALA I 129 33.78 -55.87 12.29
CA ALA I 129 33.76 -56.57 13.53
C ALA I 129 35.14 -56.72 14.06
N VAL I 130 36.09 -57.26 13.25
CA VAL I 130 37.48 -57.32 13.65
C VAL I 130 38.02 -56.01 14.15
N PRO I 131 37.84 -54.93 13.50
CA PRO I 131 38.36 -53.74 14.12
C PRO I 131 37.81 -53.51 15.50
N CYS I 132 36.53 -53.72 15.76
CA CYS I 132 36.07 -53.52 17.13
C CYS I 132 36.86 -54.36 18.08
N ALA I 133 36.90 -55.66 17.82
CA ALA I 133 37.49 -56.58 18.75
C ALA I 133 38.90 -56.24 19.03
N MET I 134 39.63 -55.72 18.03
CA MET I 134 41.03 -55.34 18.17
C MET I 134 41.18 -54.20 19.12
N MET I 135 40.25 -53.29 19.06
CA MET I 135 40.27 -52.19 19.99
C MET I 135 39.99 -52.66 21.38
N LEU I 136 39.08 -53.61 21.52
CA LEU I 136 38.78 -54.15 22.82
C LEU I 136 39.95 -54.91 23.33
N GLU I 137 40.37 -55.87 22.59
CA GLU I 137 41.56 -56.60 22.91
C GLU I 137 42.69 -55.69 23.32
N LEU I 138 42.82 -54.56 22.64
CA LEU I 138 43.85 -53.61 22.95
C LEU I 138 43.66 -53.02 24.31
N ALA I 139 42.43 -52.80 24.74
CA ALA I 139 42.18 -52.11 25.98
C ALA I 139 42.30 -53.03 27.14
N ARG I 140 42.04 -54.27 26.86
CA ARG I 140 42.38 -55.27 27.82
C ARG I 140 43.88 -55.28 27.98
N ALA I 141 44.52 -55.79 26.95
CA ALA I 141 45.92 -56.12 27.04
C ALA I 141 46.69 -55.01 27.67
N LEU I 142 46.33 -53.80 27.37
CA LEU I 142 47.12 -52.71 27.87
C LEU I 142 46.61 -52.18 29.16
N ASP I 143 45.57 -52.78 29.73
CA ASP I 143 44.86 -52.14 30.83
C ASP I 143 45.82 -51.83 31.96
N LYS I 144 46.61 -52.82 32.33
CA LYS I 144 47.49 -52.68 33.48
C LYS I 144 48.32 -51.42 33.34
N LYS I 145 48.70 -51.11 32.13
CA LYS I 145 49.54 -49.97 31.94
C LYS I 145 48.73 -48.70 31.83
N LEU I 146 47.49 -48.77 31.35
CA LEU I 146 46.70 -47.56 31.21
C LEU I 146 46.36 -47.01 32.57
N LEU I 147 46.23 -47.91 33.49
CA LEU I 147 45.95 -47.64 34.89
C LEU I 147 46.80 -46.50 35.40
N SER I 148 47.92 -46.24 34.76
CA SER I 148 48.93 -45.31 35.22
C SER I 148 48.55 -43.88 34.92
N LEU I 149 47.60 -43.68 34.06
CA LEU I 149 47.09 -42.35 33.84
C LEU I 149 46.04 -41.99 34.87
N LYS I 150 46.16 -42.59 36.05
CA LYS I 150 45.34 -42.36 37.23
C LYS I 150 43.86 -42.62 36.95
N PRO I 157 53.30 -34.04 30.28
CA PRO I 157 52.22 -33.89 29.33
C PRO I 157 50.90 -34.45 29.81
N ASP I 158 49.85 -33.76 29.41
CA ASP I 158 48.46 -34.05 29.79
C ASP I 158 47.80 -34.71 28.58
N LEU I 159 48.00 -36.03 28.46
CA LEU I 159 47.49 -36.82 27.34
C LEU I 159 46.89 -38.10 27.87
N SER I 160 45.84 -38.62 27.22
CA SER I 160 45.28 -39.92 27.52
C SER I 160 44.58 -40.47 26.30
N LEU I 161 44.00 -41.65 26.43
CA LEU I 161 43.48 -42.39 25.29
C LEU I 161 41.96 -42.39 25.21
N GLN I 162 41.41 -42.61 24.01
CA GLN I 162 39.98 -42.70 23.80
C GLN I 162 39.53 -43.57 22.63
N LEU I 163 38.62 -44.46 22.86
CA LEU I 163 38.05 -45.32 21.85
C LEU I 163 36.74 -44.79 21.42
N ILE I 164 36.41 -44.98 20.16
CA ILE I 164 35.11 -44.51 19.67
C ILE I 164 34.52 -45.54 18.73
N PHE I 165 33.33 -46.04 18.99
CA PHE I 165 32.71 -47.01 18.12
C PHE I 165 31.55 -46.33 17.41
N PHE I 166 31.64 -46.21 16.11
CA PHE I 166 30.67 -45.41 15.39
C PHE I 166 29.55 -46.30 15.02
N ASP I 167 28.35 -45.78 15.11
CA ASP I 167 27.15 -46.38 14.56
C ASP I 167 26.85 -45.77 13.22
N GLY I 168 26.11 -46.44 12.44
CA GLY I 168 25.53 -45.82 11.34
C GLY I 168 26.38 -45.64 10.14
N GLU I 169 27.71 -45.65 10.24
CA GLU I 169 28.59 -45.63 9.05
C GLU I 169 28.02 -46.12 7.74
N GLU I 170 27.42 -47.27 7.66
CA GLU I 170 27.10 -47.85 6.36
C GLU I 170 25.81 -47.30 5.82
N ALA I 171 25.74 -47.20 4.52
CA ALA I 171 24.55 -46.71 3.84
C ALA I 171 23.33 -47.63 3.88
N PHE I 172 22.21 -47.08 4.32
CA PHE I 172 20.97 -47.85 4.30
C PHE I 172 20.67 -48.34 2.90
N LEU I 173 20.65 -47.43 1.95
CA LEU I 173 20.35 -47.77 0.59
C LEU I 173 21.61 -47.67 -0.28
N HIS I 174 21.98 -46.46 -0.67
CA HIS I 174 23.01 -46.24 -1.65
C HIS I 174 23.96 -45.20 -1.11
N TRP I 175 25.25 -45.40 -1.34
CA TRP I 175 26.20 -44.54 -0.65
C TRP I 175 26.23 -43.13 -1.26
N SER I 176 26.16 -42.14 -0.41
CA SER I 176 26.07 -40.76 -0.78
C SER I 176 26.30 -39.93 0.43
N PRO I 177 26.78 -38.71 0.34
CA PRO I 177 27.07 -37.97 1.56
C PRO I 177 25.89 -37.77 2.42
N GLN I 178 24.72 -37.99 1.87
CA GLN I 178 23.51 -37.85 2.62
C GLN I 178 23.11 -39.12 3.32
N ASP I 179 23.56 -40.27 2.82
CA ASP I 179 23.18 -41.61 3.30
C ASP I 179 24.43 -42.41 3.65
N SER I 180 25.11 -42.01 4.72
CA SER I 180 26.29 -42.66 5.19
C SER I 180 26.88 -41.97 6.43
N LEU I 181 27.91 -42.49 6.98
CA LEU I 181 28.57 -41.89 8.11
C LEU I 181 27.66 -41.10 9.01
N TYR I 182 26.48 -41.65 9.25
CA TYR I 182 25.53 -41.07 10.21
C TYR I 182 26.12 -40.89 11.59
N GLY I 183 26.97 -41.71 12.04
CA GLY I 183 27.38 -41.59 13.43
C GLY I 183 28.52 -40.63 13.58
N SER I 184 29.28 -40.38 12.50
CA SER I 184 30.51 -39.61 12.60
C SER I 184 30.29 -38.19 12.17
N ARG I 185 29.42 -37.98 11.18
CA ARG I 185 28.97 -36.64 10.91
C ARG I 185 28.35 -36.00 12.16
N HIS I 186 27.34 -36.62 12.74
CA HIS I 186 26.92 -36.24 14.07
C HIS I 186 28.02 -35.97 15.08
N LEU I 187 28.76 -36.96 15.54
CA LEU I 187 29.67 -36.72 16.64
C LEU I 187 30.70 -35.65 16.35
N ALA I 188 31.16 -35.54 15.13
CA ALA I 188 32.11 -34.49 14.86
C ALA I 188 31.56 -33.17 15.28
N ALA I 189 30.39 -32.88 14.74
CA ALA I 189 29.64 -31.69 15.04
C ALA I 189 29.42 -31.54 16.51
N LYS I 190 29.03 -32.55 17.19
CA LYS I 190 28.87 -32.37 18.61
C LYS I 190 30.13 -31.91 19.28
N MET I 191 31.27 -32.54 18.97
CA MET I 191 32.55 -32.14 19.59
C MET I 191 33.09 -30.85 18.99
N ALA I 192 32.98 -30.65 17.68
CA ALA I 192 33.30 -29.34 17.16
C ALA I 192 32.68 -28.19 17.92
N SER I 193 31.58 -28.41 18.64
CA SER I 193 30.86 -27.35 19.30
C SER I 193 30.76 -27.63 20.78
N THR I 194 31.84 -27.83 21.40
CA THR I 194 31.76 -28.23 22.78
C THR I 194 33.04 -27.69 23.38
N PRO I 195 32.99 -26.88 24.39
CA PRO I 195 34.23 -26.38 24.92
C PRO I 195 35.10 -27.51 25.46
N HIS I 196 36.39 -27.43 25.24
CA HIS I 196 37.32 -28.31 25.87
C HIS I 196 38.58 -27.52 26.20
N PRO I 197 39.02 -27.64 27.42
CA PRO I 197 38.39 -28.38 28.49
C PRO I 197 37.16 -27.65 28.97
N PRO I 198 36.41 -28.25 29.87
CA PRO I 198 35.25 -27.54 30.40
C PRO I 198 35.67 -26.11 30.65
N GLY I 199 34.73 -25.18 30.53
CA GLY I 199 34.99 -23.80 30.80
C GLY I 199 35.70 -23.04 29.71
N ALA I 200 36.33 -23.72 28.76
CA ALA I 200 37.09 -22.98 27.75
C ALA I 200 36.17 -22.10 26.93
N ARG I 201 36.77 -21.23 26.13
CA ARG I 201 36.02 -20.25 25.38
C ARG I 201 36.45 -20.15 23.92
N GLY I 202 37.54 -20.74 23.53
CA GLY I 202 37.90 -20.70 22.12
C GLY I 202 38.23 -22.04 21.52
N THR I 203 38.39 -23.07 22.35
CA THR I 203 38.95 -24.36 21.97
C THR I 203 37.93 -25.48 22.18
N SER I 204 37.54 -26.15 21.10
CA SER I 204 36.55 -27.22 21.16
C SER I 204 37.13 -28.55 21.59
N GLN I 205 36.32 -29.58 21.52
CA GLN I 205 36.80 -30.92 21.78
C GLN I 205 37.59 -31.48 20.61
N LEU I 206 37.47 -30.93 19.44
CA LEU I 206 38.37 -31.45 18.45
C LEU I 206 39.79 -31.00 18.70
N HIS I 207 39.98 -29.94 19.43
CA HIS I 207 41.34 -29.50 19.61
C HIS I 207 42.12 -30.55 20.37
N GLY I 208 41.55 -31.11 21.39
CA GLY I 208 42.14 -32.19 22.13
C GLY I 208 42.21 -33.49 21.36
N MET I 209 41.77 -33.53 20.09
CA MET I 209 41.92 -34.73 19.27
C MET I 209 43.31 -34.78 18.65
N ASP I 210 44.26 -35.38 19.39
CA ASP I 210 45.66 -35.47 18.97
C ASP I 210 45.78 -36.09 17.62
N LEU I 211 45.19 -37.26 17.43
CA LEU I 211 45.26 -37.95 16.17
C LEU I 211 44.16 -38.98 16.18
N LEU I 212 43.63 -39.31 15.00
CA LEU I 212 42.50 -40.22 14.89
C LEU I 212 42.84 -41.47 14.11
N VAL I 213 43.02 -42.56 14.81
CA VAL I 213 43.35 -43.78 14.13
C VAL I 213 42.04 -44.44 13.83
N LEU I 214 41.75 -44.58 12.60
CA LEU I 214 40.57 -45.28 12.22
C LEU I 214 40.91 -46.62 11.62
N LEU I 215 40.32 -47.69 12.10
CA LEU I 215 40.38 -49.01 11.51
C LEU I 215 39.17 -49.43 10.70
N ASP I 216 39.37 -50.10 9.60
CA ASP I 216 38.22 -50.50 8.84
C ASP I 216 38.69 -51.54 7.84
N LEU I 217 37.93 -52.58 7.64
CA LEU I 217 38.17 -53.66 6.72
C LEU I 217 39.45 -54.42 7.01
N ILE I 218 39.66 -54.71 8.22
CA ILE I 218 40.82 -55.40 8.69
C ILE I 218 40.47 -56.84 9.00
N GLY I 219 41.36 -57.75 8.69
CA GLY I 219 41.17 -59.14 8.97
C GLY I 219 41.22 -60.08 7.83
N ALA I 220 41.28 -59.67 6.60
CA ALA I 220 41.69 -60.60 5.53
C ALA I 220 43.19 -60.75 5.49
N PRO I 221 43.69 -61.66 4.66
CA PRO I 221 45.13 -61.88 4.55
C PRO I 221 45.80 -60.91 3.60
N ASN I 222 47.05 -60.60 3.87
CA ASN I 222 47.84 -59.81 2.93
C ASN I 222 47.30 -58.42 2.66
N PRO I 223 47.11 -57.64 3.67
CA PRO I 223 46.58 -56.31 3.46
C PRO I 223 47.69 -55.34 3.19
N THR I 224 47.31 -54.19 2.61
CA THR I 224 48.21 -53.08 2.38
C THR I 224 47.60 -51.77 2.83
N PHE I 225 48.27 -51.08 3.63
CA PHE I 225 47.82 -49.81 4.10
C PHE I 225 48.64 -48.71 3.49
N PRO I 226 48.06 -47.83 2.68
CA PRO I 226 48.81 -46.71 2.17
C PRO I 226 48.96 -45.65 3.23
N ASN I 227 50.07 -44.89 3.13
CA ASN I 227 50.18 -43.63 3.82
C ASN I 227 49.32 -42.63 3.11
N PHE I 228 48.32 -42.10 3.81
CA PHE I 228 47.22 -41.33 3.29
C PHE I 228 47.45 -39.85 3.45
N PHE I 229 47.85 -39.44 4.60
CA PHE I 229 47.93 -38.04 4.83
C PHE I 229 49.29 -37.66 5.38
N PRO I 230 49.82 -36.57 4.92
CA PRO I 230 51.09 -36.13 5.44
C PRO I 230 51.09 -35.74 6.89
N ASN I 231 50.04 -35.11 7.38
CA ASN I 231 49.97 -34.68 8.78
C ASN I 231 50.14 -35.86 9.73
N SER I 232 50.11 -37.07 9.21
CA SER I 232 50.30 -38.25 9.98
C SER I 232 51.38 -39.19 9.42
N ALA I 233 52.02 -38.87 8.30
CA ALA I 233 52.96 -39.82 7.74
C ALA I 233 54.07 -40.18 8.70
N ARG I 234 54.57 -39.22 9.43
CA ARG I 234 55.50 -39.55 10.48
C ARG I 234 54.95 -40.63 11.35
N TRP I 235 53.68 -40.59 11.69
CA TRP I 235 53.12 -41.69 12.45
C TRP I 235 52.73 -42.87 11.57
N PHE I 236 52.68 -42.75 10.27
CA PHE I 236 52.58 -43.98 9.50
C PHE I 236 53.95 -44.64 9.41
N GLU I 237 55.02 -43.84 9.41
CA GLU I 237 56.33 -44.41 9.32
C GLU I 237 56.60 -45.23 10.56
N ARG I 238 56.10 -44.79 11.73
CA ARG I 238 56.34 -45.57 12.93
C ARG I 238 55.69 -46.95 12.87
N LEU I 239 54.57 -47.09 12.21
CA LEU I 239 54.03 -48.40 12.04
C LEU I 239 54.92 -49.20 11.15
N GLN I 240 55.47 -48.56 10.14
CA GLN I 240 56.43 -49.23 9.28
C GLN I 240 57.62 -49.70 10.07
N ALA I 241 58.12 -48.88 10.96
CA ALA I 241 59.25 -49.25 11.81
C ALA I 241 58.89 -50.33 12.76
N ILE I 242 57.65 -50.30 13.22
CA ILE I 242 57.21 -51.29 14.17
C ILE I 242 57.05 -52.62 13.48
N GLU I 243 56.49 -52.64 12.29
CA GLU I 243 56.34 -53.92 11.63
C GLU I 243 57.67 -54.59 11.40
N HIS I 244 58.67 -53.82 11.02
CA HIS I 244 60.02 -54.28 10.78
C HIS I 244 60.52 -54.92 12.06
N GLU I 245 60.77 -54.11 13.07
CA GLU I 245 61.53 -54.60 14.20
C GLU I 245 60.82 -55.76 14.85
N LEU I 246 59.52 -55.91 14.69
CA LEU I 246 58.88 -57.09 15.23
C LEU I 246 59.01 -58.20 14.26
N HIS I 247 59.15 -57.89 12.99
CA HIS I 247 59.52 -58.97 12.10
C HIS I 247 60.92 -59.46 12.40
N GLU I 248 61.87 -58.55 12.41
CA GLU I 248 63.24 -58.90 12.74
C GLU I 248 63.39 -59.54 14.12
N LEU I 249 62.50 -59.36 15.06
CA LEU I 249 62.68 -59.98 16.37
C LEU I 249 61.96 -61.34 16.50
N GLY I 250 61.49 -61.90 15.42
CA GLY I 250 60.83 -63.17 15.46
C GLY I 250 59.43 -63.07 15.93
N LEU I 251 59.01 -61.88 16.26
CA LEU I 251 57.78 -61.72 16.98
C LEU I 251 56.57 -61.77 16.11
N LEU I 252 56.67 -61.96 14.85
CA LEU I 252 55.49 -62.00 14.02
C LEU I 252 55.09 -63.43 13.79
N LYS I 253 54.05 -63.67 13.02
CA LYS I 253 53.71 -65.00 12.59
C LYS I 253 53.28 -64.97 11.14
N ASP I 254 53.96 -65.72 10.32
CA ASP I 254 53.61 -65.96 8.93
C ASP I 254 53.82 -64.78 8.05
N HIS I 255 54.79 -63.96 8.32
CA HIS I 255 54.96 -62.64 7.72
C HIS I 255 56.28 -62.53 6.98
N SER I 256 56.24 -62.25 5.70
CA SER I 256 57.46 -61.85 5.00
C SER I 256 57.60 -60.35 4.92
N LEU I 257 58.82 -59.85 4.90
CA LEU I 257 58.94 -58.45 4.58
C LEU I 257 58.71 -58.15 3.13
N GLU I 258 58.48 -59.14 2.27
CA GLU I 258 58.13 -58.87 0.87
C GLU I 258 56.63 -58.81 0.67
N GLY I 259 55.85 -58.97 1.74
CA GLY I 259 54.41 -58.70 1.77
C GLY I 259 54.00 -57.97 3.03
N ARG I 260 54.73 -56.91 3.39
CA ARG I 260 54.54 -56.13 4.60
C ARG I 260 53.13 -55.56 4.64
N TYR I 261 52.73 -55.07 5.81
CA TYR I 261 51.41 -54.44 5.82
C TYR I 261 51.53 -52.97 5.53
N PHE I 262 52.56 -52.33 6.05
CA PHE I 262 52.74 -50.91 5.89
C PHE I 262 53.80 -50.59 4.86
N GLN I 263 53.35 -50.41 3.61
CA GLN I 263 54.21 -50.23 2.46
C GLN I 263 54.25 -48.77 2.07
N ASN I 264 55.46 -48.25 1.91
CA ASN I 264 55.60 -46.93 1.32
C ASN I 264 54.89 -46.92 -0.03
N TYR I 265 53.74 -46.31 -0.05
CA TYR I 265 52.98 -46.20 -1.29
C TYR I 265 51.85 -45.22 -1.00
N SER I 266 52.12 -43.94 -1.07
CA SER I 266 51.08 -42.95 -0.92
C SER I 266 49.87 -43.35 -1.75
N TYR I 267 48.83 -42.56 -1.70
CA TYR I 267 47.62 -42.92 -2.41
C TYR I 267 47.14 -41.76 -3.26
N GLY I 268 46.47 -42.09 -4.36
CA GLY I 268 45.91 -41.03 -5.15
C GLY I 268 44.73 -40.33 -4.51
N GLY I 269 43.55 -40.95 -4.58
CA GLY I 269 42.31 -40.32 -4.17
C GLY I 269 41.89 -40.52 -2.73
N VAL I 270 40.58 -40.42 -2.52
CA VAL I 270 40.01 -40.39 -1.19
C VAL I 270 39.27 -41.71 -0.96
N ILE I 271 39.14 -42.04 0.33
CA ILE I 271 38.23 -43.07 0.81
C ILE I 271 37.29 -42.41 1.79
N GLN I 272 35.99 -42.57 1.56
CA GLN I 272 34.97 -42.01 2.44
C GLN I 272 34.79 -42.95 3.62
N ASP I 273 35.04 -42.48 4.80
CA ASP I 273 34.87 -43.29 6.00
C ASP I 273 34.65 -42.32 7.12
N ASP I 274 34.56 -42.84 8.31
CA ASP I 274 34.11 -42.02 9.40
C ASP I 274 35.15 -41.01 9.78
N HIS I 275 36.04 -40.67 8.89
CA HIS I 275 37.02 -39.66 9.21
C HIS I 275 36.75 -38.38 8.43
N ILE I 276 36.02 -38.44 7.34
CA ILE I 276 35.65 -37.23 6.64
C ILE I 276 35.15 -36.20 7.66
N PRO I 277 34.10 -36.40 8.29
CA PRO I 277 33.71 -35.43 9.27
C PRO I 277 34.79 -34.76 10.03
N PHE I 278 35.76 -35.50 10.56
CA PHE I 278 36.77 -34.99 11.48
C PHE I 278 37.96 -34.45 10.73
N LEU I 279 38.04 -34.79 9.47
CA LEU I 279 39.13 -34.38 8.64
C LEU I 279 38.94 -33.00 8.07
N ARG I 280 37.74 -32.68 7.56
CA ARG I 280 37.38 -31.35 7.09
C ARG I 280 37.57 -30.30 8.16
N ARG I 281 37.55 -30.72 9.39
CA ARG I 281 37.85 -29.87 10.52
C ARG I 281 39.28 -29.98 11.05
N GLY I 282 40.19 -30.60 10.31
CA GLY I 282 41.60 -30.58 10.68
C GLY I 282 41.99 -31.36 11.92
N VAL I 283 41.47 -32.55 12.07
CA VAL I 283 41.93 -33.50 13.03
C VAL I 283 42.92 -34.43 12.32
N PRO I 284 44.08 -34.66 12.85
CA PRO I 284 45.00 -35.58 12.21
C PRO I 284 44.48 -37.00 12.20
N VAL I 285 44.44 -37.58 11.01
CA VAL I 285 43.91 -38.92 10.81
C VAL I 285 44.99 -39.90 10.39
N LEU I 286 44.81 -41.12 10.85
CA LEU I 286 45.62 -42.22 10.45
C LEU I 286 44.68 -43.30 9.98
N HIS I 287 44.42 -43.41 8.71
CA HIS I 287 43.33 -44.23 8.25
C HIS I 287 43.81 -45.64 7.94
N LEU I 288 43.78 -46.51 8.91
CA LEU I 288 44.13 -47.90 8.69
C LEU I 288 43.01 -48.67 8.05
N ILE I 289 42.77 -48.37 6.80
CA ILE I 289 41.94 -49.18 5.95
C ILE I 289 42.81 -49.79 4.84
N PRO I 290 42.76 -51.07 4.60
CA PRO I 290 43.54 -51.60 3.53
C PRO I 290 43.17 -50.94 2.22
N SER I 291 44.00 -51.23 1.21
CA SER I 291 43.94 -50.76 -0.17
C SER I 291 44.70 -51.69 -1.06
N PRO I 292 44.00 -52.51 -1.81
CA PRO I 292 42.56 -52.61 -1.92
C PRO I 292 41.75 -53.02 -0.64
N PHE I 293 40.56 -53.28 -0.86
CA PHE I 293 39.54 -53.75 0.02
C PHE I 293 39.52 -55.27 -0.09
N PRO I 294 39.08 -56.01 0.90
CA PRO I 294 39.16 -57.44 0.85
C PRO I 294 38.24 -58.07 -0.16
N GLU I 295 38.62 -59.26 -0.63
CA GLU I 295 37.86 -59.94 -1.69
C GLU I 295 36.42 -60.06 -1.27
N VAL I 296 36.19 -60.14 0.01
CA VAL I 296 34.89 -60.50 0.57
C VAL I 296 33.98 -59.33 0.85
N TRP I 297 34.53 -58.15 1.06
CA TRP I 297 33.84 -56.89 1.22
C TRP I 297 32.45 -56.91 0.66
N HIS I 298 31.50 -56.67 1.55
CA HIS I 298 30.09 -56.50 1.23
C HIS I 298 29.56 -57.67 0.44
N THR I 299 30.04 -58.87 0.82
CA THR I 299 29.46 -60.14 0.41
C THR I 299 29.04 -60.94 1.60
N MET I 300 28.21 -61.92 1.33
CA MET I 300 27.85 -62.76 2.43
C MET I 300 29.05 -63.47 3.01
N ASP I 301 30.15 -63.48 2.30
CA ASP I 301 31.34 -64.18 2.77
C ASP I 301 32.21 -63.37 3.72
N ASP I 302 31.94 -62.10 3.98
CA ASP I 302 32.77 -61.34 4.88
C ASP I 302 32.50 -61.92 6.24
N ASN I 303 32.89 -63.15 6.44
CA ASN I 303 32.47 -63.86 7.63
C ASN I 303 33.65 -64.36 8.43
N GLU I 304 33.46 -65.34 9.28
CA GLU I 304 34.57 -65.75 10.11
C GLU I 304 35.47 -66.73 9.40
N GLU I 305 34.91 -67.60 8.56
CA GLU I 305 35.71 -68.58 7.82
C GLU I 305 36.90 -67.93 7.14
N ASN I 306 36.72 -66.73 6.63
CA ASN I 306 37.69 -66.05 5.81
C ASN I 306 38.50 -65.00 6.53
N LEU I 307 38.61 -65.09 7.81
CA LEU I 307 39.51 -64.22 8.50
C LEU I 307 40.78 -64.96 8.59
N ASP I 308 41.89 -64.26 8.78
CA ASP I 308 43.19 -64.90 8.91
C ASP I 308 43.66 -64.60 10.31
N GLU I 309 43.77 -65.63 11.13
CA GLU I 309 44.05 -65.44 12.53
C GLU I 309 45.35 -64.70 12.69
N SER I 310 46.30 -64.95 11.80
CA SER I 310 47.67 -64.47 11.94
C SER I 310 47.78 -62.96 11.66
N THR I 311 47.27 -62.53 10.52
CA THR I 311 47.26 -61.11 10.19
C THR I 311 46.78 -60.24 11.34
N ILE I 312 45.54 -60.48 11.76
CA ILE I 312 44.94 -59.83 12.91
C ILE I 312 45.86 -59.86 14.09
N ASP I 313 46.38 -61.03 14.46
CA ASP I 313 47.27 -61.14 15.61
C ASP I 313 48.50 -60.31 15.43
N ASN I 314 48.96 -60.21 14.20
CA ASN I 314 50.10 -59.35 13.95
C ASN I 314 49.74 -57.89 14.18
N LEU I 315 48.59 -57.44 13.63
CA LEU I 315 48.22 -56.05 13.79
C LEU I 315 47.97 -55.69 15.25
N ASN I 316 47.44 -56.60 16.01
CA ASN I 316 47.22 -56.30 17.40
C ASN I 316 48.51 -55.97 18.08
N LYS I 317 49.60 -56.65 17.71
CA LYS I 317 50.89 -56.40 18.31
C LYS I 317 51.45 -55.07 17.82
N ILE I 318 51.43 -54.84 16.50
CA ILE I 318 51.86 -53.54 16.02
C ILE I 318 51.08 -52.44 16.72
N LEU I 319 49.77 -52.52 16.68
CA LEU I 319 49.04 -51.39 17.17
C LEU I 319 49.29 -51.16 18.64
N GLN I 320 49.34 -52.20 19.41
CA GLN I 320 49.50 -51.95 20.82
C GLN I 320 50.85 -51.35 21.10
N VAL I 321 51.85 -51.67 20.32
CA VAL I 321 53.10 -50.97 20.50
C VAL I 321 52.95 -49.52 20.06
N PHE I 322 52.46 -49.33 18.85
CA PHE I 322 52.13 -47.98 18.46
C PHE I 322 51.53 -47.16 19.54
N VAL I 323 50.50 -47.70 20.20
CA VAL I 323 49.76 -46.93 21.17
C VAL I 323 50.58 -46.66 22.39
N LEU I 324 51.28 -47.68 22.91
CA LEU I 324 52.10 -47.49 24.11
C LEU I 324 53.26 -46.54 23.90
N GLU I 325 53.70 -46.39 22.68
CA GLU I 325 54.72 -45.42 22.44
C GLU I 325 54.10 -44.07 22.45
N TYR I 326 53.03 -43.90 21.70
CA TYR I 326 52.40 -42.59 21.70
C TYR I 326 52.17 -42.08 23.08
N LEU I 327 51.77 -42.92 23.99
CA LEU I 327 51.36 -42.44 25.29
C LEU I 327 52.47 -42.33 26.31
N HIS I 328 53.63 -42.96 26.06
CA HIS I 328 54.81 -42.95 26.93
C HIS I 328 54.64 -43.93 28.08
N LEU I 329 54.16 -45.10 27.75
CA LEU I 329 54.06 -46.17 28.69
C LEU I 329 54.85 -47.40 28.22
N ALA J 1 -29.05 55.20 1.79
CA ALA J 1 -30.46 55.22 2.13
C ALA J 1 -31.15 56.49 1.64
N SER J 2 -31.57 56.51 0.37
CA SER J 2 -32.36 57.62 -0.14
C SER J 2 -33.68 57.63 0.61
N ALA J 3 -34.57 58.59 0.31
CA ALA J 3 -35.75 58.80 1.15
C ALA J 3 -37.07 58.73 0.38
N TRP J 4 -37.04 58.33 -0.85
CA TRP J 4 -38.27 58.10 -1.59
C TRP J 4 -39.34 57.37 -0.77
N PRO J 5 -39.02 56.46 0.14
CA PRO J 5 -40.12 55.75 0.77
C PRO J 5 -40.92 56.61 1.76
N GLU J 6 -40.31 57.59 2.42
CA GLU J 6 -41.02 58.35 3.44
C GLU J 6 -41.94 59.40 2.84
N GLU J 7 -41.96 59.56 1.53
CA GLU J 7 -42.83 60.56 0.94
C GLU J 7 -44.27 60.31 1.33
N LYS J 8 -44.65 59.04 1.44
CA LYS J 8 -46.02 58.64 1.74
C LYS J 8 -46.52 59.18 3.07
N ASN J 9 -45.64 59.67 3.93
CA ASN J 9 -46.04 60.27 5.21
C ASN J 9 -46.00 61.78 5.16
N TYR J 10 -46.14 62.33 3.98
CA TYR J 10 -46.20 63.77 3.79
C TYR J 10 -47.21 64.06 2.71
N HIS J 11 -47.92 63.06 2.24
CA HIS J 11 -48.72 63.21 1.04
C HIS J 11 -50.09 63.69 1.41
N GLN J 12 -50.48 64.85 0.89
CA GLN J 12 -51.71 65.52 1.21
C GLN J 12 -52.55 65.62 -0.05
N PRO J 13 -53.82 65.27 -0.01
CA PRO J 13 -54.61 65.24 -1.24
C PRO J 13 -54.88 66.63 -1.82
N ALA J 14 -55.14 66.66 -3.11
CA ALA J 14 -55.70 67.85 -3.76
C ALA J 14 -57.21 67.80 -3.60
N ILE J 15 -57.66 68.17 -2.41
CA ILE J 15 -59.08 68.18 -2.09
C ILE J 15 -59.82 68.76 -3.28
N LEU J 16 -60.96 68.22 -3.62
CA LEU J 16 -61.65 68.68 -4.80
C LEU J 16 -62.63 69.80 -4.45
N ASN J 17 -63.01 70.57 -5.47
CA ASN J 17 -64.00 71.62 -5.33
C ASN J 17 -65.35 71.06 -5.65
N SER J 18 -66.39 71.69 -5.13
CA SER J 18 -67.70 71.11 -5.31
C SER J 18 -67.96 70.87 -6.79
N SER J 19 -67.64 71.86 -7.63
CA SER J 19 -67.88 71.72 -9.06
C SER J 19 -67.38 70.37 -9.54
N ALA J 20 -66.09 70.14 -9.33
CA ALA J 20 -65.49 68.85 -9.65
C ALA J 20 -66.32 67.73 -9.07
N LEU J 21 -66.70 67.86 -7.80
CA LEU J 21 -67.41 66.79 -7.12
C LEU J 21 -68.68 66.43 -7.86
N ARG J 22 -69.34 67.41 -8.44
CA ARG J 22 -70.50 67.07 -9.23
C ARG J 22 -70.11 66.16 -10.37
N GLN J 23 -69.13 66.58 -11.17
CA GLN J 23 -68.80 65.84 -12.37
C GLN J 23 -68.58 64.39 -12.02
N ILE J 24 -67.66 64.16 -11.08
CA ILE J 24 -67.26 62.81 -10.68
C ILE J 24 -68.47 62.01 -10.32
N ALA J 25 -69.39 62.65 -9.61
CA ALA J 25 -70.62 62.02 -9.24
C ALA J 25 -71.41 61.61 -10.46
N GLU J 26 -71.33 62.42 -11.52
CA GLU J 26 -72.07 62.18 -12.75
C GLU J 26 -71.32 61.23 -13.68
N GLY J 27 -70.03 61.02 -13.42
CA GLY J 27 -69.19 60.25 -14.30
C GLY J 27 -69.26 58.75 -14.13
N THR J 28 -69.73 58.27 -13.00
CA THR J 28 -69.80 56.83 -12.75
C THR J 28 -71.22 56.30 -12.86
N SER J 29 -71.41 55.24 -13.64
CA SER J 29 -72.76 54.79 -13.98
C SER J 29 -73.10 53.42 -13.42
N ILE J 30 -73.55 53.42 -12.19
CA ILE J 30 -73.90 52.20 -11.49
C ILE J 30 -74.65 51.19 -12.36
N SER J 31 -75.21 51.60 -13.48
CA SER J 31 -75.89 50.62 -14.30
C SER J 31 -75.03 50.18 -15.47
N GLU J 32 -74.01 50.93 -15.82
CA GLU J 32 -73.04 50.32 -16.70
C GLU J 32 -72.23 49.32 -15.90
N MET J 33 -71.71 49.76 -14.74
CA MET J 33 -70.91 48.88 -13.90
C MET J 33 -71.72 47.66 -13.51
N TRP J 34 -72.97 47.82 -13.34
CA TRP J 34 -73.74 46.64 -13.08
C TRP J 34 -73.90 45.85 -14.36
N GLN J 35 -74.16 46.55 -15.45
CA GLN J 35 -74.39 45.96 -16.74
C GLN J 35 -73.33 44.92 -16.99
N ASN J 36 -72.10 45.39 -17.12
CA ASN J 36 -70.99 44.66 -17.72
C ASN J 36 -69.84 44.43 -16.77
N ASP J 37 -69.39 45.47 -16.04
CA ASP J 37 -68.33 45.28 -15.05
C ASP J 37 -68.59 44.05 -14.16
N LEU J 38 -69.82 43.80 -13.73
CA LEU J 38 -70.04 42.83 -12.68
C LEU J 38 -70.96 41.67 -13.02
N GLN J 39 -71.91 41.84 -13.81
CA GLN J 39 -72.73 40.67 -13.94
C GLN J 39 -71.98 39.49 -14.54
N PRO J 40 -70.87 39.73 -15.26
CA PRO J 40 -70.04 38.60 -15.76
C PRO J 40 -69.41 37.82 -14.65
N LEU J 41 -69.01 38.51 -13.58
CA LEU J 41 -68.36 37.92 -12.43
C LEU J 41 -69.31 37.02 -11.62
N LEU J 42 -70.54 37.39 -11.52
CA LEU J 42 -71.47 36.55 -10.78
C LEU J 42 -71.53 35.12 -11.26
N ILE J 43 -70.40 34.40 -11.16
CA ILE J 43 -70.33 32.99 -11.51
C ILE J 43 -69.57 32.26 -10.42
N GLU J 44 -69.58 30.91 -10.50
CA GLU J 44 -68.82 29.97 -9.67
C GLU J 44 -67.36 30.01 -10.07
N ARG J 45 -66.54 30.67 -9.28
CA ARG J 45 -65.22 31.04 -9.73
C ARG J 45 -64.15 30.84 -8.65
N TYR J 46 -64.09 29.64 -8.08
CA TYR J 46 -63.06 29.30 -7.14
C TYR J 46 -61.77 29.06 -7.90
N PRO J 47 -60.61 29.24 -7.28
CA PRO J 47 -59.39 29.13 -8.05
C PRO J 47 -59.38 27.80 -8.79
N GLY J 48 -58.99 27.84 -10.06
CA GLY J 48 -58.82 26.62 -10.81
C GLY J 48 -59.95 26.13 -11.67
N SER J 49 -61.16 26.34 -11.28
CA SER J 49 -62.25 25.89 -12.12
C SER J 49 -62.31 26.72 -13.39
N PRO J 50 -63.19 26.32 -14.30
CA PRO J 50 -63.45 27.15 -15.47
C PRO J 50 -63.77 28.58 -15.12
N GLY J 51 -64.73 28.78 -14.24
CA GLY J 51 -65.06 30.13 -13.82
C GLY J 51 -63.86 31.04 -13.58
N SER J 52 -62.76 30.48 -13.07
CA SER J 52 -61.66 31.34 -12.63
C SER J 52 -60.99 31.99 -13.79
N TYR J 53 -60.89 31.26 -14.90
CA TYR J 53 -60.26 31.82 -16.07
C TYR J 53 -61.16 32.88 -16.69
N ALA J 54 -62.39 32.48 -16.98
CA ALA J 54 -63.37 33.40 -17.51
C ALA J 54 -63.30 34.72 -16.79
N ALA J 55 -63.46 34.66 -15.51
CA ALA J 55 -63.41 35.84 -14.74
C ALA J 55 -62.09 36.53 -14.88
N ARG J 56 -61.03 35.75 -14.97
CA ARG J 56 -59.76 36.39 -15.18
C ARG J 56 -59.83 37.14 -16.49
N GLN J 57 -60.29 36.46 -17.52
CA GLN J 57 -60.37 37.06 -18.85
C GLN J 57 -61.19 38.32 -18.81
N HIS J 58 -62.44 38.17 -18.37
CA HIS J 58 -63.34 39.30 -18.27
C HIS J 58 -62.65 40.49 -17.68
N ILE J 59 -61.99 40.29 -16.58
CA ILE J 59 -61.37 41.42 -15.90
C ILE J 59 -60.44 42.14 -16.85
N MET J 60 -59.74 41.40 -17.69
CA MET J 60 -58.69 41.99 -18.48
C MET J 60 -59.28 42.73 -19.67
N GLN J 61 -60.10 42.02 -20.40
CA GLN J 61 -60.81 42.55 -21.56
C GLN J 61 -61.30 43.94 -21.30
N ARG J 62 -61.70 44.16 -20.08
CA ARG J 62 -62.31 45.41 -19.70
C ARG J 62 -61.30 46.47 -19.29
N ILE J 63 -60.16 46.08 -18.77
CA ILE J 63 -59.16 47.08 -18.55
C ILE J 63 -58.42 47.37 -19.82
N GLN J 64 -58.32 46.38 -20.70
CA GLN J 64 -57.54 46.59 -21.90
C GLN J 64 -58.18 47.66 -22.75
N ARG J 65 -59.50 47.72 -22.73
CA ARG J 65 -60.29 48.58 -23.59
C ARG J 65 -60.40 49.99 -23.10
N LEU J 66 -59.58 50.42 -22.17
CA LEU J 66 -59.60 51.82 -21.76
C LEU J 66 -58.34 52.51 -22.26
N GLN J 67 -58.48 53.78 -22.49
CA GLN J 67 -57.41 54.46 -23.19
C GLN J 67 -56.22 54.73 -22.32
N ALA J 68 -56.31 54.59 -21.01
CA ALA J 68 -55.09 54.67 -20.24
C ALA J 68 -54.25 53.43 -20.51
N ASP J 69 -52.94 53.60 -20.36
CA ASP J 69 -51.97 52.59 -20.78
C ASP J 69 -51.73 51.66 -19.61
N TRP J 70 -52.61 50.68 -19.48
CA TRP J 70 -52.59 49.74 -18.36
C TRP J 70 -51.74 48.53 -18.70
N VAL J 71 -50.76 48.25 -17.85
CA VAL J 71 -49.88 47.10 -18.00
C VAL J 71 -50.47 45.99 -17.16
N LEU J 72 -50.87 44.91 -17.79
CA LEU J 72 -51.37 43.77 -17.04
C LEU J 72 -50.33 42.69 -16.86
N GLU J 73 -50.45 41.94 -15.78
CA GLU J 73 -49.53 40.87 -15.45
C GLU J 73 -50.35 39.73 -14.87
N ILE J 74 -50.16 38.55 -15.37
CA ILE J 74 -50.61 37.38 -14.66
C ILE J 74 -49.42 36.85 -13.89
N ASP J 75 -49.67 36.57 -12.64
CA ASP J 75 -48.71 36.02 -11.71
C ASP J 75 -49.29 34.70 -11.32
N THR J 76 -49.18 33.74 -12.20
CA THR J 76 -49.58 32.43 -11.78
C THR J 76 -48.52 31.83 -10.89
N PHE J 77 -48.96 30.87 -10.08
CA PHE J 77 -48.12 30.35 -9.02
C PHE J 77 -48.77 29.11 -8.42
N LEU J 78 -48.01 28.41 -7.60
CA LEU J 78 -48.42 27.12 -7.05
C LEU J 78 -48.34 27.16 -5.53
N SER J 79 -49.27 26.47 -4.87
CA SER J 79 -49.12 26.43 -3.43
C SER J 79 -49.82 25.21 -2.86
N GLN J 80 -49.44 24.89 -1.65
CA GLN J 80 -49.94 23.68 -1.08
C GLN J 80 -51.20 24.07 -0.36
N THR J 81 -52.15 23.18 -0.41
CA THR J 81 -53.44 23.35 0.18
C THR J 81 -53.90 22.03 0.74
N PRO J 82 -55.08 22.00 1.34
CA PRO J 82 -55.60 20.77 1.92
C PRO J 82 -56.06 19.75 0.95
N TYR J 83 -56.02 20.01 -0.35
CA TYR J 83 -56.35 18.97 -1.31
C TYR J 83 -55.15 18.64 -2.19
N GLY J 84 -54.03 19.34 -2.03
CA GLY J 84 -52.85 19.11 -2.80
C GLY J 84 -52.24 20.39 -3.23
N TYR J 85 -51.36 20.33 -4.21
CA TYR J 85 -50.93 21.52 -4.88
C TYR J 85 -52.01 21.91 -5.85
N ARG J 86 -52.21 23.22 -6.02
CA ARG J 86 -53.17 23.74 -6.96
C ARG J 86 -52.62 25.04 -7.48
N SER J 87 -53.14 25.49 -8.63
CA SER J 87 -52.65 26.65 -9.34
C SER J 87 -53.54 27.87 -9.13
N PHE J 88 -52.94 29.01 -8.98
CA PHE J 88 -53.61 30.25 -8.66
C PHE J 88 -53.06 31.33 -9.55
N SER J 89 -53.83 32.37 -9.79
CA SER J 89 -53.32 33.41 -10.65
C SER J 89 -53.81 34.75 -10.13
N ASN J 90 -52.92 35.53 -9.54
CA ASN J 90 -53.23 36.90 -9.20
C ASN J 90 -53.52 37.66 -10.47
N ILE J 91 -53.74 38.98 -10.38
CA ILE J 91 -53.87 39.88 -11.52
C ILE J 91 -53.39 41.24 -11.11
N ILE J 92 -52.35 41.73 -11.73
CA ILE J 92 -51.85 43.03 -11.38
C ILE J 92 -51.99 43.91 -12.60
N SER J 93 -52.46 45.13 -12.39
CA SER J 93 -52.63 46.14 -13.43
C SER J 93 -51.92 47.40 -12.95
N THR J 94 -51.00 47.94 -13.76
CA THR J 94 -50.26 49.11 -13.34
C THR J 94 -50.15 50.15 -14.43
N LEU J 95 -50.06 51.38 -13.99
CA LEU J 95 -49.69 52.48 -14.83
C LEU J 95 -48.36 52.98 -14.34
N ASN J 96 -47.49 53.27 -15.27
CA ASN J 96 -46.19 53.80 -14.95
C ASN J 96 -45.52 52.90 -13.95
N PRO J 97 -45.50 51.56 -14.21
CA PRO J 97 -44.67 50.61 -13.45
C PRO J 97 -43.46 51.25 -12.80
N THR J 98 -42.73 51.95 -13.62
CA THR J 98 -41.72 52.80 -13.05
C THR J 98 -42.30 53.76 -12.02
N ALA J 99 -43.49 54.33 -12.29
CA ALA J 99 -44.08 55.19 -11.27
C ALA J 99 -43.59 54.64 -9.99
N LYS J 100 -42.47 55.16 -9.58
CA LYS J 100 -41.87 54.60 -8.40
C LYS J 100 -43.01 54.30 -7.38
N ARG J 101 -43.65 55.33 -6.83
CA ARG J 101 -44.59 55.10 -5.73
C ARG J 101 -45.91 54.60 -6.27
N HIS J 102 -46.84 54.25 -5.40
CA HIS J 102 -48.15 53.86 -5.91
C HIS J 102 -49.25 53.85 -4.85
N LEU J 103 -50.45 54.17 -5.31
CA LEU J 103 -51.66 53.96 -4.55
C LEU J 103 -52.24 52.67 -5.05
N VAL J 104 -52.68 51.84 -4.16
CA VAL J 104 -53.03 50.54 -4.60
C VAL J 104 -54.38 50.26 -4.05
N LEU J 105 -55.24 49.74 -4.90
CA LEU J 105 -56.60 49.36 -4.63
C LEU J 105 -56.70 47.89 -4.87
N ALA J 106 -57.01 47.11 -3.82
CA ALA J 106 -57.00 45.68 -4.02
C ALA J 106 -58.34 45.16 -3.63
N CYS J 107 -58.66 43.98 -4.13
CA CYS J 107 -59.81 43.22 -3.76
C CYS J 107 -59.51 41.81 -4.17
N HIS J 108 -60.43 40.88 -3.93
CA HIS J 108 -60.16 39.51 -4.23
C HIS J 108 -61.17 38.97 -5.18
N TYR J 109 -60.70 38.26 -6.17
CA TYR J 109 -61.52 37.95 -7.29
C TYR J 109 -61.99 36.53 -7.29
N ASP J 110 -61.80 35.80 -6.25
CA ASP J 110 -62.25 34.43 -6.30
C ASP J 110 -63.50 34.38 -5.51
N SER J 111 -64.07 33.19 -5.48
CA SER J 111 -65.29 32.82 -4.81
C SER J 111 -64.96 31.66 -3.91
N LYS J 112 -65.45 31.65 -2.70
CA LYS J 112 -65.29 30.44 -1.92
C LYS J 112 -65.90 29.25 -2.65
N TYR J 113 -65.38 28.10 -2.40
CA TYR J 113 -65.89 26.90 -3.02
C TYR J 113 -66.86 26.27 -2.08
N PHE J 114 -67.90 25.71 -2.64
CA PHE J 114 -68.95 25.01 -1.93
C PHE J 114 -69.51 23.94 -2.84
N SER J 115 -69.98 22.86 -2.29
CA SER J 115 -70.79 22.00 -3.10
C SER J 115 -72.11 22.67 -3.47
N HIS J 116 -72.85 22.03 -4.37
CA HIS J 116 -74.10 22.56 -4.86
C HIS J 116 -75.17 22.08 -3.92
N TRP J 117 -75.71 23.02 -3.17
CA TRP J 117 -76.67 22.76 -2.11
C TRP J 117 -78.06 23.10 -2.61
N ASN J 118 -79.02 22.20 -2.39
CA ASN J 118 -80.35 22.41 -2.95
C ASN J 118 -80.34 22.43 -4.46
N ASN J 119 -79.16 22.60 -5.05
CA ASN J 119 -78.94 23.03 -6.42
C ASN J 119 -78.78 24.53 -6.44
N ARG J 120 -77.97 25.03 -5.55
CA ARG J 120 -77.66 26.43 -5.59
C ARG J 120 -76.18 26.52 -5.67
N VAL J 121 -75.67 27.62 -6.23
CA VAL J 121 -74.24 27.83 -6.46
C VAL J 121 -73.78 29.17 -5.84
N PHE J 122 -72.78 29.13 -4.96
CA PHE J 122 -72.28 30.31 -4.30
C PHE J 122 -71.71 31.24 -5.33
N VAL J 123 -71.52 32.49 -5.01
CA VAL J 123 -71.08 33.43 -6.00
C VAL J 123 -70.51 34.68 -5.35
N GLY J 124 -70.76 34.88 -4.13
CA GLY J 124 -70.03 35.90 -3.47
C GLY J 124 -70.11 37.23 -4.11
N ALA J 125 -71.32 37.71 -4.28
CA ALA J 125 -71.53 39.01 -4.86
C ALA J 125 -70.94 40.11 -4.02
N THR J 126 -70.99 39.98 -2.73
CA THR J 126 -70.32 40.89 -1.83
C THR J 126 -68.89 40.44 -1.54
N ASP J 127 -68.56 39.20 -1.84
CA ASP J 127 -67.27 38.67 -1.50
C ASP J 127 -66.61 37.98 -2.65
N SER J 128 -65.90 38.69 -3.52
CA SER J 128 -65.82 40.14 -3.60
C SER J 128 -66.21 40.64 -4.96
N ALA J 129 -67.23 40.10 -5.63
CA ALA J 129 -67.61 40.60 -6.94
C ALA J 129 -67.74 42.10 -6.95
N VAL J 130 -68.56 42.61 -6.15
CA VAL J 130 -68.76 44.01 -6.19
C VAL J 130 -67.46 44.75 -6.07
N PRO J 131 -66.63 44.47 -5.09
CA PRO J 131 -65.35 45.17 -5.01
C PRO J 131 -64.57 45.14 -6.29
N CYS J 132 -64.77 44.14 -7.13
CA CYS J 132 -64.06 44.03 -8.37
C CYS J 132 -64.63 45.08 -9.29
N ALA J 133 -65.89 44.83 -9.63
CA ALA J 133 -66.67 45.82 -10.32
C ALA J 133 -66.28 47.19 -9.83
N MET J 134 -66.38 47.42 -8.57
CA MET J 134 -66.23 48.79 -8.17
C MET J 134 -64.93 49.35 -8.58
N MET J 135 -63.95 48.51 -8.82
CA MET J 135 -62.61 48.90 -9.26
C MET J 135 -62.55 49.04 -10.77
N LEU J 136 -63.11 48.10 -11.47
CA LEU J 136 -63.30 48.27 -12.89
C LEU J 136 -63.92 49.62 -13.21
N GLU J 137 -65.15 49.77 -12.79
CA GLU J 137 -65.85 51.01 -13.00
C GLU J 137 -64.98 52.18 -12.65
N LEU J 138 -64.33 52.13 -11.50
CA LEU J 138 -63.51 53.25 -11.13
C LEU J 138 -62.53 53.53 -12.20
N ALA J 139 -62.09 52.48 -12.89
CA ALA J 139 -61.28 52.68 -14.07
C ALA J 139 -62.12 53.28 -15.16
N ARG J 140 -63.16 52.56 -15.57
CA ARG J 140 -63.95 53.04 -16.69
C ARG J 140 -64.39 54.47 -16.45
N ALA J 141 -64.48 54.89 -15.21
CA ALA J 141 -64.88 56.25 -14.92
C ALA J 141 -63.70 57.21 -15.07
N LEU J 142 -62.78 57.13 -14.21
CA LEU J 142 -61.73 58.14 -14.22
C LEU J 142 -60.75 57.96 -15.35
N ASP J 143 -60.97 57.03 -16.27
CA ASP J 143 -60.08 56.81 -17.42
C ASP J 143 -59.42 58.09 -17.91
N LYS J 144 -60.21 58.98 -18.53
CA LYS J 144 -59.68 60.22 -19.08
C LYS J 144 -58.83 60.96 -18.04
N LYS J 145 -59.18 60.85 -16.77
CA LYS J 145 -58.38 61.56 -15.79
C LYS J 145 -57.10 60.83 -15.46
N LEU J 146 -56.96 59.60 -15.91
CA LEU J 146 -55.77 58.83 -15.60
C LEU J 146 -54.67 59.09 -16.63
N LEU J 147 -55.00 58.90 -17.90
CA LEU J 147 -54.18 59.33 -19.05
C LEU J 147 -53.17 60.44 -18.74
N SER J 148 -53.49 61.33 -17.80
CA SER J 148 -52.59 62.42 -17.43
C SER J 148 -51.17 61.97 -17.18
N LEU J 149 -51.00 60.75 -16.71
CA LEU J 149 -49.72 60.25 -16.22
C LEU J 149 -48.95 59.53 -17.29
N LYS J 150 -49.06 60.01 -18.51
CA LYS J 150 -48.21 59.61 -19.59
C LYS J 150 -48.39 58.16 -19.86
N PRO J 157 -44.50 65.25 -7.91
CA PRO J 157 -44.23 63.99 -7.22
C PRO J 157 -44.62 62.92 -8.19
N ASP J 158 -43.92 61.81 -8.20
CA ASP J 158 -44.22 60.80 -9.21
C ASP J 158 -44.82 59.62 -8.50
N LEU J 159 -46.03 59.28 -8.90
CA LEU J 159 -46.85 58.26 -8.27
C LEU J 159 -48.00 57.98 -9.20
N SER J 160 -48.49 56.75 -9.20
CA SER J 160 -49.55 56.35 -10.10
C SER J 160 -50.35 55.27 -9.40
N LEU J 161 -51.20 54.59 -10.15
CA LEU J 161 -52.21 53.79 -9.51
C LEU J 161 -52.18 52.37 -10.02
N GLN J 162 -52.14 51.46 -9.10
CA GLN J 162 -52.11 50.04 -9.39
C GLN J 162 -53.34 49.44 -8.76
N LEU J 163 -54.01 48.57 -9.51
CA LEU J 163 -55.03 47.66 -9.03
C LEU J 163 -54.43 46.29 -8.75
N ILE J 164 -55.18 45.44 -8.05
CA ILE J 164 -54.75 44.07 -7.79
C ILE J 164 -55.99 43.26 -7.47
N PHE J 165 -56.02 42.10 -7.98
CA PHE J 165 -57.16 41.22 -7.85
C PHE J 165 -56.59 39.86 -7.47
N PHE J 166 -56.26 39.71 -6.19
CA PHE J 166 -55.81 38.48 -5.56
C PHE J 166 -56.66 37.28 -5.90
N ASP J 167 -56.04 36.10 -5.88
CA ASP J 167 -56.71 34.82 -6.04
C ASP J 167 -56.66 33.98 -4.73
N GLY J 168 -57.42 32.90 -4.73
CA GLY J 168 -57.64 32.10 -3.54
C GLY J 168 -57.52 32.78 -2.19
N GLU J 169 -58.15 33.93 -1.94
CA GLU J 169 -58.27 34.43 -0.59
C GLU J 169 -59.08 33.50 0.23
N GLU J 170 -60.15 33.02 -0.33
CA GLU J 170 -60.97 32.17 0.47
C GLU J 170 -60.23 30.88 0.71
N ALA J 171 -60.76 30.10 1.63
CA ALA J 171 -60.16 28.89 2.15
C ALA J 171 -60.85 27.64 1.63
N PHE J 172 -60.05 26.64 1.25
CA PHE J 172 -60.60 25.47 0.62
C PHE J 172 -61.34 24.60 1.57
N LEU J 173 -60.94 24.64 2.84
CA LEU J 173 -61.51 23.80 3.88
C LEU J 173 -61.73 24.53 5.19
N HIS J 174 -60.67 24.92 5.89
CA HIS J 174 -60.77 25.58 7.18
C HIS J 174 -59.97 26.85 7.13
N TRP J 175 -60.61 27.95 7.42
CA TRP J 175 -59.86 29.17 7.59
C TRP J 175 -58.73 28.95 8.56
N SER J 176 -57.53 28.85 8.05
CA SER J 176 -56.38 28.56 8.87
C SER J 176 -55.19 29.21 8.21
N PRO J 177 -54.32 29.74 8.90
CA PRO J 177 -53.26 30.50 8.26
C PRO J 177 -52.58 29.75 7.14
N GLN J 178 -52.67 28.46 7.17
CA GLN J 178 -52.07 27.69 6.12
C GLN J 178 -52.98 27.56 4.93
N ASP J 179 -54.26 27.85 5.10
CA ASP J 179 -55.32 27.63 4.11
C ASP J 179 -56.18 28.89 4.02
N SER J 180 -55.63 29.94 3.45
CA SER J 180 -56.26 31.23 3.33
C SER J 180 -55.25 32.22 2.81
N LEU J 181 -55.62 33.09 1.90
CA LEU J 181 -54.73 34.13 1.40
C LEU J 181 -53.62 33.58 0.56
N TYR J 182 -53.89 32.51 -0.11
CA TYR J 182 -52.86 31.99 -0.94
C TYR J 182 -52.23 33.10 -1.71
N GLY J 183 -53.04 33.96 -2.25
CA GLY J 183 -52.65 34.94 -3.24
C GLY J 183 -51.95 36.16 -2.70
N SER J 184 -52.48 36.73 -1.66
CA SER J 184 -51.76 37.83 -1.09
C SER J 184 -50.50 37.36 -0.42
N ARG J 185 -50.57 36.23 0.30
CA ARG J 185 -49.40 35.74 0.99
C ARG J 185 -48.26 35.62 0.01
N HIS J 186 -48.51 34.91 -1.07
CA HIS J 186 -47.57 34.88 -2.15
C HIS J 186 -47.11 36.28 -2.40
N LEU J 187 -47.95 37.11 -3.00
CA LEU J 187 -47.48 38.35 -3.59
C LEU J 187 -46.77 39.27 -2.62
N ALA J 188 -47.09 39.24 -1.37
CA ALA J 188 -46.36 40.11 -0.48
C ALA J 188 -44.95 39.62 -0.29
N ALA J 189 -44.75 38.32 -0.28
CA ALA J 189 -43.39 37.86 -0.31
C ALA J 189 -42.76 38.33 -1.58
N LYS J 190 -43.47 38.17 -2.67
CA LYS J 190 -42.86 38.48 -3.93
C LYS J 190 -42.43 39.92 -3.98
N MET J 191 -43.32 40.84 -3.67
CA MET J 191 -42.93 42.23 -3.83
C MET J 191 -41.95 42.63 -2.75
N ALA J 192 -41.83 41.86 -1.68
CA ALA J 192 -41.01 42.22 -0.54
C ALA J 192 -39.57 41.92 -0.77
N SER J 193 -39.27 41.60 -2.00
CA SER J 193 -37.99 41.09 -2.41
C SER J 193 -37.69 41.48 -3.84
N THR J 194 -38.26 42.59 -4.30
CA THR J 194 -38.19 43.00 -5.69
C THR J 194 -37.71 44.43 -5.76
N PRO J 195 -36.51 44.69 -6.20
CA PRO J 195 -36.02 46.05 -6.12
C PRO J 195 -37.02 46.97 -6.81
N HIS J 196 -37.25 48.11 -6.20
CA HIS J 196 -37.98 49.15 -6.85
C HIS J 196 -37.34 50.45 -6.55
N PRO J 197 -37.18 51.26 -7.57
CA PRO J 197 -37.48 51.01 -8.98
C PRO J 197 -36.51 49.99 -9.51
N PRO J 198 -36.61 49.66 -10.81
CA PRO J 198 -35.58 48.82 -11.40
C PRO J 198 -34.21 49.32 -11.00
N GLY J 199 -33.42 48.44 -10.44
CA GLY J 199 -32.06 48.75 -10.12
C GLY J 199 -31.83 49.25 -8.74
N ALA J 200 -32.85 49.45 -7.96
CA ALA J 200 -32.59 49.90 -6.60
C ALA J 200 -31.84 48.85 -5.78
N ARG J 201 -31.18 49.31 -4.73
CA ARG J 201 -30.32 48.45 -3.95
C ARG J 201 -30.80 48.24 -2.52
N GLY J 202 -31.91 48.83 -2.13
CA GLY J 202 -32.40 48.62 -0.78
C GLY J 202 -33.86 48.94 -0.59
N THR J 203 -34.58 49.11 -1.70
CA THR J 203 -35.98 49.53 -1.71
C THR J 203 -36.81 48.52 -2.49
N SER J 204 -37.64 47.74 -1.80
CA SER J 204 -38.47 46.76 -2.47
C SER J 204 -39.78 47.38 -2.91
N GLN J 205 -40.50 46.66 -3.75
CA GLN J 205 -41.76 47.13 -4.29
C GLN J 205 -42.79 47.48 -3.21
N LEU J 206 -42.55 47.12 -1.96
CA LEU J 206 -43.49 47.44 -0.88
C LEU J 206 -43.24 48.81 -0.32
N HIS J 207 -42.00 49.21 -0.32
CA HIS J 207 -41.75 50.58 -0.02
C HIS J 207 -42.41 51.48 -1.04
N GLY J 208 -42.74 50.93 -2.21
CA GLY J 208 -43.41 51.69 -3.27
C GLY J 208 -44.90 51.80 -3.11
N MET J 209 -45.50 50.89 -2.35
CA MET J 209 -46.89 51.04 -1.97
C MET J 209 -46.98 52.17 -0.99
N ASP J 210 -47.59 53.26 -1.43
CA ASP J 210 -47.93 54.35 -0.52
C ASP J 210 -49.00 53.90 0.44
N LEU J 211 -50.05 53.27 -0.07
CA LEU J 211 -51.16 52.84 0.74
C LEU J 211 -51.87 51.76 0.00
N LEU J 212 -52.49 50.89 0.73
CA LEU J 212 -53.28 49.81 0.17
C LEU J 212 -54.73 50.01 0.56
N VAL J 213 -55.59 50.06 -0.40
CA VAL J 213 -57.00 50.11 -0.12
C VAL J 213 -57.53 48.78 -0.59
N LEU J 214 -58.05 48.02 0.36
CA LEU J 214 -58.62 46.71 0.11
C LEU J 214 -60.10 46.77 0.36
N LEU J 215 -60.87 46.21 -0.54
CA LEU J 215 -62.29 46.22 -0.53
C LEU J 215 -62.80 44.80 -0.42
N ASP J 216 -63.74 44.58 0.46
CA ASP J 216 -64.13 43.19 0.59
C ASP J 216 -65.46 43.26 1.24
N LEU J 217 -66.38 42.46 0.79
CA LEU J 217 -67.61 42.31 1.48
C LEU J 217 -68.46 43.56 1.32
N ILE J 218 -68.56 44.04 0.12
CA ILE J 218 -69.23 45.29 -0.14
C ILE J 218 -70.42 45.02 -1.01
N GLY J 219 -71.45 45.82 -0.86
CA GLY J 219 -72.68 45.60 -1.59
C GLY J 219 -73.89 45.22 -0.78
N ALA J 220 -73.77 44.96 0.44
CA ALA J 220 -75.02 44.79 1.14
C ALA J 220 -75.43 46.10 1.78
N PRO J 221 -76.68 46.19 2.22
CA PRO J 221 -77.24 47.44 2.69
C PRO J 221 -76.77 47.87 4.07
N ASN J 222 -76.90 49.17 4.31
CA ASN J 222 -76.47 49.88 5.51
C ASN J 222 -75.15 49.32 6.00
N PRO J 223 -74.07 49.83 5.54
CA PRO J 223 -72.76 49.37 6.02
C PRO J 223 -72.04 50.31 6.96
N THR J 224 -71.16 49.78 7.84
CA THR J 224 -70.23 50.61 8.62
C THR J 224 -68.78 50.13 8.49
N PHE J 225 -67.87 51.08 8.34
CA PHE J 225 -66.47 50.76 8.14
C PHE J 225 -65.64 51.37 9.23
N PRO J 226 -65.12 50.58 10.16
CA PRO J 226 -64.34 51.13 11.27
C PRO J 226 -63.01 51.70 10.83
N ASN J 227 -62.36 52.40 11.74
CA ASN J 227 -61.05 52.93 11.47
C ASN J 227 -60.08 52.12 12.30
N PHE J 228 -59.41 51.17 11.66
CA PHE J 228 -58.61 50.22 12.43
C PHE J 228 -57.14 50.61 12.55
N PHE J 229 -56.60 51.37 11.63
CA PHE J 229 -55.15 51.50 11.56
C PHE J 229 -54.70 52.94 11.67
N PRO J 230 -54.01 53.29 12.74
CA PRO J 230 -53.49 54.65 12.87
C PRO J 230 -52.73 55.22 11.71
N ASN J 231 -51.77 54.51 11.17
CA ASN J 231 -51.01 55.07 10.06
C ASN J 231 -51.88 55.46 8.88
N SER J 232 -53.17 55.10 8.90
CA SER J 232 -54.07 55.41 7.82
C SER J 232 -55.36 56.15 8.22
N ALA J 233 -55.56 56.53 9.47
CA ALA J 233 -56.73 57.31 9.81
C ALA J 233 -56.90 58.41 8.80
N ARG J 234 -56.01 59.37 8.86
CA ARG J 234 -56.10 60.55 8.00
C ARG J 234 -56.67 60.26 6.62
N TRP J 235 -56.46 59.08 6.07
CA TRP J 235 -57.16 58.78 4.84
C TRP J 235 -58.55 58.37 5.14
N PHE J 236 -58.75 57.78 6.28
CA PHE J 236 -60.11 57.51 6.68
C PHE J 236 -60.84 58.83 6.80
N GLU J 237 -60.27 59.71 7.59
CA GLU J 237 -60.86 61.02 7.80
C GLU J 237 -61.29 61.61 6.46
N ARG J 238 -60.35 61.75 5.55
CA ARG J 238 -60.69 62.18 4.21
C ARG J 238 -61.92 61.51 3.68
N LEU J 239 -62.25 60.37 4.19
CA LEU J 239 -63.36 59.65 3.61
C LEU J 239 -64.65 59.95 4.34
N GLN J 240 -64.56 60.22 5.64
CA GLN J 240 -65.70 60.83 6.32
C GLN J 240 -66.09 62.10 5.61
N ALA J 241 -65.13 63.03 5.47
CA ALA J 241 -65.37 64.32 4.83
C ALA J 241 -65.91 64.17 3.41
N ILE J 242 -65.29 63.31 2.64
CA ILE J 242 -65.78 63.09 1.32
C ILE J 242 -67.11 62.40 1.36
N GLU J 243 -67.51 61.82 2.45
CA GLU J 243 -68.88 61.31 2.47
C GLU J 243 -69.82 62.35 3.01
N HIS J 244 -69.28 63.22 3.84
CA HIS J 244 -70.02 64.34 4.38
C HIS J 244 -70.39 65.31 3.31
N GLU J 245 -69.36 65.93 2.71
CA GLU J 245 -69.60 66.97 1.73
C GLU J 245 -70.52 66.49 0.65
N LEU J 246 -70.17 65.39 0.04
CA LEU J 246 -70.99 64.90 -1.05
C LEU J 246 -72.43 64.71 -0.64
N HIS J 247 -72.70 64.55 0.64
CA HIS J 247 -74.09 64.42 1.01
C HIS J 247 -74.75 65.76 1.07
N GLU J 248 -74.17 66.67 1.86
CA GLU J 248 -74.64 68.04 2.07
C GLU J 248 -74.74 68.76 0.76
N LEU J 249 -74.42 68.07 -0.33
CA LEU J 249 -74.68 68.56 -1.66
C LEU J 249 -75.54 67.58 -2.44
N GLY J 250 -76.25 66.71 -1.74
CA GLY J 250 -77.35 65.98 -2.31
C GLY J 250 -76.99 65.05 -3.46
N LEU J 251 -75.69 64.91 -3.72
CA LEU J 251 -75.27 63.95 -4.72
C LEU J 251 -75.49 62.52 -4.29
N LEU J 252 -75.80 62.31 -3.02
CA LEU J 252 -75.87 60.99 -2.45
C LEU J 252 -77.33 60.55 -2.35
N LYS J 253 -77.66 59.47 -3.06
CA LYS J 253 -78.98 58.89 -3.06
C LYS J 253 -79.21 58.01 -1.84
N ASP J 254 -80.45 58.08 -1.32
CA ASP J 254 -80.92 57.25 -0.22
C ASP J 254 -79.99 57.32 0.97
N HIS J 255 -79.29 58.43 1.17
CA HIS J 255 -78.23 58.48 2.15
C HIS J 255 -78.42 59.54 3.20
N SER J 256 -78.54 59.09 4.46
CA SER J 256 -78.69 59.94 5.65
C SER J 256 -77.42 60.00 6.48
N LEU J 257 -77.20 61.13 7.14
CA LEU J 257 -76.00 61.28 7.96
C LEU J 257 -76.10 60.60 9.30
N GLU J 258 -77.26 60.12 9.72
CA GLU J 258 -77.31 59.24 10.88
C GLU J 258 -76.94 57.84 10.49
N GLY J 259 -77.08 57.51 9.21
CA GLY J 259 -76.74 56.19 8.70
C GLY J 259 -75.44 56.15 7.93
N ARG J 260 -74.47 56.98 8.32
CA ARG J 260 -73.23 57.12 7.57
C ARG J 260 -72.65 55.78 7.25
N TYR J 261 -71.56 55.80 6.49
CA TYR J 261 -70.74 54.63 6.28
C TYR J 261 -69.44 54.72 7.06
N PHE J 262 -68.72 55.79 6.89
CA PHE J 262 -67.42 55.93 7.51
C PHE J 262 -67.56 56.57 8.88
N GLN J 263 -68.03 55.76 9.82
CA GLN J 263 -68.40 56.22 11.15
C GLN J 263 -67.21 56.35 12.09
N ASN J 264 -67.33 57.29 13.01
CA ASN J 264 -66.39 57.40 14.11
C ASN J 264 -66.61 56.19 15.01
N TYR J 265 -65.60 55.34 15.14
CA TYR J 265 -65.82 54.03 15.75
C TYR J 265 -64.56 53.20 15.59
N SER J 266 -63.54 53.52 16.37
CA SER J 266 -62.39 52.65 16.30
C SER J 266 -62.81 51.24 16.68
N TYR J 267 -62.10 50.30 16.09
CA TYR J 267 -62.26 48.88 16.32
C TYR J 267 -61.10 48.43 17.18
N GLY J 268 -61.16 47.18 17.60
CA GLY J 268 -60.12 46.70 18.47
C GLY J 268 -59.24 45.66 17.86
N GLY J 269 -59.83 44.54 17.43
CA GLY J 269 -59.09 43.40 16.92
C GLY J 269 -58.76 43.59 15.46
N VAL J 270 -58.28 42.51 14.86
CA VAL J 270 -58.05 42.56 13.43
C VAL J 270 -58.98 41.54 12.80
N ILE J 271 -59.22 41.75 11.52
CA ILE J 271 -59.88 40.77 10.69
C ILE J 271 -58.85 40.25 9.72
N GLN J 272 -58.86 38.97 9.47
CA GLN J 272 -57.86 38.41 8.60
C GLN J 272 -58.34 38.56 7.18
N ASP J 273 -57.53 39.17 6.34
CA ASP J 273 -57.87 39.42 4.94
C ASP J 273 -56.59 39.57 4.12
N ASP J 274 -56.74 39.71 2.83
CA ASP J 274 -55.59 39.77 1.94
C ASP J 274 -54.58 40.81 2.35
N HIS J 275 -54.90 41.66 3.30
CA HIS J 275 -53.99 42.70 3.72
C HIS J 275 -52.97 42.25 4.75
N ILE J 276 -53.16 41.09 5.35
CA ILE J 276 -52.24 40.67 6.41
C ILE J 276 -50.82 40.55 5.89
N PRO J 277 -50.57 39.90 4.80
CA PRO J 277 -49.23 39.86 4.26
C PRO J 277 -48.60 41.19 4.09
N PHE J 278 -49.36 42.23 3.78
CA PHE J 278 -48.81 43.53 3.50
C PHE J 278 -48.79 44.41 4.70
N LEU J 279 -49.57 44.09 5.70
CA LEU J 279 -49.45 44.82 6.94
C LEU J 279 -48.21 44.39 7.66
N ARG J 280 -48.11 43.09 7.99
CA ARG J 280 -46.98 42.46 8.67
C ARG J 280 -45.66 43.12 8.34
N ARG J 281 -45.41 43.28 7.07
CA ARG J 281 -44.21 43.89 6.53
C ARG J 281 -44.23 45.42 6.60
N GLY J 282 -45.32 45.99 7.11
CA GLY J 282 -45.33 47.38 7.47
C GLY J 282 -45.79 48.33 6.41
N VAL J 283 -46.66 47.88 5.51
CA VAL J 283 -47.27 48.77 4.55
C VAL J 283 -48.44 49.46 5.26
N PRO J 284 -48.95 50.55 4.73
CA PRO J 284 -50.17 51.11 5.29
C PRO J 284 -51.39 50.56 4.58
N VAL J 285 -52.45 50.39 5.36
CA VAL J 285 -53.66 49.78 4.84
C VAL J 285 -54.87 50.59 5.24
N LEU J 286 -55.79 50.73 4.29
CA LEU J 286 -57.11 51.26 4.50
C LEU J 286 -58.02 50.12 4.16
N HIS J 287 -58.45 49.42 5.14
CA HIS J 287 -59.25 48.24 4.91
C HIS J 287 -60.70 48.69 4.89
N LEU J 288 -61.31 48.56 3.75
CA LEU J 288 -62.72 48.81 3.62
C LEU J 288 -63.41 47.48 3.55
N ILE J 289 -63.44 46.86 4.72
CA ILE J 289 -64.31 45.73 5.00
C ILE J 289 -65.26 46.24 6.06
N PRO J 290 -66.54 45.87 6.04
CA PRO J 290 -67.46 46.34 7.08
C PRO J 290 -67.63 45.40 8.28
N SER J 291 -68.04 46.02 9.39
CA SER J 291 -68.27 45.39 10.68
C SER J 291 -69.61 45.78 11.29
N PRO J 292 -70.57 44.85 11.30
CA PRO J 292 -70.35 43.46 10.95
C PRO J 292 -70.40 43.20 9.48
N PHE J 293 -70.08 41.99 9.10
CA PHE J 293 -70.23 41.47 7.77
C PHE J 293 -71.66 41.64 7.27
N PRO J 294 -71.88 41.58 6.03
CA PRO J 294 -73.22 41.37 5.50
C PRO J 294 -73.96 40.18 6.01
N GLU J 295 -75.28 40.21 5.89
CA GLU J 295 -76.11 39.15 6.44
C GLU J 295 -75.87 37.88 5.69
N VAL J 296 -75.78 37.98 4.38
CA VAL J 296 -75.80 36.79 3.54
C VAL J 296 -74.47 36.07 3.55
N TRP J 297 -73.49 36.63 4.24
CA TRP J 297 -72.16 36.08 4.33
C TRP J 297 -72.10 34.60 4.22
N HIS J 298 -71.12 34.16 3.51
CA HIS J 298 -70.89 32.77 3.18
C HIS J 298 -72.16 31.97 3.27
N THR J 299 -73.23 32.48 2.67
CA THR J 299 -74.45 31.73 2.41
C THR J 299 -74.86 31.89 0.96
N MET J 300 -75.52 30.89 0.42
CA MET J 300 -75.97 30.97 -0.97
C MET J 300 -76.84 32.19 -1.24
N ASP J 301 -77.16 32.96 -0.24
CA ASP J 301 -77.92 34.15 -0.46
C ASP J 301 -77.04 35.32 -0.83
N ASP J 302 -75.74 35.13 -0.90
CA ASP J 302 -74.87 36.24 -1.29
C ASP J 302 -74.98 36.34 -2.78
N ASN J 303 -75.94 37.11 -3.28
CA ASN J 303 -76.17 37.26 -4.74
C ASN J 303 -76.56 38.69 -5.06
N GLU J 304 -77.10 38.87 -6.27
CA GLU J 304 -77.46 40.20 -6.75
C GLU J 304 -78.70 40.68 -6.06
N GLU J 305 -79.77 39.89 -6.19
CA GLU J 305 -80.99 40.03 -5.42
C GLU J 305 -80.70 40.96 -4.26
N ASN J 306 -79.74 40.57 -3.43
CA ASN J 306 -79.54 41.17 -2.14
C ASN J 306 -78.64 42.39 -2.15
N LEU J 307 -78.31 42.97 -3.29
CA LEU J 307 -77.41 44.12 -3.29
C LEU J 307 -78.18 45.41 -3.44
N ASP J 308 -77.76 46.40 -2.75
CA ASP J 308 -78.49 47.65 -2.82
C ASP J 308 -77.79 48.61 -3.77
N GLU J 309 -78.43 48.83 -4.93
CA GLU J 309 -77.85 49.68 -5.95
C GLU J 309 -77.36 51.01 -5.40
N SER J 310 -77.93 51.47 -4.30
CA SER J 310 -77.72 52.87 -3.91
C SER J 310 -76.46 53.07 -3.11
N THR J 311 -76.22 52.17 -2.18
CA THR J 311 -75.04 52.31 -1.37
C THR J 311 -73.79 52.11 -2.21
N ILE J 312 -73.79 51.04 -3.01
CA ILE J 312 -72.68 50.78 -3.92
C ILE J 312 -72.30 52.03 -4.69
N ASP J 313 -73.24 52.56 -5.47
CA ASP J 313 -72.98 53.75 -6.23
C ASP J 313 -72.52 54.87 -5.33
N ASN J 314 -72.98 54.88 -4.11
CA ASN J 314 -72.67 55.99 -3.27
C ASN J 314 -71.30 55.91 -2.65
N LEU J 315 -70.70 54.73 -2.64
CA LEU J 315 -69.31 54.49 -2.28
C LEU J 315 -68.43 54.61 -3.50
N ASN J 316 -68.83 53.87 -4.52
CA ASN J 316 -68.27 53.96 -5.84
C ASN J 316 -67.96 55.40 -6.18
N LYS J 317 -68.58 56.31 -5.50
CA LYS J 317 -68.36 57.72 -5.70
C LYS J 317 -67.41 58.31 -4.67
N ILE J 318 -67.65 58.03 -3.40
CA ILE J 318 -66.73 58.56 -2.40
C ILE J 318 -65.36 58.11 -2.80
N LEU J 319 -65.28 56.96 -3.43
CA LEU J 319 -64.03 56.35 -3.80
C LEU J 319 -63.36 57.18 -4.87
N GLN J 320 -64.00 57.18 -6.05
CA GLN J 320 -63.46 57.80 -7.24
C GLN J 320 -62.95 59.18 -6.93
N VAL J 321 -63.58 59.84 -5.98
CA VAL J 321 -63.04 61.05 -5.42
C VAL J 321 -61.72 60.72 -4.75
N PHE J 322 -61.79 59.96 -3.65
CA PHE J 322 -60.65 59.83 -2.75
C PHE J 322 -59.39 59.58 -3.55
N VAL J 323 -59.50 58.66 -4.50
CA VAL J 323 -58.47 58.42 -5.47
C VAL J 323 -57.95 59.78 -5.89
N LEU J 324 -58.66 60.38 -6.84
CA LEU J 324 -58.28 61.64 -7.49
C LEU J 324 -57.70 62.61 -6.51
N GLU J 325 -58.15 62.56 -5.29
CA GLU J 325 -57.59 63.47 -4.34
C GLU J 325 -56.24 62.97 -3.88
N TYR J 326 -56.04 61.64 -3.90
CA TYR J 326 -54.73 61.12 -3.56
C TYR J 326 -53.73 61.51 -4.62
N LEU J 327 -54.17 61.45 -5.85
CA LEU J 327 -53.30 61.60 -6.99
C LEU J 327 -53.19 63.03 -7.44
N HIS J 328 -53.64 64.00 -6.65
CA HIS J 328 -53.65 65.37 -7.11
C HIS J 328 -54.20 65.48 -8.52
N LEU J 329 -55.36 64.89 -8.76
CA LEU J 329 -56.01 64.99 -10.08
C LEU J 329 -57.44 65.54 -9.97
N ALA K 1 -51.77 15.41 -10.76
CA ALA K 1 -50.38 15.11 -11.12
C ALA K 1 -50.25 14.66 -12.60
N SER K 2 -49.28 13.78 -12.85
CA SER K 2 -49.15 13.02 -14.10
C SER K 2 -48.10 11.96 -13.82
N ALA K 3 -47.60 11.26 -14.85
CA ALA K 3 -46.57 10.24 -14.66
C ALA K 3 -45.19 10.71 -15.12
N TRP K 4 -45.09 11.89 -15.65
CA TRP K 4 -43.86 12.41 -16.21
C TRP K 4 -42.81 12.69 -15.18
N PRO K 5 -43.16 12.98 -13.94
CA PRO K 5 -42.16 13.47 -13.01
C PRO K 5 -41.50 12.36 -12.23
N GLU K 6 -41.92 11.16 -12.43
CA GLU K 6 -41.19 10.00 -11.98
C GLU K 6 -40.22 9.51 -13.02
N GLU K 7 -40.19 10.09 -14.19
CA GLU K 7 -39.32 9.54 -15.20
C GLU K 7 -37.90 9.62 -14.70
N LYS K 8 -37.59 10.61 -13.87
CA LYS K 8 -36.23 10.74 -13.43
C LYS K 8 -35.76 9.49 -12.76
N ASN K 9 -36.66 8.82 -12.13
CA ASN K 9 -36.34 7.65 -11.40
C ASN K 9 -35.91 6.51 -12.25
N TYR K 10 -36.08 6.56 -13.56
CA TYR K 10 -35.77 5.40 -14.39
C TYR K 10 -34.79 5.68 -15.49
N HIS K 11 -34.45 6.91 -15.69
CA HIS K 11 -33.53 7.32 -16.73
C HIS K 11 -32.24 6.57 -16.65
N GLN K 12 -31.90 5.85 -17.76
CA GLN K 12 -30.60 5.25 -17.99
C GLN K 12 -29.76 6.11 -18.87
N PRO K 13 -28.46 6.04 -18.77
CA PRO K 13 -27.64 6.87 -19.62
C PRO K 13 -27.39 6.20 -20.96
N ALA K 14 -27.07 7.03 -21.94
CA ALA K 14 -26.59 6.56 -23.23
C ALA K 14 -25.07 6.52 -23.18
N ILE K 15 -24.51 5.36 -22.92
CA ILE K 15 -23.09 5.28 -22.59
C ILE K 15 -22.24 5.38 -23.85
N LEU K 16 -21.18 6.15 -23.78
CA LEU K 16 -20.32 6.39 -24.93
C LEU K 16 -19.23 5.36 -25.13
N ASN K 17 -19.07 4.93 -26.38
CA ASN K 17 -17.99 4.04 -26.81
C ASN K 17 -16.63 4.72 -26.84
N SER K 18 -15.63 3.91 -26.72
CA SER K 18 -14.29 4.43 -26.65
C SER K 18 -14.07 5.54 -27.65
N SER K 19 -14.64 5.40 -28.84
CA SER K 19 -14.29 6.31 -29.93
C SER K 19 -14.81 7.69 -29.66
N ALA K 20 -15.98 7.79 -29.05
CA ALA K 20 -16.49 9.10 -28.72
C ALA K 20 -15.81 9.63 -27.48
N LEU K 21 -15.49 8.74 -26.58
CA LEU K 21 -14.73 9.22 -25.47
C LEU K 21 -13.52 9.99 -25.93
N ARG K 22 -12.81 9.49 -26.93
CA ARG K 22 -11.61 10.17 -27.36
C ARG K 22 -11.91 11.52 -27.99
N GLN K 23 -12.99 11.63 -28.75
CA GLN K 23 -13.32 12.93 -29.33
C GLN K 23 -13.61 13.93 -28.24
N ILE K 24 -14.38 13.52 -27.23
CA ILE K 24 -14.79 14.46 -26.19
C ILE K 24 -13.57 15.00 -25.51
N ALA K 25 -12.67 14.12 -25.09
CA ALA K 25 -11.37 14.54 -24.61
C ALA K 25 -10.72 15.53 -25.50
N GLU K 26 -10.63 15.20 -26.79
CA GLU K 26 -9.90 16.04 -27.70
C GLU K 26 -10.48 17.42 -27.72
N GLY K 27 -11.76 17.51 -27.53
CA GLY K 27 -12.58 18.67 -27.71
C GLY K 27 -12.69 19.71 -26.65
N THR K 28 -12.05 19.62 -25.50
CA THR K 28 -12.10 20.67 -24.50
C THR K 28 -10.69 21.16 -24.27
N SER K 29 -10.51 22.43 -24.21
CA SER K 29 -9.16 22.94 -24.08
C SER K 29 -9.03 23.62 -22.76
N ILE K 30 -8.21 23.06 -21.89
CA ILE K 30 -8.04 23.67 -20.62
C ILE K 30 -7.33 24.98 -20.76
N SER K 31 -6.59 25.13 -21.80
CA SER K 31 -5.90 26.40 -21.97
C SER K 31 -6.84 27.45 -22.50
N GLU K 32 -7.77 27.04 -23.35
CA GLU K 32 -8.82 27.95 -23.71
C GLU K 32 -9.53 28.40 -22.45
N MET K 33 -10.01 27.44 -21.67
CA MET K 33 -10.80 27.75 -20.49
C MET K 33 -10.07 28.70 -19.60
N TRP K 34 -8.91 28.32 -19.21
CA TRP K 34 -8.20 29.16 -18.30
C TRP K 34 -8.19 30.61 -18.75
N GLN K 35 -8.07 30.81 -20.05
CA GLN K 35 -7.79 32.13 -20.53
C GLN K 35 -9.09 32.84 -20.83
N ASN K 36 -9.93 32.16 -21.56
CA ASN K 36 -11.16 32.79 -21.98
C ASN K 36 -12.25 32.69 -20.95
N ASP K 37 -12.35 31.62 -20.16
CA ASP K 37 -13.43 31.46 -19.18
C ASP K 37 -12.99 31.82 -17.76
N LEU K 38 -11.91 31.28 -17.29
CA LEU K 38 -11.74 31.44 -15.87
C LEU K 38 -11.04 32.73 -15.50
N GLN K 39 -9.97 33.07 -16.16
CA GLN K 39 -9.21 34.20 -15.67
C GLN K 39 -10.03 35.45 -15.42
N PRO K 40 -11.07 35.74 -16.15
CA PRO K 40 -11.85 36.93 -15.87
C PRO K 40 -12.65 36.84 -14.64
N LEU K 41 -12.90 35.68 -14.11
CA LEU K 41 -13.63 35.54 -12.86
C LEU K 41 -12.77 35.70 -11.65
N LEU K 42 -11.50 35.93 -11.76
CA LEU K 42 -10.63 35.99 -10.60
C LEU K 42 -10.46 37.40 -10.08
N ILE K 43 -11.56 37.93 -9.53
CA ILE K 43 -11.67 39.27 -8.99
C ILE K 43 -12.50 39.28 -7.70
N GLU K 44 -12.31 40.28 -6.86
CA GLU K 44 -13.22 40.48 -5.75
C GLU K 44 -14.61 40.66 -6.31
N ARG K 45 -15.58 39.77 -6.02
CA ARG K 45 -16.90 39.72 -6.63
C ARG K 45 -18.04 39.35 -5.63
N TYR K 46 -18.19 40.08 -4.56
CA TYR K 46 -19.26 39.78 -3.63
C TYR K 46 -20.52 40.47 -4.02
N PRO K 47 -21.64 40.10 -3.40
CA PRO K 47 -22.94 40.57 -3.87
C PRO K 47 -23.04 42.05 -3.76
N GLY K 48 -23.47 42.67 -4.87
CA GLY K 48 -23.58 44.12 -4.98
C GLY K 48 -22.29 44.86 -5.11
N SER K 49 -21.20 44.19 -5.36
CA SER K 49 -19.97 44.86 -5.69
C SER K 49 -19.88 45.03 -7.20
N PRO K 50 -18.96 45.88 -7.63
CA PRO K 50 -18.71 46.01 -9.04
C PRO K 50 -18.17 44.76 -9.69
N GLY K 51 -17.20 44.10 -9.05
CA GLY K 51 -16.84 42.74 -9.39
C GLY K 51 -18.06 41.89 -9.65
N SER K 52 -19.02 41.88 -8.72
CA SER K 52 -20.19 41.10 -8.96
C SER K 52 -20.74 41.36 -10.32
N TYR K 53 -20.92 42.62 -10.66
CA TYR K 53 -21.49 42.99 -11.96
C TYR K 53 -20.57 42.58 -13.07
N ALA K 54 -19.33 42.96 -12.97
CA ALA K 54 -18.40 42.47 -13.95
C ALA K 54 -18.60 41.01 -14.19
N ALA K 55 -18.39 40.22 -13.13
CA ALA K 55 -18.52 38.79 -13.15
C ALA K 55 -19.81 38.31 -13.70
N ARG K 56 -20.88 39.03 -13.40
CA ARG K 56 -22.18 38.62 -13.84
C ARG K 56 -22.32 38.77 -15.33
N GLN K 57 -21.86 39.90 -15.89
CA GLN K 57 -22.14 40.07 -17.32
C GLN K 57 -21.24 39.20 -18.16
N HIS K 58 -20.01 39.00 -17.68
CA HIS K 58 -19.08 38.09 -18.33
C HIS K 58 -19.66 36.72 -18.55
N ILE K 59 -20.13 36.10 -17.50
CA ILE K 59 -20.77 34.81 -17.67
C ILE K 59 -21.61 34.85 -18.91
N MET K 60 -22.51 35.83 -18.96
CA MET K 60 -23.53 35.88 -19.97
C MET K 60 -22.93 36.06 -21.37
N GLN K 61 -21.83 36.80 -21.46
CA GLN K 61 -21.23 36.93 -22.80
C GLN K 61 -20.62 35.64 -23.27
N ARG K 62 -20.21 34.79 -22.35
CA ARG K 62 -19.66 33.53 -22.76
C ARG K 62 -20.75 32.56 -23.18
N ILE K 63 -21.91 32.66 -22.58
CA ILE K 63 -23.04 31.91 -23.09
C ILE K 63 -23.68 32.59 -24.28
N GLN K 64 -23.71 33.91 -24.33
CA GLN K 64 -24.42 34.57 -25.42
C GLN K 64 -23.78 34.22 -26.74
N ARG K 65 -22.48 34.13 -26.73
CA ARG K 65 -21.68 33.89 -27.88
C ARG K 65 -21.69 32.47 -28.35
N LEU K 66 -22.55 31.64 -27.89
CA LEU K 66 -22.53 30.30 -28.40
C LEU K 66 -23.76 30.07 -29.26
N GLN K 67 -23.68 29.03 -30.04
CA GLN K 67 -24.71 28.84 -31.01
C GLN K 67 -25.94 28.17 -30.44
N ALA K 68 -25.82 27.37 -29.38
CA ALA K 68 -27.01 26.81 -28.77
C ALA K 68 -27.91 27.91 -28.26
N ASP K 69 -29.22 27.62 -28.22
CA ASP K 69 -30.19 28.66 -27.87
C ASP K 69 -30.44 28.66 -26.36
N TRP K 70 -29.42 29.09 -25.70
CA TRP K 70 -29.54 29.31 -24.29
C TRP K 70 -30.38 30.54 -24.09
N VAL K 71 -31.07 30.56 -22.96
CA VAL K 71 -32.07 31.53 -22.56
C VAL K 71 -31.63 32.13 -21.23
N LEU K 72 -30.78 33.12 -21.24
CA LEU K 72 -30.40 33.68 -19.97
C LEU K 72 -31.61 34.25 -19.25
N GLU K 73 -31.48 34.45 -17.92
CA GLU K 73 -32.44 35.10 -17.03
C GLU K 73 -31.65 35.69 -15.90
N ILE K 74 -31.96 36.86 -15.45
CA ILE K 74 -31.37 37.37 -14.23
C ILE K 74 -32.51 37.50 -13.24
N ASP K 75 -32.48 36.69 -12.22
CA ASP K 75 -33.54 36.69 -11.25
C ASP K 75 -32.95 37.50 -10.13
N THR K 76 -33.09 38.78 -10.25
CA THR K 76 -32.54 39.69 -9.28
C THR K 76 -33.55 39.88 -8.20
N PHE K 77 -33.09 40.11 -6.98
CA PHE K 77 -33.94 40.09 -5.82
C PHE K 77 -33.22 40.74 -4.71
N LEU K 78 -33.94 40.92 -3.61
CA LEU K 78 -33.51 41.71 -2.45
C LEU K 78 -33.65 40.86 -1.22
N SER K 79 -32.77 41.02 -0.24
CA SER K 79 -32.90 40.18 0.94
C SER K 79 -32.20 40.81 2.11
N GLN K 80 -32.67 40.50 3.30
CA GLN K 80 -32.14 41.13 4.48
C GLN K 80 -30.83 40.47 4.87
N THR K 81 -29.95 41.23 5.43
CA THR K 81 -28.69 40.65 5.86
C THR K 81 -28.17 41.24 7.15
N PRO K 82 -27.04 40.78 7.61
CA PRO K 82 -26.42 41.40 8.78
C PRO K 82 -25.96 42.82 8.55
N TYR K 83 -26.04 43.32 7.34
CA TYR K 83 -25.57 44.67 7.05
C TYR K 83 -26.64 45.44 6.32
N GLY K 84 -27.87 44.94 6.32
CA GLY K 84 -29.00 45.61 5.72
C GLY K 84 -29.60 44.81 4.60
N TYR K 85 -30.69 45.31 4.10
CA TYR K 85 -31.20 44.79 2.85
C TYR K 85 -30.18 45.01 1.76
N ARG K 86 -29.88 43.95 0.98
CA ARG K 86 -29.05 44.08 -0.21
C ARG K 86 -29.69 43.34 -1.36
N SER K 87 -29.04 43.44 -2.50
CA SER K 87 -29.52 42.95 -3.80
C SER K 87 -28.63 41.84 -4.40
N PHE K 88 -29.23 40.90 -5.10
CA PHE K 88 -28.55 39.70 -5.50
C PHE K 88 -29.10 39.32 -6.85
N SER K 89 -28.27 38.78 -7.72
CA SER K 89 -28.74 38.44 -9.05
C SER K 89 -28.32 37.02 -9.43
N ASN K 90 -29.26 36.10 -9.41
CA ASN K 90 -28.94 34.79 -9.86
C ASN K 90 -28.65 34.87 -11.33
N ILE K 91 -28.29 33.77 -11.95
CA ILE K 91 -28.16 33.69 -13.39
C ILE K 91 -28.62 32.31 -13.79
N ILE K 92 -29.45 32.21 -14.77
CA ILE K 92 -29.95 30.93 -15.17
C ILE K 92 -29.96 30.91 -16.66
N SER K 93 -29.57 29.80 -17.21
CA SER K 93 -29.43 29.67 -18.62
C SER K 93 -30.03 28.33 -19.00
N THR K 94 -31.13 28.33 -19.70
CA THR K 94 -31.87 27.12 -19.96
C THR K 94 -31.91 26.86 -21.45
N LEU K 95 -31.96 25.62 -21.79
CA LEU K 95 -32.21 25.14 -23.12
C LEU K 95 -33.53 24.45 -23.08
N ASN K 96 -34.53 24.98 -23.76
CA ASN K 96 -35.84 24.36 -23.86
C ASN K 96 -36.75 24.64 -22.68
N PRO K 97 -36.83 25.85 -22.27
CA PRO K 97 -37.52 26.19 -21.06
C PRO K 97 -38.81 25.42 -20.85
N THR K 98 -39.34 24.95 -21.95
CA THR K 98 -40.55 24.16 -21.92
C THR K 98 -40.27 22.68 -21.83
N ALA K 99 -39.08 22.23 -22.15
CA ALA K 99 -38.78 20.85 -21.85
C ALA K 99 -39.22 20.59 -20.43
N LYS K 100 -40.09 19.63 -20.28
CA LYS K 100 -40.55 19.19 -18.96
C LYS K 100 -39.37 18.96 -18.02
N ARG K 101 -38.48 18.06 -18.40
CA ARG K 101 -37.37 17.67 -17.57
C ARG K 101 -36.08 18.41 -17.93
N HIS K 102 -35.20 18.55 -16.93
CA HIS K 102 -33.92 19.20 -17.12
C HIS K 102 -32.85 18.67 -16.16
N LEU K 103 -31.69 18.33 -16.72
CA LEU K 103 -30.49 18.11 -15.96
C LEU K 103 -29.92 19.44 -15.64
N VAL K 104 -29.73 19.74 -14.37
CA VAL K 104 -29.27 21.04 -13.97
C VAL K 104 -27.89 20.89 -13.38
N LEU K 105 -27.01 21.83 -13.65
CA LEU K 105 -25.68 21.91 -13.17
C LEU K 105 -25.51 23.26 -12.55
N ALA K 106 -24.84 23.41 -11.44
CA ALA K 106 -24.86 24.70 -10.86
C ALA K 106 -23.64 24.95 -10.08
N CYS K 107 -23.41 26.18 -9.73
CA CYS K 107 -22.27 26.49 -8.94
C CYS K 107 -22.61 27.80 -8.34
N HIS K 108 -21.65 28.52 -7.78
CA HIS K 108 -21.86 29.83 -7.25
C HIS K 108 -20.84 30.90 -7.68
N TYR K 109 -21.37 32.03 -8.16
CA TYR K 109 -20.54 33.05 -8.74
C TYR K 109 -20.14 34.14 -7.81
N ASP K 110 -20.64 34.17 -6.59
CA ASP K 110 -20.08 35.11 -5.64
C ASP K 110 -18.77 34.64 -5.05
N SER K 111 -18.12 35.55 -4.38
CA SER K 111 -16.92 35.44 -3.63
C SER K 111 -17.22 35.79 -2.19
N LYS K 112 -16.66 35.12 -1.21
CA LYS K 112 -16.95 35.59 0.11
C LYS K 112 -16.48 37.01 0.25
N TYR K 113 -16.97 37.71 1.23
CA TYR K 113 -16.47 39.05 1.47
C TYR K 113 -15.38 39.06 2.51
N PHE K 114 -14.29 39.72 2.19
CA PHE K 114 -13.15 39.86 3.07
C PHE K 114 -12.60 41.25 3.01
N SER K 115 -12.19 41.78 4.14
CA SER K 115 -11.39 42.98 4.09
C SER K 115 -10.11 42.69 3.38
N HIS K 116 -9.39 43.71 3.01
CA HIS K 116 -8.13 43.52 2.33
C HIS K 116 -7.06 43.39 3.37
N TRP K 117 -6.23 42.40 3.24
CA TRP K 117 -5.18 42.12 4.21
C TRP K 117 -3.84 42.18 3.50
N ASN K 118 -2.85 42.84 4.10
CA ASN K 118 -1.56 43.01 3.46
C ASN K 118 -1.78 43.22 1.98
N ASN K 119 -2.70 44.09 1.69
CA ASN K 119 -2.87 44.45 0.31
C ASN K 119 -3.28 43.27 -0.50
N ARG K 120 -3.81 42.26 0.14
CA ARG K 120 -4.22 41.08 -0.57
C ARG K 120 -5.72 41.02 -0.56
N VAL K 121 -6.29 40.33 -1.54
CA VAL K 121 -7.72 40.30 -1.80
C VAL K 121 -8.19 38.89 -1.98
N PHE K 122 -9.39 38.60 -1.54
CA PHE K 122 -9.91 37.25 -1.65
C PHE K 122 -10.71 37.12 -2.93
N VAL K 123 -10.34 36.16 -3.77
CA VAL K 123 -10.94 35.97 -5.08
C VAL K 123 -11.56 34.61 -5.24
N GLY K 124 -11.31 33.73 -4.35
CA GLY K 124 -11.99 32.51 -4.46
C GLY K 124 -11.80 31.72 -5.69
N ALA K 125 -10.63 31.16 -5.96
CA ALA K 125 -10.45 30.43 -7.19
C ALA K 125 -11.19 29.14 -7.25
N THR K 126 -11.12 28.34 -6.21
CA THR K 126 -11.90 27.12 -6.07
C THR K 126 -13.35 27.38 -5.72
N ASP K 127 -13.60 28.47 -5.06
CA ASP K 127 -14.73 28.68 -4.35
C ASP K 127 -15.32 29.91 -4.89
N SER K 128 -15.94 29.89 -6.01
CA SER K 128 -16.15 28.82 -6.89
C SER K 128 -15.87 29.27 -8.29
N ALA K 129 -14.89 30.12 -8.51
CA ALA K 129 -14.51 30.52 -9.86
C ALA K 129 -14.24 29.34 -10.80
N VAL K 130 -13.43 28.40 -10.43
CA VAL K 130 -13.23 27.27 -11.28
C VAL K 130 -14.51 26.56 -11.65
N PRO K 131 -15.40 26.26 -10.74
CA PRO K 131 -16.61 25.58 -11.20
C PRO K 131 -17.44 26.44 -12.11
N CYS K 132 -17.38 27.75 -11.99
CA CYS K 132 -18.08 28.61 -12.89
C CYS K 132 -17.57 28.42 -14.31
N ALA K 133 -16.25 28.43 -14.44
CA ALA K 133 -15.63 28.15 -15.66
C ALA K 133 -15.89 26.76 -16.10
N MET K 134 -15.69 25.80 -15.28
CA MET K 134 -15.85 24.47 -15.84
C MET K 134 -17.15 24.37 -16.56
N MET K 135 -18.11 25.12 -16.13
CA MET K 135 -19.46 25.05 -16.66
C MET K 135 -19.55 25.82 -17.94
N LEU K 136 -18.88 26.93 -18.00
CA LEU K 136 -18.76 27.59 -19.25
C LEU K 136 -18.12 26.69 -20.29
N GLU K 137 -16.89 26.32 -20.05
CA GLU K 137 -16.20 25.42 -20.91
C GLU K 137 -16.96 24.17 -21.20
N LEU K 138 -17.91 23.84 -20.44
CA LEU K 138 -18.61 22.65 -20.83
C LEU K 138 -19.47 22.97 -22.01
N ALA K 139 -19.92 24.19 -22.07
CA ALA K 139 -20.94 24.55 -23.01
C ALA K 139 -20.33 25.02 -24.28
N ARG K 140 -19.24 25.72 -24.19
CA ARG K 140 -18.40 25.85 -25.36
C ARG K 140 -18.13 24.49 -25.93
N ALA K 141 -17.49 23.63 -25.18
CA ALA K 141 -17.01 22.35 -25.70
C ALA K 141 -18.11 21.51 -26.24
N LEU K 142 -19.27 21.59 -25.70
CA LEU K 142 -20.39 20.77 -26.13
C LEU K 142 -21.40 21.48 -27.02
N ASP K 143 -21.16 22.72 -27.39
CA ASP K 143 -22.15 23.50 -28.12
C ASP K 143 -22.76 22.70 -29.26
N LYS K 144 -21.94 22.12 -30.14
CA LYS K 144 -22.49 21.48 -31.32
C LYS K 144 -23.42 20.31 -31.01
N LYS K 145 -23.11 19.52 -30.02
CA LYS K 145 -24.03 18.43 -29.79
C LYS K 145 -25.21 18.90 -28.99
N LEU K 146 -25.20 20.14 -28.52
CA LEU K 146 -26.32 20.62 -27.74
C LEU K 146 -27.41 21.14 -28.63
N LEU K 147 -27.05 21.95 -29.62
CA LEU K 147 -27.87 22.31 -30.76
C LEU K 147 -28.84 21.21 -31.19
N SER K 148 -28.57 20.00 -30.91
CA SER K 148 -29.48 18.94 -31.30
C SER K 148 -30.70 18.88 -30.52
N LEU K 149 -31.06 19.91 -29.77
CA LEU K 149 -32.30 19.93 -29.01
C LEU K 149 -33.17 21.05 -29.52
N LYS K 150 -33.13 21.25 -30.83
CA LYS K 150 -33.85 22.32 -31.53
C LYS K 150 -33.75 23.68 -30.83
N PRO K 157 -37.34 11.69 -25.46
CA PRO K 157 -37.37 12.05 -24.04
C PRO K 157 -37.26 13.51 -23.82
N ASP K 158 -38.25 14.09 -23.16
CA ASP K 158 -38.41 15.54 -23.17
C ASP K 158 -37.48 16.11 -22.12
N LEU K 159 -36.23 16.30 -22.50
CA LEU K 159 -35.23 16.55 -21.50
C LEU K 159 -34.17 17.40 -22.06
N SER K 160 -33.73 18.42 -21.33
CA SER K 160 -32.72 19.35 -21.83
C SER K 160 -31.85 19.78 -20.64
N LEU K 161 -31.15 20.90 -20.74
CA LEU K 161 -30.04 21.25 -19.89
C LEU K 161 -30.19 22.63 -19.31
N GLN K 162 -29.83 22.84 -18.04
CA GLN K 162 -29.93 24.13 -17.38
C GLN K 162 -28.68 24.34 -16.62
N LEU K 163 -28.22 25.53 -16.56
CA LEU K 163 -27.14 25.91 -15.69
C LEU K 163 -27.66 26.95 -14.74
N ILE K 164 -27.01 27.12 -13.58
CA ILE K 164 -27.40 28.09 -12.58
C ILE K 164 -26.15 28.61 -11.91
N PHE K 165 -25.97 29.84 -11.90
CA PHE K 165 -24.88 30.42 -11.20
C PHE K 165 -25.51 31.18 -10.08
N PHE K 166 -25.57 30.61 -8.90
CA PHE K 166 -26.12 31.26 -7.74
C PHE K 166 -25.27 32.40 -7.20
N ASP K 167 -25.93 33.38 -6.62
CA ASP K 167 -25.30 34.51 -5.96
C ASP K 167 -25.56 34.39 -4.47
N GLY K 168 -24.73 35.01 -3.70
CA GLY K 168 -24.92 35.01 -2.29
C GLY K 168 -24.77 33.75 -1.51
N GLU K 169 -24.32 32.64 -2.08
CA GLU K 169 -24.00 31.45 -1.31
C GLU K 169 -23.31 31.77 -0.01
N GLU K 170 -22.37 32.65 -0.05
CA GLU K 170 -21.51 32.81 1.08
C GLU K 170 -22.12 33.70 2.10
N ALA K 171 -21.87 33.41 3.34
CA ALA K 171 -22.25 34.28 4.41
C ALA K 171 -21.63 35.64 4.23
N PHE K 172 -22.27 36.67 4.74
CA PHE K 172 -21.64 37.97 4.78
C PHE K 172 -20.86 38.13 6.04
N LEU K 173 -21.39 37.59 7.10
CA LEU K 173 -20.72 37.74 8.37
C LEU K 173 -20.40 36.37 8.94
N HIS K 174 -21.39 35.54 9.24
CA HIS K 174 -21.02 34.32 9.95
C HIS K 174 -22.04 33.22 9.72
N TRP K 175 -21.57 32.24 8.96
CA TRP K 175 -22.29 31.09 8.45
C TRP K 175 -23.47 30.80 9.30
N SER K 176 -24.61 30.62 8.69
CA SER K 176 -25.83 30.47 9.43
C SER K 176 -27.09 30.47 8.60
N PRO K 177 -28.04 29.64 8.86
CA PRO K 177 -29.18 29.47 7.97
C PRO K 177 -29.91 30.75 7.58
N GLN K 178 -29.58 31.80 8.29
CA GLN K 178 -30.12 33.10 8.02
C GLN K 178 -29.22 33.92 7.09
N ASP K 179 -27.96 33.53 6.99
CA ASP K 179 -26.90 34.33 6.41
C ASP K 179 -26.03 33.49 5.50
N SER K 180 -26.63 32.94 4.48
CA SER K 180 -25.94 32.03 3.63
C SER K 180 -26.90 31.71 2.52
N LEU K 181 -26.43 30.99 1.56
CA LEU K 181 -27.34 30.49 0.57
C LEU K 181 -28.46 31.40 0.24
N TYR K 182 -28.21 32.68 0.18
CA TYR K 182 -29.26 33.55 -0.22
C TYR K 182 -29.82 33.14 -1.54
N GLY K 183 -29.00 32.91 -2.51
CA GLY K 183 -29.50 32.82 -3.83
C GLY K 183 -30.34 31.62 -4.06
N SER K 184 -29.95 30.49 -3.50
CA SER K 184 -30.63 29.23 -3.78
C SER K 184 -31.84 29.08 -2.94
N ARG K 185 -31.81 29.63 -1.76
CA ARG K 185 -32.99 29.56 -0.93
C ARG K 185 -34.12 30.26 -1.65
N HIS K 186 -33.77 31.37 -2.31
CA HIS K 186 -34.67 32.14 -3.14
C HIS K 186 -35.10 31.35 -4.33
N LEU K 187 -34.17 30.87 -5.09
CA LEU K 187 -34.58 30.25 -6.32
C LEU K 187 -35.22 28.93 -6.08
N ALA K 188 -34.98 28.31 -4.94
CA ALA K 188 -35.64 27.05 -4.66
C ALA K 188 -37.08 27.27 -4.41
N ALA K 189 -37.40 28.24 -3.59
CA ALA K 189 -38.79 28.50 -3.24
C ALA K 189 -39.56 28.95 -4.43
N LYS K 190 -38.91 29.77 -5.26
CA LYS K 190 -39.50 30.30 -6.47
C LYS K 190 -39.73 29.24 -7.52
N MET K 191 -39.04 28.15 -7.48
CA MET K 191 -39.31 27.07 -8.40
C MET K 191 -40.31 26.11 -7.78
N ALA K 192 -40.22 25.90 -6.51
CA ALA K 192 -41.24 25.14 -5.89
C ALA K 192 -42.58 25.77 -6.18
N SER K 193 -42.60 27.11 -6.37
CA SER K 193 -43.83 27.89 -6.51
C SER K 193 -44.14 28.30 -7.93
N THR K 194 -43.42 27.80 -8.92
CA THR K 194 -43.73 28.10 -10.29
C THR K 194 -44.30 26.85 -10.94
N PRO K 195 -45.47 26.85 -11.52
CA PRO K 195 -45.89 25.66 -12.22
C PRO K 195 -44.98 25.39 -13.40
N HIS K 196 -45.00 24.14 -13.86
CA HIS K 196 -44.31 23.84 -15.09
C HIS K 196 -44.74 22.46 -15.46
N PRO K 197 -44.96 22.20 -16.75
CA PRO K 197 -44.75 23.20 -17.81
C PRO K 197 -45.92 24.15 -17.82
N PRO K 198 -45.80 25.32 -18.50
CA PRO K 198 -46.80 26.37 -18.35
C PRO K 198 -48.19 25.79 -18.40
N GLY K 199 -49.02 26.18 -17.43
CA GLY K 199 -50.38 25.76 -17.35
C GLY K 199 -50.64 24.47 -16.60
N ALA K 200 -49.62 23.69 -16.31
CA ALA K 200 -49.85 22.57 -15.46
C ALA K 200 -50.42 23.05 -14.14
N ARG K 201 -51.09 22.16 -13.46
CA ARG K 201 -51.87 22.52 -12.31
C ARG K 201 -51.42 21.90 -11.01
N GLY K 202 -50.65 20.81 -11.03
CA GLY K 202 -50.06 20.24 -9.83
C GLY K 202 -48.57 19.90 -9.81
N THR K 203 -47.72 20.55 -10.63
CA THR K 203 -46.33 20.19 -10.86
C THR K 203 -45.51 21.42 -11.17
N SER K 204 -44.41 21.62 -10.43
CA SER K 204 -43.59 22.82 -10.46
C SER K 204 -42.25 22.60 -11.15
N GLN K 205 -41.53 23.68 -11.26
CA GLN K 205 -40.27 23.58 -11.93
C GLN K 205 -39.44 22.52 -11.23
N LEU K 206 -39.31 22.60 -9.90
CA LEU K 206 -38.63 21.56 -9.13
C LEU K 206 -39.09 20.16 -9.41
N HIS K 207 -40.27 19.93 -9.94
CA HIS K 207 -40.59 18.59 -10.37
C HIS K 207 -39.82 18.19 -11.60
N GLY K 208 -39.22 19.13 -12.26
CA GLY K 208 -38.58 18.81 -13.50
C GLY K 208 -37.15 19.16 -13.42
N MET K 209 -36.60 19.08 -12.23
CA MET K 209 -35.19 18.99 -12.00
C MET K 209 -34.94 17.53 -11.84
N ASP K 210 -34.36 16.94 -12.86
CA ASP K 210 -34.17 15.50 -12.87
C ASP K 210 -33.11 15.10 -11.87
N LEU K 211 -32.13 15.98 -11.71
CA LEU K 211 -30.95 15.79 -10.92
C LEU K 211 -30.29 17.10 -10.89
N LEU K 212 -29.68 17.47 -9.79
CA LEU K 212 -28.99 18.72 -9.63
C LEU K 212 -27.55 18.39 -9.38
N VAL K 213 -26.66 18.88 -10.23
CA VAL K 213 -25.25 18.57 -10.13
C VAL K 213 -24.58 19.80 -9.67
N LEU K 214 -24.12 19.82 -8.47
CA LEU K 214 -23.65 21.05 -7.88
C LEU K 214 -22.16 20.98 -7.77
N LEU K 215 -21.47 21.95 -8.32
CA LEU K 215 -20.04 21.99 -8.21
C LEU K 215 -19.62 23.02 -7.20
N ASP K 216 -18.70 22.65 -6.37
CA ASP K 216 -18.21 23.54 -5.38
C ASP K 216 -16.87 23.03 -4.93
N LEU K 217 -16.04 23.98 -4.58
CA LEU K 217 -14.70 23.81 -4.13
C LEU K 217 -13.93 22.85 -4.99
N ILE K 218 -13.94 23.07 -6.26
CA ILE K 218 -13.18 22.27 -7.19
C ILE K 218 -12.00 23.08 -7.70
N GLY K 219 -10.93 22.36 -8.06
CA GLY K 219 -9.69 22.91 -8.46
C GLY K 219 -8.46 22.64 -7.65
N ALA K 220 -8.46 21.75 -6.69
CA ALA K 220 -7.24 21.65 -5.93
C ALA K 220 -6.63 20.28 -6.09
N PRO K 221 -5.43 20.13 -5.68
CA PRO K 221 -4.74 18.88 -5.89
C PRO K 221 -5.38 17.77 -5.13
N ASN K 222 -5.64 16.71 -5.77
CA ASN K 222 -6.00 15.46 -5.08
C ASN K 222 -7.36 15.51 -4.43
N PRO K 223 -8.39 16.04 -5.07
CA PRO K 223 -9.71 16.01 -4.50
C PRO K 223 -10.15 14.61 -4.39
N THR K 224 -11.10 14.39 -3.46
CA THR K 224 -11.86 13.17 -3.24
C THR K 224 -13.29 13.51 -2.93
N PHE K 225 -14.25 12.98 -3.68
CA PHE K 225 -15.64 13.36 -3.63
C PHE K 225 -16.53 12.28 -3.04
N PRO K 226 -17.13 12.41 -1.89
CA PRO K 226 -17.95 11.35 -1.37
C PRO K 226 -19.25 11.13 -2.10
N ASN K 227 -19.80 9.95 -1.96
CA ASN K 227 -21.14 9.62 -2.39
C ASN K 227 -22.14 9.96 -1.31
N PHE K 228 -22.67 11.15 -1.35
CA PHE K 228 -23.42 11.73 -0.28
C PHE K 228 -24.84 11.23 -0.16
N PHE K 229 -25.54 10.97 -1.24
CA PHE K 229 -26.95 10.65 -1.13
C PHE K 229 -27.36 9.37 -1.83
N PRO K 230 -28.29 8.72 -1.38
CA PRO K 230 -28.67 7.51 -2.07
C PRO K 230 -29.62 7.67 -3.21
N ASN K 231 -30.45 8.65 -3.18
CA ASN K 231 -31.23 8.86 -4.37
C ASN K 231 -30.34 9.28 -5.53
N SER K 232 -29.07 9.50 -5.33
CA SER K 232 -28.20 9.85 -6.43
C SER K 232 -26.99 8.94 -6.58
N ALA K 233 -26.85 7.92 -5.77
CA ALA K 233 -25.68 7.06 -5.77
C ALA K 233 -25.36 6.51 -7.12
N ARG K 234 -26.36 6.12 -7.87
CA ARG K 234 -26.15 5.39 -9.11
C ARG K 234 -25.53 6.27 -10.19
N TRP K 235 -25.78 7.56 -10.14
CA TRP K 235 -25.07 8.53 -10.91
C TRP K 235 -23.68 8.78 -10.39
N PHE K 236 -23.39 8.50 -9.14
CA PHE K 236 -22.03 8.61 -8.69
C PHE K 236 -21.28 7.43 -9.25
N GLU K 237 -21.94 6.31 -9.24
CA GLU K 237 -21.31 5.15 -9.79
C GLU K 237 -20.92 5.36 -11.23
N ARG K 238 -21.59 6.23 -11.97
CA ARG K 238 -21.30 6.57 -13.36
C ARG K 238 -20.20 7.55 -13.44
N LEU K 239 -20.17 8.55 -12.60
CA LEU K 239 -18.97 9.32 -12.52
C LEU K 239 -17.75 8.47 -12.19
N GLN K 240 -17.91 7.30 -11.62
CA GLN K 240 -16.82 6.40 -11.30
C GLN K 240 -16.49 5.53 -12.47
N ALA K 241 -17.46 5.11 -13.21
CA ALA K 241 -17.12 4.30 -14.35
C ALA K 241 -16.61 5.13 -15.48
N ILE K 242 -16.74 6.44 -15.39
CA ILE K 242 -16.26 7.32 -16.41
C ILE K 242 -14.83 7.67 -16.16
N GLU K 243 -14.54 8.15 -14.99
CA GLU K 243 -13.16 8.30 -14.61
C GLU K 243 -12.37 7.05 -14.88
N HIS K 244 -12.95 5.89 -14.78
CA HIS K 244 -12.14 4.68 -14.91
C HIS K 244 -11.76 4.49 -16.33
N GLU K 245 -12.74 4.47 -17.19
CA GLU K 245 -12.56 4.24 -18.59
C GLU K 245 -11.77 5.38 -19.21
N LEU K 246 -11.98 6.58 -18.85
CA LEU K 246 -11.15 7.57 -19.47
C LEU K 246 -9.69 7.38 -19.12
N HIS K 247 -9.42 6.86 -17.96
CA HIS K 247 -8.03 6.58 -17.58
C HIS K 247 -7.59 5.32 -18.29
N GLU K 248 -8.33 4.25 -18.16
CA GLU K 248 -7.96 3.01 -18.82
C GLU K 248 -7.70 3.23 -20.31
N LEU K 249 -7.96 4.42 -20.82
CA LEU K 249 -7.74 4.77 -22.22
C LEU K 249 -6.71 5.85 -22.36
N GLY K 250 -6.04 6.17 -21.31
CA GLY K 250 -5.05 7.17 -21.43
C GLY K 250 -5.60 8.50 -21.81
N LEU K 251 -6.84 8.79 -21.46
CA LEU K 251 -7.38 10.11 -21.69
C LEU K 251 -7.33 11.04 -20.49
N LEU K 252 -6.87 10.61 -19.34
CA LEU K 252 -6.61 11.55 -18.27
C LEU K 252 -5.12 11.78 -18.10
N LYS K 253 -4.76 12.93 -17.52
CA LYS K 253 -3.39 13.41 -17.33
C LYS K 253 -2.88 13.39 -15.89
N ASP K 254 -1.68 12.87 -15.68
CA ASP K 254 -1.13 12.83 -14.36
C ASP K 254 -2.08 12.20 -13.36
N HIS K 255 -2.65 11.06 -13.71
CA HIS K 255 -3.74 10.38 -13.03
C HIS K 255 -3.50 8.90 -12.75
N SER K 256 -3.66 8.50 -11.55
CA SER K 256 -3.57 7.14 -11.20
C SER K 256 -4.81 6.79 -10.48
N LEU K 257 -5.18 5.54 -10.57
CA LEU K 257 -6.33 5.00 -9.89
C LEU K 257 -6.17 4.87 -8.40
N GLU K 258 -4.98 5.01 -7.86
CA GLU K 258 -4.79 5.05 -6.43
C GLU K 258 -4.92 6.44 -5.89
N GLY K 259 -5.42 7.33 -6.72
CA GLY K 259 -5.74 8.68 -6.42
C GLY K 259 -6.96 9.12 -7.19
N ARG K 260 -7.87 8.20 -7.47
CA ARG K 260 -9.20 8.46 -7.97
C ARG K 260 -9.75 9.72 -7.35
N TYR K 261 -10.60 10.36 -8.10
CA TYR K 261 -11.38 11.46 -7.60
C TYR K 261 -12.68 10.98 -6.97
N PHE K 262 -13.31 10.04 -7.55
CA PHE K 262 -14.49 9.48 -6.99
C PHE K 262 -14.30 8.12 -6.32
N GLN K 263 -13.96 8.11 -5.05
CA GLN K 263 -13.82 6.87 -4.29
C GLN K 263 -15.13 6.47 -3.63
N ASN K 264 -15.47 5.17 -3.64
CA ASN K 264 -16.75 4.71 -3.08
C ASN K 264 -16.65 4.64 -1.56
N TYR K 265 -16.59 5.82 -0.97
CA TYR K 265 -16.63 6.06 0.46
C TYR K 265 -17.88 6.90 0.68
N SER K 266 -18.79 6.43 1.53
CA SER K 266 -19.99 7.18 1.86
C SER K 266 -19.67 8.17 2.97
N TYR K 267 -20.50 9.19 3.13
CA TYR K 267 -20.22 10.23 4.11
C TYR K 267 -21.21 10.16 5.27
N GLY K 268 -20.76 10.66 6.43
CA GLY K 268 -21.55 10.58 7.63
C GLY K 268 -22.53 11.73 7.74
N GLY K 269 -22.00 12.93 8.05
CA GLY K 269 -22.79 14.15 8.20
C GLY K 269 -23.14 14.77 6.86
N VAL K 270 -23.44 16.09 6.90
CA VAL K 270 -23.82 16.81 5.68
C VAL K 270 -23.18 18.19 5.59
N ILE K 271 -23.01 18.64 4.38
CA ILE K 271 -22.38 19.91 4.05
C ILE K 271 -23.50 20.90 3.73
N GLN K 272 -23.46 22.09 4.31
CA GLN K 272 -24.40 23.10 3.87
C GLN K 272 -23.89 23.76 2.59
N ASP K 273 -24.67 23.75 1.55
CA ASP K 273 -24.21 24.40 0.35
C ASP K 273 -25.46 24.73 -0.43
N ASP K 274 -25.31 25.31 -1.56
CA ASP K 274 -26.44 25.78 -2.34
C ASP K 274 -27.35 24.69 -2.79
N HIS K 275 -27.26 23.43 -2.41
CA HIS K 275 -28.26 22.41 -2.73
C HIS K 275 -29.31 22.19 -1.64
N ILE K 276 -29.01 22.51 -0.40
CA ILE K 276 -29.90 22.26 0.71
C ILE K 276 -31.31 22.63 0.30
N PRO K 277 -31.55 23.82 -0.23
CA PRO K 277 -32.90 24.21 -0.49
C PRO K 277 -33.54 23.42 -1.51
N PHE K 278 -32.85 22.56 -2.18
CA PHE K 278 -33.46 21.72 -3.18
C PHE K 278 -33.54 20.31 -2.72
N LEU K 279 -32.74 19.97 -1.78
CA LEU K 279 -32.71 18.62 -1.34
C LEU K 279 -33.82 18.36 -0.32
N ARG K 280 -34.12 19.32 0.51
CA ARG K 280 -35.20 19.09 1.42
C ARG K 280 -36.51 19.37 0.77
N ARG K 281 -36.49 19.69 -0.51
CA ARG K 281 -37.67 19.74 -1.32
C ARG K 281 -37.72 18.64 -2.31
N GLY K 282 -36.87 17.66 -2.18
CA GLY K 282 -37.03 16.48 -2.94
C GLY K 282 -36.44 16.47 -4.30
N VAL K 283 -35.41 17.26 -4.53
CA VAL K 283 -34.60 17.19 -5.73
C VAL K 283 -33.39 16.30 -5.51
N PRO K 284 -33.11 15.40 -6.41
CA PRO K 284 -31.91 14.58 -6.27
C PRO K 284 -30.65 15.40 -6.47
N VAL K 285 -29.64 15.17 -5.66
CA VAL K 285 -28.45 16.00 -5.71
C VAL K 285 -27.20 15.08 -5.88
N LEU K 286 -26.30 15.54 -6.77
CA LEU K 286 -24.98 15.04 -6.86
C LEU K 286 -24.09 16.16 -6.48
N HIS K 287 -23.65 16.18 -5.26
CA HIS K 287 -22.89 17.28 -4.73
C HIS K 287 -21.41 17.02 -5.00
N LEU K 288 -20.85 17.74 -5.91
CA LEU K 288 -19.48 17.55 -6.26
C LEU K 288 -18.71 18.58 -5.51
N ILE K 289 -18.58 18.29 -4.22
CA ILE K 289 -17.75 19.10 -3.34
C ILE K 289 -16.82 18.07 -2.74
N PRO K 290 -15.54 18.33 -2.59
CA PRO K 290 -14.59 17.31 -2.12
C PRO K 290 -14.49 17.26 -0.62
N SER K 291 -14.17 16.11 -0.07
CA SER K 291 -13.89 16.06 1.36
C SER K 291 -12.65 15.37 1.54
N PRO K 292 -11.67 16.02 2.07
CA PRO K 292 -11.74 17.31 2.63
C PRO K 292 -11.80 18.53 1.73
N PHE K 293 -11.98 19.68 2.28
CA PHE K 293 -11.94 20.88 1.51
C PHE K 293 -10.53 21.17 1.04
N PRO K 294 -10.37 21.95 0.02
CA PRO K 294 -9.05 22.44 -0.30
C PRO K 294 -8.33 23.01 0.89
N GLU K 295 -7.04 22.84 0.98
CA GLU K 295 -6.37 23.42 2.10
C GLU K 295 -6.42 24.89 2.11
N VAL K 296 -6.65 25.49 1.01
CA VAL K 296 -6.58 26.94 0.98
C VAL K 296 -7.94 27.57 1.23
N TRP K 297 -8.95 26.77 1.60
CA TRP K 297 -10.31 27.23 1.61
C TRP K 297 -10.41 28.44 2.48
N HIS K 298 -11.18 29.41 2.01
CA HIS K 298 -11.41 30.67 2.70
C HIS K 298 -10.15 31.33 3.29
N THR K 299 -9.05 31.29 2.55
CA THR K 299 -7.82 32.04 2.77
C THR K 299 -7.42 32.76 1.52
N MET K 300 -6.50 33.71 1.65
CA MET K 300 -6.06 34.43 0.47
C MET K 300 -5.28 33.55 -0.48
N ASP K 301 -4.68 32.60 -0.05
CA ASP K 301 -4.06 31.70 -0.97
C ASP K 301 -5.03 31.00 -1.83
N ASP K 302 -6.29 31.28 -2.00
CA ASP K 302 -7.17 30.51 -2.86
C ASP K 302 -7.17 31.25 -4.19
N ASN K 303 -6.02 31.17 -4.77
CA ASN K 303 -5.70 31.98 -5.86
C ASN K 303 -5.39 31.05 -6.98
N GLU K 304 -5.01 31.64 -8.12
CA GLU K 304 -4.73 30.87 -9.34
C GLU K 304 -3.46 30.11 -9.19
N GLU K 305 -2.50 30.64 -8.43
CA GLU K 305 -1.21 30.01 -8.27
C GLU K 305 -1.40 28.59 -7.79
N ASN K 306 -2.43 28.37 -6.95
CA ASN K 306 -2.60 27.12 -6.25
C ASN K 306 -3.60 26.17 -6.84
N LEU K 307 -4.01 26.36 -8.06
CA LEU K 307 -4.89 25.50 -8.79
C LEU K 307 -4.17 24.45 -9.62
N ASP K 308 -4.57 23.17 -9.54
CA ASP K 308 -3.98 22.05 -10.29
C ASP K 308 -4.69 22.03 -11.60
N GLU K 309 -4.02 22.53 -12.64
CA GLU K 309 -4.54 22.54 -13.99
C GLU K 309 -4.73 21.13 -14.54
N SER K 310 -3.87 20.21 -14.19
CA SER K 310 -4.07 18.83 -14.65
C SER K 310 -5.39 18.28 -14.16
N THR K 311 -5.76 18.58 -12.90
CA THR K 311 -6.94 18.01 -12.27
C THR K 311 -8.17 18.60 -12.85
N ILE K 312 -8.18 19.88 -12.99
CA ILE K 312 -9.35 20.51 -13.58
C ILE K 312 -9.62 19.96 -14.96
N ASP K 313 -8.61 19.89 -15.81
CA ASP K 313 -8.78 19.32 -17.13
C ASP K 313 -9.32 17.92 -17.07
N ASN K 314 -8.83 17.11 -16.14
CA ASN K 314 -9.40 15.79 -15.97
C ASN K 314 -10.86 15.87 -15.56
N LEU K 315 -11.25 16.82 -14.72
CA LEU K 315 -12.64 16.83 -14.28
C LEU K 315 -13.54 17.38 -15.35
N ASN K 316 -13.06 18.33 -16.12
CA ASN K 316 -13.80 18.78 -17.31
C ASN K 316 -14.21 17.62 -18.21
N LYS K 317 -13.37 16.65 -18.39
CA LYS K 317 -13.69 15.58 -19.29
C LYS K 317 -14.70 14.68 -18.74
N ILE K 318 -14.59 14.35 -17.45
CA ILE K 318 -15.55 13.47 -16.78
C ILE K 318 -16.95 14.09 -16.79
N LEU K 319 -17.03 15.36 -16.53
CA LEU K 319 -18.30 16.01 -16.46
C LEU K 319 -18.95 16.12 -17.81
N GLN K 320 -18.18 16.51 -18.82
CA GLN K 320 -18.65 16.53 -20.18
C GLN K 320 -19.14 15.19 -20.63
N VAL K 321 -18.49 14.12 -20.29
CA VAL K 321 -19.05 12.82 -20.65
C VAL K 321 -20.32 12.57 -19.93
N PHE K 322 -20.40 12.89 -18.65
CA PHE K 322 -21.57 12.57 -17.88
C PHE K 322 -22.80 13.25 -18.47
N VAL K 323 -22.67 14.52 -18.76
CA VAL K 323 -23.77 15.27 -19.29
C VAL K 323 -24.27 14.68 -20.56
N LEU K 324 -23.40 14.14 -21.37
CA LEU K 324 -23.83 13.60 -22.63
C LEU K 324 -24.47 12.26 -22.45
N GLU K 325 -23.94 11.41 -21.61
CA GLU K 325 -24.60 10.13 -21.49
C GLU K 325 -25.93 10.30 -20.82
N TYR K 326 -26.14 11.42 -20.08
CA TYR K 326 -27.42 11.66 -19.42
C TYR K 326 -28.37 12.14 -20.46
N LEU K 327 -27.97 13.13 -21.15
CA LEU K 327 -28.79 13.67 -22.19
C LEU K 327 -28.92 12.81 -23.43
N HIS K 328 -28.39 11.61 -23.50
CA HIS K 328 -28.41 10.82 -24.72
C HIS K 328 -28.01 11.65 -25.91
N LEU K 329 -26.90 12.33 -25.78
CA LEU K 329 -26.19 12.91 -26.85
C LEU K 329 -24.97 12.09 -27.21
N ALA L 1 55.22 20.17 -61.15
CA ALA L 1 54.35 19.39 -60.26
C ALA L 1 54.79 19.52 -58.81
N SER L 2 53.94 19.03 -57.91
CA SER L 2 54.23 18.99 -56.50
C SER L 2 54.27 17.53 -56.05
N ALA L 3 54.56 17.34 -54.77
CA ALA L 3 54.72 16.00 -54.22
C ALA L 3 53.47 15.42 -53.56
N TRP L 4 52.46 16.29 -53.19
CA TRP L 4 51.39 15.84 -52.31
C TRP L 4 50.45 14.83 -52.94
N PRO L 5 50.30 14.81 -54.25
CA PRO L 5 49.46 13.77 -54.80
C PRO L 5 49.97 12.38 -54.59
N GLU L 6 51.19 12.22 -54.10
CA GLU L 6 51.78 10.92 -53.86
C GLU L 6 51.62 10.45 -52.42
N GLU L 7 51.08 11.30 -51.56
CA GLU L 7 50.89 10.94 -50.18
C GLU L 7 50.02 9.69 -50.03
N LYS L 8 49.04 9.53 -50.88
CA LYS L 8 48.16 8.40 -50.77
C LYS L 8 48.80 7.02 -50.86
N ASN L 9 50.07 6.84 -51.21
CA ASN L 9 50.61 5.46 -51.22
C ASN L 9 51.60 5.22 -50.10
N TYR L 10 51.93 6.23 -49.37
CA TYR L 10 52.74 6.10 -48.18
C TYR L 10 51.93 6.14 -46.91
N HIS L 11 50.72 6.75 -46.99
CA HIS L 11 49.78 6.99 -45.90
C HIS L 11 49.48 5.70 -45.25
N GLN L 12 49.58 5.72 -43.94
CA GLN L 12 49.36 4.56 -43.11
C GLN L 12 48.17 4.82 -42.19
N PRO L 13 47.45 3.78 -41.84
CA PRO L 13 46.41 3.88 -40.82
C PRO L 13 46.95 3.99 -39.42
N ALA L 14 46.28 4.75 -38.62
CA ALA L 14 46.46 4.70 -37.17
C ALA L 14 45.57 3.59 -36.62
N ILE L 15 46.15 2.43 -36.30
CA ILE L 15 45.37 1.32 -35.77
C ILE L 15 44.66 1.65 -34.45
N LEU L 16 43.52 1.00 -34.24
CA LEU L 16 42.73 1.20 -33.04
C LEU L 16 42.95 0.09 -32.01
N ASN L 17 43.06 0.43 -30.74
CA ASN L 17 43.32 -0.66 -29.78
C ASN L 17 42.04 -1.44 -29.48
N SER L 18 42.08 -2.34 -28.54
CA SER L 18 40.91 -3.14 -28.22
C SER L 18 39.81 -2.29 -27.58
N SER L 19 40.20 -1.35 -26.73
CA SER L 19 39.19 -0.52 -26.09
C SER L 19 38.59 0.48 -27.07
N ALA L 20 39.39 1.11 -27.94
CA ALA L 20 38.80 2.01 -28.90
C ALA L 20 37.96 1.24 -29.87
N LEU L 21 38.26 0.02 -30.12
CA LEU L 21 37.40 -0.72 -31.01
C LEU L 21 36.04 -0.96 -30.45
N ARG L 22 35.92 -1.25 -29.15
CA ARG L 22 34.61 -1.24 -28.49
C ARG L 22 33.91 0.07 -28.64
N GLN L 23 34.63 1.17 -28.42
CA GLN L 23 33.97 2.44 -28.35
C GLN L 23 33.40 2.78 -29.72
N ILE L 24 33.91 2.17 -30.77
CA ILE L 24 33.29 2.36 -32.04
C ILE L 24 32.12 1.44 -32.14
N ALA L 25 32.26 0.20 -31.83
CA ALA L 25 31.06 -0.64 -31.95
C ALA L 25 29.88 -0.11 -31.14
N GLU L 26 30.15 0.28 -29.93
CA GLU L 26 29.12 0.73 -29.05
C GLU L 26 28.59 2.03 -29.53
N GLY L 27 29.20 2.60 -30.49
CA GLY L 27 28.80 3.90 -30.93
C GLY L 27 27.84 4.08 -32.06
N THR L 28 27.34 3.06 -32.73
CA THR L 28 26.37 3.14 -33.80
C THR L 28 25.16 2.31 -33.43
N SER L 29 24.02 2.75 -33.90
CA SER L 29 22.77 2.10 -33.63
C SER L 29 22.18 1.60 -34.90
N ILE L 30 22.10 0.33 -35.05
CA ILE L 30 21.41 -0.21 -36.19
C ILE L 30 19.96 0.10 -36.13
N SER L 31 19.51 0.58 -35.04
CA SER L 31 18.08 0.80 -35.07
C SER L 31 17.75 2.21 -35.35
N GLU L 32 18.57 3.13 -34.88
CA GLU L 32 18.45 4.48 -35.29
C GLU L 32 18.66 4.60 -36.79
N MET L 33 19.63 3.92 -37.34
CA MET L 33 19.71 3.87 -38.79
C MET L 33 18.44 3.31 -39.39
N TRP L 34 17.97 2.22 -38.91
CA TRP L 34 16.89 1.60 -39.65
C TRP L 34 15.69 2.51 -39.76
N GLN L 35 15.36 3.16 -38.69
CA GLN L 35 14.10 3.86 -38.58
C GLN L 35 14.24 5.23 -39.14
N ASN L 36 15.31 5.89 -38.83
CA ASN L 36 15.50 7.27 -39.17
C ASN L 36 16.28 7.57 -40.46
N ASP L 37 17.19 6.73 -40.92
CA ASP L 37 17.96 7.00 -42.11
C ASP L 37 17.55 6.16 -43.27
N LEU L 38 17.03 4.98 -43.06
CA LEU L 38 16.81 4.04 -44.12
C LEU L 38 15.39 3.85 -44.52
N GLN L 39 14.43 4.05 -43.67
CA GLN L 39 13.08 3.68 -44.08
C GLN L 39 12.51 4.74 -44.98
N PRO L 40 12.87 5.97 -44.77
CA PRO L 40 12.50 7.02 -45.68
C PRO L 40 12.95 6.84 -47.11
N LEU L 41 13.99 6.06 -47.34
CA LEU L 41 14.56 5.82 -48.65
C LEU L 41 14.01 4.63 -49.35
N LEU L 42 12.96 4.08 -48.88
CA LEU L 42 12.57 2.79 -49.40
C LEU L 42 11.36 3.00 -50.22
N ILE L 43 11.47 3.95 -51.12
CA ILE L 43 10.41 4.45 -51.97
C ILE L 43 10.86 4.28 -53.39
N GLU L 44 9.94 4.41 -54.34
CA GLU L 44 10.34 4.38 -55.75
C GLU L 44 11.10 5.65 -55.99
N ARG L 45 12.32 5.58 -56.52
CA ARG L 45 13.14 6.75 -56.60
C ARG L 45 14.05 6.76 -57.84
N TYR L 46 13.51 6.49 -59.00
CA TYR L 46 14.21 6.65 -60.23
C TYR L 46 14.40 8.12 -60.56
N PRO L 47 15.30 8.45 -61.48
CA PRO L 47 15.73 9.83 -61.60
C PRO L 47 14.62 10.68 -62.18
N GLY L 48 14.54 11.90 -61.72
CA GLY L 48 13.35 12.71 -62.00
C GLY L 48 11.99 12.36 -61.33
N SER L 49 11.81 11.22 -60.73
CA SER L 49 10.55 10.90 -60.14
C SER L 49 10.37 11.73 -58.93
N PRO L 50 9.21 11.67 -58.32
CA PRO L 50 8.99 12.36 -57.04
C PRO L 50 9.82 11.79 -55.88
N GLY L 51 10.14 10.50 -56.00
CA GLY L 51 11.03 9.89 -55.05
C GLY L 51 12.45 10.39 -55.14
N SER L 52 12.99 10.57 -56.34
CA SER L 52 14.24 11.22 -56.38
C SER L 52 14.18 12.49 -55.60
N TYR L 53 13.15 13.31 -55.75
CA TYR L 53 13.21 14.52 -54.95
C TYR L 53 13.16 14.22 -53.46
N ALA L 54 12.23 13.36 -53.02
CA ALA L 54 12.10 13.14 -51.57
C ALA L 54 13.36 12.62 -50.97
N ALA L 55 14.06 11.76 -51.68
CA ALA L 55 15.30 11.20 -51.22
C ALA L 55 16.37 12.22 -51.07
N ARG L 56 16.59 13.03 -52.10
CA ARG L 56 17.59 14.07 -52.02
C ARG L 56 17.44 14.87 -50.74
N GLN L 57 16.22 15.19 -50.40
CA GLN L 57 16.01 16.12 -49.32
C GLN L 57 16.25 15.45 -47.99
N HIS L 58 15.75 14.24 -47.83
CA HIS L 58 16.11 13.38 -46.70
C HIS L 58 17.60 13.26 -46.49
N ILE L 59 18.35 12.90 -47.54
CA ILE L 59 19.77 12.85 -47.37
C ILE L 59 20.35 14.16 -46.93
N MET L 60 19.78 15.28 -47.31
CA MET L 60 20.37 16.54 -46.89
C MET L 60 19.93 16.99 -45.53
N GLN L 61 18.71 16.64 -45.11
CA GLN L 61 18.26 17.01 -43.78
C GLN L 61 18.97 16.15 -42.75
N ARG L 62 19.21 14.91 -43.09
CA ARG L 62 19.94 14.07 -42.17
C ARG L 62 21.33 14.59 -41.95
N ILE L 63 22.00 15.07 -42.98
CA ILE L 63 23.34 15.60 -42.85
C ILE L 63 23.37 17.00 -42.32
N GLN L 64 22.26 17.72 -42.39
CA GLN L 64 22.30 19.09 -41.95
C GLN L 64 22.27 19.13 -40.43
N ARG L 65 21.55 18.21 -39.83
CA ARG L 65 21.43 18.17 -38.38
C ARG L 65 22.63 17.68 -37.65
N LEU L 66 23.68 17.38 -38.29
CA LEU L 66 24.83 16.94 -37.55
C LEU L 66 25.71 18.11 -37.26
N GLN L 67 26.52 17.97 -36.25
CA GLN L 67 27.24 19.12 -35.77
C GLN L 67 28.40 19.42 -36.67
N ALA L 68 29.01 18.41 -37.21
CA ALA L 68 30.19 18.61 -38.01
C ALA L 68 29.88 19.42 -39.28
N ASP L 69 30.89 20.07 -39.81
CA ASP L 69 30.70 21.16 -40.78
C ASP L 69 30.68 20.63 -42.21
N TRP L 70 29.61 19.94 -42.55
CA TRP L 70 29.41 19.39 -43.86
C TRP L 70 29.01 20.49 -44.80
N VAL L 71 29.53 20.40 -46.02
CA VAL L 71 29.14 21.27 -47.13
C VAL L 71 28.39 20.46 -48.17
N LEU L 72 27.13 20.77 -48.38
CA LEU L 72 26.37 20.04 -49.38
C LEU L 72 26.36 20.76 -50.74
N GLU L 73 26.11 20.01 -51.82
CA GLU L 73 26.37 20.52 -53.16
C GLU L 73 25.53 19.70 -54.07
N ILE L 74 24.46 20.27 -54.61
CA ILE L 74 23.69 19.56 -55.62
C ILE L 74 24.20 19.94 -56.96
N ASP L 75 24.84 18.99 -57.59
CA ASP L 75 25.48 19.14 -58.87
C ASP L 75 24.45 18.55 -59.79
N THR L 76 23.54 19.40 -60.26
CA THR L 76 22.53 19.00 -61.21
C THR L 76 22.93 19.25 -62.65
N PHE L 77 22.61 18.28 -63.51
CA PHE L 77 23.17 18.15 -64.83
C PHE L 77 22.15 17.51 -65.76
N LEU L 78 22.41 17.61 -67.07
CA LEU L 78 21.54 17.06 -68.08
C LEU L 78 22.26 16.03 -68.89
N SER L 79 21.57 15.04 -69.37
CA SER L 79 22.34 14.05 -70.05
C SER L 79 21.41 13.27 -70.95
N GLN L 80 21.87 12.93 -72.10
CA GLN L 80 21.04 12.18 -72.99
C GLN L 80 20.77 10.81 -72.40
N THR L 81 19.61 10.25 -72.71
CA THR L 81 19.19 8.91 -72.36
C THR L 81 18.32 8.31 -73.42
N PRO L 82 18.19 7.11 -73.42
CA PRO L 82 17.19 6.45 -74.25
C PRO L 82 15.78 6.97 -74.37
N TYR L 83 15.39 7.92 -73.55
CA TYR L 83 14.11 8.57 -73.64
C TYR L 83 14.32 10.05 -73.88
N GLY L 84 15.53 10.51 -74.12
CA GLY L 84 15.70 11.92 -74.31
C GLY L 84 16.43 12.47 -73.14
N TYR L 85 16.53 13.77 -73.04
CA TYR L 85 17.31 14.32 -71.95
C TYR L 85 16.49 14.23 -70.70
N ARG L 86 17.18 14.02 -69.59
CA ARG L 86 16.55 13.93 -68.31
C ARG L 86 17.57 14.48 -67.38
N SER L 87 17.15 15.10 -66.32
CA SER L 87 18.02 15.73 -65.34
C SER L 87 18.33 14.77 -64.22
N PHE L 88 19.46 14.94 -63.63
CA PHE L 88 19.95 14.06 -62.59
C PHE L 88 20.54 14.95 -61.55
N SER L 89 20.60 14.54 -60.30
CA SER L 89 21.21 15.42 -59.33
C SER L 89 22.01 14.57 -58.39
N ASN L 90 23.32 14.80 -58.32
CA ASN L 90 24.23 14.11 -57.47
C ASN L 90 24.30 14.85 -56.17
N ILE L 91 24.59 14.17 -55.07
CA ILE L 91 24.71 14.85 -53.79
C ILE L 91 26.09 14.68 -53.29
N ILE L 92 26.70 15.74 -52.84
CA ILE L 92 28.08 15.74 -52.46
C ILE L 92 28.09 16.35 -51.11
N SER L 93 28.75 15.69 -50.17
CA SER L 93 28.82 16.16 -48.80
C SER L 93 30.28 16.10 -48.49
N THR L 94 30.83 17.19 -48.00
CA THR L 94 32.27 17.35 -47.90
C THR L 94 32.68 18.14 -46.67
N LEU L 95 33.72 17.63 -46.01
CA LEU L 95 34.28 18.25 -44.86
C LEU L 95 35.54 18.97 -45.27
N ASN L 96 35.60 20.23 -44.97
CA ASN L 96 36.85 20.88 -45.23
C ASN L 96 37.23 20.69 -46.69
N PRO L 97 36.44 21.27 -47.59
CA PRO L 97 36.68 21.17 -49.02
C PRO L 97 37.97 21.75 -49.49
N THR L 98 38.50 22.78 -48.85
CA THR L 98 39.86 23.18 -49.12
C THR L 98 40.74 21.99 -48.93
N ALA L 99 40.59 21.30 -47.81
CA ALA L 99 41.40 20.11 -47.64
C ALA L 99 41.62 19.50 -49.02
N LYS L 100 42.89 19.33 -49.28
CA LYS L 100 43.41 18.85 -50.54
C LYS L 100 43.09 17.40 -50.77
N ARG L 101 43.31 16.54 -49.80
CA ARG L 101 43.02 15.12 -49.93
C ARG L 101 41.71 14.75 -49.27
N HIS L 102 41.09 13.69 -49.76
CA HIS L 102 39.84 13.28 -49.18
C HIS L 102 39.71 11.79 -49.33
N LEU L 103 39.37 11.09 -48.26
CA LEU L 103 38.80 9.77 -48.40
C LEU L 103 37.36 9.95 -48.75
N VAL L 104 36.89 9.14 -49.67
CA VAL L 104 35.62 9.43 -50.26
C VAL L 104 34.81 8.18 -50.15
N LEU L 105 33.64 8.28 -49.54
CA LEU L 105 32.74 7.16 -49.46
C LEU L 105 31.61 7.43 -50.38
N ALA L 106 31.18 6.44 -51.11
CA ALA L 106 30.11 6.73 -52.05
C ALA L 106 29.21 5.54 -52.27
N CYS L 107 27.98 5.82 -52.65
CA CYS L 107 27.02 4.86 -53.14
C CYS L 107 26.16 5.53 -54.21
N HIS L 108 25.16 4.84 -54.70
CA HIS L 108 24.08 5.47 -55.45
C HIS L 108 22.73 5.52 -54.77
N TYR L 109 22.03 6.62 -54.90
CA TYR L 109 20.69 6.75 -54.35
C TYR L 109 19.55 6.70 -55.34
N ASP L 110 19.74 6.44 -56.60
CA ASP L 110 18.56 6.09 -57.35
C ASP L 110 18.20 4.63 -57.17
N SER L 111 17.03 4.31 -57.65
CA SER L 111 16.38 3.04 -57.75
C SER L 111 16.22 2.82 -59.23
N LYS L 112 16.11 1.60 -59.64
CA LYS L 112 15.96 1.32 -61.04
C LYS L 112 14.54 1.55 -61.47
N TYR L 113 14.37 2.16 -62.64
CA TYR L 113 13.04 2.31 -63.13
C TYR L 113 12.54 0.96 -63.53
N PHE L 114 11.35 0.65 -63.09
CA PHE L 114 10.61 -0.47 -63.60
C PHE L 114 9.19 0.01 -63.81
N SER L 115 8.37 -0.80 -64.46
CA SER L 115 6.94 -0.61 -64.44
C SER L 115 6.29 -1.57 -63.44
N HIS L 116 5.33 -1.05 -62.68
CA HIS L 116 4.71 -1.82 -61.60
C HIS L 116 4.34 -3.19 -62.13
N TRP L 117 4.70 -4.23 -61.37
CA TRP L 117 4.39 -5.62 -61.71
C TRP L 117 3.80 -6.30 -60.51
N ASN L 118 2.55 -6.74 -60.61
CA ASN L 118 1.82 -7.36 -59.53
C ASN L 118 1.35 -6.29 -58.57
N ASN L 119 1.24 -5.04 -59.02
CA ASN L 119 1.06 -3.94 -58.09
C ASN L 119 2.24 -3.95 -57.13
N ARG L 120 3.43 -4.05 -57.69
CA ARG L 120 4.66 -4.04 -56.90
C ARG L 120 5.60 -3.00 -57.49
N VAL L 121 6.34 -2.38 -56.60
CA VAL L 121 7.22 -1.27 -56.87
C VAL L 121 8.64 -1.71 -56.48
N PHE L 122 9.63 -1.36 -57.28
CA PHE L 122 11.00 -1.67 -56.93
C PHE L 122 11.52 -0.58 -56.05
N VAL L 123 12.06 -0.94 -54.90
CA VAL L 123 12.63 0.03 -53.98
C VAL L 123 14.09 -0.22 -53.73
N GLY L 124 14.62 -1.27 -54.21
CA GLY L 124 16.04 -1.45 -54.10
C GLY L 124 16.68 -1.32 -52.74
N ALA L 125 16.60 -2.37 -51.96
CA ALA L 125 16.89 -2.15 -50.58
C ALA L 125 18.34 -2.34 -50.30
N THR L 126 18.87 -3.42 -50.85
CA THR L 126 20.30 -3.50 -51.05
C THR L 126 20.81 -2.61 -52.17
N ASP L 127 20.01 -2.32 -53.23
CA ASP L 127 20.41 -1.51 -54.44
C ASP L 127 19.76 -0.15 -54.49
N SER L 128 20.18 0.81 -53.69
CA SER L 128 21.23 0.69 -52.79
C SER L 128 20.84 1.47 -51.63
N ALA L 129 19.61 1.34 -51.17
CA ALA L 129 19.18 2.20 -50.10
C ALA L 129 19.92 1.94 -48.84
N VAL L 130 20.34 0.72 -48.64
CA VAL L 130 21.12 0.43 -47.43
C VAL L 130 22.49 1.06 -47.48
N PRO L 131 23.23 1.00 -48.56
CA PRO L 131 24.47 1.75 -48.56
C PRO L 131 24.28 3.21 -48.26
N CYS L 132 23.21 3.82 -48.75
CA CYS L 132 22.99 5.22 -48.43
C CYS L 132 22.92 5.44 -46.96
N ALA L 133 22.07 4.63 -46.28
CA ALA L 133 21.87 4.70 -44.84
C ALA L 133 23.09 4.32 -44.08
N MET L 134 23.89 3.43 -44.59
CA MET L 134 25.14 3.23 -43.94
C MET L 134 25.92 4.51 -43.86
N MET L 135 25.94 5.30 -44.91
CA MET L 135 26.75 6.51 -44.89
C MET L 135 26.13 7.58 -44.04
N LEU L 136 24.83 7.73 -44.01
CA LEU L 136 24.31 8.69 -43.03
C LEU L 136 24.56 8.25 -41.59
N GLU L 137 24.45 6.97 -41.31
CA GLU L 137 24.69 6.51 -39.97
C GLU L 137 26.12 6.78 -39.52
N LEU L 138 27.09 6.52 -40.36
CA LEU L 138 28.46 6.82 -40.03
C LEU L 138 28.62 8.30 -39.77
N ALA L 139 28.09 9.05 -40.65
CA ALA L 139 28.13 10.46 -40.48
C ALA L 139 27.72 10.80 -39.06
N ARG L 140 26.66 10.16 -38.56
CA ARG L 140 26.17 10.37 -37.17
C ARG L 140 27.08 9.70 -36.14
N ALA L 141 27.20 8.42 -36.21
CA ALA L 141 28.06 7.78 -35.26
C ALA L 141 29.38 8.48 -35.08
N LEU L 142 29.92 9.04 -36.13
CA LEU L 142 31.26 9.55 -36.02
C LEU L 142 31.29 11.06 -35.96
N ASP L 143 30.18 11.69 -35.84
CA ASP L 143 30.17 13.12 -35.82
C ASP L 143 31.14 13.79 -34.91
N LYS L 144 30.92 13.65 -33.63
CA LYS L 144 31.77 14.31 -32.65
C LYS L 144 33.23 14.14 -32.99
N LYS L 145 33.59 13.05 -33.55
CA LYS L 145 34.98 12.90 -33.87
C LYS L 145 35.30 13.65 -35.14
N LEU L 146 34.41 13.62 -36.10
CA LEU L 146 34.63 14.39 -37.30
C LEU L 146 34.70 15.88 -36.98
N LEU L 147 33.93 16.32 -36.07
CA LEU L 147 33.99 17.73 -35.71
C LEU L 147 35.37 18.22 -35.34
N SER L 148 36.32 17.31 -35.25
CA SER L 148 37.70 17.64 -34.95
C SER L 148 38.40 18.25 -36.12
N LEU L 149 37.87 17.95 -37.28
CA LEU L 149 38.28 18.55 -38.53
C LEU L 149 37.60 19.92 -38.61
N LYS L 150 38.15 20.79 -37.80
CA LYS L 150 37.70 22.12 -37.56
C LYS L 150 36.43 22.45 -38.24
N PRO L 157 48.92 15.53 -41.63
CA PRO L 157 48.52 15.24 -43.00
C PRO L 157 47.37 16.14 -43.33
N ASP L 158 47.03 16.45 -44.60
CA ASP L 158 45.87 17.33 -44.98
C ASP L 158 44.77 16.53 -45.68
N LEU L 159 43.82 15.98 -44.92
CA LEU L 159 43.02 14.85 -45.38
C LEU L 159 41.73 15.01 -44.66
N SER L 160 40.60 14.72 -45.30
CA SER L 160 39.31 14.84 -44.69
C SER L 160 38.47 13.85 -45.42
N LEU L 161 37.16 13.96 -45.31
CA LEU L 161 36.26 12.94 -45.85
C LEU L 161 35.08 13.56 -46.61
N GLN L 162 34.63 12.82 -47.61
CA GLN L 162 33.55 13.27 -48.42
C GLN L 162 32.66 12.10 -48.67
N LEU L 163 31.38 12.34 -48.68
CA LEU L 163 30.41 11.35 -49.06
C LEU L 163 29.78 11.76 -50.36
N ILE L 164 29.54 10.80 -51.22
CA ILE L 164 28.96 11.11 -52.51
C ILE L 164 27.84 10.11 -52.79
N PHE L 165 26.68 10.61 -53.10
CA PHE L 165 25.52 9.85 -53.48
C PHE L 165 25.22 10.12 -54.96
N PHE L 166 25.32 9.14 -55.78
CA PHE L 166 25.20 9.40 -57.22
C PHE L 166 23.77 9.34 -57.61
N ASP L 167 23.37 10.12 -58.61
CA ASP L 167 22.09 9.88 -59.23
C ASP L 167 22.27 9.06 -60.47
N GLY L 168 21.19 8.53 -60.90
CA GLY L 168 21.18 7.66 -62.03
C GLY L 168 22.28 6.69 -62.31
N GLU L 169 22.81 6.00 -61.31
CA GLU L 169 23.66 4.84 -61.55
C GLU L 169 23.04 3.89 -62.55
N GLU L 170 21.81 3.55 -62.38
CA GLU L 170 21.25 2.42 -63.08
C GLU L 170 20.87 2.80 -64.48
N ALA L 171 20.62 1.81 -65.29
CA ALA L 171 20.16 1.98 -66.64
C ALA L 171 18.68 2.36 -66.71
N PHE L 172 18.31 3.11 -67.75
CA PHE L 172 16.87 3.30 -67.95
C PHE L 172 16.24 2.16 -68.74
N LEU L 173 17.01 1.54 -69.65
CA LEU L 173 16.51 0.51 -70.53
C LEU L 173 17.38 -0.75 -70.56
N HIS L 174 18.65 -0.60 -70.89
CA HIS L 174 19.54 -1.74 -71.07
C HIS L 174 20.93 -1.38 -70.58
N TRP L 175 21.41 -2.09 -69.60
CA TRP L 175 22.77 -1.89 -69.17
C TRP L 175 23.73 -1.84 -70.35
N SER L 176 24.26 -0.65 -70.62
CA SER L 176 25.07 -0.41 -71.78
C SER L 176 25.89 0.81 -71.52
N PRO L 177 27.08 0.89 -72.02
CA PRO L 177 27.97 1.95 -71.56
C PRO L 177 27.37 3.31 -71.62
N GLN L 178 26.41 3.51 -72.46
CA GLN L 178 25.87 4.82 -72.71
C GLN L 178 24.57 5.04 -71.99
N ASP L 179 24.00 3.96 -71.45
CA ASP L 179 22.83 3.93 -70.59
C ASP L 179 23.22 3.38 -69.22
N SER L 180 23.98 4.12 -68.45
CA SER L 180 24.31 3.70 -67.12
C SER L 180 25.26 4.73 -66.59
N LEU L 181 25.53 4.63 -65.36
CA LEU L 181 26.44 5.51 -64.69
C LEU L 181 26.30 6.94 -65.11
N TYR L 182 25.09 7.44 -65.12
CA TYR L 182 24.96 8.82 -65.48
C TYR L 182 25.65 9.72 -64.48
N GLY L 183 25.67 9.43 -63.27
CA GLY L 183 26.05 10.48 -62.36
C GLY L 183 27.50 10.52 -62.03
N SER L 184 28.09 9.38 -62.22
CA SER L 184 29.50 9.29 -61.94
C SER L 184 30.32 9.50 -63.19
N ARG L 185 29.89 9.02 -64.36
CA ARG L 185 30.51 9.50 -65.59
C ARG L 185 30.51 11.02 -65.57
N HIS L 186 29.52 11.61 -65.05
CA HIS L 186 29.50 13.04 -65.06
C HIS L 186 30.48 13.60 -64.09
N LEU L 187 30.23 13.45 -62.83
CA LEU L 187 31.05 14.05 -61.79
C LEU L 187 32.50 13.65 -61.86
N ALA L 188 32.81 12.45 -62.32
CA ALA L 188 34.19 12.09 -62.52
C ALA L 188 34.74 13.17 -63.40
N ALA L 189 34.37 13.13 -64.70
CA ALA L 189 34.73 14.10 -65.72
C ALA L 189 34.77 15.50 -65.17
N LYS L 190 33.85 15.89 -64.33
CA LYS L 190 33.90 17.24 -63.82
C LYS L 190 35.11 17.46 -62.93
N MET L 191 35.40 16.53 -62.03
CA MET L 191 36.47 16.79 -61.08
C MET L 191 37.82 16.70 -61.77
N ALA L 192 38.00 15.67 -62.58
CA ALA L 192 39.14 15.59 -63.50
C ALA L 192 39.56 16.90 -64.13
N SER L 193 38.72 17.87 -64.10
CA SER L 193 38.99 19.13 -64.72
C SER L 193 38.63 20.27 -63.79
N THR L 194 38.67 20.10 -62.49
CA THR L 194 38.56 21.22 -61.59
C THR L 194 39.86 21.39 -60.87
N PRO L 195 40.57 22.50 -60.97
CA PRO L 195 41.81 22.62 -60.22
C PRO L 195 41.54 22.49 -58.73
N HIS L 196 42.38 21.73 -58.07
CA HIS L 196 42.30 21.65 -56.65
C HIS L 196 43.72 21.52 -56.17
N PRO L 197 44.10 22.24 -55.15
CA PRO L 197 43.20 23.13 -54.48
C PRO L 197 42.97 24.33 -55.34
N PRO L 198 42.09 25.21 -54.93
CA PRO L 198 41.90 26.45 -55.68
C PRO L 198 43.20 27.07 -56.14
N GLY L 199 43.18 27.81 -57.25
CA GLY L 199 44.36 28.45 -57.77
C GLY L 199 45.44 27.49 -58.20
N ALA L 200 45.28 26.23 -57.98
CA ALA L 200 46.31 25.33 -58.40
C ALA L 200 46.42 25.39 -59.90
N ARG L 201 47.32 24.64 -60.43
CA ARG L 201 47.66 24.70 -61.82
C ARG L 201 48.01 23.36 -62.42
N GLY L 202 47.96 22.29 -61.69
CA GLY L 202 48.26 21.04 -62.36
C GLY L 202 47.54 19.86 -61.77
N THR L 203 46.63 20.08 -60.81
CA THR L 203 46.06 19.03 -59.98
C THR L 203 44.56 19.16 -59.92
N SER L 204 43.87 18.06 -60.08
CA SER L 204 42.43 18.05 -60.16
C SER L 204 41.81 17.40 -58.95
N GLN L 205 40.83 18.05 -58.39
CA GLN L 205 39.94 17.37 -57.48
C GLN L 205 40.11 15.85 -57.47
N LEU L 206 40.28 15.17 -58.59
CA LEU L 206 40.50 13.72 -58.51
C LEU L 206 41.85 13.33 -57.94
N HIS L 207 42.88 14.12 -58.16
CA HIS L 207 44.12 13.83 -57.45
C HIS L 207 43.91 13.91 -55.96
N GLY L 208 42.94 14.70 -55.52
CA GLY L 208 42.56 14.74 -54.11
C GLY L 208 41.90 13.48 -53.58
N MET L 209 41.41 12.61 -54.43
CA MET L 209 40.76 11.42 -53.99
C MET L 209 41.81 10.45 -53.52
N ASP L 210 42.03 10.38 -52.23
CA ASP L 210 42.89 9.35 -51.72
C ASP L 210 42.34 7.98 -52.01
N LEU L 211 41.07 7.77 -51.78
CA LEU L 211 40.51 6.46 -52.01
C LEU L 211 39.03 6.63 -52.16
N LEU L 212 38.42 5.80 -52.98
CA LEU L 212 36.99 5.85 -53.18
C LEU L 212 36.45 4.53 -52.73
N VAL L 213 35.74 4.57 -51.63
CA VAL L 213 35.13 3.40 -51.09
C VAL L 213 33.71 3.39 -51.59
N LEU L 214 33.41 2.48 -52.46
CA LEU L 214 32.11 2.48 -53.08
C LEU L 214 31.34 1.32 -52.51
N LEU L 215 30.20 1.63 -51.89
CA LEU L 215 29.34 0.66 -51.29
C LEU L 215 28.25 0.28 -52.26
N ASP L 216 28.03 -0.99 -52.46
CA ASP L 216 26.97 -1.25 -53.38
C ASP L 216 26.51 -2.62 -53.14
N LEU L 217 25.23 -2.80 -53.13
CA LEU L 217 24.56 -4.09 -53.06
C LEU L 217 24.73 -4.77 -51.71
N ILE L 218 24.63 -4.00 -50.67
CA ILE L 218 24.81 -4.39 -49.31
C ILE L 218 23.49 -4.53 -48.58
N GLY L 219 23.39 -5.55 -47.74
CA GLY L 219 22.17 -5.82 -47.07
C GLY L 219 21.66 -7.21 -46.94
N ALA L 220 21.88 -8.04 -47.91
CA ALA L 220 21.52 -9.41 -47.85
C ALA L 220 22.33 -10.10 -46.82
N PRO L 221 22.03 -11.35 -46.54
CA PRO L 221 22.84 -12.12 -45.64
C PRO L 221 23.98 -12.89 -46.27
N ASN L 222 25.04 -13.05 -45.51
CA ASN L 222 26.13 -13.92 -45.87
C ASN L 222 26.99 -13.33 -46.99
N PRO L 223 27.25 -12.05 -47.06
CA PRO L 223 27.99 -11.56 -48.18
C PRO L 223 29.44 -12.00 -48.17
N THR L 224 30.02 -12.12 -49.38
CA THR L 224 31.45 -12.23 -49.62
C THR L 224 31.90 -11.09 -50.53
N PHE L 225 32.82 -10.29 -50.07
CA PHE L 225 33.40 -9.24 -50.86
C PHE L 225 34.78 -9.62 -51.37
N PRO L 226 35.01 -9.73 -52.68
CA PRO L 226 36.34 -10.07 -53.17
C PRO L 226 37.31 -8.91 -53.13
N ASN L 227 38.60 -9.23 -53.28
CA ASN L 227 39.61 -8.19 -53.42
C ASN L 227 39.79 -7.82 -54.88
N PHE L 228 39.59 -6.56 -55.23
CA PHE L 228 39.46 -6.22 -56.66
C PHE L 228 40.70 -5.54 -57.23
N PHE L 229 41.37 -4.67 -56.49
CA PHE L 229 42.34 -3.77 -57.06
C PHE L 229 43.67 -3.77 -56.29
N PRO L 230 44.73 -4.26 -56.90
CA PRO L 230 46.04 -4.18 -56.28
C PRO L 230 46.39 -2.85 -55.71
N ASN L 231 45.94 -1.77 -56.26
CA ASN L 231 46.26 -0.52 -55.60
C ASN L 231 45.51 -0.35 -54.29
N SER L 232 44.59 -1.24 -53.97
CA SER L 232 43.82 -1.07 -52.75
C SER L 232 43.82 -2.32 -51.92
N ALA L 233 44.47 -3.38 -52.36
CA ALA L 233 44.55 -4.56 -51.53
C ALA L 233 45.12 -4.29 -50.13
N ARG L 234 46.11 -3.46 -50.01
CA ARG L 234 46.55 -3.19 -48.67
C ARG L 234 45.38 -2.76 -47.80
N TRP L 235 44.48 -1.98 -48.39
CA TRP L 235 43.34 -1.46 -47.69
C TRP L 235 42.27 -2.49 -47.58
N PHE L 236 42.17 -3.41 -48.51
CA PHE L 236 41.23 -4.47 -48.25
C PHE L 236 41.72 -5.42 -47.18
N GLU L 237 43.01 -5.47 -46.94
CA GLU L 237 43.55 -6.25 -45.85
C GLU L 237 43.21 -5.60 -44.54
N ARG L 238 43.16 -4.31 -44.50
CA ARG L 238 42.81 -3.67 -43.26
C ARG L 238 41.35 -3.86 -42.93
N LEU L 239 40.55 -4.27 -43.83
CA LEU L 239 39.19 -4.52 -43.45
C LEU L 239 39.07 -5.93 -42.98
N GLN L 240 39.90 -6.81 -43.51
CA GLN L 240 39.95 -8.19 -43.07
C GLN L 240 40.39 -8.28 -41.64
N ALA L 241 41.34 -7.46 -41.27
CA ALA L 241 41.85 -7.39 -39.94
C ALA L 241 40.81 -6.90 -38.95
N ILE L 242 40.22 -5.75 -39.24
CA ILE L 242 39.11 -5.22 -38.51
C ILE L 242 38.02 -6.27 -38.39
N GLU L 243 37.62 -6.88 -39.48
CA GLU L 243 36.66 -7.94 -39.33
C GLU L 243 37.15 -8.95 -38.37
N HIS L 244 38.44 -9.18 -38.31
CA HIS L 244 38.88 -10.26 -37.47
C HIS L 244 38.88 -9.82 -36.05
N GLU L 245 39.45 -8.68 -35.79
CA GLU L 245 39.56 -8.25 -34.43
C GLU L 245 38.19 -8.00 -33.80
N LEU L 246 37.31 -7.33 -34.46
CA LEU L 246 36.01 -7.09 -33.90
C LEU L 246 35.32 -8.35 -33.50
N HIS L 247 35.58 -9.42 -34.20
CA HIS L 247 34.99 -10.70 -33.85
C HIS L 247 35.77 -11.37 -32.73
N GLU L 248 37.06 -11.12 -32.65
CA GLU L 248 37.84 -11.67 -31.58
C GLU L 248 37.37 -11.08 -30.28
N LEU L 249 36.99 -9.84 -30.32
CA LEU L 249 36.58 -9.16 -29.13
C LEU L 249 35.09 -9.31 -28.83
N GLY L 250 34.31 -9.97 -29.66
CA GLY L 250 32.94 -10.18 -29.34
C GLY L 250 31.96 -9.13 -29.79
N LEU L 251 32.38 -8.19 -30.63
CA LEU L 251 31.59 -7.04 -30.96
C LEU L 251 30.79 -7.20 -32.24
N LEU L 252 30.59 -8.40 -32.72
CA LEU L 252 29.93 -8.64 -33.97
C LEU L 252 28.98 -9.77 -33.77
N LYS L 253 27.81 -9.69 -34.33
CA LYS L 253 26.69 -10.53 -33.98
C LYS L 253 26.29 -11.42 -35.11
N ASP L 254 26.11 -12.63 -34.81
CA ASP L 254 25.81 -13.64 -35.75
C ASP L 254 26.89 -13.79 -36.81
N HIS L 255 28.11 -13.95 -36.37
CA HIS L 255 29.25 -13.91 -37.29
C HIS L 255 30.27 -15.01 -37.05
N SER L 256 30.50 -15.84 -38.04
CA SER L 256 31.47 -16.92 -37.95
C SER L 256 32.67 -16.69 -38.85
N LEU L 257 33.85 -16.88 -38.30
CA LEU L 257 35.06 -16.65 -39.07
C LEU L 257 35.10 -17.59 -40.25
N GLU L 258 34.12 -18.45 -40.35
CA GLU L 258 33.92 -19.20 -41.57
C GLU L 258 33.24 -18.34 -42.59
N GLY L 259 32.06 -17.86 -42.24
CA GLY L 259 31.32 -16.94 -43.01
C GLY L 259 31.85 -15.54 -42.95
N ARG L 260 33.13 -15.31 -42.87
CA ARG L 260 33.63 -13.94 -43.01
C ARG L 260 33.09 -13.28 -44.25
N TYR L 261 33.19 -11.96 -44.27
CA TYR L 261 32.70 -11.18 -45.39
C TYR L 261 33.83 -10.80 -46.31
N PHE L 262 34.92 -10.36 -45.75
CA PHE L 262 36.13 -10.08 -46.50
C PHE L 262 37.03 -11.29 -46.49
N GLN L 263 36.83 -12.19 -47.47
CA GLN L 263 37.70 -13.33 -47.78
C GLN L 263 38.76 -12.97 -48.84
N ASN L 264 40.02 -13.41 -48.65
CA ASN L 264 41.06 -13.06 -49.63
C ASN L 264 41.05 -14.07 -50.77
N TYR L 265 40.00 -14.00 -51.58
CA TYR L 265 39.91 -14.69 -52.85
C TYR L 265 39.80 -13.60 -53.87
N SER L 266 40.89 -13.37 -54.59
CA SER L 266 40.89 -12.37 -55.64
C SER L 266 39.93 -12.78 -56.75
N TYR L 267 39.47 -11.79 -57.48
CA TYR L 267 38.48 -11.97 -58.53
C TYR L 267 39.14 -11.75 -59.88
N GLY L 268 38.41 -12.05 -60.93
CA GLY L 268 38.95 -11.83 -62.25
C GLY L 268 38.43 -10.60 -62.94
N GLY L 269 37.20 -10.68 -63.46
CA GLY L 269 36.65 -9.64 -64.31
C GLY L 269 36.12 -8.49 -63.54
N VAL L 270 35.58 -7.53 -64.26
CA VAL L 270 35.22 -6.30 -63.61
C VAL L 270 33.73 -6.27 -63.46
N ILE L 271 33.31 -5.44 -62.51
CA ILE L 271 31.94 -5.09 -62.26
C ILE L 271 31.76 -3.66 -62.68
N GLN L 272 30.85 -3.41 -63.59
CA GLN L 272 30.58 -2.05 -63.98
C GLN L 272 29.82 -1.37 -62.85
N ASP L 273 30.23 -0.17 -62.47
CA ASP L 273 29.59 0.52 -61.38
C ASP L 273 30.21 1.90 -61.18
N ASP L 274 29.72 2.69 -60.27
CA ASP L 274 30.10 4.08 -60.28
C ASP L 274 31.58 4.27 -60.03
N HIS L 275 32.41 3.28 -60.23
CA HIS L 275 33.85 3.48 -59.98
C HIS L 275 34.64 3.57 -61.26
N ILE L 276 34.16 2.89 -62.28
CA ILE L 276 34.71 2.82 -63.61
C ILE L 276 35.10 4.23 -64.04
N PRO L 277 34.21 5.18 -64.03
CA PRO L 277 34.61 6.52 -64.34
C PRO L 277 35.81 7.01 -63.63
N PHE L 278 35.98 6.52 -62.39
CA PHE L 278 37.03 7.03 -61.55
C PHE L 278 38.24 6.14 -61.57
N LEU L 279 38.02 4.88 -61.78
CA LEU L 279 39.13 3.96 -61.88
C LEU L 279 39.90 4.18 -63.18
N ARG L 280 39.20 4.30 -64.31
CA ARG L 280 39.98 4.47 -65.54
C ARG L 280 40.70 5.79 -65.60
N ARG L 281 40.33 6.78 -64.82
CA ARG L 281 41.13 7.97 -64.66
C ARG L 281 42.13 7.87 -63.53
N GLY L 282 42.62 6.66 -63.24
CA GLY L 282 43.62 6.42 -62.21
C GLY L 282 43.32 6.84 -60.79
N VAL L 283 42.16 6.43 -60.26
CA VAL L 283 41.86 6.64 -58.86
C VAL L 283 41.93 5.28 -58.22
N PRO L 284 42.40 5.23 -56.98
CA PRO L 284 42.41 3.99 -56.25
C PRO L 284 41.02 3.75 -55.68
N VAL L 285 40.54 2.53 -55.84
CA VAL L 285 39.16 2.24 -55.51
C VAL L 285 39.13 1.03 -54.58
N LEU L 286 38.33 1.15 -53.49
CA LEU L 286 37.90 0.05 -52.65
C LEU L 286 36.47 -0.24 -53.01
N HIS L 287 36.21 -1.32 -53.66
CA HIS L 287 34.89 -1.54 -54.18
C HIS L 287 34.14 -2.57 -53.40
N LEU L 288 33.41 -2.16 -52.40
CA LEU L 288 32.60 -3.09 -51.62
C LEU L 288 31.29 -3.48 -52.26
N ILE L 289 31.33 -4.51 -53.08
CA ILE L 289 30.16 -5.02 -53.74
C ILE L 289 30.29 -6.52 -53.69
N PRO L 290 29.31 -7.27 -53.26
CA PRO L 290 29.48 -8.69 -53.12
C PRO L 290 29.50 -9.45 -54.40
N SER L 291 30.23 -10.51 -54.41
CA SER L 291 30.16 -11.47 -55.47
C SER L 291 29.93 -12.75 -54.84
N PRO L 292 28.85 -13.45 -55.16
CA PRO L 292 27.73 -13.10 -55.99
C PRO L 292 26.72 -12.10 -55.41
N PHE L 293 25.85 -11.59 -56.19
CA PHE L 293 24.92 -10.51 -55.91
C PHE L 293 23.74 -11.09 -55.17
N PRO L 294 23.19 -10.39 -54.28
CA PRO L 294 22.08 -10.89 -53.53
C PRO L 294 21.11 -11.63 -54.32
N GLU L 295 20.58 -12.74 -53.84
CA GLU L 295 19.59 -13.49 -54.61
C GLU L 295 18.49 -12.58 -55.12
N VAL L 296 18.17 -11.51 -54.40
CA VAL L 296 16.97 -10.71 -54.69
C VAL L 296 17.21 -9.60 -55.68
N TRP L 297 18.34 -9.63 -56.41
CA TRP L 297 18.83 -8.53 -57.21
C TRP L 297 17.96 -8.26 -58.37
N HIS L 298 17.59 -7.01 -58.53
CA HIS L 298 16.73 -6.57 -59.60
C HIS L 298 15.51 -7.43 -59.73
N THR L 299 15.03 -7.89 -58.59
CA THR L 299 13.73 -8.49 -58.40
C THR L 299 12.97 -7.60 -57.48
N MET L 300 11.66 -7.68 -57.62
CA MET L 300 10.78 -7.00 -56.72
C MET L 300 11.00 -7.45 -55.28
N ASP L 301 11.62 -8.57 -55.05
CA ASP L 301 11.83 -9.01 -53.71
C ASP L 301 12.99 -8.31 -53.03
N ASP L 302 13.62 -7.31 -53.61
CA ASP L 302 14.74 -6.63 -52.98
C ASP L 302 14.24 -5.55 -52.04
N ASN L 303 13.46 -5.96 -51.04
CA ASN L 303 12.80 -5.07 -50.10
C ASN L 303 13.35 -5.21 -48.71
N GLU L 304 12.70 -4.57 -47.77
CA GLU L 304 13.17 -4.55 -46.41
C GLU L 304 13.02 -5.92 -45.75
N GLU L 305 12.06 -6.69 -46.18
CA GLU L 305 11.89 -7.99 -45.56
C GLU L 305 13.13 -8.86 -45.72
N ASN L 306 13.86 -8.76 -46.82
CA ASN L 306 14.95 -9.67 -47.01
C ASN L 306 16.27 -9.05 -46.66
N LEU L 307 16.27 -7.90 -46.06
CA LEU L 307 17.49 -7.48 -45.44
C LEU L 307 17.95 -8.43 -44.31
N ASP L 308 19.18 -8.22 -43.80
CA ASP L 308 19.67 -8.81 -42.58
C ASP L 308 20.32 -7.74 -41.71
N GLU L 309 19.72 -7.48 -40.56
CA GLU L 309 20.14 -6.47 -39.61
C GLU L 309 21.48 -6.78 -39.02
N SER L 310 21.83 -8.01 -38.98
CA SER L 310 23.05 -8.21 -38.25
C SER L 310 24.18 -7.93 -39.15
N THR L 311 23.97 -8.26 -40.41
CA THR L 311 25.01 -8.05 -41.36
C THR L 311 25.29 -6.61 -41.51
N ILE L 312 24.28 -5.79 -41.51
CA ILE L 312 24.51 -4.40 -41.77
C ILE L 312 25.14 -3.77 -40.61
N ASP L 313 24.81 -4.22 -39.45
CA ASP L 313 25.38 -3.66 -38.27
C ASP L 313 26.84 -4.02 -38.16
N ASN L 314 27.17 -5.24 -38.54
CA ASN L 314 28.57 -5.67 -38.51
C ASN L 314 29.41 -4.88 -39.48
N LEU L 315 28.94 -4.77 -40.71
CA LEU L 315 29.55 -3.87 -41.66
C LEU L 315 29.54 -2.42 -41.22
N ASN L 316 28.45 -1.94 -40.73
CA ASN L 316 28.60 -0.62 -40.14
C ASN L 316 29.73 -0.45 -39.19
N LYS L 317 30.19 -1.49 -38.51
CA LYS L 317 31.17 -1.30 -37.47
C LYS L 317 32.55 -1.41 -38.02
N ILE L 318 32.75 -2.34 -38.91
CA ILE L 318 33.95 -2.38 -39.70
C ILE L 318 34.20 -1.05 -40.35
N LEU L 319 33.23 -0.55 -41.08
CA LEU L 319 33.46 0.58 -41.90
C LEU L 319 33.80 1.74 -41.07
N GLN L 320 33.03 2.01 -40.07
CA GLN L 320 33.35 3.17 -39.27
C GLN L 320 34.75 3.11 -38.75
N VAL L 321 35.27 1.92 -38.54
CA VAL L 321 36.57 1.75 -37.93
C VAL L 321 37.63 2.06 -38.93
N PHE L 322 37.58 1.34 -40.04
CA PHE L 322 38.40 1.67 -41.19
C PHE L 322 38.44 3.14 -41.38
N VAL L 323 37.31 3.72 -41.67
CA VAL L 323 37.28 5.14 -41.84
C VAL L 323 38.06 5.83 -40.77
N LEU L 324 37.79 5.56 -39.52
CA LEU L 324 38.44 6.36 -38.49
C LEU L 324 39.93 6.12 -38.51
N GLU L 325 40.30 4.87 -38.70
CA GLU L 325 41.70 4.58 -38.86
C GLU L 325 42.28 5.37 -40.02
N TYR L 326 41.68 5.27 -41.22
CA TYR L 326 42.14 6.10 -42.34
C TYR L 326 42.40 7.54 -41.90
N LEU L 327 41.47 8.18 -41.29
CA LEU L 327 41.65 9.55 -40.97
C LEU L 327 42.45 9.81 -39.75
N HIS L 328 43.05 8.80 -39.16
CA HIS L 328 43.75 8.98 -37.90
C HIS L 328 42.87 9.65 -36.86
N LEU L 329 41.78 8.99 -36.45
CA LEU L 329 40.94 9.54 -35.36
C LEU L 329 40.48 8.56 -34.29
#